data_6V1Y
#
_entry.id   6V1Y
#
_cell.length_a   1.00
_cell.length_b   1.00
_cell.length_c   1.00
_cell.angle_alpha   90.00
_cell.angle_beta   90.00
_cell.angle_gamma   90.00
#
_symmetry.space_group_name_H-M   'P 1'
#
loop_
_entity.id
_entity.type
_entity.pdbx_description
1 polymer 'Potassium channel KAT1'
2 non-polymer '(2S)-1-(nonanoyloxy)-3-(phosphonooxy)propan-2-yl tetradecanoate'
3 non-polymer (3beta,5beta,14beta,17alpha)-cholestan-3-ol
#
_entity_poly.entity_id   1
_entity_poly.type   'polypeptide(L)'
_entity_poly.pdbx_seq_one_letter_code
;MSISWTRNFFERFCVEEYNIDTIKQSSFLSADLLPSLGARINQSTKLRKHIISPFNPRYRAWEMWLVLLVIYSAWICPFQ
FAFITYKKDAIFIIDNIVNGFFAIDIILTFFVAYLDSHSYLLVDSPKKIAIRYLSTWFAFDVCSTAPFQPLSLLFNYNGS
ELGFRILSMLRLWRLRRVSSLFARLEKDIRFNYFWIRCTKLISVTLFAIHCAGCFNYLIADRYPNPRKTWIGAVYPNFKE
ASLWNRYVTALYWSITTLTTTGYGDFHAENPREMLFDIFFMMFNLGLTAYLIGNMTNLVVHWTSRTRTFRDSVRAASEFA
SRNQLPHDIQDQMLSHICLKFKTEGLKQQETLNNLPKAIRSSIANYLFFPIVHNIYLFQGVSRNFLFQLVSDIDAEYFPP
KEDIILQNEAPTDLYILVSGAVDFTVYVDGHDQFQGKAVIGETFGEVGVLYYRPQPFTVRTTELSQILRISRTSLMSAMH
AHADDGRVIMNNLFMKLRGQQSSRGSLEVLFQ
;
_entity_poly.pdbx_strand_id   A,B,C,D,M,N,O,P
#
loop_
_chem_comp.id
_chem_comp.type
_chem_comp.name
_chem_comp.formula
QNJ non-polymer (3beta,5beta,14beta,17alpha)-cholestan-3-ol 'C27 H48 O'
QNP non-polymer '(2S)-1-(nonanoyloxy)-3-(phosphonooxy)propan-2-yl tetradecanoate' 'C26 H51 O8 P'
#
# COMPACT_ATOMS: atom_id res chain seq x y z
N HIS A 50 -44.52 -36.57 38.90
CA HIS A 50 -44.41 -37.41 40.07
C HIS A 50 -43.34 -36.87 41.02
N ILE A 51 -42.67 -35.80 40.61
CA ILE A 51 -41.60 -35.18 41.38
C ILE A 51 -41.91 -33.70 41.52
N ILE A 52 -41.87 -33.20 42.74
CA ILE A 52 -42.27 -31.82 43.02
C ILE A 52 -41.12 -30.88 42.64
N SER A 53 -41.43 -29.91 41.79
CA SER A 53 -40.45 -28.94 41.37
C SER A 53 -40.16 -27.95 42.48
N PRO A 54 -38.91 -27.47 42.59
CA PRO A 54 -38.57 -26.54 43.67
C PRO A 54 -38.96 -25.09 43.40
N PHE A 55 -39.87 -24.85 42.46
CA PHE A 55 -40.33 -23.50 42.21
C PHE A 55 -41.86 -23.41 42.15
N ASN A 56 -42.55 -24.42 42.68
CA ASN A 56 -43.99 -24.39 42.80
C ASN A 56 -44.41 -23.33 43.82
N PRO A 57 -45.65 -22.82 43.72
CA PRO A 57 -46.17 -21.99 44.81
C PRO A 57 -46.50 -22.78 46.07
N ARG A 58 -46.70 -24.10 45.96
CA ARG A 58 -47.00 -24.90 47.13
C ARG A 58 -45.78 -25.04 48.04
N TYR A 59 -44.64 -25.41 47.45
CA TYR A 59 -43.47 -25.76 48.24
C TYR A 59 -42.84 -24.54 48.89
N ARG A 60 -42.95 -23.37 48.25
CA ARG A 60 -42.40 -22.16 48.85
C ARG A 60 -43.21 -21.71 50.06
N ALA A 61 -44.54 -21.84 49.99
CA ALA A 61 -45.36 -21.53 51.16
C ALA A 61 -45.16 -22.56 52.27
N TRP A 62 -44.89 -23.81 51.89
CA TRP A 62 -44.52 -24.82 52.88
C TRP A 62 -43.22 -24.44 53.60
N GLU A 63 -42.24 -23.95 52.85
CA GLU A 63 -40.99 -23.51 53.47
C GLU A 63 -41.19 -22.32 54.40
N MET A 64 -42.03 -21.36 54.01
CA MET A 64 -42.17 -20.20 54.88
C MET A 64 -43.00 -20.51 56.13
N TRP A 65 -43.94 -21.46 56.03
CA TRP A 65 -44.59 -21.96 57.23
C TRP A 65 -43.60 -22.66 58.15
N LEU A 66 -42.67 -23.43 57.58
CA LEU A 66 -41.61 -24.01 58.39
C LEU A 66 -40.70 -22.96 59.01
N VAL A 67 -40.49 -21.84 58.35
CA VAL A 67 -39.63 -20.81 58.91
C VAL A 67 -40.27 -20.17 60.13
N LEU A 68 -41.58 -19.91 60.06
CA LEU A 68 -42.28 -19.42 61.26
C LEU A 68 -42.26 -20.45 62.38
N LEU A 69 -42.33 -21.74 62.02
CA LEU A 69 -42.30 -22.76 63.04
C LEU A 69 -40.91 -22.88 63.69
N VAL A 70 -39.86 -22.66 62.90
CA VAL A 70 -38.49 -22.70 63.42
C VAL A 70 -38.25 -21.53 64.37
N ILE A 71 -38.74 -20.34 64.01
CA ILE A 71 -38.60 -19.18 64.90
C ILE A 71 -39.33 -19.42 66.21
N TYR A 72 -40.50 -20.07 66.16
CA TYR A 72 -41.19 -20.44 67.39
C TYR A 72 -40.38 -21.39 68.26
N SER A 73 -39.81 -22.43 67.64
CA SER A 73 -39.07 -23.42 68.43
C SER A 73 -37.81 -22.81 69.04
N ALA A 74 -37.12 -21.97 68.28
CA ALA A 74 -35.89 -21.37 68.77
C ALA A 74 -36.17 -20.32 69.84
N TRP A 75 -37.34 -19.70 69.83
CA TRP A 75 -37.62 -18.81 70.94
C TRP A 75 -38.03 -19.58 72.18
N ILE A 76 -38.74 -20.69 72.05
CA ILE A 76 -39.22 -21.39 73.24
C ILE A 76 -38.08 -22.11 73.95
N CYS A 77 -37.18 -22.76 73.21
CA CYS A 77 -36.27 -23.77 73.79
C CYS A 77 -35.41 -23.34 74.97
N PRO A 78 -34.78 -22.15 75.02
CA PRO A 78 -34.11 -21.79 76.29
C PRO A 78 -35.10 -21.44 77.38
N PHE A 79 -36.19 -20.77 77.02
CA PHE A 79 -37.21 -20.36 77.97
C PHE A 79 -37.91 -21.55 78.59
N GLN A 80 -38.00 -22.65 77.85
CA GLN A 80 -38.47 -23.90 78.41
C GLN A 80 -37.38 -24.59 79.21
N PHE A 81 -36.13 -24.41 78.79
CA PHE A 81 -35.01 -25.09 79.42
C PHE A 81 -34.75 -24.57 80.82
N ALA A 82 -35.08 -23.32 81.10
CA ALA A 82 -34.73 -22.72 82.39
C ALA A 82 -35.91 -22.45 83.30
N PHE A 83 -36.90 -21.71 82.84
CA PHE A 83 -37.91 -21.17 83.75
C PHE A 83 -38.96 -22.21 84.13
N ILE A 84 -39.70 -22.70 83.16
CA ILE A 84 -40.91 -23.46 83.42
C ILE A 84 -40.55 -24.92 83.68
N THR A 85 -41.50 -25.64 84.28
CA THR A 85 -41.38 -27.06 84.50
C THR A 85 -41.73 -27.82 83.22
N TYR A 86 -41.94 -29.13 83.35
CA TYR A 86 -42.22 -29.97 82.19
C TYR A 86 -43.42 -30.88 82.36
N LYS A 87 -43.84 -31.18 83.59
CA LYS A 87 -44.86 -32.19 83.83
C LYS A 87 -46.23 -31.79 83.28
N LYS A 88 -46.57 -30.50 83.31
CA LYS A 88 -47.78 -30.04 82.67
C LYS A 88 -47.65 -30.17 81.15
N ASP A 89 -48.79 -30.21 80.47
CA ASP A 89 -48.83 -30.72 79.11
C ASP A 89 -49.33 -29.74 78.06
N ALA A 90 -49.75 -28.53 78.43
CA ALA A 90 -50.40 -27.61 77.50
C ALA A 90 -49.44 -27.08 76.44
N ILE A 91 -48.14 -27.08 76.71
CA ILE A 91 -47.13 -26.75 75.72
C ILE A 91 -46.51 -28.01 75.14
N PHE A 92 -46.54 -29.11 75.90
CA PHE A 92 -46.08 -30.42 75.44
C PHE A 92 -46.85 -30.87 74.20
N ILE A 93 -48.15 -30.54 74.15
CA ILE A 93 -48.95 -30.80 72.95
C ILE A 93 -48.39 -30.06 71.74
N ILE A 94 -48.08 -28.77 71.91
CA ILE A 94 -47.64 -27.95 70.79
C ILE A 94 -46.26 -28.39 70.32
N ASP A 95 -45.41 -28.80 71.26
CA ASP A 95 -44.08 -29.29 70.88
C ASP A 95 -44.16 -30.60 70.11
N ASN A 96 -45.07 -31.49 70.51
CA ASN A 96 -45.23 -32.73 69.76
C ASN A 96 -45.81 -32.50 68.37
N ILE A 97 -46.69 -31.52 68.24
CA ILE A 97 -47.22 -31.15 66.92
C ILE A 97 -46.12 -30.60 66.02
N VAL A 98 -45.25 -29.76 66.58
CA VAL A 98 -44.12 -29.20 65.81
C VAL A 98 -43.18 -30.31 65.37
N ASN A 99 -42.91 -31.28 66.24
CA ASN A 99 -42.10 -32.43 65.86
C ASN A 99 -42.78 -33.26 64.78
N GLY A 100 -44.12 -33.29 64.78
CA GLY A 100 -44.83 -33.95 63.71
C GLY A 100 -44.65 -33.27 62.36
N PHE A 101 -44.69 -31.93 62.36
CA PHE A 101 -44.46 -31.19 61.11
C PHE A 101 -43.07 -31.46 60.55
N PHE A 102 -42.05 -31.47 61.42
CA PHE A 102 -40.72 -31.72 60.87
C PHE A 102 -40.54 -33.18 60.47
N ALA A 103 -41.23 -34.11 61.12
CA ALA A 103 -41.18 -35.50 60.67
C ALA A 103 -41.85 -35.68 59.32
N ILE A 104 -42.86 -34.86 59.02
CA ILE A 104 -43.43 -34.86 57.67
C ILE A 104 -42.44 -34.31 56.66
N ASP A 105 -41.73 -33.24 57.03
CA ASP A 105 -40.77 -32.64 56.11
C ASP A 105 -39.60 -33.56 55.79
N ILE A 106 -39.20 -34.40 56.76
CA ILE A 106 -38.13 -35.37 56.52
C ILE A 106 -38.46 -36.31 55.37
N ILE A 107 -39.71 -36.80 55.34
CA ILE A 107 -40.15 -37.63 54.24
C ILE A 107 -40.25 -36.82 52.96
N LEU A 108 -40.87 -35.64 53.04
CA LEU A 108 -41.20 -34.90 51.82
C LEU A 108 -39.97 -34.31 51.12
N THR A 109 -38.84 -34.19 51.79
CA THR A 109 -37.66 -33.70 51.07
C THR A 109 -37.03 -34.71 50.13
N PHE A 110 -37.56 -35.93 50.02
CA PHE A 110 -37.09 -36.87 49.01
C PHE A 110 -37.79 -36.69 47.68
N PHE A 111 -38.92 -35.99 47.64
CA PHE A 111 -39.69 -35.84 46.40
C PHE A 111 -39.35 -34.56 45.66
N VAL A 112 -38.34 -33.83 46.08
CA VAL A 112 -38.11 -32.48 45.60
C VAL A 112 -36.84 -32.45 44.78
N ALA A 113 -36.91 -31.78 43.63
CA ALA A 113 -35.74 -31.60 42.77
C ALA A 113 -34.90 -30.44 43.27
N TYR A 114 -33.65 -30.41 42.84
CA TYR A 114 -32.73 -29.35 43.19
C TYR A 114 -32.12 -28.76 41.92
N LEU A 115 -31.14 -27.89 42.10
CA LEU A 115 -30.39 -27.29 41.00
C LEU A 115 -28.93 -27.68 41.13
N ASP A 116 -28.40 -28.39 40.14
CA ASP A 116 -27.02 -28.82 40.22
C ASP A 116 -26.08 -27.65 39.92
N SER A 117 -24.79 -27.87 40.16
CA SER A 117 -23.81 -26.81 40.01
C SER A 117 -23.23 -26.77 38.60
N HIS A 118 -22.89 -27.92 38.03
CA HIS A 118 -22.17 -27.93 36.77
C HIS A 118 -23.12 -27.86 35.59
N SER A 119 -24.16 -28.68 35.59
CA SER A 119 -25.23 -28.59 34.61
C SER A 119 -26.42 -27.96 35.32
N TYR A 120 -27.16 -27.12 34.63
CA TYR A 120 -28.07 -26.25 35.33
C TYR A 120 -29.53 -26.66 35.11
N LEU A 121 -30.40 -25.91 35.79
CA LEU A 121 -31.84 -25.77 35.56
C LEU A 121 -32.68 -26.96 36.04
N LEU A 122 -32.06 -28.10 36.34
CA LEU A 122 -32.78 -29.28 36.86
C LEU A 122 -31.85 -30.43 37.21
N VAL A 123 -32.31 -31.25 38.17
CA VAL A 123 -31.94 -32.66 38.31
C VAL A 123 -33.22 -33.39 38.65
N ASP A 124 -33.51 -34.44 37.88
CA ASP A 124 -34.69 -35.25 38.09
C ASP A 124 -34.23 -36.69 38.28
N SER A 125 -35.18 -37.63 38.19
CA SER A 125 -34.94 -39.08 38.24
C SER A 125 -34.34 -39.49 39.58
N PRO A 126 -35.19 -39.75 40.60
CA PRO A 126 -34.81 -39.58 42.02
C PRO A 126 -33.54 -40.25 42.54
N LYS A 127 -32.83 -41.03 41.72
CA LYS A 127 -31.45 -41.34 42.08
C LYS A 127 -30.63 -40.05 42.09
N LYS A 128 -29.63 -40.02 42.99
CA LYS A 128 -28.73 -38.93 43.35
C LYS A 128 -29.41 -37.82 44.15
N ILE A 129 -30.74 -37.82 44.21
CA ILE A 129 -31.42 -36.95 45.16
C ILE A 129 -31.24 -37.49 46.57
N ALA A 130 -31.44 -38.78 46.74
CA ALA A 130 -31.16 -39.40 48.03
C ALA A 130 -29.67 -39.42 48.33
N ILE A 131 -28.83 -39.42 47.30
CA ILE A 131 -27.40 -39.35 47.54
C ILE A 131 -27.01 -37.96 48.05
N ARG A 132 -27.66 -36.92 47.51
CA ARG A 132 -27.45 -35.57 48.03
C ARG A 132 -27.98 -35.43 49.45
N TYR A 133 -29.22 -35.85 49.68
CA TYR A 133 -29.87 -35.55 50.95
C TYR A 133 -29.33 -36.44 52.08
N LEU A 134 -29.04 -37.70 51.79
CA LEU A 134 -28.56 -38.61 52.83
C LEU A 134 -27.12 -38.35 53.23
N SER A 135 -26.36 -37.66 52.38
CA SER A 135 -24.98 -37.38 52.75
C SER A 135 -24.85 -36.05 53.47
N THR A 136 -25.59 -35.03 53.04
CA THR A 136 -25.39 -33.70 53.58
C THR A 136 -26.16 -33.46 54.88
N TRP A 137 -27.50 -33.48 54.83
CA TRP A 137 -28.29 -32.92 55.90
C TRP A 137 -29.15 -33.93 56.65
N PHE A 138 -29.04 -35.23 56.36
CA PHE A 138 -30.02 -36.17 56.89
C PHE A 138 -29.78 -36.50 58.36
N ALA A 139 -28.51 -36.63 58.75
CA ALA A 139 -28.20 -37.19 60.06
C ALA A 139 -28.60 -36.25 61.19
N PHE A 140 -28.20 -35.00 61.11
CA PHE A 140 -28.56 -34.06 62.17
C PHE A 140 -30.04 -33.72 62.15
N ASP A 141 -30.68 -33.77 60.98
CA ASP A 141 -32.13 -33.56 60.95
C ASP A 141 -32.87 -34.70 61.62
N VAL A 142 -32.43 -35.94 61.42
CA VAL A 142 -33.15 -37.03 62.06
C VAL A 142 -32.74 -37.17 63.52
N CYS A 143 -31.61 -36.56 63.91
CA CYS A 143 -31.33 -36.46 65.34
C CYS A 143 -32.16 -35.37 66.01
N SER A 144 -32.40 -34.26 65.30
CA SER A 144 -33.13 -33.16 65.90
C SER A 144 -34.63 -33.44 65.95
N THR A 145 -35.17 -34.04 64.90
CA THR A 145 -36.60 -34.29 64.81
C THR A 145 -37.06 -35.36 65.80
N ALA A 146 -36.17 -36.29 66.15
CA ALA A 146 -36.55 -37.43 66.97
C ALA A 146 -36.87 -36.99 68.39
N PRO A 147 -38.03 -37.35 68.94
CA PRO A 147 -38.36 -36.94 70.30
C PRO A 147 -37.63 -37.80 71.31
N PHE A 148 -37.16 -37.17 72.38
CA PHE A 148 -36.51 -37.89 73.47
C PHE A 148 -37.14 -37.59 74.81
N GLN A 149 -37.51 -36.35 75.07
CA GLN A 149 -38.27 -36.05 76.28
C GLN A 149 -39.65 -36.70 76.36
N PRO A 150 -40.44 -36.77 75.27
CA PRO A 150 -41.77 -37.40 75.29
C PRO A 150 -41.62 -38.90 75.61
N LEU A 151 -40.41 -39.64 75.15
CA LEU A 151 -40.09 -41.03 75.43
C LEU A 151 -39.61 -41.21 76.85
N SER A 152 -38.88 -40.22 77.37
CA SER A 152 -38.48 -40.27 78.77
C SER A 152 -39.68 -40.09 79.69
N LEU A 153 -40.67 -39.31 79.27
CA LEU A 153 -41.84 -39.07 80.10
C LEU A 153 -42.75 -40.29 80.13
N LEU A 154 -42.87 -40.98 79.00
CA LEU A 154 -43.81 -42.08 78.89
C LEU A 154 -43.18 -43.43 79.17
N PHE A 155 -41.86 -43.51 79.16
CA PHE A 155 -41.19 -44.80 79.34
C PHE A 155 -41.06 -45.17 80.81
N ASN A 156 -40.30 -44.40 81.57
CA ASN A 156 -40.15 -44.69 82.98
C ASN A 156 -40.26 -43.47 83.87
N TYR A 157 -39.76 -42.33 83.43
CA TYR A 157 -39.59 -41.17 84.31
C TYR A 157 -40.83 -40.30 84.38
N GLU A 161 -33.46 -35.87 84.85
CA GLU A 161 -34.18 -35.19 83.77
C GLU A 161 -33.28 -34.17 83.10
N LEU A 162 -32.14 -33.86 83.71
CA LEU A 162 -31.27 -32.83 83.16
C LEU A 162 -30.53 -33.32 81.92
N GLY A 163 -30.13 -34.59 81.91
CA GLY A 163 -29.52 -35.15 80.72
C GLY A 163 -30.48 -35.32 79.57
N PHE A 164 -31.77 -35.27 79.82
CA PHE A 164 -32.77 -35.35 78.78
C PHE A 164 -33.15 -33.98 78.24
N ARG A 165 -32.87 -32.92 78.98
CA ARG A 165 -33.05 -31.57 78.46
C ARG A 165 -31.96 -31.20 77.46
N ILE A 166 -30.74 -31.69 77.69
CA ILE A 166 -29.65 -31.45 76.75
C ILE A 166 -29.94 -32.14 75.43
N LEU A 167 -30.63 -33.27 75.46
CA LEU A 167 -31.09 -33.88 74.22
C LEU A 167 -32.20 -33.07 73.56
N SER A 168 -32.90 -32.23 74.33
CA SER A 168 -33.85 -31.33 73.72
C SER A 168 -33.20 -30.06 73.22
N MET A 169 -31.98 -29.75 73.66
CA MET A 169 -31.28 -28.61 73.10
C MET A 169 -30.79 -28.86 71.68
N LEU A 170 -30.89 -30.08 71.16
CA LEU A 170 -30.57 -30.36 69.77
C LEU A 170 -31.64 -29.90 68.80
N ARG A 171 -32.74 -29.32 69.29
CA ARG A 171 -33.73 -28.70 68.43
C ARG A 171 -33.21 -27.49 67.68
N LEU A 172 -32.06 -26.95 68.09
CA LEU A 172 -31.46 -25.81 67.44
C LEU A 172 -30.78 -26.16 66.11
N TRP A 173 -30.71 -27.43 65.73
CA TRP A 173 -30.27 -27.72 64.38
C TRP A 173 -31.30 -27.31 63.35
N ARG A 174 -32.57 -27.20 63.75
CA ARG A 174 -33.63 -26.74 62.86
C ARG A 174 -33.45 -25.31 62.40
N LEU A 175 -32.47 -24.58 62.93
CA LEU A 175 -32.23 -23.19 62.66
C LEU A 175 -31.35 -22.99 61.43
N ARG A 176 -31.09 -24.03 60.65
CA ARG A 176 -30.39 -23.83 59.39
C ARG A 176 -31.27 -23.19 58.35
N ARG A 177 -32.59 -23.31 58.50
CA ARG A 177 -33.49 -22.80 57.47
C ARG A 177 -33.54 -21.29 57.49
N VAL A 178 -33.31 -20.68 58.65
CA VAL A 178 -33.23 -19.24 58.72
C VAL A 178 -31.96 -18.75 58.05
N SER A 179 -30.87 -19.51 58.16
CA SER A 179 -29.66 -19.17 57.42
C SER A 179 -29.83 -19.37 55.93
N SER A 180 -30.62 -20.36 55.51
CA SER A 180 -30.88 -20.53 54.09
C SER A 180 -31.74 -19.39 53.55
N LEU A 181 -32.71 -18.90 54.33
CA LEU A 181 -33.44 -17.72 53.89
C LEU A 181 -32.57 -16.49 53.81
N PHE A 182 -31.71 -16.26 54.80
CA PHE A 182 -30.89 -15.08 54.68
C PHE A 182 -29.72 -15.25 53.72
N ALA A 183 -29.53 -16.45 53.18
CA ALA A 183 -28.67 -16.58 52.02
C ALA A 183 -29.43 -16.32 50.73
N ARG A 184 -30.71 -16.70 50.68
CA ARG A 184 -31.50 -16.47 49.48
C ARG A 184 -31.83 -15.00 49.28
N LEU A 185 -32.14 -14.29 50.36
CA LEU A 185 -32.67 -12.95 50.19
C LEU A 185 -31.60 -11.91 49.87
N GLU A 186 -30.35 -12.18 50.17
CA GLU A 186 -29.29 -11.29 49.71
C GLU A 186 -29.13 -11.39 48.21
N LYS A 187 -29.18 -12.61 47.69
CA LYS A 187 -28.91 -12.90 46.30
C LYS A 187 -30.14 -12.67 45.42
N ASP A 188 -31.34 -12.64 46.01
CA ASP A 188 -32.52 -12.27 45.27
C ASP A 188 -32.50 -10.78 44.97
N ILE A 189 -33.07 -10.40 43.82
CA ILE A 189 -32.98 -9.02 43.37
C ILE A 189 -33.94 -8.14 44.15
N ARG A 190 -35.17 -8.58 44.33
CA ARG A 190 -36.22 -7.65 44.72
C ARG A 190 -36.28 -7.44 46.23
N PHE A 191 -35.15 -7.05 46.81
CA PHE A 191 -35.04 -6.71 48.23
C PHE A 191 -33.86 -5.77 48.46
N ASN A 192 -33.93 -4.97 49.53
CA ASN A 192 -32.86 -4.03 49.85
C ASN A 192 -31.77 -4.79 50.57
N TYR A 193 -30.56 -4.77 50.02
CA TYR A 193 -29.48 -5.57 50.56
C TYR A 193 -29.00 -5.07 51.90
N PHE A 194 -29.04 -3.76 52.11
CA PHE A 194 -28.61 -3.19 53.39
C PHE A 194 -29.70 -3.20 54.44
N TRP A 195 -30.78 -3.92 54.21
CA TRP A 195 -31.84 -4.12 55.19
C TRP A 195 -31.82 -5.54 55.70
N ILE A 196 -31.61 -6.49 54.79
CA ILE A 196 -31.58 -7.91 55.12
C ILE A 196 -30.40 -8.21 56.04
N ARG A 197 -29.25 -7.62 55.78
CA ARG A 197 -28.06 -8.01 56.52
C ARG A 197 -28.08 -7.45 57.94
N CYS A 198 -28.58 -6.22 58.11
CA CYS A 198 -28.77 -5.69 59.45
C CYS A 198 -29.86 -6.43 60.20
N THR A 199 -30.89 -6.92 59.49
CA THR A 199 -31.89 -7.76 60.15
C THR A 199 -31.27 -9.05 60.65
N LYS A 200 -30.34 -9.62 59.88
CA LYS A 200 -29.66 -10.84 60.30
C LYS A 200 -28.83 -10.61 61.55
N LEU A 201 -28.14 -9.48 61.63
CA LEU A 201 -27.31 -9.20 62.80
C LEU A 201 -28.15 -8.92 64.04
N ILE A 202 -29.28 -8.22 63.88
CA ILE A 202 -30.16 -7.99 65.01
C ILE A 202 -30.76 -9.30 65.51
N SER A 203 -31.03 -10.23 64.60
CA SER A 203 -31.52 -11.54 65.01
C SER A 203 -30.50 -12.31 65.84
N VAL A 204 -29.23 -12.30 65.40
CA VAL A 204 -28.21 -13.03 66.15
C VAL A 204 -27.95 -12.39 67.50
N THR A 205 -27.97 -11.06 67.56
CA THR A 205 -27.72 -10.36 68.82
C THR A 205 -28.85 -10.59 69.82
N LEU A 206 -30.10 -10.53 69.36
CA LEU A 206 -31.23 -10.76 70.26
C LEU A 206 -31.26 -12.20 70.75
N PHE A 207 -30.91 -13.16 69.89
CA PHE A 207 -30.90 -14.53 70.37
C PHE A 207 -29.76 -14.78 71.35
N ALA A 208 -28.63 -14.09 71.19
CA ALA A 208 -27.55 -14.25 72.16
C ALA A 208 -27.95 -13.71 73.51
N ILE A 209 -28.60 -12.54 73.54
CA ILE A 209 -29.14 -11.97 74.78
C ILE A 209 -30.09 -12.96 75.46
N HIS A 210 -31.01 -13.52 74.68
CA HIS A 210 -32.05 -14.38 75.23
C HIS A 210 -31.47 -15.67 75.83
N CYS A 211 -30.62 -16.35 75.07
CA CYS A 211 -30.10 -17.63 75.53
C CYS A 211 -29.14 -17.46 76.69
N ALA A 212 -28.35 -16.39 76.69
CA ALA A 212 -27.43 -16.19 77.79
C ALA A 212 -28.16 -15.81 79.07
N GLY A 213 -29.21 -15.00 78.97
CA GLY A 213 -29.98 -14.66 80.14
C GLY A 213 -30.67 -15.85 80.76
N CYS A 214 -31.25 -16.71 79.93
CA CYS A 214 -31.92 -17.87 80.49
C CYS A 214 -30.95 -18.89 81.07
N PHE A 215 -29.76 -19.04 80.48
CA PHE A 215 -28.80 -19.98 81.04
C PHE A 215 -28.24 -19.47 82.37
N ASN A 216 -28.07 -18.16 82.50
CA ASN A 216 -27.61 -17.67 83.80
C ASN A 216 -28.69 -17.77 84.86
N TYR A 217 -29.95 -17.61 84.49
CA TYR A 217 -30.99 -17.83 85.49
C TYR A 217 -31.08 -19.29 85.91
N LEU A 218 -30.78 -20.21 84.99
CA LEU A 218 -30.70 -21.62 85.37
C LEU A 218 -29.60 -21.88 86.39
N ILE A 219 -28.40 -21.38 86.10
CA ILE A 219 -27.29 -21.60 87.03
C ILE A 219 -27.45 -20.82 88.32
N ALA A 220 -28.36 -19.85 88.37
CA ALA A 220 -28.73 -19.25 89.64
C ALA A 220 -29.79 -20.04 90.40
N ASP A 221 -30.70 -20.74 89.70
CA ASP A 221 -31.66 -21.59 90.41
C ASP A 221 -30.98 -22.80 91.04
N ARG A 222 -30.13 -23.50 90.27
CA ARG A 222 -29.70 -24.82 90.70
C ARG A 222 -28.70 -24.82 91.84
N TYR A 223 -28.34 -23.69 92.36
CA TYR A 223 -27.27 -23.61 93.34
C TYR A 223 -27.83 -23.45 94.75
N PRO A 224 -27.37 -24.24 95.72
CA PRO A 224 -27.78 -24.02 97.12
C PRO A 224 -27.16 -22.74 97.66
N ASN A 225 -27.69 -22.27 98.81
CA ASN A 225 -27.51 -20.90 99.31
C ASN A 225 -27.97 -19.91 98.26
N PRO A 226 -29.26 -19.57 98.22
CA PRO A 226 -29.73 -18.50 97.33
C PRO A 226 -28.98 -17.18 97.45
N ARG A 227 -28.52 -16.81 98.64
CA ARG A 227 -27.60 -15.69 98.73
C ARG A 227 -26.23 -16.11 98.18
N LYS A 228 -25.44 -15.11 97.82
CA LYS A 228 -24.25 -15.28 96.97
C LYS A 228 -24.59 -15.98 95.67
N THR A 229 -25.61 -15.46 94.99
CA THR A 229 -25.81 -15.57 93.55
C THR A 229 -25.99 -14.16 93.01
N TRP A 230 -26.16 -14.01 91.69
CA TRP A 230 -26.25 -12.64 91.16
C TRP A 230 -27.60 -12.03 91.47
N ILE A 231 -28.66 -12.82 91.43
CA ILE A 231 -29.99 -12.28 91.71
C ILE A 231 -30.36 -12.48 93.17
N GLY A 232 -29.65 -13.35 93.88
CA GLY A 232 -30.02 -13.61 95.25
C GLY A 232 -29.53 -12.55 96.20
N ALA A 233 -28.33 -12.03 95.96
CA ALA A 233 -27.76 -11.05 96.88
C ALA A 233 -28.41 -9.69 96.76
N VAL A 234 -29.16 -9.43 95.70
CA VAL A 234 -29.88 -8.18 95.57
C VAL A 234 -31.35 -8.35 95.94
N TYR A 235 -32.01 -9.36 95.37
CA TYR A 235 -33.34 -9.74 95.80
C TYR A 235 -33.23 -11.00 96.63
N PRO A 236 -33.43 -10.96 97.95
CA PRO A 236 -33.32 -12.19 98.73
C PRO A 236 -34.47 -13.15 98.53
N ASN A 237 -35.63 -12.65 98.14
CA ASN A 237 -36.80 -13.48 97.86
C ASN A 237 -37.13 -13.32 96.39
N PHE A 238 -36.56 -14.19 95.55
CA PHE A 238 -36.78 -14.06 94.12
C PHE A 238 -37.50 -15.24 93.49
N LYS A 239 -37.46 -16.42 94.11
CA LYS A 239 -38.17 -17.55 93.54
C LYS A 239 -39.67 -17.43 93.70
N GLU A 240 -40.14 -16.60 94.63
CA GLU A 240 -41.56 -16.43 94.83
C GLU A 240 -42.17 -15.38 93.90
N ALA A 241 -41.37 -14.67 93.11
CA ALA A 241 -41.92 -13.66 92.23
C ALA A 241 -42.37 -14.29 90.92
N SER A 242 -42.91 -13.45 90.03
CA SER A 242 -43.58 -13.93 88.83
C SER A 242 -42.58 -14.35 87.77
N LEU A 243 -43.09 -14.63 86.57
CA LEU A 243 -42.19 -14.86 85.44
C LEU A 243 -41.69 -13.57 84.84
N TRP A 244 -42.51 -12.53 84.83
CA TRP A 244 -42.13 -11.33 84.12
C TRP A 244 -41.02 -10.58 84.84
N ASN A 245 -41.02 -10.59 86.17
CA ASN A 245 -39.97 -9.90 86.89
C ASN A 245 -38.65 -10.66 86.79
N ARG A 246 -38.68 -11.98 86.91
CA ARG A 246 -37.45 -12.75 86.79
C ARG A 246 -36.92 -12.72 85.37
N TYR A 247 -37.80 -12.75 84.38
CA TYR A 247 -37.34 -12.74 83.00
C TYR A 247 -36.78 -11.40 82.61
N VAL A 248 -37.42 -10.30 83.02
CA VAL A 248 -36.87 -8.98 82.74
C VAL A 248 -35.56 -8.78 83.49
N THR A 249 -35.43 -9.34 84.69
CA THR A 249 -34.17 -9.18 85.42
C THR A 249 -33.05 -9.95 84.75
N ALA A 250 -33.32 -11.15 84.26
CA ALA A 250 -32.28 -11.91 83.55
C ALA A 250 -31.90 -11.24 82.25
N LEU A 251 -32.88 -10.68 81.56
CA LEU A 251 -32.61 -10.02 80.29
C LEU A 251 -31.81 -8.75 80.51
N TYR A 252 -32.11 -8.04 81.59
CA TYR A 252 -31.40 -6.82 81.94
C TYR A 252 -29.98 -7.08 82.39
N TRP A 253 -29.75 -8.18 83.10
CA TRP A 253 -28.38 -8.57 83.37
C TRP A 253 -27.62 -8.86 82.10
N SER A 254 -28.25 -9.61 81.18
CA SER A 254 -27.52 -10.04 80.00
C SER A 254 -27.16 -8.90 79.07
N ILE A 255 -28.02 -7.88 78.99
CA ILE A 255 -27.68 -6.85 78.02
C ILE A 255 -26.65 -5.85 78.57
N THR A 256 -26.52 -5.70 79.89
CA THR A 256 -25.49 -4.80 80.38
C THR A 256 -24.10 -5.39 80.31
N THR A 257 -23.95 -6.68 80.01
CA THR A 257 -22.63 -7.22 79.75
C THR A 257 -22.47 -7.65 78.32
N LEU A 258 -23.53 -7.64 77.51
CA LEU A 258 -23.29 -7.71 76.08
C LEU A 258 -22.87 -6.36 75.54
N THR A 259 -23.60 -5.30 75.86
CA THR A 259 -23.26 -4.00 75.32
C THR A 259 -22.26 -3.28 76.17
N THR A 260 -21.40 -4.02 76.87
CA THR A 260 -20.26 -3.61 77.69
C THR A 260 -20.46 -2.42 78.61
N THR A 261 -21.69 -2.21 79.08
CA THR A 261 -21.86 -1.14 80.05
C THR A 261 -21.40 -1.59 81.42
N GLY A 262 -22.07 -2.57 82.00
CA GLY A 262 -21.60 -3.13 83.25
C GLY A 262 -21.74 -2.18 84.41
N TYR A 263 -22.96 -1.96 84.90
CA TYR A 263 -23.17 -1.01 85.98
C TYR A 263 -22.44 -1.44 87.23
N GLY A 264 -22.80 -2.57 87.79
CA GLY A 264 -22.17 -2.96 89.03
C GLY A 264 -23.15 -3.67 89.92
N ASP A 265 -24.41 -3.65 89.52
CA ASP A 265 -25.34 -4.61 90.04
C ASP A 265 -25.00 -5.97 89.47
N PHE A 266 -25.47 -7.01 90.15
CA PHE A 266 -25.66 -8.33 89.55
C PHE A 266 -24.34 -8.96 89.11
N HIS A 267 -23.28 -8.63 89.81
CA HIS A 267 -22.01 -9.28 89.56
C HIS A 267 -22.04 -10.67 90.17
N ALA A 268 -21.07 -11.50 89.81
CA ALA A 268 -21.10 -12.91 90.19
C ALA A 268 -20.39 -13.14 91.50
N GLU A 269 -20.91 -14.07 92.30
CA GLU A 269 -20.31 -14.52 93.55
C GLU A 269 -20.01 -16.01 93.56
N ASN A 270 -20.91 -16.82 93.04
CA ASN A 270 -20.68 -18.24 92.90
C ASN A 270 -19.53 -18.49 91.92
N PRO A 271 -18.53 -19.28 92.29
CA PRO A 271 -17.38 -19.47 91.37
C PRO A 271 -17.71 -20.20 90.08
N ARG A 272 -18.73 -21.06 90.04
CA ARG A 272 -19.10 -21.62 88.74
C ARG A 272 -19.75 -20.57 87.86
N GLU A 273 -20.45 -19.64 88.47
CA GLU A 273 -21.05 -18.53 87.75
C GLU A 273 -20.00 -17.52 87.32
N MET A 274 -19.00 -17.32 88.19
CA MET A 274 -17.83 -16.54 87.87
C MET A 274 -17.05 -17.18 86.73
N LEU A 275 -17.17 -18.49 86.56
CA LEU A 275 -16.59 -19.15 85.40
C LEU A 275 -17.43 -18.97 84.15
N PHE A 276 -18.74 -18.92 84.30
CA PHE A 276 -19.58 -18.73 83.12
C PHE A 276 -19.39 -17.36 82.50
N ASP A 277 -19.16 -16.34 83.34
CA ASP A 277 -18.98 -14.99 82.83
C ASP A 277 -17.74 -14.84 81.97
N ILE A 278 -16.74 -15.68 82.15
CA ILE A 278 -15.53 -15.58 81.34
C ILE A 278 -15.81 -15.96 79.90
N PHE A 279 -16.54 -17.06 79.69
CA PHE A 279 -16.86 -17.47 78.33
C PHE A 279 -17.87 -16.53 77.71
N PHE A 280 -18.80 -15.99 78.50
CA PHE A 280 -19.76 -15.10 77.90
C PHE A 280 -19.14 -13.76 77.54
N MET A 281 -18.15 -13.28 78.28
CA MET A 281 -17.56 -12.02 77.92
C MET A 281 -16.56 -12.14 76.77
N MET A 282 -15.90 -13.31 76.63
CA MET A 282 -15.16 -13.59 75.40
C MET A 282 -16.06 -13.55 74.18
N PHE A 283 -17.22 -14.21 74.28
CA PHE A 283 -18.15 -14.22 73.16
C PHE A 283 -18.65 -12.82 72.83
N ASN A 284 -18.87 -11.99 73.84
CA ASN A 284 -19.37 -10.65 73.57
C ASN A 284 -18.31 -9.78 72.93
N LEU A 285 -17.04 -9.97 73.28
CA LEU A 285 -15.97 -9.25 72.61
C LEU A 285 -15.92 -9.59 71.13
N GLY A 286 -16.02 -10.89 70.82
CA GLY A 286 -16.02 -11.30 69.42
C GLY A 286 -17.20 -10.76 68.63
N LEU A 287 -18.40 -10.82 69.22
CA LEU A 287 -19.59 -10.41 68.47
C LEU A 287 -19.64 -8.90 68.31
N THR A 288 -19.18 -8.13 69.29
CA THR A 288 -19.17 -6.68 69.15
C THR A 288 -18.19 -6.24 68.07
N ALA A 289 -17.06 -6.94 67.96
CA ALA A 289 -16.14 -6.63 66.85
C ALA A 289 -16.77 -6.94 65.50
N TYR A 290 -17.51 -8.05 65.41
CA TYR A 290 -18.16 -8.41 64.14
C TYR A 290 -19.22 -7.41 63.74
N LEU A 291 -19.97 -6.91 64.73
CA LEU A 291 -21.03 -5.96 64.46
C LEU A 291 -20.48 -4.61 63.97
N ILE A 292 -19.37 -4.16 64.58
CA ILE A 292 -18.75 -2.92 64.11
C ILE A 292 -18.18 -3.08 62.71
N GLY A 293 -17.71 -4.28 62.36
CA GLY A 293 -17.27 -4.52 60.99
C GLY A 293 -18.39 -4.40 59.96
N ASN A 294 -19.56 -4.95 60.26
CA ASN A 294 -20.68 -4.83 59.33
C ASN A 294 -21.18 -3.41 59.19
N MET A 295 -21.24 -2.65 60.29
CA MET A 295 -21.69 -1.26 60.13
C MET A 295 -20.65 -0.42 59.41
N THR A 296 -19.37 -0.79 59.50
CA THR A 296 -18.36 -0.10 58.70
C THR A 296 -18.55 -0.36 57.22
N ASN A 297 -18.92 -1.60 56.84
CA ASN A 297 -19.28 -1.84 55.44
C ASN A 297 -20.46 -1.01 54.99
N LEU A 298 -21.50 -0.88 55.82
CA LEU A 298 -22.67 -0.13 55.41
C LEU A 298 -22.36 1.36 55.25
N VAL A 299 -21.51 1.90 56.11
CA VAL A 299 -21.20 3.33 56.04
C VAL A 299 -20.25 3.64 54.90
N VAL A 300 -19.23 2.80 54.68
CA VAL A 300 -18.32 2.99 53.55
C VAL A 300 -19.05 2.84 52.23
N HIS A 301 -20.00 1.93 52.16
CA HIS A 301 -20.68 1.73 50.90
C HIS A 301 -21.80 2.69 50.65
N TRP A 302 -22.45 3.20 51.69
CA TRP A 302 -23.59 4.09 51.50
C TRP A 302 -23.16 5.44 50.95
N THR A 303 -21.95 5.91 51.28
CA THR A 303 -21.51 7.22 50.85
C THR A 303 -20.23 7.14 50.03
N SER A 304 -20.19 6.25 49.03
CA SER A 304 -19.05 6.24 48.13
C SER A 304 -19.21 7.22 46.98
N ARG A 305 -20.46 7.44 46.55
CA ARG A 305 -20.70 8.23 45.35
C ARG A 305 -20.42 9.70 45.59
N THR A 306 -20.94 10.24 46.68
CA THR A 306 -20.72 11.65 47.01
C THR A 306 -19.27 11.91 47.33
N ARG A 307 -18.60 10.95 47.96
CA ARG A 307 -17.20 11.12 48.29
C ARG A 307 -16.33 11.10 47.04
N THR A 308 -16.69 10.28 46.05
CA THR A 308 -15.92 10.27 44.81
C THR A 308 -16.11 11.56 44.02
N PHE A 309 -17.35 12.07 43.99
CA PHE A 309 -17.62 13.37 43.39
C PHE A 309 -16.80 14.49 44.03
N ARG A 310 -16.74 14.49 45.36
CA ARG A 310 -15.99 15.56 46.03
C ARG A 310 -14.49 15.39 45.85
N ASP A 311 -14.01 14.16 45.67
CA ASP A 311 -12.62 13.95 45.25
C ASP A 311 -12.33 14.60 43.92
N SER A 312 -13.21 14.40 42.95
CA SER A 312 -12.99 14.94 41.61
C SER A 312 -12.99 16.46 41.63
N VAL A 313 -13.87 17.06 42.44
CA VAL A 313 -13.91 18.51 42.52
C VAL A 313 -12.69 19.06 43.25
N ARG A 314 -12.20 18.37 44.28
CA ARG A 314 -10.97 18.83 44.95
C ARG A 314 -9.76 18.74 44.03
N ALA A 315 -9.69 17.69 43.21
CA ALA A 315 -8.55 17.55 42.31
C ALA A 315 -8.58 18.61 41.21
N ALA A 316 -9.77 18.90 40.68
CA ALA A 316 -9.89 19.95 39.69
C ALA A 316 -9.56 21.32 40.28
N SER A 317 -9.94 21.57 41.53
CA SER A 317 -9.65 22.86 42.12
C SER A 317 -8.18 23.03 42.45
N GLU A 318 -7.50 21.95 42.86
CA GLU A 318 -6.07 22.07 43.08
C GLU A 318 -5.32 22.27 41.78
N PHE A 319 -5.72 21.57 40.72
CA PHE A 319 -5.09 21.78 39.43
C PHE A 319 -5.35 23.18 38.89
N ALA A 320 -6.50 23.75 39.21
CA ALA A 320 -6.78 25.10 38.73
C ALA A 320 -6.01 26.13 39.54
N SER A 321 -6.04 26.05 40.86
CA SER A 321 -5.39 27.06 41.66
C SER A 321 -3.88 26.87 41.73
N ARG A 322 -3.35 25.77 41.20
CA ARG A 322 -1.90 25.66 41.10
C ARG A 322 -1.36 26.46 39.92
N ASN A 323 -1.99 26.33 38.76
CA ASN A 323 -1.47 26.96 37.57
C ASN A 323 -2.06 28.34 37.31
N GLN A 324 -2.94 28.81 38.20
CA GLN A 324 -3.50 30.16 38.19
C GLN A 324 -4.29 30.44 36.90
N LEU A 325 -5.33 29.66 36.68
CA LEU A 325 -6.26 29.96 35.61
C LEU A 325 -7.26 31.02 36.12
N PRO A 326 -7.66 31.97 35.29
CA PRO A 326 -8.37 33.15 35.81
C PRO A 326 -9.76 32.94 36.42
N HIS A 327 -10.79 32.78 35.61
CA HIS A 327 -12.09 32.38 36.14
C HIS A 327 -12.80 31.39 35.24
N ASP A 328 -12.69 31.63 33.93
CA ASP A 328 -13.58 31.00 32.97
C ASP A 328 -13.32 29.52 32.88
N ILE A 329 -12.05 29.13 32.89
CA ILE A 329 -11.72 27.72 32.76
C ILE A 329 -12.06 26.97 34.04
N GLN A 330 -11.95 27.64 35.20
CA GLN A 330 -12.44 27.06 36.44
C GLN A 330 -13.93 26.79 36.39
N ASP A 331 -14.71 27.76 35.93
CA ASP A 331 -16.15 27.57 35.94
C ASP A 331 -16.58 26.53 34.91
N GLN A 332 -15.86 26.43 33.80
CA GLN A 332 -16.17 25.39 32.83
C GLN A 332 -15.88 24.00 33.40
N MET A 333 -14.71 23.81 34.03
CA MET A 333 -14.37 22.51 34.59
C MET A 333 -15.32 22.11 35.71
N LEU A 334 -15.64 23.04 36.61
CA LEU A 334 -16.44 22.67 37.75
C LEU A 334 -17.90 22.45 37.37
N SER A 335 -18.44 23.26 36.45
CA SER A 335 -19.81 23.00 36.02
C SER A 335 -19.90 21.74 35.17
N HIS A 336 -18.84 21.39 34.46
CA HIS A 336 -18.90 20.15 33.71
C HIS A 336 -18.83 18.93 34.61
N ILE A 337 -18.10 19.02 35.72
CA ILE A 337 -18.13 17.88 36.63
C ILE A 337 -19.45 17.82 37.39
N CYS A 338 -20.07 18.97 37.70
CA CYS A 338 -21.39 18.96 38.33
C CYS A 338 -22.45 18.34 37.43
N LEU A 339 -22.37 18.59 36.12
CA LEU A 339 -23.34 17.93 35.25
C LEU A 339 -22.89 16.57 34.73
N LYS A 340 -21.68 16.13 35.02
CA LYS A 340 -21.44 14.69 34.96
C LYS A 340 -21.99 13.99 36.18
N PHE A 341 -22.13 14.68 37.30
CA PHE A 341 -22.62 14.00 38.48
C PHE A 341 -24.14 14.02 38.60
N LYS A 342 -24.79 15.08 38.12
CA LYS A 342 -26.26 15.07 38.13
C LYS A 342 -26.83 14.04 37.15
N THR A 343 -26.15 13.81 36.02
CA THR A 343 -26.52 12.67 35.19
C THR A 343 -25.37 11.70 35.20
N GLU A 344 -25.40 10.74 36.12
CA GLU A 344 -24.22 9.99 36.54
C GLU A 344 -23.75 9.07 35.42
N GLY A 345 -22.92 9.64 34.55
CA GLY A 345 -22.54 8.97 33.33
C GLY A 345 -21.38 8.03 33.48
N LEU A 346 -20.72 8.05 34.64
CA LEU A 346 -19.57 7.15 34.85
C LEU A 346 -20.03 5.71 34.99
N LYS A 347 -21.04 5.48 35.83
CA LYS A 347 -21.64 4.16 35.93
C LYS A 347 -22.32 3.76 34.63
N GLN A 348 -22.82 4.75 33.88
CA GLN A 348 -23.36 4.48 32.55
C GLN A 348 -22.29 3.94 31.62
N GLN A 349 -21.11 4.58 31.60
CA GLN A 349 -20.01 4.13 30.75
C GLN A 349 -19.56 2.73 31.13
N GLU A 350 -19.42 2.47 32.44
CA GLU A 350 -18.99 1.15 32.89
C GLU A 350 -20.00 0.07 32.54
N THR A 351 -21.27 0.30 32.86
CA THR A 351 -22.26 -0.75 32.67
C THR A 351 -22.73 -0.87 31.24
N LEU A 352 -22.50 0.16 30.41
CA LEU A 352 -22.72 -0.04 28.99
C LEU A 352 -21.55 -0.77 28.35
N ASN A 353 -20.34 -0.53 28.84
CA ASN A 353 -19.20 -1.22 28.27
C ASN A 353 -19.05 -2.63 28.84
N ASN A 354 -19.89 -3.01 29.80
CA ASN A 354 -19.91 -4.39 30.23
C ASN A 354 -21.00 -5.19 29.53
N LEU A 355 -21.75 -4.56 28.65
CA LEU A 355 -22.84 -5.24 27.97
C LEU A 355 -22.34 -5.97 26.74
N PRO A 356 -23.06 -7.00 26.24
CA PRO A 356 -22.48 -7.83 25.18
C PRO A 356 -22.57 -7.26 23.76
N LYS A 357 -22.77 -5.95 23.62
CA LYS A 357 -22.67 -5.22 22.35
C LYS A 357 -23.73 -5.62 21.32
N ALA A 358 -24.78 -6.30 21.74
CA ALA A 358 -25.99 -6.40 20.94
C ALA A 358 -27.17 -5.81 21.67
N ILE A 359 -27.20 -5.97 22.98
CA ILE A 359 -28.25 -5.36 23.77
C ILE A 359 -28.08 -3.86 23.82
N ARG A 360 -26.83 -3.37 23.75
CA ARG A 360 -26.63 -1.93 23.65
C ARG A 360 -27.06 -1.42 22.28
N SER A 361 -27.03 -2.28 21.26
CA SER A 361 -27.55 -1.89 19.96
C SER A 361 -29.07 -1.78 20.00
N SER A 362 -29.73 -2.68 20.73
CA SER A 362 -31.18 -2.56 20.87
C SER A 362 -31.55 -1.35 21.74
N ILE A 363 -30.69 -1.00 22.70
CA ILE A 363 -30.90 0.21 23.50
C ILE A 363 -30.84 1.46 22.63
N ALA A 364 -29.77 1.59 21.84
CA ALA A 364 -29.63 2.78 20.99
C ALA A 364 -30.68 2.79 19.89
N ASN A 365 -31.12 1.60 19.46
CA ASN A 365 -32.21 1.50 18.49
C ASN A 365 -33.51 2.00 19.07
N TYR A 366 -33.74 1.75 20.36
CA TYR A 366 -34.96 2.31 20.95
C TYR A 366 -34.82 3.81 21.19
N LEU A 367 -33.63 4.28 21.53
CA LEU A 367 -33.53 5.64 22.02
C LEU A 367 -33.35 6.67 20.92
N PHE A 368 -32.65 6.32 19.84
CA PHE A 368 -32.20 7.34 18.91
C PHE A 368 -32.64 7.12 17.48
N PHE A 369 -33.31 6.03 17.18
CA PHE A 369 -33.76 5.79 15.81
C PHE A 369 -34.80 6.79 15.29
N PRO A 370 -35.86 7.19 16.02
CA PRO A 370 -36.74 8.20 15.43
C PRO A 370 -36.18 9.61 15.50
N ILE A 371 -35.01 9.81 16.09
CA ILE A 371 -34.37 11.11 16.05
C ILE A 371 -33.47 11.22 14.82
N VAL A 372 -32.70 10.17 14.56
CA VAL A 372 -31.82 10.16 13.40
C VAL A 372 -32.63 9.90 12.13
N HIS A 373 -33.83 9.34 12.28
CA HIS A 373 -34.66 9.00 11.13
C HIS A 373 -35.17 10.24 10.39
N ASN A 374 -35.14 11.40 11.03
CA ASN A 374 -35.63 12.63 10.41
C ASN A 374 -34.60 13.75 10.56
N ILE A 375 -33.64 13.81 9.64
CA ILE A 375 -32.64 14.85 9.65
C ILE A 375 -32.61 15.52 8.27
N TYR A 376 -32.10 16.75 8.26
CA TYR A 376 -31.58 17.46 7.10
C TYR A 376 -30.87 16.54 6.11
N LEU A 377 -29.92 15.74 6.57
CA LEU A 377 -29.15 14.91 5.65
C LEU A 377 -29.93 13.67 5.23
N PHE A 378 -30.26 12.81 6.19
CA PHE A 378 -30.85 11.50 5.88
C PHE A 378 -32.28 11.68 5.42
N GLN A 379 -32.58 11.23 4.21
CA GLN A 379 -33.96 11.27 3.73
C GLN A 379 -34.49 9.88 3.40
N GLY A 380 -33.80 9.16 2.53
CA GLY A 380 -34.32 7.91 2.01
C GLY A 380 -33.38 6.75 2.17
N VAL A 381 -32.76 6.64 3.35
CA VAL A 381 -31.48 5.97 3.46
C VAL A 381 -31.68 4.53 3.94
N SER A 382 -32.85 3.94 3.61
CA SER A 382 -33.06 2.49 3.57
C SER A 382 -32.84 1.78 4.91
N ARG A 383 -33.83 1.87 5.83
CA ARG A 383 -33.69 1.63 7.27
C ARG A 383 -32.89 0.39 7.68
N ASN A 384 -32.78 -0.61 6.79
CA ASN A 384 -31.83 -1.68 6.99
C ASN A 384 -30.38 -1.18 7.00
N PHE A 385 -30.12 -0.02 6.39
CA PHE A 385 -28.86 0.67 6.68
C PHE A 385 -28.89 1.30 8.06
N LEU A 386 -30.05 1.76 8.51
CA LEU A 386 -30.12 2.51 9.75
C LEU A 386 -29.89 1.63 10.97
N PHE A 387 -30.26 0.34 10.88
CA PHE A 387 -30.00 -0.57 11.99
C PHE A 387 -28.51 -0.74 12.24
N GLN A 388 -27.72 -0.81 11.17
CA GLN A 388 -26.27 -0.87 11.35
C GLN A 388 -25.68 0.50 11.62
N LEU A 389 -26.41 1.56 11.29
CA LEU A 389 -25.92 2.90 11.56
C LEU A 389 -26.02 3.25 13.04
N VAL A 390 -27.19 3.03 13.64
CA VAL A 390 -27.56 3.57 14.95
C VAL A 390 -26.66 3.06 16.07
N SER A 391 -26.24 1.79 16.03
CA SER A 391 -25.60 1.10 17.14
C SER A 391 -24.25 1.66 17.56
N ASP A 392 -23.67 2.60 16.81
CA ASP A 392 -22.40 3.18 17.21
C ASP A 392 -22.55 4.60 17.71
N ILE A 393 -23.80 5.07 17.84
CA ILE A 393 -24.04 6.45 18.27
C ILE A 393 -23.79 6.55 19.76
N ASP A 394 -22.96 7.51 20.15
CA ASP A 394 -22.60 7.72 21.55
C ASP A 394 -23.20 9.04 22.00
N ALA A 395 -24.19 8.95 22.89
CA ALA A 395 -24.89 10.13 23.40
C ALA A 395 -23.98 10.89 24.34
N GLU A 396 -24.38 12.12 24.66
CA GLU A 396 -23.65 12.98 25.58
C GLU A 396 -24.60 14.04 26.09
N TYR A 397 -24.09 14.91 26.96
CA TYR A 397 -24.91 15.89 27.64
C TYR A 397 -24.01 17.05 28.04
N PHE A 398 -24.50 18.27 27.91
CA PHE A 398 -23.57 19.39 27.94
C PHE A 398 -24.06 20.55 28.78
N PRO A 399 -23.15 21.28 29.42
CA PRO A 399 -23.55 22.41 30.24
C PRO A 399 -23.92 23.61 29.40
N PRO A 400 -24.63 24.59 29.97
CA PRO A 400 -24.82 25.86 29.26
C PRO A 400 -23.56 26.68 29.28
N LYS A 401 -23.45 27.58 28.30
CA LYS A 401 -22.38 28.58 28.13
C LYS A 401 -20.99 27.98 27.94
N GLU A 402 -20.89 26.67 27.75
CA GLU A 402 -19.65 26.03 27.36
C GLU A 402 -19.49 26.16 25.85
N ASP A 403 -18.40 26.79 25.43
CA ASP A 403 -18.11 26.98 24.01
C ASP A 403 -17.83 25.61 23.40
N ILE A 404 -18.77 25.14 22.58
CA ILE A 404 -18.70 23.76 22.11
C ILE A 404 -17.71 23.63 20.97
N ILE A 405 -17.98 24.32 19.87
CA ILE A 405 -17.11 24.37 18.70
C ILE A 405 -16.65 25.81 18.51
N LEU A 406 -15.34 26.02 18.46
CA LEU A 406 -14.77 27.34 18.29
C LEU A 406 -14.52 27.61 16.81
N GLN A 407 -14.20 28.87 16.51
CA GLN A 407 -13.91 29.27 15.15
C GLN A 407 -12.55 28.72 14.71
N ASN A 408 -12.51 28.24 13.47
CA ASN A 408 -11.32 27.69 12.81
C ASN A 408 -10.72 26.51 13.57
N GLU A 409 -11.56 25.70 14.19
CA GLU A 409 -11.10 24.46 14.80
C GLU A 409 -11.14 23.34 13.76
N ALA A 410 -10.09 22.52 13.75
CA ALA A 410 -10.03 21.39 12.84
C ALA A 410 -11.08 20.35 13.25
N PRO A 411 -11.95 19.90 12.34
CA PRO A 411 -13.19 19.23 12.76
C PRO A 411 -12.98 17.82 13.30
N THR A 412 -13.87 17.41 14.20
CA THR A 412 -13.75 16.09 14.82
C THR A 412 -15.05 15.28 14.84
N ASP A 413 -16.21 15.93 14.94
CA ASP A 413 -17.44 15.16 15.18
C ASP A 413 -18.68 15.92 14.73
N LEU A 414 -19.71 15.15 14.37
CA LEU A 414 -21.04 15.68 14.11
C LEU A 414 -21.76 15.91 15.43
N TYR A 415 -22.54 16.98 15.46
CA TYR A 415 -23.28 17.39 16.65
C TYR A 415 -24.75 17.55 16.30
N ILE A 416 -25.49 16.46 16.36
CA ILE A 416 -26.94 16.51 16.22
C ILE A 416 -27.53 16.98 17.54
N LEU A 417 -28.35 18.02 17.50
CA LEU A 417 -29.06 18.42 18.69
C LEU A 417 -30.18 17.43 18.94
N VAL A 418 -30.51 17.22 20.22
CA VAL A 418 -31.73 16.49 20.57
C VAL A 418 -32.64 17.41 21.37
N SER A 419 -32.03 18.33 22.12
CA SER A 419 -32.78 19.41 22.76
C SER A 419 -31.82 20.58 22.92
N GLY A 420 -32.32 21.64 23.54
CA GLY A 420 -31.49 22.75 23.97
C GLY A 420 -31.11 23.70 22.85
N ALA A 421 -31.16 24.98 23.17
CA ALA A 421 -30.83 26.05 22.24
C ALA A 421 -29.32 26.12 22.04
N VAL A 422 -28.90 26.66 20.89
CA VAL A 422 -27.50 26.87 20.55
C VAL A 422 -27.38 28.26 19.95
N ASP A 423 -26.34 29.00 20.37
CA ASP A 423 -26.09 30.38 19.88
C ASP A 423 -24.67 30.43 19.27
N PHE A 424 -24.58 30.82 18.00
CA PHE A 424 -23.27 30.89 17.30
C PHE A 424 -22.92 32.35 17.01
N THR A 425 -21.70 32.76 17.38
CA THR A 425 -21.23 34.15 17.15
C THR A 425 -19.85 34.11 16.47
N VAL A 426 -19.51 35.16 15.73
CA VAL A 426 -18.20 35.22 15.02
C VAL A 426 -17.08 35.22 16.07
N TYR A 427 -16.01 34.45 15.83
CA TYR A 427 -14.86 34.37 16.77
C TYR A 427 -13.61 34.92 16.05
N VAL A 428 -12.93 35.88 16.69
CA VAL A 428 -11.69 36.57 16.21
C VAL A 428 -11.99 37.57 15.08
N ASP A 429 -12.52 37.10 13.94
CA ASP A 429 -12.84 37.98 12.78
C ASP A 429 -13.91 38.99 13.21
N GLY A 430 -14.92 38.53 13.97
CA GLY A 430 -16.00 39.42 14.43
C GLY A 430 -15.91 39.68 15.92
N HIS A 431 -15.78 40.95 16.31
CA HIS A 431 -15.68 41.35 17.74
C HIS A 431 -16.95 41.02 18.52
N ASP A 432 -18.12 41.25 17.92
CA ASP A 432 -19.42 41.02 18.61
C ASP A 432 -20.56 40.82 17.60
N GLN A 433 -21.75 40.46 18.11
CA GLN A 433 -23.00 40.24 17.33
C GLN A 433 -22.84 39.08 16.34
N PHE A 434 -23.17 39.34 15.07
CA PHE A 434 -23.17 38.37 13.94
C PHE A 434 -24.35 37.41 14.08
N GLN A 435 -24.31 36.25 13.41
CA GLN A 435 -25.44 35.29 13.48
C GLN A 435 -24.93 33.85 13.55
N GLY A 436 -25.75 32.95 14.11
CA GLY A 436 -25.41 31.51 14.23
C GLY A 436 -26.59 30.82 14.92
N LYS A 437 -27.12 29.74 14.35
CA LYS A 437 -28.30 29.10 14.99
C LYS A 437 -28.43 27.61 14.62
N ALA A 438 -29.20 26.88 15.43
CA ALA A 438 -29.54 25.45 15.28
C ALA A 438 -30.65 25.13 16.29
N VAL A 439 -31.71 24.44 15.86
CA VAL A 439 -32.84 24.12 16.79
C VAL A 439 -33.05 22.59 16.89
N ILE A 440 -33.93 22.17 17.80
CA ILE A 440 -34.11 20.74 18.14
C ILE A 440 -34.29 19.86 16.91
N GLY A 441 -33.35 18.95 16.70
CA GLY A 441 -33.34 18.16 15.49
C GLY A 441 -32.44 18.67 14.40
N GLU A 442 -32.14 19.96 14.37
CA GLU A 442 -31.33 20.53 13.31
C GLU A 442 -29.85 20.30 13.59
N THR A 443 -29.21 19.51 12.75
CA THR A 443 -27.81 19.14 12.94
C THR A 443 -26.90 20.29 12.58
N PHE A 444 -25.65 20.17 12.99
CA PHE A 444 -24.57 20.97 12.44
C PHE A 444 -23.28 20.14 12.51
N GLY A 445 -22.19 20.77 12.10
CA GLY A 445 -20.97 20.03 11.83
C GLY A 445 -20.94 19.38 10.46
N GLU A 446 -21.82 19.81 9.55
CA GLU A 446 -21.91 19.19 8.24
C GLU A 446 -20.90 19.75 7.26
N VAL A 447 -20.06 20.67 7.71
CA VAL A 447 -18.91 21.07 6.90
C VAL A 447 -17.93 19.92 6.78
N GLY A 448 -17.41 19.44 7.91
CA GLY A 448 -16.45 18.36 7.89
C GLY A 448 -17.01 16.97 7.66
N VAL A 449 -17.85 16.82 6.64
CA VAL A 449 -18.30 15.50 6.22
C VAL A 449 -17.24 14.88 5.34
N LEU A 450 -16.95 15.55 4.21
CA LEU A 450 -15.86 15.20 3.33
C LEU A 450 -15.01 16.40 2.95
N TYR A 451 -15.43 17.61 3.32
CA TYR A 451 -14.71 18.83 2.96
C TYR A 451 -13.43 18.99 3.76
N TYR A 452 -13.37 18.39 4.96
CA TYR A 452 -12.16 18.24 5.78
C TYR A 452 -11.60 19.60 6.19
N ARG A 453 -12.50 20.56 6.36
CA ARG A 453 -12.21 21.96 6.52
C ARG A 453 -12.67 22.44 7.89
N PRO A 454 -12.06 23.48 8.46
CA PRO A 454 -12.47 23.92 9.79
C PRO A 454 -13.83 24.59 9.82
N GLN A 455 -14.42 24.58 11.01
CA GLN A 455 -15.77 25.07 11.24
C GLN A 455 -15.81 26.59 11.11
N PRO A 456 -16.88 27.14 10.58
CA PRO A 456 -16.93 28.59 10.34
C PRO A 456 -17.11 29.41 11.60
N PHE A 457 -18.01 28.99 12.48
CA PHE A 457 -18.54 29.85 13.52
C PHE A 457 -18.00 29.43 14.88
N THR A 458 -18.44 30.14 15.90
CA THR A 458 -18.31 29.68 17.27
C THR A 458 -19.65 29.09 17.71
N VAL A 459 -19.59 28.15 18.66
CA VAL A 459 -20.79 27.44 19.12
C VAL A 459 -20.82 27.51 20.64
N ARG A 460 -21.64 28.40 21.18
CA ARG A 460 -21.83 28.54 22.62
C ARG A 460 -23.29 28.25 22.97
N THR A 461 -23.48 27.45 24.02
CA THR A 461 -24.79 27.01 24.44
C THR A 461 -25.49 28.17 25.14
N THR A 462 -26.81 28.14 25.19
CA THR A 462 -27.53 29.14 25.99
C THR A 462 -28.25 28.49 27.17
N GLU A 463 -29.14 27.56 26.90
CA GLU A 463 -29.69 26.66 27.90
C GLU A 463 -29.21 25.25 27.56
N LEU A 464 -29.10 24.41 28.59
CA LEU A 464 -28.44 23.11 28.50
C LEU A 464 -29.08 22.22 27.45
N SER A 465 -28.30 21.27 26.94
CA SER A 465 -28.72 20.50 25.79
C SER A 465 -28.23 19.06 25.89
N GLN A 466 -28.77 18.24 25.00
CA GLN A 466 -28.33 16.86 24.84
C GLN A 466 -27.92 16.70 23.38
N ILE A 467 -26.65 16.38 23.15
CA ILE A 467 -26.06 16.44 21.83
C ILE A 467 -25.46 15.07 21.50
N LEU A 468 -25.98 14.45 20.45
CA LEU A 468 -25.42 13.20 19.94
C LEU A 468 -24.08 13.49 19.29
N ARG A 469 -23.26 12.45 19.12
CA ARG A 469 -21.96 12.63 18.49
C ARG A 469 -21.60 11.41 17.66
N ILE A 470 -21.80 11.51 16.34
CA ILE A 470 -21.28 10.56 15.37
C ILE A 470 -20.01 11.19 14.82
N SER A 471 -18.85 10.71 15.27
CA SER A 471 -17.61 11.42 15.01
C SER A 471 -17.10 11.16 13.60
N ARG A 472 -15.94 11.74 13.31
CA ARG A 472 -15.38 11.74 11.97
C ARG A 472 -14.96 10.33 11.55
N THR A 473 -14.26 9.62 12.43
CA THR A 473 -13.82 8.27 12.12
C THR A 473 -15.00 7.30 12.05
N SER A 474 -16.05 7.57 12.82
CA SER A 474 -17.25 6.75 12.74
C SER A 474 -17.96 6.95 11.41
N LEU A 475 -18.00 8.20 10.92
CA LEU A 475 -18.53 8.46 9.59
C LEU A 475 -17.72 7.76 8.51
N MET A 476 -16.38 7.87 8.60
CA MET A 476 -15.55 7.26 7.58
C MET A 476 -15.55 5.74 7.66
N SER A 477 -15.88 5.20 8.84
CA SER A 477 -16.14 3.77 8.94
C SER A 477 -17.47 3.40 8.32
N ALA A 478 -18.44 4.30 8.39
CA ALA A 478 -19.72 4.08 7.73
C ALA A 478 -19.65 4.25 6.22
N MET A 479 -18.50 4.69 5.67
CA MET A 479 -18.40 4.98 4.25
C MET A 479 -18.42 3.71 3.40
N HIS A 480 -17.88 2.60 3.89
CA HIS A 480 -17.80 1.39 3.08
C HIS A 480 -19.17 0.75 2.88
N ALA A 481 -20.13 1.05 3.75
CA ALA A 481 -21.51 0.66 3.50
C ALA A 481 -22.10 1.57 2.43
N HIS A 482 -21.80 1.25 1.18
CA HIS A 482 -22.15 2.09 0.04
C HIS A 482 -23.49 1.64 -0.56
N ALA A 483 -23.78 2.23 -1.74
CA ALA A 483 -25.02 2.19 -2.51
C ALA A 483 -26.18 2.89 -1.79
N ASP A 484 -25.88 3.57 -0.68
CA ASP A 484 -26.83 4.46 -0.06
C ASP A 484 -26.13 5.71 0.46
N ASP A 485 -24.83 5.82 0.22
CA ASP A 485 -24.13 7.07 0.47
C ASP A 485 -24.35 8.05 -0.66
N GLY A 486 -24.82 7.56 -1.81
CA GLY A 486 -25.19 8.45 -2.90
C GLY A 486 -26.34 9.37 -2.54
N ARG A 487 -27.31 8.84 -1.79
CA ARG A 487 -28.42 9.67 -1.33
C ARG A 487 -27.95 10.74 -0.35
N VAL A 488 -26.99 10.38 0.51
CA VAL A 488 -26.43 11.33 1.45
C VAL A 488 -25.67 12.44 0.72
N ILE A 489 -24.94 12.07 -0.32
CA ILE A 489 -24.14 13.07 -1.02
C ILE A 489 -25.02 13.95 -1.91
N MET A 490 -26.09 13.39 -2.47
CA MET A 490 -27.07 14.22 -3.17
C MET A 490 -27.75 15.19 -2.22
N ASN A 491 -28.05 14.74 -0.99
CA ASN A 491 -28.64 15.64 0.00
C ASN A 491 -27.66 16.71 0.42
N ASN A 492 -26.37 16.39 0.41
CA ASN A 492 -25.35 17.41 0.67
C ASN A 492 -25.31 18.45 -0.44
N LEU A 493 -25.29 18.01 -1.69
CA LEU A 493 -25.15 18.95 -2.81
C LEU A 493 -26.39 19.82 -2.96
N PHE A 494 -27.59 19.21 -2.93
CA PHE A 494 -28.81 20.00 -3.00
C PHE A 494 -29.03 20.78 -1.70
N MET A 495 -28.39 20.37 -0.62
CA MET A 495 -28.53 21.08 0.64
C MET A 495 -27.76 22.38 0.64
N LYS A 496 -26.52 22.37 0.18
CA LYS A 496 -25.68 23.55 0.29
C LYS A 496 -25.90 24.51 -0.87
N LEU A 497 -26.38 24.01 -2.01
CA LEU A 497 -26.57 24.87 -3.17
C LEU A 497 -27.78 25.78 -3.00
N ARG A 498 -28.75 25.37 -2.18
CA ARG A 498 -29.93 26.17 -1.96
C ARG A 498 -29.66 27.25 -0.92
N HIS B 50 25.27 -35.10 54.30
CA HIS B 50 25.85 -34.73 55.59
C HIS B 50 25.17 -33.49 56.16
N ILE B 51 24.25 -32.92 55.39
CA ILE B 51 23.53 -31.71 55.77
C ILE B 51 22.03 -31.99 55.64
N ILE B 52 21.28 -31.67 56.69
CA ILE B 52 19.87 -32.00 56.76
C ILE B 52 19.08 -30.97 55.95
N SER B 53 18.30 -31.45 54.99
CA SER B 53 17.49 -30.58 54.17
C SER B 53 16.29 -30.07 54.96
N PRO B 54 15.86 -28.83 54.70
CA PRO B 54 14.74 -28.26 55.46
C PRO B 54 13.37 -28.70 54.97
N PHE B 55 13.29 -29.79 54.21
CA PHE B 55 11.99 -30.30 53.78
C PHE B 55 11.86 -31.79 54.03
N ASN B 56 12.70 -32.35 54.89
CA ASN B 56 12.57 -33.74 55.30
C ASN B 56 11.30 -33.93 56.14
N PRO B 57 10.78 -35.16 56.20
CA PRO B 57 9.71 -35.43 57.18
C PRO B 57 10.21 -35.49 58.61
N ARG B 58 11.51 -35.69 58.82
CA ARG B 58 12.03 -35.73 60.19
C ARG B 58 12.03 -34.35 60.82
N TYR B 59 12.57 -33.37 60.10
CA TYR B 59 12.80 -32.06 60.68
C TYR B 59 11.50 -31.30 60.91
N ARG B 60 10.49 -31.54 60.07
CA ARG B 60 9.21 -30.88 60.26
C ARG B 60 8.48 -31.40 61.49
N ALA B 61 8.55 -32.71 61.74
CA ALA B 61 7.97 -33.26 62.95
C ALA B 61 8.75 -32.83 64.19
N TRP B 62 10.07 -32.65 64.04
CA TRP B 62 10.85 -32.08 65.12
C TRP B 62 10.40 -30.66 65.46
N GLU B 63 10.13 -29.85 64.43
CA GLU B 63 9.63 -28.49 64.67
C GLU B 63 8.26 -28.50 65.34
N MET B 64 7.36 -29.39 64.93
CA MET B 64 6.03 -29.35 65.55
C MET B 64 6.04 -29.88 66.98
N TRP B 65 6.94 -30.83 67.28
CA TRP B 65 7.15 -31.21 68.68
C TRP B 65 7.68 -30.04 69.50
N LEU B 66 8.60 -29.25 68.91
CA LEU B 66 9.04 -28.05 69.60
C LEU B 66 7.93 -27.02 69.76
N VAL B 67 6.98 -26.96 68.84
CA VAL B 67 5.90 -25.99 68.97
C VAL B 67 5.00 -26.36 70.14
N LEU B 68 4.69 -27.66 70.30
CA LEU B 68 3.93 -28.07 71.48
C LEU B 68 4.72 -27.82 72.76
N LEU B 69 6.03 -27.96 72.72
CA LEU B 69 6.82 -27.70 73.91
C LEU B 69 6.87 -26.21 74.25
N VAL B 70 6.87 -25.35 73.24
CA VAL B 70 6.86 -23.91 73.44
C VAL B 70 5.53 -23.47 74.04
N ILE B 71 4.42 -24.02 73.55
CA ILE B 71 3.11 -23.69 74.12
C ILE B 71 3.03 -24.12 75.58
N TYR B 72 3.62 -25.28 75.91
CA TYR B 72 3.69 -25.69 77.31
C TYR B 72 4.48 -24.70 78.18
N SER B 73 5.66 -24.28 77.70
CA SER B 73 6.49 -23.38 78.50
C SER B 73 5.82 -22.03 78.68
N ALA B 74 5.20 -21.51 77.63
CA ALA B 74 4.56 -20.21 77.72
C ALA B 74 3.31 -20.25 78.57
N TRP B 75 2.64 -21.40 78.66
CA TRP B 75 1.52 -21.43 79.60
C TRP B 75 2.00 -21.57 81.04
N ILE B 76 3.09 -22.29 81.29
CA ILE B 76 3.48 -22.49 82.68
C ILE B 76 4.10 -21.23 83.28
N CYS B 77 4.92 -20.50 82.51
CA CYS B 77 5.83 -19.51 83.09
C CYS B 77 5.21 -18.41 83.95
N PRO B 78 4.06 -17.78 83.61
CA PRO B 78 3.47 -16.86 84.59
C PRO B 78 2.86 -17.58 85.78
N PHE B 79 2.23 -18.72 85.51
CA PHE B 79 1.58 -19.51 86.54
C PHE B 79 2.58 -20.06 87.55
N GLN B 80 3.80 -20.31 87.09
CA GLN B 80 4.90 -20.65 87.99
C GLN B 80 5.45 -19.41 88.66
N PHE B 81 5.42 -18.28 87.96
CA PHE B 81 6.00 -17.05 88.48
C PHE B 81 5.20 -16.49 89.65
N ALA B 82 3.91 -16.76 89.72
CA ALA B 82 3.07 -16.13 90.74
C ALA B 82 2.57 -17.09 91.81
N PHE B 83 1.89 -18.16 91.42
CA PHE B 83 1.13 -18.95 92.39
C PHE B 83 2.01 -19.89 93.19
N ILE B 84 2.67 -20.82 92.52
CA ILE B 84 3.30 -21.95 93.19
C ILE B 84 4.68 -21.54 93.68
N THR B 85 5.22 -22.34 94.60
CA THR B 85 6.57 -22.17 95.10
C THR B 85 7.57 -22.79 94.11
N TYR B 86 8.80 -22.97 94.56
CA TYR B 86 9.85 -23.49 93.70
C TYR B 86 10.66 -24.63 94.30
N LYS B 87 10.66 -24.77 95.62
CA LYS B 87 11.56 -25.72 96.29
C LYS B 87 11.22 -27.17 95.97
N LYS B 88 9.94 -27.49 95.79
CA LYS B 88 9.56 -28.82 95.33
C LYS B 88 10.01 -29.02 93.90
N ASP B 89 10.14 -30.28 93.49
CA ASP B 89 10.93 -30.60 92.30
C ASP B 89 10.17 -31.33 91.20
N ALA B 90 8.88 -31.65 91.40
CA ALA B 90 8.15 -32.49 90.44
C ALA B 90 7.90 -31.78 89.12
N ILE B 91 7.91 -30.45 89.10
CA ILE B 91 7.84 -29.68 87.87
C ILE B 91 9.22 -29.21 87.46
N PHE B 92 10.14 -29.07 88.42
CA PHE B 92 11.53 -28.72 88.17
C PHE B 92 12.20 -29.74 87.25
N ILE B 93 11.83 -31.01 87.39
CA ILE B 93 12.29 -32.06 86.49
C ILE B 93 11.85 -31.77 85.06
N ILE B 94 10.57 -31.44 84.88
CA ILE B 94 10.03 -31.25 83.54
C ILE B 94 10.62 -30.00 82.89
N ASP B 95 10.86 -28.97 83.69
CA ASP B 95 11.47 -27.76 83.16
C ASP B 95 12.91 -28.00 82.72
N ASN B 96 13.65 -28.81 83.48
CA ASN B 96 15.01 -29.12 83.07
C ASN B 96 15.05 -29.98 81.82
N ILE B 97 14.07 -30.87 81.67
CA ILE B 97 13.98 -31.68 80.45
C ILE B 97 13.68 -30.80 79.24
N VAL B 98 12.78 -29.82 79.40
CA VAL B 98 12.46 -28.89 78.32
C VAL B 98 13.67 -28.06 77.92
N ASN B 99 14.44 -27.61 78.92
CA ASN B 99 15.68 -26.91 78.62
C ASN B 99 16.69 -27.81 77.92
N GLY B 100 16.66 -29.10 78.21
CA GLY B 100 17.49 -30.04 77.48
C GLY B 100 17.12 -30.15 76.01
N PHE B 101 15.81 -30.19 75.72
CA PHE B 101 15.37 -30.23 74.32
C PHE B 101 15.80 -28.99 73.56
N PHE B 102 15.68 -27.82 74.17
CA PHE B 102 16.10 -26.64 73.42
C PHE B 102 17.62 -26.54 73.31
N ALA B 103 18.36 -27.08 74.28
CA ALA B 103 19.81 -27.12 74.14
C ALA B 103 20.24 -28.08 73.04
N ILE B 104 19.45 -29.12 72.78
CA ILE B 104 19.72 -29.97 71.62
C ILE B 104 19.44 -29.22 70.33
N ASP B 105 18.34 -28.45 70.30
CA ASP B 105 17.99 -27.72 69.08
C ASP B 105 19.01 -26.64 68.74
N ILE B 106 19.65 -26.04 69.76
CA ILE B 106 20.69 -25.04 69.51
C ILE B 106 21.84 -25.63 68.70
N ILE B 107 22.27 -26.84 69.03
CA ILE B 107 23.29 -27.52 68.25
C ILE B 107 22.76 -27.89 66.87
N LEU B 108 21.56 -28.48 66.82
CA LEU B 108 21.08 -29.06 65.57
C LEU B 108 20.71 -28.01 64.52
N THR B 109 20.51 -26.75 64.90
CA THR B 109 20.22 -25.77 63.85
C THR B 109 21.44 -25.36 63.04
N PHE B 110 22.63 -25.90 63.32
CA PHE B 110 23.78 -25.65 62.45
C PHE B 110 23.85 -26.63 61.29
N PHE B 111 23.12 -27.74 61.34
CA PHE B 111 23.20 -28.75 60.30
C PHE B 111 22.12 -28.59 59.24
N VAL B 112 21.38 -27.51 59.27
CA VAL B 112 20.16 -27.38 58.48
C VAL B 112 20.37 -26.33 57.41
N ALA B 113 19.96 -26.64 56.19
CA ALA B 113 20.01 -25.69 55.09
C ALA B 113 18.81 -24.76 55.14
N TYR B 114 18.93 -23.63 54.45
CA TYR B 114 17.87 -22.65 54.36
C TYR B 114 17.59 -22.34 52.90
N LEU B 115 16.73 -21.34 52.67
CA LEU B 115 16.42 -20.85 51.33
C LEU B 115 16.84 -19.39 51.24
N ASP B 116 17.76 -19.09 50.33
CA ASP B 116 18.22 -17.72 50.21
C ASP B 116 17.20 -16.88 49.48
N SER B 117 17.42 -15.57 49.48
CA SER B 117 16.46 -14.63 48.90
C SER B 117 16.74 -14.38 47.43
N HIS B 118 18.01 -14.17 47.07
CA HIS B 118 18.30 -13.74 45.71
C HIS B 118 18.44 -14.92 44.77
N SER B 119 19.20 -15.93 45.16
CA SER B 119 19.26 -17.18 44.44
C SER B 119 18.45 -18.20 45.23
N TYR B 120 17.74 -19.06 44.54
CA TYR B 120 16.70 -19.81 45.22
C TYR B 120 17.07 -21.27 45.41
N LEU B 121 16.16 -21.98 46.08
CA LEU B 121 16.01 -23.44 46.14
C LEU B 121 17.03 -24.16 47.03
N LEU B 122 18.11 -23.49 47.43
CA LEU B 122 19.12 -24.08 48.31
C LEU B 122 20.21 -23.10 48.72
N VAL B 123 20.79 -23.32 49.89
CA VAL B 123 22.15 -22.93 50.26
C VAL B 123 22.74 -24.11 51.00
N ASP B 124 23.90 -24.57 50.56
CA ASP B 124 24.61 -25.68 51.18
C ASP B 124 25.98 -25.18 51.58
N SER B 125 26.88 -26.14 51.89
CA SER B 125 28.29 -25.88 52.20
C SER B 125 28.43 -25.01 53.44
N PRO B 126 28.45 -25.61 54.64
CA PRO B 126 28.00 -24.94 55.89
C PRO B 126 28.61 -23.59 56.25
N LYS B 127 29.57 -23.07 55.50
CA LYS B 127 29.87 -21.65 55.60
C LYS B 127 28.65 -20.84 55.18
N LYS B 128 28.47 -19.68 55.81
CA LYS B 128 27.37 -18.72 55.72
C LYS B 128 26.10 -19.20 56.40
N ILE B 129 26.01 -20.49 56.75
CA ILE B 129 24.93 -20.94 57.60
C ILE B 129 25.17 -20.47 59.03
N ALA B 130 26.40 -20.63 59.51
CA ALA B 130 26.74 -20.08 60.81
C ALA B 130 26.76 -18.56 60.78
N ILE B 131 27.02 -17.96 59.62
CA ILE B 131 26.96 -16.51 59.53
C ILE B 131 25.52 -16.02 59.64
N ARG B 132 24.58 -16.77 59.05
CA ARG B 132 23.17 -16.45 59.20
C ARG B 132 22.71 -16.67 60.64
N TYR B 133 23.01 -17.83 61.20
CA TYR B 133 22.43 -18.18 62.50
C TYR B 133 23.08 -17.42 63.64
N LEU B 134 24.39 -17.19 63.58
CA LEU B 134 25.08 -16.50 64.67
C LEU B 134 24.80 -15.02 64.68
N SER B 135 24.35 -14.44 63.57
CA SER B 135 24.06 -13.02 63.57
C SER B 135 22.61 -12.74 63.95
N THR B 136 21.68 -13.56 63.48
CA THR B 136 20.27 -13.24 63.67
C THR B 136 19.73 -13.72 65.01
N TRP B 137 19.71 -15.02 65.24
CA TRP B 137 18.90 -15.57 66.32
C TRP B 137 19.68 -16.26 67.42
N PHE B 138 21.00 -16.21 67.40
CA PHE B 138 21.78 -17.04 68.32
C PHE B 138 21.80 -16.49 69.74
N ALA B 139 21.91 -15.17 69.89
CA ALA B 139 22.20 -14.58 71.18
C ALA B 139 21.03 -14.73 72.14
N PHE B 140 19.83 -14.36 71.71
CA PHE B 140 18.67 -14.48 72.59
C PHE B 140 18.27 -15.93 72.82
N ASP B 141 18.54 -16.81 71.85
CA ASP B 141 18.28 -18.23 72.08
C ASP B 141 19.22 -18.82 73.12
N VAL B 142 20.50 -18.42 73.10
CA VAL B 142 21.39 -18.98 74.10
C VAL B 142 21.24 -18.27 75.43
N CYS B 143 20.62 -17.09 75.45
CA CYS B 143 20.22 -16.50 76.72
C CYS B 143 18.99 -17.16 77.30
N SER B 144 18.04 -17.55 76.43
CA SER B 144 16.80 -18.14 76.92
C SER B 144 17.00 -19.59 77.35
N THR B 145 17.79 -20.35 76.59
CA THR B 145 17.99 -21.77 76.86
C THR B 145 18.80 -22.00 78.13
N ALA B 146 19.66 -21.06 78.48
CA ALA B 146 20.60 -21.25 79.58
C ALA B 146 19.85 -21.25 80.91
N PRO B 147 20.03 -22.26 81.75
CA PRO B 147 19.33 -22.30 83.04
C PRO B 147 19.99 -21.36 84.04
N PHE B 148 19.18 -20.66 84.81
CA PHE B 148 19.67 -19.80 85.87
C PHE B 148 19.08 -20.12 87.22
N GLN B 149 17.79 -20.43 87.28
CA GLN B 149 17.21 -20.91 88.53
C GLN B 149 17.77 -22.25 89.04
N PRO B 150 18.02 -23.25 88.18
CA PRO B 150 18.57 -24.53 88.61
C PRO B 150 19.97 -24.33 89.20
N LEU B 151 20.86 -23.25 88.66
CA LEU B 151 22.17 -22.87 89.17
C LEU B 151 22.07 -22.09 90.46
N SER B 152 21.03 -21.27 90.59
CA SER B 152 20.80 -20.59 91.86
C SER B 152 20.38 -21.55 92.95
N LEU B 153 19.66 -22.61 92.58
CA LEU B 153 19.20 -23.57 93.58
C LEU B 153 20.34 -24.45 94.06
N LEU B 154 21.25 -24.81 93.15
CA LEU B 154 22.30 -25.76 93.49
C LEU B 154 23.58 -25.08 93.91
N PHE B 155 23.73 -23.79 93.64
CA PHE B 155 24.99 -23.09 93.94
C PHE B 155 25.04 -22.66 95.39
N ASN B 156 24.17 -21.75 95.79
CA ASN B 156 24.16 -21.29 97.17
C ASN B 156 22.77 -21.21 97.78
N TYR B 157 21.77 -20.82 97.01
CA TYR B 157 20.47 -20.47 97.57
C TYR B 157 19.55 -21.66 97.71
N GLU B 161 15.46 -14.37 95.64
CA GLU B 161 15.00 -15.29 94.63
C GLU B 161 14.17 -14.57 93.57
N LEU B 162 13.80 -13.31 93.85
CA LEU B 162 12.95 -12.59 92.93
C LEU B 162 13.71 -12.13 91.69
N GLY B 163 14.98 -11.74 91.86
CA GLY B 163 15.81 -11.40 90.73
C GLY B 163 16.17 -12.58 89.85
N PHE B 164 16.01 -13.81 90.37
CA PHE B 164 16.26 -15.00 89.59
C PHE B 164 15.02 -15.49 88.86
N ARG B 165 13.84 -15.06 89.29
CA ARG B 165 12.63 -15.34 88.54
C ARG B 165 12.52 -14.49 87.28
N ILE B 166 13.00 -13.25 87.34
CA ILE B 166 13.02 -12.39 86.17
C ILE B 166 13.96 -12.95 85.11
N LEU B 167 15.02 -13.63 85.53
CA LEU B 167 15.86 -14.34 84.58
C LEU B 167 15.15 -15.56 84.02
N SER B 168 14.15 -16.08 84.71
CA SER B 168 13.34 -17.15 84.14
C SER B 168 12.24 -16.62 83.25
N MET B 169 11.90 -15.33 83.36
CA MET B 169 10.94 -14.78 82.41
C MET B 169 11.50 -14.60 81.01
N LEU B 170 12.79 -14.82 80.81
CA LEU B 170 13.37 -14.79 79.47
C LEU B 170 13.08 -16.06 78.68
N ARG B 171 12.36 -17.02 79.24
CA ARG B 171 11.88 -18.18 78.51
C ARG B 171 10.89 -17.82 77.42
N LEU B 172 10.33 -16.62 77.45
CA LEU B 172 9.38 -16.17 76.45
C LEU B 172 10.02 -15.81 75.13
N TRP B 173 11.35 -15.82 75.02
CA TRP B 173 11.95 -15.67 73.71
C TRP B 173 11.72 -16.90 72.85
N ARG B 174 11.46 -18.05 73.47
CA ARG B 174 11.14 -19.28 72.76
C ARG B 174 9.85 -19.21 71.96
N LEU B 175 9.08 -18.14 72.11
CA LEU B 175 7.78 -17.96 71.51
C LEU B 175 7.88 -17.36 70.10
N ARG B 176 9.08 -17.29 69.53
CA ARG B 176 9.18 -16.87 68.14
C ARG B 176 8.74 -17.96 67.19
N ARG B 177 8.76 -19.21 67.64
CA ARG B 177 8.44 -20.30 66.74
C ARG B 177 6.96 -20.36 66.44
N VAL B 178 6.13 -19.89 67.37
CA VAL B 178 4.71 -19.79 67.11
C VAL B 178 4.42 -18.69 66.10
N SER B 179 5.21 -17.61 66.14
CA SER B 179 5.08 -16.58 65.11
C SER B 179 5.57 -17.08 63.75
N SER B 180 6.59 -17.93 63.74
CA SER B 180 7.04 -18.50 62.48
C SER B 180 6.01 -19.46 61.90
N LEU B 181 5.32 -20.23 62.75
CA LEU B 181 4.23 -21.04 62.22
C LEU B 181 3.08 -20.22 61.69
N PHE B 182 2.69 -19.16 62.40
CA PHE B 182 1.59 -18.38 61.88
C PHE B 182 2.02 -17.46 60.75
N ALA B 183 3.32 -17.37 60.45
CA ALA B 183 3.72 -16.78 59.18
C ALA B 183 3.71 -17.81 58.06
N ARG B 184 4.03 -19.07 58.38
CA ARG B 184 4.03 -20.10 57.34
C ARG B 184 2.61 -20.46 56.90
N LEU B 185 1.68 -20.54 57.84
CA LEU B 185 0.38 -21.09 57.51
C LEU B 185 -0.52 -20.12 56.76
N GLU B 186 -0.25 -18.83 56.83
CA GLU B 186 -0.99 -17.90 55.98
C GLU B 186 -0.57 -18.06 54.54
N LYS B 187 0.73 -18.23 54.31
CA LYS B 187 1.32 -18.27 52.99
C LYS B 187 1.22 -19.65 52.37
N ASP B 188 1.01 -20.68 53.17
CA ASP B 188 0.75 -22.01 52.64
C ASP B 188 -0.64 -22.06 52.03
N ILE B 189 -0.80 -22.85 50.96
CA ILE B 189 -2.05 -22.87 50.23
C ILE B 189 -3.12 -23.63 50.99
N ARG B 190 -2.77 -24.80 51.51
CA ARG B 190 -3.81 -25.74 51.91
C ARG B 190 -4.34 -25.48 53.32
N PHE B 191 -4.79 -24.24 53.55
CA PHE B 191 -5.42 -23.83 54.80
C PHE B 191 -6.33 -22.64 54.58
N ASN B 192 -7.33 -22.46 55.42
CA ASN B 192 -8.27 -21.35 55.31
C ASN B 192 -7.62 -20.13 55.93
N TYR B 193 -7.49 -19.06 55.14
CA TYR B 193 -6.75 -17.90 55.60
C TYR B 193 -7.51 -17.14 56.67
N PHE B 194 -8.83 -17.13 56.60
CA PHE B 194 -9.63 -16.43 57.60
C PHE B 194 -9.89 -17.26 58.84
N TRP B 195 -9.19 -18.37 59.00
CA TRP B 195 -9.25 -19.20 60.20
C TRP B 195 -7.97 -19.07 60.99
N ILE B 196 -6.85 -19.07 60.28
CA ILE B 196 -5.54 -18.95 60.90
C ILE B 196 -5.36 -17.61 61.60
N ARG B 197 -5.85 -16.54 60.97
CA ARG B 197 -5.56 -15.22 61.52
C ARG B 197 -6.41 -14.93 62.75
N CYS B 198 -7.67 -15.38 62.75
CA CYS B 198 -8.47 -15.27 63.96
C CYS B 198 -7.97 -16.19 65.07
N THR B 199 -7.38 -17.33 64.71
CA THR B 199 -6.75 -18.17 65.72
C THR B 199 -5.55 -17.47 66.36
N LYS B 200 -4.80 -16.72 65.54
CA LYS B 200 -3.66 -15.97 66.06
C LYS B 200 -4.10 -14.88 67.03
N LEU B 201 -5.20 -14.19 66.72
CA LEU B 201 -5.68 -13.13 67.60
C LEU B 201 -6.26 -13.68 68.89
N ILE B 202 -6.96 -14.82 68.83
CA ILE B 202 -7.46 -15.44 70.05
C ILE B 202 -6.31 -15.91 70.93
N SER B 203 -5.22 -16.38 70.32
CA SER B 203 -4.05 -16.76 71.10
C SER B 203 -3.43 -15.58 71.83
N VAL B 204 -3.29 -14.44 71.15
CA VAL B 204 -2.68 -13.28 71.80
C VAL B 204 -3.58 -12.74 72.90
N THR B 205 -4.90 -12.74 72.67
CA THR B 205 -5.82 -12.22 73.67
C THR B 205 -5.87 -13.11 74.91
N LEU B 206 -5.88 -14.44 74.72
CA LEU B 206 -5.90 -15.35 75.87
C LEU B 206 -4.59 -15.27 76.66
N PHE B 207 -3.47 -15.11 75.96
CA PHE B 207 -2.23 -15.00 76.71
C PHE B 207 -2.13 -13.67 77.45
N ALA B 208 -2.72 -12.61 76.92
CA ALA B 208 -2.72 -11.34 77.65
C ALA B 208 -3.55 -11.43 78.91
N ILE B 209 -4.73 -12.06 78.82
CA ILE B 209 -5.57 -12.33 80.00
C ILE B 209 -4.79 -13.10 81.05
N HIS B 210 -4.12 -14.18 80.64
CA HIS B 210 -3.44 -15.07 81.56
C HIS B 210 -2.30 -14.37 82.28
N CYS B 211 -1.42 -13.71 81.52
CA CYS B 211 -0.23 -13.10 82.13
C CYS B 211 -0.60 -11.91 83.00
N ALA B 212 -1.63 -11.15 82.60
CA ALA B 212 -2.01 -10.01 83.42
C ALA B 212 -2.67 -10.44 84.70
N GLY B 213 -3.50 -11.49 84.65
CA GLY B 213 -4.11 -11.99 85.87
C GLY B 213 -3.10 -12.53 86.86
N CYS B 214 -2.11 -13.27 86.37
CA CYS B 214 -1.13 -13.81 87.30
C CYS B 214 -0.21 -12.72 87.87
N PHE B 215 0.11 -11.69 87.08
CA PHE B 215 0.96 -10.64 87.62
C PHE B 215 0.21 -9.81 88.65
N ASN B 216 -1.10 -9.62 88.48
CA ASN B 216 -1.83 -8.87 89.50
C ASN B 216 -2.00 -9.70 90.76
N TYR B 217 -2.13 -11.02 90.64
CA TYR B 217 -2.18 -11.81 91.87
C TYR B 217 -0.84 -11.80 92.59
N LEU B 218 0.27 -11.72 91.86
CA LEU B 218 1.58 -11.56 92.50
C LEU B 218 1.66 -10.27 93.29
N ILE B 219 1.28 -9.15 92.66
CA ILE B 219 1.35 -7.87 93.36
C ILE B 219 0.31 -7.75 94.46
N ALA B 220 -0.68 -8.62 94.48
CA ALA B 220 -1.55 -8.71 95.65
C ALA B 220 -0.99 -9.58 96.76
N ASP B 221 -0.20 -10.61 96.44
CA ASP B 221 0.43 -11.40 97.50
C ASP B 221 1.51 -10.60 98.21
N ARG B 222 2.39 -9.94 97.45
CA ARG B 222 3.62 -9.43 98.05
C ARG B 222 3.42 -8.19 98.93
N TYR B 223 2.23 -7.74 99.11
CA TYR B 223 1.99 -6.47 99.80
C TYR B 223 1.53 -6.73 101.23
N PRO B 224 2.10 -6.06 102.23
CA PRO B 224 1.58 -6.17 103.60
C PRO B 224 0.25 -5.44 103.71
N ASN B 225 -0.48 -5.71 104.82
CA ASN B 225 -1.92 -5.43 104.97
C ASN B 225 -2.69 -6.11 103.84
N PRO B 226 -3.06 -7.37 104.01
CA PRO B 226 -3.95 -8.02 103.03
C PRO B 226 -5.23 -7.26 102.71
N ARG B 227 -5.83 -6.56 103.67
CA ARG B 227 -6.89 -5.64 103.31
C ARG B 227 -6.29 -4.43 102.59
N LYS B 228 -7.16 -3.73 101.86
CA LYS B 228 -6.76 -2.75 100.84
C LYS B 228 -5.83 -3.37 99.82
N THR B 229 -6.24 -4.51 99.27
CA THR B 229 -5.83 -5.02 97.97
C THR B 229 -7.11 -5.31 97.18
N TRP B 230 -6.99 -5.75 95.94
CA TRP B 230 -8.21 -5.96 95.17
C TRP B 230 -8.94 -7.21 95.60
N ILE B 231 -8.21 -8.26 95.95
CA ILE B 231 -8.86 -9.49 96.38
C ILE B 231 -8.98 -9.54 97.90
N GLY B 232 -8.24 -8.70 98.62
CA GLY B 232 -8.30 -8.76 100.06
C GLY B 232 -9.52 -8.07 100.63
N ALA B 233 -9.92 -6.96 100.03
CA ALA B 233 -11.03 -6.20 100.58
C ALA B 233 -12.37 -6.86 100.32
N VAL B 234 -12.43 -7.82 99.41
CA VAL B 234 -13.66 -8.56 99.16
C VAL B 234 -13.64 -9.90 99.86
N TYR B 235 -12.57 -10.68 99.68
CA TYR B 235 -12.35 -11.88 100.45
C TYR B 235 -11.29 -11.59 101.49
N PRO B 236 -11.61 -11.51 102.78
CA PRO B 236 -10.57 -11.21 103.77
C PRO B 236 -9.64 -12.39 104.03
N ASN B 237 -10.11 -13.61 103.80
CA ASN B 237 -9.29 -14.82 103.96
C ASN B 237 -9.16 -15.45 102.58
N PHE B 238 -8.10 -15.08 101.85
CA PHE B 238 -7.93 -15.60 100.51
C PHE B 238 -6.69 -16.43 100.30
N LYS B 239 -5.65 -16.26 101.14
CA LYS B 239 -4.47 -17.08 100.99
C LYS B 239 -4.69 -18.51 101.44
N GLU B 240 -5.72 -18.77 102.25
CA GLU B 240 -5.99 -20.12 102.70
C GLU B 240 -6.84 -20.92 101.73
N ALA B 241 -7.34 -20.30 100.65
CA ALA B 241 -8.17 -21.03 99.70
C ALA B 241 -7.30 -21.75 98.68
N SER B 242 -7.95 -22.47 97.77
CA SER B 242 -7.27 -23.39 96.87
C SER B 242 -6.59 -22.64 95.72
N LEU B 243 -6.09 -23.39 94.75
CA LEU B 243 -5.59 -22.76 93.54
C LEU B 243 -6.70 -22.41 92.59
N TRP B 244 -7.76 -23.21 92.54
CA TRP B 244 -8.76 -22.99 91.51
C TRP B 244 -9.58 -21.74 91.80
N ASN B 245 -9.85 -21.47 93.08
CA ASN B 245 -10.62 -20.27 93.40
C ASN B 245 -9.82 -19.01 93.18
N ARG B 246 -8.55 -19.02 93.58
CA ARG B 246 -7.71 -17.84 93.37
C ARG B 246 -7.42 -17.62 91.90
N TYR B 247 -7.23 -18.70 91.15
CA TYR B 247 -6.92 -18.56 89.74
C TYR B 247 -8.13 -18.09 88.95
N VAL B 248 -9.31 -18.63 89.25
CA VAL B 248 -10.51 -18.15 88.59
C VAL B 248 -10.81 -16.72 88.98
N THR B 249 -10.51 -16.32 90.21
CA THR B 249 -10.75 -14.93 90.61
C THR B 249 -9.82 -13.98 89.90
N ALA B 250 -8.55 -14.35 89.74
CA ALA B 250 -7.61 -13.49 89.03
C ALA B 250 -7.97 -13.41 87.54
N LEU B 251 -8.42 -14.52 86.97
CA LEU B 251 -8.79 -14.52 85.57
C LEU B 251 -10.05 -13.69 85.33
N TYR B 252 -10.97 -13.75 86.27
CA TYR B 252 -12.21 -12.99 86.19
C TYR B 252 -11.98 -11.50 86.39
N TRP B 253 -11.04 -11.13 87.26
CA TRP B 253 -10.66 -9.73 87.31
C TRP B 253 -10.07 -9.26 85.99
N SER B 254 -9.18 -10.07 85.41
CA SER B 254 -8.47 -9.62 84.22
C SER B 254 -9.37 -9.47 83.02
N ILE B 255 -10.39 -10.32 82.89
CA ILE B 255 -11.19 -10.20 81.68
C ILE B 255 -12.22 -9.07 81.77
N THR B 256 -12.64 -8.66 82.97
CA THR B 256 -13.58 -7.55 83.04
C THR B 256 -12.92 -6.21 82.80
N THR B 257 -11.60 -6.14 82.76
CA THR B 257 -10.95 -4.90 82.35
C THR B 257 -10.21 -5.04 81.04
N LEU B 258 -10.11 -6.25 80.49
CA LEU B 258 -9.73 -6.33 79.08
C LEU B 258 -10.92 -6.04 78.19
N THR B 259 -12.05 -6.68 78.43
CA THR B 259 -13.19 -6.47 77.56
C THR B 259 -14.03 -5.30 78.00
N THR B 260 -13.42 -4.32 78.64
CA THR B 260 -13.93 -3.02 79.11
C THR B 260 -15.29 -3.03 79.77
N THR B 261 -15.66 -4.11 80.43
CA THR B 261 -16.92 -4.08 81.16
C THR B 261 -16.74 -3.33 82.48
N GLY B 262 -15.93 -3.86 83.37
CA GLY B 262 -15.64 -3.13 84.59
C GLY B 262 -16.81 -3.02 85.52
N TYR B 263 -17.18 -4.10 86.20
CA TYR B 263 -18.35 -4.08 87.07
C TYR B 263 -18.16 -3.09 88.20
N GLY B 264 -17.18 -3.32 89.05
CA GLY B 264 -17.03 -2.43 90.19
C GLY B 264 -16.57 -3.20 91.39
N ASP B 265 -16.58 -4.52 91.27
CA ASP B 265 -15.77 -5.31 92.17
C ASP B 265 -14.32 -5.10 91.84
N PHE B 266 -13.46 -5.41 92.82
CA PHE B 266 -12.06 -5.74 92.57
C PHE B 266 -11.30 -4.54 92.00
N HIS B 267 -11.71 -3.34 92.38
CA HIS B 267 -10.97 -2.17 92.01
C HIS B 267 -9.73 -2.06 92.90
N ALA B 268 -8.80 -1.20 92.52
CA ALA B 268 -7.52 -1.15 93.20
C ALA B 268 -7.53 -0.16 94.35
N GLU B 269 -6.81 -0.50 95.42
CA GLU B 269 -6.60 0.36 96.58
C GLU B 269 -5.14 0.66 96.85
N ASN B 270 -4.28 -0.34 96.71
CA ASN B 270 -2.85 -0.15 96.84
C ASN B 270 -2.36 0.75 95.72
N PRO B 271 -1.61 1.82 96.02
CA PRO B 271 -1.18 2.73 94.95
C PRO B 271 -0.21 2.15 93.95
N ARG B 272 0.58 1.14 94.29
CA ARG B 272 1.39 0.50 93.27
C ARG B 272 0.53 -0.33 92.33
N GLU B 273 -0.55 -0.88 92.86
CA GLU B 273 -1.51 -1.63 92.06
C GLU B 273 -2.35 -0.68 91.22
N MET B 274 -2.69 0.47 91.79
CA MET B 274 -3.33 1.55 91.07
C MET B 274 -2.43 2.07 89.96
N LEU B 275 -1.12 1.91 90.11
CA LEU B 275 -0.21 2.24 89.02
C LEU B 275 -0.16 1.15 87.96
N PHE B 276 -0.30 -0.12 88.37
CA PHE B 276 -0.27 -1.19 87.38
C PHE B 276 -1.47 -1.13 86.46
N ASP B 277 -2.63 -0.73 87.00
CA ASP B 277 -3.84 -0.67 86.18
C ASP B 277 -3.74 0.35 85.05
N ILE B 278 -2.91 1.38 85.20
CA ILE B 278 -2.79 2.39 84.15
C ILE B 278 -2.13 1.79 82.92
N PHE B 279 -1.04 1.05 83.12
CA PHE B 279 -0.38 0.43 81.97
C PHE B 279 -1.21 -0.69 81.39
N PHE B 280 -1.94 -1.43 82.24
CA PHE B 280 -2.74 -2.49 81.67
C PHE B 280 -3.94 -1.97 80.90
N MET B 281 -4.51 -0.84 81.31
CA MET B 281 -5.65 -0.34 80.55
C MET B 281 -5.23 0.39 79.28
N MET B 282 -4.05 1.00 79.26
CA MET B 282 -3.47 1.47 77.99
C MET B 282 -3.29 0.32 77.01
N PHE B 283 -2.73 -0.80 77.48
CA PHE B 283 -2.53 -1.95 76.61
C PHE B 283 -3.85 -2.51 76.10
N ASN B 284 -4.88 -2.50 76.95
CA ASN B 284 -6.15 -3.06 76.50
C ASN B 284 -6.83 -2.16 75.47
N LEU B 285 -6.65 -0.83 75.59
CA LEU B 285 -7.15 0.07 74.56
C LEU B 285 -6.51 -0.21 73.22
N GLY B 286 -5.19 -0.37 73.22
CA GLY B 286 -4.50 -0.68 71.97
C GLY B 286 -4.91 -2.00 71.36
N LEU B 287 -5.03 -3.04 72.18
CA LEU B 287 -5.34 -4.35 71.64
C LEU B 287 -6.78 -4.46 71.17
N THR B 288 -7.71 -3.78 71.84
CA THR B 288 -9.10 -3.81 71.40
C THR B 288 -9.26 -3.09 70.06
N ALA B 289 -8.50 -2.01 69.86
CA ALA B 289 -8.52 -1.35 68.55
C ALA B 289 -7.96 -2.25 67.45
N TYR B 290 -6.89 -2.99 67.76
CA TYR B 290 -6.30 -3.90 66.78
C TYR B 290 -7.26 -5.03 66.40
N LEU B 291 -7.98 -5.54 67.38
CA LEU B 291 -8.91 -6.64 67.15
C LEU B 291 -10.09 -6.21 66.29
N ILE B 292 -10.61 -5.00 66.53
CA ILE B 292 -11.69 -4.49 65.69
C ILE B 292 -11.22 -4.24 64.27
N GLY B 293 -9.95 -3.85 64.09
CA GLY B 293 -9.41 -3.72 62.75
C GLY B 293 -9.36 -5.04 61.98
N ASN B 294 -8.93 -6.12 62.63
CA ASN B 294 -8.91 -7.41 61.94
C ASN B 294 -10.30 -7.93 61.61
N MET B 295 -11.27 -7.75 62.51
CA MET B 295 -12.61 -8.22 62.16
C MET B 295 -13.24 -7.36 61.07
N THR B 296 -12.84 -6.10 60.97
CA THR B 296 -13.29 -5.28 59.84
C THR B 296 -12.74 -5.79 58.52
N ASN B 297 -11.47 -6.23 58.50
CA ASN B 297 -10.96 -6.88 57.30
C ASN B 297 -11.72 -8.14 56.94
N LEU B 298 -12.07 -8.96 57.94
CA LEU B 298 -12.77 -10.20 57.62
C LEU B 298 -14.18 -9.93 57.09
N VAL B 299 -14.86 -8.91 57.61
CA VAL B 299 -16.22 -8.63 57.17
C VAL B 299 -16.24 -7.94 55.81
N VAL B 300 -15.31 -7.00 55.57
CA VAL B 300 -15.23 -6.35 54.27
C VAL B 300 -14.84 -7.34 53.19
N HIS B 301 -13.98 -8.30 53.52
CA HIS B 301 -13.55 -9.22 52.49
C HIS B 301 -14.49 -10.39 52.28
N TRP B 302 -15.24 -10.79 53.32
CA TRP B 302 -16.12 -11.94 53.19
C TRP B 302 -17.31 -11.65 52.28
N THR B 303 -17.77 -10.40 52.24
CA THR B 303 -18.95 -10.04 51.46
C THR B 303 -18.63 -8.99 50.41
N SER B 304 -17.56 -9.15 49.65
CA SER B 304 -17.30 -8.24 48.55
C SER B 304 -18.02 -8.66 47.28
N ARG B 305 -18.20 -9.95 47.07
CA ARG B 305 -18.73 -10.45 45.82
C ARG B 305 -20.21 -10.12 45.66
N THR B 306 -21.00 -10.41 46.71
CA THR B 306 -22.42 -10.13 46.67
C THR B 306 -22.68 -8.62 46.61
N ARG B 307 -21.84 -7.84 47.28
CA ARG B 307 -22.01 -6.40 47.26
C ARG B 307 -21.69 -5.81 45.89
N THR B 308 -20.70 -6.38 45.20
CA THR B 308 -20.39 -5.90 43.86
C THR B 308 -21.50 -6.26 42.86
N PHE B 309 -22.05 -7.48 42.99
CA PHE B 309 -23.21 -7.88 42.19
C PHE B 309 -24.39 -6.93 42.39
N ARG B 310 -24.68 -6.58 43.64
CA ARG B 310 -25.82 -5.71 43.89
C ARG B 310 -25.55 -4.28 43.44
N ASP B 311 -24.28 -3.86 43.43
CA ASP B 311 -23.93 -2.59 42.79
C ASP B 311 -24.28 -2.59 41.32
N SER B 312 -23.91 -3.67 40.62
CA SER B 312 -24.15 -3.73 39.18
C SER B 312 -25.65 -3.73 38.87
N VAL B 313 -26.43 -4.41 39.71
CA VAL B 313 -27.87 -4.44 39.48
C VAL B 313 -28.50 -3.08 39.78
N ARG B 314 -28.03 -2.38 40.82
CA ARG B 314 -28.57 -1.04 41.10
C ARG B 314 -28.23 -0.07 39.99
N ALA B 315 -27.02 -0.16 39.42
CA ALA B 315 -26.64 0.76 38.35
C ALA B 315 -27.44 0.48 37.09
N ALA B 316 -27.68 -0.80 36.77
CA ALA B 316 -28.50 -1.13 35.62
C ALA B 316 -29.95 -0.68 35.82
N SER B 317 -30.46 -0.78 37.04
CA SER B 317 -31.84 -0.37 37.26
C SER B 317 -32.00 1.14 37.23
N GLU B 318 -31.01 1.89 37.71
CA GLU B 318 -31.10 3.34 37.60
C GLU B 318 -30.99 3.79 36.15
N PHE B 319 -30.11 3.17 35.37
CA PHE B 319 -30.01 3.51 33.96
C PHE B 319 -31.28 3.13 33.20
N ALA B 320 -31.96 2.07 33.63
CA ALA B 320 -33.19 1.71 32.94
C ALA B 320 -34.33 2.63 33.33
N SER B 321 -34.52 2.89 34.61
CA SER B 321 -35.65 3.70 35.03
C SER B 321 -35.42 5.19 34.82
N ARG B 322 -34.21 5.59 34.43
CA ARG B 322 -34.00 6.98 34.06
C ARG B 322 -34.51 7.25 32.66
N ASN B 323 -34.17 6.39 31.71
CA ASN B 323 -34.51 6.63 30.31
C ASN B 323 -35.83 6.00 29.90
N GLN B 324 -36.51 5.34 30.82
CA GLN B 324 -37.86 4.79 30.65
C GLN B 324 -37.90 3.74 29.53
N LEU B 325 -37.15 2.68 29.71
CA LEU B 325 -37.26 1.53 28.82
C LEU B 325 -38.44 0.67 29.28
N PRO B 326 -39.21 0.10 28.37
CA PRO B 326 -40.50 -0.48 28.76
C PRO B 326 -40.49 -1.71 29.68
N HIS B 327 -40.21 -2.89 29.17
CA HIS B 327 -40.00 -4.05 30.04
C HIS B 327 -38.87 -4.93 29.54
N ASP B 328 -38.83 -5.10 28.21
CA ASP B 328 -38.06 -6.18 27.63
C ASP B 328 -36.57 -5.95 27.79
N ILE B 329 -36.14 -4.70 27.62
CA ILE B 329 -34.72 -4.41 27.73
C ILE B 329 -34.26 -4.46 29.19
N GLN B 330 -35.17 -4.11 30.12
CA GLN B 330 -34.88 -4.32 31.53
C GLN B 330 -34.68 -5.78 31.86
N ASP B 331 -35.57 -6.64 31.38
CA ASP B 331 -35.45 -8.05 31.74
C ASP B 331 -34.24 -8.68 31.07
N GLN B 332 -33.87 -8.22 29.87
CA GLN B 332 -32.66 -8.74 29.24
C GLN B 332 -31.41 -8.33 30.01
N MET B 333 -31.31 -7.05 30.41
CA MET B 333 -30.13 -6.61 31.16
C MET B 333 -30.03 -7.29 32.51
N LEU B 334 -31.13 -7.40 33.23
CA LEU B 334 -31.05 -7.94 34.58
C LEU B 334 -30.83 -9.45 34.57
N SER B 335 -31.44 -10.18 33.63
CA SER B 335 -31.16 -11.60 33.57
C SER B 335 -29.76 -11.87 33.05
N HIS B 336 -29.21 -10.98 32.22
CA HIS B 336 -27.85 -11.22 31.77
C HIS B 336 -26.85 -10.94 32.88
N ILE B 337 -27.15 -10.01 33.78
CA ILE B 337 -26.22 -9.83 34.89
C ILE B 337 -26.38 -10.96 35.91
N CYS B 338 -27.60 -11.49 36.08
CA CYS B 338 -27.79 -12.64 36.96
C CYS B 338 -27.03 -13.86 36.46
N LEU B 339 -26.99 -14.08 35.14
CA LEU B 339 -26.22 -15.22 34.66
C LEU B 339 -24.77 -14.89 34.37
N LYS B 340 -24.33 -13.64 34.48
CA LYS B 340 -22.91 -13.42 34.68
C LYS B 340 -22.50 -13.70 36.10
N PHE B 341 -23.42 -13.59 37.05
CA PHE B 341 -23.02 -13.82 38.43
C PHE B 341 -23.14 -15.26 38.86
N LYS B 342 -24.10 -16.02 38.32
CA LYS B 342 -24.16 -17.43 38.64
C LYS B 342 -22.99 -18.20 38.04
N THR B 343 -22.49 -17.79 36.88
CA THR B 343 -21.22 -18.34 36.40
C THR B 343 -20.22 -17.20 36.38
N GLU B 344 -19.47 -17.03 37.48
CA GLU B 344 -18.78 -15.80 37.78
C GLU B 344 -17.62 -15.58 36.81
N GLY B 345 -17.96 -14.95 35.69
CA GLY B 345 -17.02 -14.85 34.58
C GLY B 345 -16.09 -13.67 34.68
N LEU B 346 -16.32 -12.78 35.65
CA LEU B 346 -15.44 -11.62 35.80
C LEU B 346 -14.08 -12.03 36.34
N LYS B 347 -14.08 -12.84 37.40
CA LYS B 347 -12.83 -13.40 37.92
C LYS B 347 -12.20 -14.34 36.90
N GLN B 348 -13.03 -15.00 36.08
CA GLN B 348 -12.51 -15.81 34.98
C GLN B 348 -11.75 -14.97 33.97
N GLN B 349 -12.32 -13.83 33.57
CA GLN B 349 -11.64 -12.94 32.64
C GLN B 349 -10.34 -12.42 33.20
N GLU B 350 -10.35 -12.00 34.46
CA GLU B 350 -9.13 -11.47 35.10
C GLU B 350 -8.05 -12.55 35.21
N THR B 351 -8.40 -13.72 35.74
CA THR B 351 -7.38 -14.71 35.99
C THR B 351 -6.99 -15.49 34.75
N LEU B 352 -7.80 -15.44 33.69
CA LEU B 352 -7.32 -15.96 32.42
C LEU B 352 -6.43 -14.97 31.73
N ASN B 353 -6.71 -13.67 31.88
CA ASN B 353 -5.85 -12.67 31.24
C ASN B 353 -4.60 -12.41 32.06
N ASN B 354 -4.47 -13.02 33.22
CA ASN B 354 -3.20 -12.95 33.94
C ASN B 354 -2.33 -14.16 33.67
N LEU B 355 -2.79 -15.10 32.86
CA LEU B 355 -2.04 -16.31 32.59
C LEU B 355 -1.05 -16.07 31.46
N PRO B 356 0.03 -16.89 31.36
CA PRO B 356 1.09 -16.55 30.40
C PRO B 356 0.84 -16.94 28.95
N LYS B 357 -0.43 -17.17 28.57
CA LYS B 357 -0.87 -17.35 27.19
C LYS B 357 -0.31 -18.60 26.51
N ALA B 358 0.22 -19.54 27.29
CA ALA B 358 0.43 -20.89 26.79
C ALA B 358 -0.36 -21.89 27.61
N ILE B 359 -0.49 -21.63 28.91
CA ILE B 359 -1.29 -22.49 29.76
C ILE B 359 -2.76 -22.30 29.44
N ARG B 360 -3.17 -21.10 29.01
CA ARG B 360 -4.54 -20.93 28.56
C ARG B 360 -4.78 -21.65 27.24
N SER B 361 -3.71 -21.84 26.45
CA SER B 361 -3.85 -22.62 25.23
C SER B 361 -4.03 -24.10 25.56
N SER B 362 -3.34 -24.59 26.59
CA SER B 362 -3.55 -25.98 27.01
C SER B 362 -4.94 -26.15 27.65
N ILE B 363 -5.44 -25.10 28.31
CA ILE B 363 -6.80 -25.14 28.86
C ILE B 363 -7.83 -25.26 27.75
N ALA B 364 -7.75 -24.39 26.74
CA ALA B 364 -8.71 -24.43 25.65
C ALA B 364 -8.54 -25.69 24.82
N ASN B 365 -7.32 -26.22 24.75
CA ASN B 365 -7.07 -27.49 24.08
C ASN B 365 -7.74 -28.64 24.81
N TYR B 366 -7.79 -28.59 26.14
CA TYR B 366 -8.50 -29.65 26.84
C TYR B 366 -10.01 -29.46 26.72
N LEU B 367 -10.48 -28.22 26.69
CA LEU B 367 -11.91 -28.03 26.84
C LEU B 367 -12.67 -28.08 25.52
N PHE B 368 -12.08 -27.64 24.43
CA PHE B 368 -12.86 -27.40 23.23
C PHE B 368 -12.37 -28.14 21.99
N PHE B 369 -11.27 -28.86 22.08
CA PHE B 369 -10.78 -29.59 20.92
C PHE B 369 -11.68 -30.72 20.44
N PRO B 370 -12.27 -31.59 21.27
CA PRO B 370 -13.19 -32.59 20.69
C PRO B 370 -14.54 -32.02 20.33
N ILE B 371 -14.81 -30.76 20.60
CA ILE B 371 -16.04 -30.14 20.15
C ILE B 371 -15.85 -29.52 18.77
N VAL B 372 -14.74 -28.83 18.58
CA VAL B 372 -14.44 -28.22 17.28
C VAL B 372 -13.95 -29.28 16.30
N HIS B 373 -13.50 -30.43 16.81
CA HIS B 373 -12.96 -31.49 15.97
C HIS B 373 -14.04 -32.14 15.10
N ASN B 374 -15.31 -31.97 15.45
CA ASN B 374 -16.41 -32.59 14.71
C ASN B 374 -17.48 -31.55 14.40
N ILE B 375 -17.29 -30.81 13.29
CA ILE B 375 -18.28 -29.83 12.87
C ILE B 375 -18.64 -30.10 11.42
N TYR B 376 -19.82 -29.60 11.03
CA TYR B 376 -20.24 -29.34 9.66
C TYR B 376 -19.10 -28.87 8.76
N LEU B 377 -18.37 -27.85 9.18
CA LEU B 377 -17.33 -27.29 8.31
C LEU B 377 -16.06 -28.14 8.34
N PHE B 378 -15.44 -28.26 9.51
CA PHE B 378 -14.14 -28.88 9.62
C PHE B 378 -14.28 -30.39 9.45
N GLN B 379 -13.59 -30.95 8.46
CA GLN B 379 -13.60 -32.40 8.28
C GLN B 379 -12.20 -32.99 8.37
N GLY B 380 -11.28 -32.50 7.55
CA GLY B 380 -9.97 -33.12 7.43
C GLY B 380 -8.82 -32.17 7.65
N VAL B 381 -8.93 -31.31 8.66
CA VAL B 381 -8.25 -30.03 8.63
C VAL B 381 -6.96 -30.13 9.44
N SER B 382 -6.36 -31.34 9.49
CA SER B 382 -4.95 -31.55 9.82
C SER B 382 -4.52 -31.05 11.20
N ARG B 383 -4.85 -31.81 12.27
CA ARG B 383 -4.91 -31.37 13.67
C ARG B 383 -3.74 -30.51 14.16
N ASN B 384 -2.58 -30.59 13.50
CA ASN B 384 -1.52 -29.61 13.72
C ASN B 384 -1.96 -28.20 13.32
N PHE B 385 -2.95 -28.07 12.43
CA PHE B 385 -3.62 -26.79 12.29
C PHE B 385 -4.53 -26.51 13.48
N LEU B 386 -5.13 -27.55 14.05
CA LEU B 386 -6.13 -27.34 15.09
C LEU B 386 -5.51 -26.86 16.39
N PHE B 387 -4.25 -27.24 16.66
CA PHE B 387 -3.58 -26.75 17.87
C PHE B 387 -3.40 -25.23 17.82
N GLN B 388 -3.06 -24.69 16.65
CA GLN B 388 -2.99 -23.25 16.53
C GLN B 388 -4.35 -22.61 16.36
N LEU B 389 -5.35 -23.40 15.97
CA LEU B 389 -6.70 -22.85 15.85
C LEU B 389 -7.35 -22.63 17.20
N VAL B 390 -7.31 -23.64 18.07
CA VAL B 390 -8.13 -23.72 19.28
C VAL B 390 -7.83 -22.60 20.27
N SER B 391 -6.56 -22.20 20.41
CA SER B 391 -6.09 -21.34 21.49
C SER B 391 -6.66 -19.93 21.47
N ASP B 392 -7.40 -19.52 20.45
CA ASP B 392 -7.98 -18.19 20.42
C ASP B 392 -9.49 -18.24 20.63
N ILE B 393 -10.03 -19.42 20.91
CA ILE B 393 -11.47 -19.57 21.08
C ILE B 393 -11.87 -18.99 22.43
N ASP B 394 -12.87 -18.11 22.42
CA ASP B 394 -13.34 -17.46 23.63
C ASP B 394 -14.75 -17.95 23.91
N ALA B 395 -14.90 -18.72 24.98
CA ALA B 395 -16.19 -19.29 25.36
C ALA B 395 -17.10 -18.20 25.91
N GLU B 396 -18.37 -18.53 26.03
CA GLU B 396 -19.37 -17.60 26.56
C GLU B 396 -20.56 -18.42 27.02
N TYR B 397 -21.56 -17.74 27.56
CA TYR B 397 -22.70 -18.40 28.18
C TYR B 397 -23.87 -17.43 28.12
N PHE B 398 -25.07 -17.93 27.84
CA PHE B 398 -26.12 -17.02 27.42
C PHE B 398 -27.46 -17.32 28.08
N PRO B 399 -28.25 -16.29 28.34
CA PRO B 399 -29.56 -16.50 28.98
C PRO B 399 -30.58 -17.04 27.99
N PRO B 400 -31.67 -17.61 28.47
CA PRO B 400 -32.77 -17.96 27.56
C PRO B 400 -33.53 -16.71 27.14
N LYS B 401 -34.19 -16.82 25.98
CA LYS B 401 -35.09 -15.82 25.39
C LYS B 401 -34.39 -14.51 25.04
N GLU B 402 -33.06 -14.45 25.11
CA GLU B 402 -32.31 -13.32 24.62
C GLU B 402 -32.12 -13.49 23.13
N ASP B 403 -32.60 -12.52 22.36
CA ASP B 403 -32.45 -12.54 20.90
C ASP B 403 -30.99 -12.41 20.55
N ILE B 404 -30.39 -13.49 20.07
CA ILE B 404 -28.95 -13.53 19.90
C ILE B 404 -28.54 -12.80 18.63
N ILE B 405 -28.99 -13.31 17.48
CA ILE B 405 -28.75 -12.72 16.17
C ILE B 405 -30.10 -12.31 15.60
N LEU B 406 -30.23 -11.04 15.23
CA LEU B 406 -31.45 -10.52 14.66
C LEU B 406 -31.40 -10.60 13.14
N GLN B 407 -32.55 -10.34 12.51
CA GLN B 407 -32.64 -10.36 11.06
C GLN B 407 -31.95 -9.14 10.49
N ASN B 408 -31.21 -9.35 9.38
CA ASN B 408 -30.49 -8.32 8.62
C ASN B 408 -29.46 -7.58 9.48
N GLU B 409 -28.84 -8.26 10.42
CA GLU B 409 -27.74 -7.68 11.17
C GLU B 409 -26.43 -7.95 10.44
N ALA B 410 -25.59 -6.93 10.38
CA ALA B 410 -24.28 -7.07 9.74
C ALA B 410 -23.41 -8.00 10.58
N PRO B 411 -22.82 -9.05 9.99
CA PRO B 411 -22.30 -10.17 10.79
C PRO B 411 -21.02 -9.85 11.55
N THR B 412 -20.86 -10.52 12.71
CA THR B 412 -19.69 -10.27 13.55
C THR B 412 -18.97 -11.53 14.02
N ASP B 413 -19.67 -12.65 14.22
CA ASP B 413 -19.02 -13.79 14.87
C ASP B 413 -19.73 -15.10 14.54
N LEU B 414 -18.95 -16.18 14.58
CA LEU B 414 -19.48 -17.53 14.51
C LEU B 414 -20.03 -17.96 15.86
N TYR B 415 -21.10 -18.71 15.83
CA TYR B 415 -21.79 -19.17 17.04
C TYR B 415 -21.94 -20.68 16.97
N ILE B 416 -20.93 -21.40 17.42
CA ILE B 416 -21.01 -22.85 17.58
C ILE B 416 -21.77 -23.14 18.87
N LEU B 417 -22.81 -23.94 18.77
CA LEU B 417 -23.49 -24.38 19.98
C LEU B 417 -22.63 -25.42 20.67
N VAL B 418 -22.71 -25.46 21.99
CA VAL B 418 -22.13 -26.59 22.74
C VAL B 418 -23.24 -27.29 23.50
N SER B 419 -24.26 -26.54 23.89
CA SER B 419 -25.48 -27.13 24.43
C SER B 419 -26.62 -26.16 24.12
N GLY B 420 -27.81 -26.51 24.59
CA GLY B 420 -28.93 -25.61 24.58
C GLY B 420 -29.62 -25.48 23.24
N ALA B 421 -30.94 -25.46 23.28
CA ALA B 421 -31.77 -25.35 22.09
C ALA B 421 -31.72 -23.92 21.57
N VAL B 422 -31.99 -23.76 20.27
CA VAL B 422 -32.06 -22.46 19.61
C VAL B 422 -33.29 -22.47 18.71
N ASP B 423 -34.05 -21.37 18.73
CA ASP B 423 -35.27 -21.22 17.90
C ASP B 423 -35.14 -19.97 17.02
N PHE B 424 -35.24 -20.16 15.70
CA PHE B 424 -35.10 -19.03 14.75
C PHE B 424 -36.46 -18.75 14.09
N THR B 425 -36.88 -17.48 14.09
CA THR B 425 -38.17 -17.08 13.48
C THR B 425 -37.92 -15.87 12.55
N VAL B 426 -38.78 -15.70 11.54
CA VAL B 426 -38.62 -14.57 10.57
C VAL B 426 -38.79 -13.25 11.34
N TYR B 427 -37.93 -12.26 11.05
CA TYR B 427 -38.01 -10.93 11.71
C TYR B 427 -38.34 -9.88 10.65
N VAL B 428 -39.38 -9.07 10.91
CA VAL B 428 -39.91 -7.96 10.05
C VAL B 428 -40.64 -8.49 8.81
N ASP B 429 -39.97 -9.25 7.95
CA ASP B 429 -40.62 -9.82 6.72
C ASP B 429 -41.73 -10.78 7.13
N GLY B 430 -41.49 -11.60 8.17
CA GLY B 430 -42.51 -12.56 8.65
C GLY B 430 -43.06 -12.15 10.00
N HIS B 431 -44.38 -11.94 10.07
CA HIS B 431 -45.07 -11.52 11.33
C HIS B 431 -44.96 -12.61 12.40
N ASP B 432 -45.12 -13.88 12.02
CA ASP B 432 -45.10 -14.99 13.02
C ASP B 432 -44.75 -16.32 12.33
N GLN B 433 -44.56 -17.36 13.15
CA GLN B 433 -44.24 -18.75 12.71
C GLN B 433 -42.89 -18.82 11.98
N PHE B 434 -42.89 -19.42 10.79
CA PHE B 434 -41.71 -19.65 9.91
C PHE B 434 -40.85 -20.78 10.51
N GLN B 435 -39.58 -20.89 10.10
CA GLN B 435 -38.70 -21.98 10.62
C GLN B 435 -37.29 -21.46 10.89
N GLY B 436 -36.56 -22.15 11.78
CA GLY B 436 -35.16 -21.79 12.14
C GLY B 436 -34.69 -22.79 13.20
N LYS B 437 -33.54 -23.43 12.99
CA LYS B 437 -33.11 -24.44 14.00
C LYS B 437 -31.58 -24.65 13.98
N ALA B 438 -31.08 -25.23 15.08
CA ALA B 438 -29.66 -25.59 15.31
C ALA B 438 -29.62 -26.45 16.58
N VAL B 439 -28.89 -27.58 16.55
CA VAL B 439 -28.83 -28.49 17.73
C VAL B 439 -27.37 -28.67 18.21
N ILE B 440 -27.18 -29.32 19.35
CA ILE B 440 -25.88 -29.43 20.01
C ILE B 440 -24.76 -29.88 19.07
N GLY B 441 -23.78 -29.00 18.86
CA GLY B 441 -22.76 -29.25 17.89
C GLY B 441 -22.99 -28.61 16.54
N GLU B 442 -24.23 -28.32 16.18
CA GLU B 442 -24.52 -27.75 14.87
C GLU B 442 -24.29 -26.25 14.88
N THR B 443 -23.32 -25.81 14.11
CA THR B 443 -22.93 -24.41 14.07
C THR B 443 -23.93 -23.59 13.28
N PHE B 444 -23.84 -22.28 13.45
CA PHE B 444 -24.47 -21.34 12.52
C PHE B 444 -23.62 -20.07 12.50
N GLY B 445 -24.07 -19.10 11.73
CA GLY B 445 -23.25 -17.97 11.37
C GLY B 445 -22.33 -18.23 10.21
N GLU B 446 -22.60 -19.29 9.43
CA GLU B 446 -21.72 -19.67 8.33
C GLU B 446 -22.01 -18.89 7.07
N VAL B 447 -22.97 -17.97 7.11
CA VAL B 447 -23.15 -17.02 6.02
C VAL B 447 -21.94 -16.09 5.94
N GLY B 448 -21.69 -15.34 7.01
CA GLY B 448 -20.58 -14.40 7.04
C GLY B 448 -19.21 -15.01 7.23
N VAL B 449 -18.88 -16.04 6.46
CA VAL B 449 -17.53 -16.57 6.43
C VAL B 449 -16.68 -15.73 5.50
N LEU B 450 -17.09 -15.69 4.23
CA LEU B 450 -16.51 -14.82 3.23
C LEU B 450 -17.56 -14.07 2.43
N TYR B 451 -18.85 -14.40 2.62
CA TYR B 451 -19.94 -13.77 1.86
C TYR B 451 -20.20 -12.35 2.32
N TYR B 452 -19.86 -12.03 3.57
CA TYR B 452 -19.83 -10.67 4.13
C TYR B 452 -21.22 -10.04 4.10
N ARG B 453 -22.22 -10.88 4.26
CA ARG B 453 -23.62 -10.56 4.04
C ARG B 453 -24.39 -10.71 5.34
N PRO B 454 -25.50 -10.00 5.54
CA PRO B 454 -26.23 -10.10 6.80
C PRO B 454 -26.94 -11.44 6.97
N GLN B 455 -27.22 -11.75 8.24
CA GLN B 455 -27.81 -13.02 8.64
C GLN B 455 -29.27 -13.07 8.20
N PRO B 456 -29.75 -14.25 7.78
CA PRO B 456 -31.11 -14.35 7.27
C PRO B 456 -32.18 -14.25 8.33
N PHE B 457 -32.00 -14.94 9.44
CA PHE B 457 -33.08 -15.22 10.37
C PHE B 457 -32.93 -14.41 11.64
N THR B 458 -33.86 -14.61 12.55
CA THR B 458 -33.69 -14.20 13.94
C THR B 458 -33.27 -15.40 14.76
N VAL B 459 -32.56 -15.15 15.86
CA VAL B 459 -32.00 -16.21 16.70
C VAL B 459 -32.40 -15.92 18.14
N ARG B 460 -33.42 -16.61 18.64
CA ARG B 460 -33.86 -16.48 20.02
C ARG B 460 -33.72 -17.81 20.73
N THR B 461 -33.18 -17.77 21.93
CA THR B 461 -32.89 -18.97 22.71
C THR B 461 -34.21 -19.50 23.27
N THR B 462 -34.25 -20.78 23.61
CA THR B 462 -35.42 -21.31 24.32
C THR B 462 -35.07 -21.76 25.72
N GLU B 463 -34.14 -22.69 25.86
CA GLU B 463 -33.49 -23.01 27.12
C GLU B 463 -32.03 -22.60 27.00
N LEU B 464 -31.42 -22.28 28.13
CA LEU B 464 -30.09 -21.65 28.18
C LEU B 464 -29.03 -22.51 27.52
N SER B 465 -27.97 -21.85 27.07
CA SER B 465 -26.99 -22.52 26.22
C SER B 465 -25.60 -22.02 26.52
N GLN B 466 -24.62 -22.73 25.97
CA GLN B 466 -23.22 -22.35 26.01
C GLN B 466 -22.74 -22.25 24.57
N ILE B 467 -22.32 -21.06 24.16
CA ILE B 467 -22.07 -20.76 22.76
C ILE B 467 -20.65 -20.27 22.61
N LEU B 468 -19.83 -21.00 21.85
CA LEU B 468 -18.49 -20.56 21.52
C LEU B 468 -18.57 -19.39 20.55
N ARG B 469 -17.48 -18.63 20.44
CA ARG B 469 -17.47 -17.49 19.53
C ARG B 469 -16.08 -17.31 18.91
N ILE B 470 -15.91 -17.80 17.69
CA ILE B 470 -14.76 -17.49 16.86
C ILE B 470 -15.19 -16.37 15.92
N SER B 471 -14.77 -15.15 16.21
CA SER B 471 -15.35 -13.99 15.55
C SER B 471 -14.78 -13.80 14.16
N ARG B 472 -15.24 -12.73 13.51
CA ARG B 472 -14.92 -12.48 12.11
C ARG B 472 -13.44 -12.15 11.93
N THR B 473 -12.90 -11.28 12.78
CA THR B 473 -11.49 -10.92 12.67
C THR B 473 -10.60 -12.08 13.06
N SER B 474 -11.06 -12.94 13.96
CA SER B 474 -10.29 -14.14 14.30
C SER B 474 -10.25 -15.12 13.15
N LEU B 475 -11.36 -15.27 12.42
CA LEU B 475 -11.36 -16.07 11.20
C LEU B 475 -10.43 -15.50 10.15
N MET B 476 -10.47 -14.18 9.94
CA MET B 476 -9.63 -13.59 8.92
C MET B 476 -8.16 -13.57 9.34
N SER B 477 -7.90 -13.64 10.64
CA SER B 477 -6.53 -13.86 11.09
C SER B 477 -6.11 -15.31 10.86
N ALA B 478 -7.06 -16.24 10.94
CA ALA B 478 -6.76 -17.63 10.63
C ALA B 478 -6.60 -17.89 9.13
N MET B 479 -6.87 -16.90 8.28
CA MET B 479 -6.85 -17.09 6.84
C MET B 479 -5.43 -17.31 6.30
N HIS B 480 -4.42 -16.66 6.90
CA HIS B 480 -3.06 -16.76 6.37
C HIS B 480 -2.46 -18.14 6.60
N ALA B 481 -2.98 -18.89 7.57
CA ALA B 481 -2.61 -20.30 7.71
C ALA B 481 -3.31 -21.10 6.62
N HIS B 482 -2.71 -21.08 5.43
CA HIS B 482 -3.31 -21.67 4.24
C HIS B 482 -2.82 -23.10 4.04
N ALA B 483 -3.15 -23.64 2.86
CA ALA B 483 -3.00 -25.03 2.40
C ALA B 483 -3.90 -25.99 3.17
N ASP B 484 -4.77 -25.46 4.02
CA ASP B 484 -5.83 -26.26 4.62
C ASP B 484 -7.12 -25.47 4.70
N ASP B 485 -7.11 -24.24 4.18
CA ASP B 485 -8.36 -23.51 4.00
C ASP B 485 -9.09 -23.97 2.75
N GLY B 486 -8.39 -24.67 1.86
CA GLY B 486 -9.05 -25.27 0.71
C GLY B 486 -10.06 -26.31 1.10
N ARG B 487 -9.76 -27.10 2.14
CA ARG B 487 -10.72 -28.09 2.62
C ARG B 487 -11.94 -27.41 3.23
N VAL B 488 -11.74 -26.29 3.92
CA VAL B 488 -12.83 -25.54 4.51
C VAL B 488 -13.72 -24.96 3.41
N ILE B 489 -13.11 -24.47 2.34
CA ILE B 489 -13.90 -23.83 1.28
C ILE B 489 -14.62 -24.88 0.44
N MET B 490 -14.01 -26.06 0.24
CA MET B 490 -14.72 -27.17 -0.39
C MET B 490 -15.89 -27.63 0.46
N ASN B 491 -15.72 -27.65 1.78
CA ASN B 491 -16.83 -28.01 2.65
C ASN B 491 -17.93 -26.96 2.63
N ASN B 492 -17.56 -25.71 2.40
CA ASN B 492 -18.55 -24.65 2.23
C ASN B 492 -19.34 -24.85 0.93
N LEU B 493 -18.64 -25.11 -0.17
CA LEU B 493 -19.32 -25.22 -1.46
C LEU B 493 -20.19 -26.46 -1.53
N PHE B 494 -19.66 -27.61 -1.12
CA PHE B 494 -20.48 -28.83 -1.10
C PHE B 494 -21.52 -28.77 0.01
N MET B 495 -21.32 -27.90 1.00
CA MET B 495 -22.27 -27.77 2.08
C MET B 495 -23.53 -27.02 1.63
N LYS B 496 -23.34 -25.90 0.94
CA LYS B 496 -24.49 -25.06 0.61
C LYS B 496 -25.19 -25.53 -0.65
N LEU B 497 -24.49 -26.24 -1.52
CA LEU B 497 -25.09 -26.68 -2.78
C LEU B 497 -26.06 -27.83 -2.56
N ARG B 498 -25.89 -28.59 -1.49
CA ARG B 498 -26.77 -29.69 -1.20
C ARG B 498 -28.04 -29.21 -0.50
N HIS C 50 23.83 36.42 54.21
CA HIS C 50 23.22 37.27 55.23
C HIS C 50 21.86 36.73 55.64
N ILE C 51 21.42 35.65 54.97
CA ILE C 51 20.13 35.03 55.22
C ILE C 51 20.35 33.55 55.47
N ILE C 52 19.79 33.04 56.55
CA ILE C 52 20.03 31.67 56.97
C ILE C 52 19.17 30.73 56.15
N SER C 53 19.80 29.76 55.51
CA SER C 53 19.09 28.79 54.70
C SER C 53 18.36 27.79 55.58
N PRO C 54 17.18 27.32 55.16
CA PRO C 54 16.42 26.37 55.98
C PRO C 54 16.89 24.93 55.90
N PHE C 55 18.10 24.70 55.43
CA PHE C 55 18.63 23.34 55.40
C PHE C 55 20.04 23.26 55.99
N ASN C 56 20.44 24.27 56.77
CA ASN C 56 21.69 24.23 57.49
C ASN C 56 21.65 23.17 58.58
N PRO C 57 22.81 22.66 59.02
CA PRO C 57 22.82 21.83 60.22
C PRO C 57 22.60 22.61 61.50
N ARG C 58 22.81 23.93 61.49
CA ARG C 58 22.58 24.73 62.68
C ARG C 58 21.10 24.86 62.99
N TYR C 59 20.31 25.24 61.97
CA TYR C 59 18.92 25.59 62.20
C TYR C 59 18.08 24.36 62.51
N ARG C 60 18.44 23.20 61.97
CA ARG C 60 17.69 21.98 62.28
C ARG C 60 17.91 21.53 63.72
N ALA C 61 19.14 21.66 64.22
CA ALA C 61 19.39 21.35 65.63
C ALA C 61 18.74 22.37 66.55
N TRP C 62 18.65 23.63 66.10
CA TRP C 62 17.90 24.63 66.84
C TRP C 62 16.42 24.26 66.94
N GLU C 63 15.85 23.76 65.85
CA GLU C 63 14.45 23.33 65.87
C GLU C 63 14.24 22.13 66.80
N MET C 64 15.17 21.17 66.80
CA MET C 64 14.93 20.01 67.64
C MET C 64 15.15 20.32 69.13
N TRP C 65 16.04 21.26 69.44
CA TRP C 65 16.13 21.76 70.80
C TRP C 65 14.84 22.46 71.22
N LEU C 66 14.24 23.23 70.31
CA LEU C 66 12.94 23.81 70.60
C LEU C 66 11.85 22.76 70.77
N VAL C 67 11.94 21.64 70.07
CA VAL C 67 10.92 20.61 70.21
C VAL C 67 10.98 19.97 71.59
N LEU C 68 12.20 19.70 72.09
CA LEU C 68 12.32 19.21 73.46
C LEU C 68 11.83 20.24 74.47
N LEU C 69 12.05 21.52 74.19
CA LEU C 69 11.58 22.55 75.10
C LEU C 69 10.05 22.67 75.10
N VAL C 70 9.43 22.45 73.93
CA VAL C 70 7.98 22.48 73.83
C VAL C 70 7.36 21.32 74.58
N ILE C 71 7.95 20.13 74.46
CA ILE C 71 7.45 18.96 75.20
C ILE C 71 7.55 19.20 76.70
N TYR C 72 8.63 19.84 77.15
CA TYR C 72 8.74 20.21 78.56
C TYR C 72 7.64 21.16 79.00
N SER C 73 7.38 22.21 78.21
CA SER C 73 6.37 23.19 78.61
C SER C 73 4.97 22.58 78.63
N ALA C 74 4.67 21.75 77.64
CA ALA C 74 3.35 21.14 77.57
C ALA C 74 3.15 20.09 78.65
N TRP C 75 4.22 19.46 79.13
CA TRP C 75 4.00 18.57 80.26
C TRP C 75 3.84 19.33 81.56
N ILE C 76 4.55 20.45 81.74
CA ILE C 76 4.48 21.15 83.02
C ILE C 76 3.15 21.87 83.19
N CYS C 77 2.64 22.51 82.13
CA CYS C 77 1.58 23.53 82.28
C CYS C 77 0.29 23.09 82.98
N PRO C 78 -0.30 21.91 82.76
CA PRO C 78 -1.43 21.53 83.62
C PRO C 78 -1.02 21.18 85.03
N PHE C 79 0.13 20.52 85.16
CA PHE C 79 0.65 20.10 86.45
C PHE C 79 1.03 21.29 87.32
N GLN C 80 1.41 22.39 86.69
CA GLN C 80 1.61 23.65 87.40
C GLN C 80 0.28 24.32 87.66
N PHE C 81 -0.68 24.15 86.75
CA PHE C 81 -1.95 24.83 86.85
C PHE C 81 -2.79 24.31 88.01
N ALA C 82 -2.60 23.05 88.40
CA ALA C 82 -3.47 22.45 89.41
C ALA C 82 -2.79 22.18 90.74
N PHE C 83 -1.69 21.44 90.74
CA PHE C 83 -1.16 20.90 91.99
C PHE C 83 -0.38 21.94 92.78
N ILE C 84 0.70 22.43 92.21
CA ILE C 84 1.69 23.18 92.97
C ILE C 84 1.25 24.64 93.06
N THR C 85 1.86 25.36 94.00
CA THR C 85 1.65 26.79 94.15
C THR C 85 2.52 27.55 93.15
N TYR C 86 2.65 28.86 93.35
CA TYR C 86 3.40 29.70 92.43
C TYR C 86 4.41 30.61 93.09
N LYS C 87 4.27 30.90 94.38
CA LYS C 87 5.09 31.91 95.04
C LYS C 87 6.56 31.51 95.12
N LYS C 88 6.85 30.22 95.29
CA LYS C 88 8.23 29.76 95.22
C LYS C 88 8.75 29.90 93.79
N ASP C 89 10.08 29.93 93.66
CA ASP C 89 10.68 30.45 92.44
C ASP C 89 11.58 29.47 91.69
N ALA C 90 11.81 28.26 92.21
CA ALA C 90 12.79 27.35 91.64
C ALA C 90 12.37 26.82 90.27
N ILE C 91 11.08 26.82 89.97
CA ILE C 91 10.58 26.49 88.64
C ILE C 91 10.27 27.76 87.86
N PHE C 92 9.97 28.85 88.56
CA PHE C 92 9.75 30.16 87.95
C PHE C 92 10.97 30.62 87.16
N ILE C 93 12.17 30.29 87.66
CA ILE C 93 13.41 30.55 86.92
C ILE C 93 13.41 29.82 85.58
N ILE C 94 13.06 28.53 85.60
CA ILE C 94 13.13 27.71 84.39
C ILE C 94 12.09 28.15 83.38
N ASP C 95 10.92 28.56 83.87
CA ASP C 95 9.87 29.05 82.97
C ASP C 95 10.27 30.36 82.31
N ASN C 96 10.93 31.25 83.06
CA ASN C 96 11.38 32.49 82.46
C ASN C 96 12.50 32.26 81.44
N ILE C 97 13.36 31.28 81.69
CA ILE C 97 14.39 30.92 80.73
C ILE C 97 13.78 30.37 79.44
N VAL C 98 12.75 29.53 79.57
CA VAL C 98 12.06 28.98 78.40
C VAL C 98 11.38 30.09 77.60
N ASN C 99 10.78 31.05 78.28
CA ASN C 99 10.21 32.20 77.60
C ASN C 99 11.28 33.03 76.91
N GLY C 100 12.49 33.07 77.48
CA GLY C 100 13.59 33.73 76.81
C GLY C 100 14.00 33.05 75.51
N PHE C 101 14.03 31.72 75.51
CA PHE C 101 14.35 30.98 74.28
C PHE C 101 13.33 31.25 73.20
N PHE C 102 12.05 31.26 73.55
CA PHE C 102 11.07 31.52 72.49
C PHE C 102 11.07 32.97 72.05
N ALA C 103 11.43 33.90 72.94
CA ALA C 103 11.56 35.29 72.51
C ALA C 103 12.75 35.48 71.58
N ILE C 104 13.79 34.66 71.73
CA ILE C 104 14.88 34.66 70.75
C ILE C 104 14.41 34.12 69.41
N ASP C 105 13.61 33.04 69.44
CA ASP C 105 13.13 32.45 68.20
C ASP C 105 12.21 33.37 67.42
N ILE C 106 11.43 34.20 68.13
CA ILE C 106 10.56 35.18 67.46
C ILE C 106 11.35 36.12 66.57
N ILE C 107 12.50 36.61 67.07
CA ILE C 107 13.36 37.44 66.26
C ILE C 107 13.99 36.64 65.14
N LEU C 108 14.52 35.46 65.47
CA LEU C 108 15.34 34.72 64.50
C LEU C 108 14.53 34.13 63.34
N THR C 109 13.20 34.02 63.47
CA THR C 109 12.46 33.52 62.32
C THR C 109 12.28 34.54 61.21
N PHE C 110 12.81 35.76 61.34
CA PHE C 110 12.81 36.70 60.22
C PHE C 110 14.00 36.52 59.31
N PHE C 111 15.04 35.82 59.75
CA PHE C 111 16.26 35.68 58.96
C PHE C 111 16.28 34.40 58.14
N VAL C 112 15.18 33.67 58.09
CA VAL C 112 15.17 32.31 57.55
C VAL C 112 14.38 32.30 56.27
N ALA C 113 14.92 31.63 55.25
CA ALA C 113 14.23 31.45 53.98
C ALA C 113 13.26 30.29 54.07
N TYR C 114 12.31 30.26 53.15
CA TYR C 114 11.32 29.20 53.08
C TYR C 114 11.31 28.62 51.67
N LEU C 115 10.35 27.74 51.41
CA LEU C 115 10.14 27.15 50.10
C LEU C 115 8.76 27.54 49.59
N ASP C 116 8.70 28.25 48.48
CA ASP C 116 7.41 28.67 47.96
C ASP C 116 6.69 27.51 47.29
N SER C 117 5.42 27.74 46.97
CA SER C 117 4.60 26.68 46.41
C SER C 117 4.67 26.64 44.89
N HIS C 118 4.60 27.80 44.23
CA HIS C 118 4.48 27.80 42.78
C HIS C 118 5.84 27.74 42.11
N SER C 119 6.78 28.56 42.56
CA SER C 119 8.17 28.47 42.13
C SER C 119 8.94 27.85 43.27
N TYR C 120 9.91 27.00 42.96
CA TYR C 120 10.44 26.13 43.97
C TYR C 120 11.85 26.53 44.40
N LEU C 121 12.35 25.79 45.38
CA LEU C 121 13.76 25.65 45.79
C LEU C 121 14.32 26.83 46.58
N LEU C 122 13.63 27.99 46.59
CA LEU C 122 14.05 29.15 47.36
C LEU C 122 13.06 30.30 47.30
N VAL C 123 13.07 31.12 48.36
CA VAL C 123 12.68 32.52 48.33
C VAL C 123 13.69 33.26 49.18
N ASP C 124 14.28 34.30 48.62
CA ASP C 124 15.26 35.12 49.31
C ASP C 124 14.77 36.55 49.30
N SER C 125 15.66 37.49 49.62
CA SER C 125 15.42 38.94 49.57
C SER C 125 14.32 39.34 50.52
N PRO C 126 14.65 39.60 51.80
CA PRO C 126 13.70 39.43 52.94
C PRO C 126 12.33 40.11 52.87
N LYS C 127 12.03 40.88 51.83
CA LYS C 127 10.63 41.19 51.57
C LYS C 127 9.89 39.91 51.23
N LYS C 128 8.60 39.88 51.62
CA LYS C 128 7.63 38.78 51.55
C LYS C 128 7.91 37.67 52.57
N ILE C 129 9.09 37.67 53.19
CA ILE C 129 9.30 36.80 54.33
C ILE C 129 8.54 37.33 55.53
N ALA C 130 8.64 38.63 55.77
CA ALA C 130 7.85 39.24 56.83
C ALA C 130 6.37 39.26 56.47
N ILE C 131 6.04 39.26 55.18
CA ILE C 131 4.64 39.19 54.79
C ILE C 131 4.08 37.80 55.09
N ARG C 132 4.90 36.76 54.87
CA ARG C 132 4.49 35.41 55.24
C ARG C 132 4.37 35.26 56.75
N TYR C 133 5.39 35.68 57.49
CA TYR C 133 5.44 35.38 58.92
C TYR C 133 4.48 36.27 59.71
N LEU C 134 4.34 37.53 59.33
CA LEU C 134 3.46 38.44 60.07
C LEU C 134 1.99 38.17 59.83
N SER C 135 1.65 37.49 58.73
CA SER C 135 0.25 37.21 58.47
C SER C 135 -0.17 35.87 59.07
N THR C 136 0.68 34.86 59.00
CA THR C 136 0.27 33.53 59.40
C THR C 136 0.42 33.28 60.89
N TRP C 137 1.64 33.30 61.41
CA TRP C 137 1.91 32.74 62.72
C TRP C 137 2.38 33.74 63.77
N PHE C 138 2.40 35.04 63.47
CA PHE C 138 3.06 35.98 64.36
C PHE C 138 2.22 36.31 65.59
N ALA C 139 0.91 36.44 65.41
CA ALA C 139 0.06 37.00 66.46
C ALA C 139 -0.05 36.06 67.66
N PHE C 140 -0.37 34.79 67.41
CA PHE C 140 -0.50 33.86 68.52
C PHE C 140 0.85 33.51 69.12
N ASP C 141 1.93 33.57 68.34
CA ASP C 141 3.25 33.36 68.92
C ASP C 141 3.64 34.50 69.85
N VAL C 142 3.32 35.74 69.48
CA VAL C 142 3.71 36.84 70.38
C VAL C 142 2.71 36.96 71.52
N CYS C 143 1.53 36.35 71.40
CA CYS C 143 0.66 36.24 72.57
C CYS C 143 1.13 35.16 73.52
N SER C 144 1.65 34.04 72.98
CA SER C 144 2.07 32.94 73.83
C SER C 144 3.40 33.22 74.51
N THR C 145 4.34 33.83 73.79
CA THR C 145 5.67 34.08 74.32
C THR C 145 5.66 35.14 75.41
N ALA C 146 4.71 36.06 75.35
CA ALA C 146 4.71 37.21 76.27
C ALA C 146 4.39 36.76 77.68
N PRO C 147 5.21 37.12 78.67
CA PRO C 147 4.94 36.70 80.05
C PRO C 147 3.84 37.56 80.65
N PHE C 148 2.96 36.93 81.42
CA PHE C 148 1.91 37.65 82.13
C PHE C 148 1.91 37.35 83.62
N GLN C 149 2.15 36.10 84.00
CA GLN C 149 2.32 35.80 85.42
C GLN C 149 3.53 36.45 86.08
N PRO C 150 4.71 36.52 85.42
CA PRO C 150 5.89 37.15 86.01
C PRO C 150 5.64 38.64 86.24
N LEU C 151 4.74 39.39 85.31
CA LEU C 151 4.33 40.78 85.44
C LEU C 151 3.28 40.95 86.52
N SER C 152 2.41 39.96 86.68
CA SER C 152 1.45 40.01 87.78
C SER C 152 2.15 39.83 89.12
N LEU C 153 3.23 39.05 89.15
CA LEU C 153 3.93 38.81 90.41
C LEU C 153 4.74 40.03 90.81
N LEU C 154 5.33 40.72 89.85
CA LEU C 154 6.23 41.81 90.15
C LEU C 154 5.54 43.17 90.15
N PHE C 155 4.34 43.25 89.57
CA PHE C 155 3.66 44.54 89.45
C PHE C 155 2.92 44.91 90.74
N ASN C 156 1.91 44.13 91.09
CA ASN C 156 1.17 44.42 92.31
C ASN C 156 0.90 43.19 93.16
N TYR C 157 0.63 42.05 92.55
CA TYR C 157 0.10 40.89 93.27
C TYR C 157 1.20 40.02 93.86
N GLU C 161 -5.67 35.59 91.15
CA GLU C 161 -4.56 34.92 90.47
C GLU C 161 -5.09 33.90 89.48
N LEU C 162 -6.38 33.59 89.55
CA LEU C 162 -6.94 32.56 88.68
C LEU C 162 -7.08 33.06 87.24
N GLY C 163 -7.44 34.33 87.06
CA GLY C 163 -7.49 34.89 85.73
C GLY C 163 -6.14 35.06 85.09
N PHE C 164 -5.07 35.01 85.87
CA PHE C 164 -3.72 35.09 85.35
C PHE C 164 -3.15 33.72 85.01
N ARG C 165 -3.72 32.66 85.56
CA ARG C 165 -3.33 31.32 85.16
C ARG C 165 -3.89 30.95 83.80
N ILE C 166 -5.10 31.44 83.49
CA ILE C 166 -5.69 31.20 82.18
C ILE C 166 -4.87 31.89 81.10
N LEU C 167 -4.25 33.03 81.43
CA LEU C 167 -3.31 33.64 80.50
C LEU C 167 -2.03 32.83 80.37
N SER C 168 -1.72 31.99 81.36
CA SER C 168 -0.60 31.08 81.21
C SER C 168 -0.97 29.82 80.48
N MET C 169 -2.26 29.51 80.36
CA MET C 169 -2.66 28.37 79.55
C MET C 169 -2.50 28.62 78.06
N LEU C 170 -2.18 29.84 77.64
CA LEU C 170 -1.90 30.13 76.24
C LEU C 170 -0.52 29.67 75.82
N ARG C 171 0.28 29.09 76.72
CA ARG C 171 1.54 28.47 76.37
C ARG C 171 1.38 27.27 75.46
N LEU C 172 0.17 26.73 75.34
CA LEU C 172 -0.10 25.59 74.49
C LEU C 172 -0.15 25.94 73.01
N TRP C 173 -0.05 27.21 72.63
CA TRP C 173 0.11 27.51 71.22
C TRP C 173 1.49 27.10 70.73
N ARG C 174 2.47 26.99 71.62
CA ARG C 174 3.81 26.53 71.28
C ARG C 174 3.84 25.10 70.77
N LEU C 175 2.73 24.38 70.84
CA LEU C 175 2.62 22.98 70.48
C LEU C 175 2.34 22.78 69.00
N ARG C 176 2.44 23.83 68.18
CA ARG C 176 2.34 23.63 66.74
C ARG C 176 3.59 23.00 66.17
N ARG C 177 4.72 23.11 66.87
CA ARG C 177 5.96 22.61 66.32
C ARG C 177 6.01 21.09 66.35
N VAL C 178 5.30 20.49 67.31
CA VAL C 178 5.21 19.04 67.33
C VAL C 178 4.34 18.55 66.18
N SER C 179 3.31 19.32 65.83
CA SER C 179 2.52 18.98 64.64
C SER C 179 3.31 19.18 63.36
N SER C 180 4.20 20.18 63.32
CA SER C 180 5.04 20.35 62.15
C SER C 180 6.06 19.22 62.01
N LEU C 181 6.59 18.72 63.13
CA LEU C 181 7.45 17.54 63.04
C LEU C 181 6.69 16.31 62.59
N PHE C 182 5.50 16.08 63.12
CA PHE C 182 4.80 14.89 62.67
C PHE C 182 4.15 15.07 61.30
N ALA C 183 4.20 16.27 60.73
CA ALA C 183 3.91 16.41 59.32
C ALA C 183 5.15 16.15 58.48
N ARG C 184 6.33 16.53 58.98
CA ARG C 184 7.55 16.30 58.21
C ARG C 184 7.94 14.83 58.17
N LEU C 185 7.76 14.12 59.28
CA LEU C 185 8.32 12.78 59.35
C LEU C 185 7.50 11.74 58.60
N GLU C 186 6.22 12.02 58.34
CA GLU C 186 5.46 11.12 57.47
C GLU C 186 5.96 11.23 56.05
N LYS C 187 6.22 12.45 55.60
CA LYS C 187 6.56 12.75 54.23
C LYS C 187 8.05 12.51 53.95
N ASP C 188 8.88 12.47 55.00
CA ASP C 188 10.27 12.11 54.82
C ASP C 188 10.38 10.62 54.54
N ILE C 189 11.38 10.25 53.74
CA ILE C 189 11.49 8.87 53.29
C ILE C 189 12.03 7.98 54.40
N ARG C 190 13.07 8.43 55.08
CA ARG C 190 13.85 7.49 55.88
C ARG C 190 13.27 7.27 57.28
N PHE C 191 12.00 6.89 57.32
CA PHE C 191 11.30 6.54 58.56
C PHE C 191 10.14 5.61 58.27
N ASN C 192 9.74 4.80 59.25
CA ASN C 192 8.64 3.86 59.09
C ASN C 192 7.35 4.62 59.28
N TYR C 193 6.48 4.60 58.27
CA TYR C 193 5.28 5.41 58.30
C TYR C 193 4.27 4.90 59.32
N PHE C 194 4.22 3.58 59.52
CA PHE C 194 3.29 3.01 60.49
C PHE C 194 3.83 3.02 61.91
N TRP C 195 4.91 3.74 62.16
CA TRP C 195 5.45 3.93 63.49
C TRP C 195 5.22 5.35 63.95
N ILE C 196 5.41 6.30 63.05
CA ILE C 196 5.24 7.72 63.33
C ILE C 196 3.79 8.03 63.67
N ARG C 197 2.86 7.43 62.94
CA ARG C 197 1.46 7.83 63.11
C ARG C 197 0.88 7.26 64.41
N CYS C 198 1.26 6.03 64.76
CA CYS C 198 0.86 5.49 66.06
C CYS C 198 1.54 6.23 67.20
N THR C 199 2.76 6.72 67.00
CA THR C 199 3.39 7.56 68.02
C THR C 199 2.62 8.85 68.22
N LYS C 200 2.10 9.42 67.13
CA LYS C 200 1.30 10.65 67.22
C LYS C 200 0.02 10.41 68.00
N LEU C 201 -0.63 9.27 67.78
CA LEU C 201 -1.88 8.99 68.49
C LEU C 201 -1.65 8.71 69.96
N ILE C 202 -0.56 8.01 70.30
CA ILE C 202 -0.23 7.78 71.69
C ILE C 202 0.10 9.09 72.40
N SER C 203 0.73 10.02 71.69
CA SER C 203 1.00 11.33 72.28
C SER C 203 -0.28 12.09 72.60
N VAL C 204 -1.24 12.09 71.67
CA VAL C 204 -2.48 12.82 71.91
C VAL C 204 -3.30 12.17 73.02
N THR C 205 -3.30 10.84 73.08
CA THR C 205 -4.07 10.14 74.12
C THR C 205 -3.46 10.36 75.50
N LEU C 206 -2.13 10.31 75.61
CA LEU C 206 -1.49 10.53 76.90
C LEU C 206 -1.67 11.97 77.37
N PHE C 207 -1.63 12.93 76.44
CA PHE C 207 -1.84 14.30 76.87
C PHE C 207 -3.28 14.55 77.28
N ALA C 208 -4.24 13.86 76.66
CA ALA C 208 -5.63 14.02 77.08
C ALA C 208 -5.85 13.46 78.47
N ILE C 209 -5.27 12.29 78.77
CA ILE C 209 -5.30 11.73 80.12
C ILE C 209 -4.73 12.72 81.14
N HIS C 210 -3.57 13.28 80.82
CA HIS C 210 -2.86 14.14 81.77
C HIS C 210 -3.64 15.41 82.07
N CYS C 211 -4.08 16.11 81.02
CA CYS C 211 -4.75 17.39 81.22
C CYS C 211 -6.12 17.22 81.86
N ALA C 212 -6.83 16.13 81.53
CA ALA C 212 -8.13 15.94 82.14
C ALA C 212 -8.01 15.55 83.60
N GLY C 213 -7.01 14.75 83.95
CA GLY C 213 -6.81 14.40 85.34
C GLY C 213 -6.45 15.59 86.20
N CYS C 214 -5.58 16.45 85.69
CA CYS C 214 -5.20 17.61 86.49
C CYS C 214 -6.34 18.62 86.61
N PHE C 215 -7.16 18.78 85.56
CA PHE C 215 -8.26 19.72 85.67
C PHE C 215 -9.33 19.21 86.64
N ASN C 216 -9.55 17.89 86.68
CA ASN C 216 -10.52 17.40 87.65
C ASN C 216 -9.98 17.50 89.07
N TYR C 217 -8.68 17.34 89.28
CA TYR C 217 -8.17 17.55 90.62
C TYR C 217 -8.26 19.01 91.04
N LEU C 218 -8.15 19.94 90.09
CA LEU C 218 -8.37 21.35 90.40
C LEU C 218 -9.81 21.60 90.86
N ILE C 219 -10.78 21.11 90.09
CA ILE C 219 -12.18 21.32 90.45
C ILE C 219 -12.58 20.54 91.70
N ALA C 220 -11.77 19.57 92.12
CA ALA C 220 -11.97 18.96 93.43
C ALA C 220 -11.33 19.75 94.56
N ASP C 221 -10.22 20.45 94.32
CA ASP C 221 -9.65 21.30 95.37
C ASP C 221 -10.53 22.50 95.66
N ARG C 222 -10.97 23.21 94.61
CA ARG C 222 -11.55 24.53 94.81
C ARG C 222 -12.94 24.52 95.42
N TYR C 223 -13.49 23.40 95.74
CA TYR C 223 -14.87 23.32 96.17
C TYR C 223 -14.96 23.15 97.69
N PRO C 224 -15.79 23.94 98.37
CA PRO C 224 -16.00 23.71 99.81
C PRO C 224 -16.80 22.43 100.03
N ASN C 225 -16.81 21.95 101.30
CA ASN C 225 -17.18 20.59 101.68
C ASN C 225 -16.31 19.60 100.91
N PRO C 226 -15.13 19.26 101.42
CA PRO C 226 -14.33 18.19 100.81
C PRO C 226 -15.06 16.87 100.60
N ARG C 227 -15.98 16.49 101.49
CA ARG C 227 -16.85 15.38 101.17
C ARG C 227 -17.85 15.80 100.09
N LYS C 228 -18.42 14.81 99.42
CA LYS C 228 -19.14 14.97 98.16
C LYS C 228 -18.28 15.68 97.12
N THR C 229 -17.07 15.16 96.94
CA THR C 229 -16.27 15.28 95.72
C THR C 229 -15.88 13.87 95.31
N TRP C 230 -15.17 13.72 94.18
CA TRP C 230 -14.86 12.35 93.74
C TRP C 230 -13.77 11.74 94.58
N ILE C 231 -12.79 12.53 95.00
CA ILE C 231 -11.71 11.98 95.81
C ILE C 231 -11.99 12.18 97.29
N GLY C 232 -12.93 13.05 97.64
CA GLY C 232 -13.19 13.31 99.04
C GLY C 232 -14.03 12.24 99.69
N ALA C 233 -15.01 11.72 98.96
CA ALA C 233 -15.91 10.75 99.54
C ALA C 233 -15.27 9.38 99.71
N VAL C 234 -14.15 9.13 99.06
CA VAL C 234 -13.44 7.88 99.25
C VAL C 234 -12.27 8.05 100.21
N TYR C 235 -11.43 9.05 99.97
CA TYR C 235 -10.40 9.43 100.93
C TYR C 235 -10.86 10.69 101.64
N PRO C 236 -11.23 10.64 102.92
CA PRO C 236 -11.67 11.87 103.58
C PRO C 236 -10.54 12.83 103.89
N ASN C 237 -9.32 12.33 104.03
CA ASN C 237 -8.14 13.16 104.28
C ASN C 237 -7.22 13.01 103.08
N PHE C 238 -7.38 13.88 102.08
CA PHE C 238 -6.57 13.76 100.88
C PHE C 238 -5.67 14.94 100.62
N LYS C 239 -5.96 16.12 101.16
CA LYS C 239 -5.07 17.25 100.95
C LYS C 239 -3.79 17.13 101.74
N GLU C 240 -3.75 16.30 102.77
CA GLU C 240 -2.54 16.12 103.56
C GLU C 240 -1.60 15.07 102.97
N ALA C 241 -1.99 14.36 101.92
CA ALA C 241 -1.12 13.35 101.34
C ALA C 241 -0.17 13.99 100.35
N SER C 242 0.71 13.16 99.77
CA SER C 242 1.82 13.63 98.98
C SER C 242 1.37 14.06 97.58
N LEU C 243 2.33 14.34 96.71
CA LEU C 243 2.00 14.58 95.32
C LEU C 243 1.80 13.29 94.56
N TRP C 244 2.55 12.24 94.89
CA TRP C 244 2.51 11.04 94.08
C TRP C 244 1.20 10.30 94.26
N ASN C 245 0.63 10.31 95.47
CA ASN C 245 -0.63 9.62 95.67
C ASN C 245 -1.78 10.37 95.02
N ARG C 246 -1.79 11.69 95.15
CA ARG C 246 -2.86 12.47 94.52
C ARG C 246 -2.75 12.45 93.01
N TYR C 247 -1.53 12.47 92.49
CA TYR C 247 -1.35 12.47 91.04
C TYR C 247 -1.70 11.13 90.44
N VAL C 248 -1.29 10.02 91.09
CA VAL C 248 -1.67 8.71 90.60
C VAL C 248 -3.17 8.51 90.72
N THR C 249 -3.80 9.06 91.75
CA THR C 249 -5.26 8.90 91.88
C THR C 249 -6.00 9.68 90.80
N ALA C 250 -5.53 10.88 90.47
CA ALA C 250 -6.18 11.64 89.40
C ALA C 250 -5.97 10.98 88.05
N LEU C 251 -4.79 10.40 87.84
CA LEU C 251 -4.49 9.76 86.57
C LEU C 251 -5.31 8.48 86.43
N TYR C 252 -5.49 7.77 87.54
CA TYR C 252 -6.28 6.55 87.54
C TYR C 252 -7.76 6.81 87.36
N TRP C 253 -8.27 7.92 87.90
CA TRP C 253 -9.63 8.30 87.57
C TRP C 253 -9.77 8.59 86.09
N SER C 254 -8.82 9.35 85.53
CA SER C 254 -8.98 9.78 84.15
C SER C 254 -8.91 8.64 83.16
N ILE C 255 -8.10 7.62 83.44
CA ILE C 255 -7.99 6.60 82.42
C ILE C 255 -9.16 5.60 82.48
N THR C 256 -9.84 5.44 83.62
CA THR C 256 -10.98 4.54 83.63
C THR C 256 -12.21 5.13 82.98
N THR C 257 -12.21 6.42 82.64
CA THR C 257 -13.30 6.97 81.84
C THR C 257 -12.84 7.41 80.48
N LEU C 258 -11.54 7.39 80.20
CA LEU C 258 -11.15 7.47 78.80
C LEU C 258 -11.30 6.12 78.13
N THR C 259 -10.77 5.06 78.72
CA THR C 259 -10.85 3.76 78.09
C THR C 259 -12.12 3.03 78.43
N THR C 260 -13.19 3.77 78.71
CA THR C 260 -14.57 3.37 78.96
C THR C 260 -14.77 2.17 79.88
N THR C 261 -13.87 1.96 80.83
CA THR C 261 -14.12 0.89 81.77
C THR C 261 -15.12 1.33 82.82
N GLY C 262 -14.76 2.31 83.63
CA GLY C 262 -15.72 2.87 84.57
C GLY C 262 -16.08 1.91 85.67
N TYR C 263 -15.18 1.69 86.63
CA TYR C 263 -15.45 0.74 87.70
C TYR C 263 -16.64 1.16 88.53
N GLY C 264 -16.55 2.29 89.19
CA GLY C 264 -17.65 2.67 90.05
C GLY C 264 -17.14 3.39 91.27
N ASP C 265 -15.83 3.36 91.44
CA ASP C 265 -15.20 4.33 92.31
C ASP C 265 -15.27 5.68 91.65
N PHE C 266 -15.14 6.73 92.47
CA PHE C 266 -14.71 8.04 92.01
C PHE C 266 -15.72 8.67 91.06
N HIS C 267 -16.98 8.35 91.24
CA HIS C 267 -18.02 8.99 90.48
C HIS C 267 -18.25 10.39 91.04
N ALA C 268 -18.98 11.22 90.31
CA ALA C 268 -19.11 12.62 90.67
C ALA C 268 -20.32 12.85 91.56
N GLU C 269 -20.18 13.78 92.51
CA GLU C 269 -21.26 14.23 93.38
C GLU C 269 -21.54 15.72 93.27
N ASN C 270 -20.50 16.53 93.19
CA ASN C 270 -20.65 17.95 92.96
C ASN C 270 -21.27 18.20 91.59
N PRO C 271 -22.33 18.99 91.50
CA PRO C 271 -22.98 19.19 90.19
C PRO C 271 -22.15 19.92 89.16
N ARG C 272 -21.21 20.77 89.55
CA ARG C 272 -20.32 21.35 88.54
C ARG C 272 -19.35 20.30 88.02
N GLU C 273 -18.98 19.36 88.86
CA GLU C 273 -18.13 18.25 88.46
C GLU C 273 -18.90 17.25 87.62
N MET C 274 -20.17 17.05 87.98
CA MET C 274 -21.09 16.26 87.19
C MET C 274 -21.32 16.91 85.83
N LEU C 275 -21.14 18.22 85.73
CA LEU C 275 -21.18 18.87 84.44
C LEU C 275 -19.89 18.71 83.67
N PHE C 276 -18.75 18.65 84.36
CA PHE C 276 -17.49 18.47 83.64
C PHE C 276 -17.42 17.10 82.99
N ASP C 277 -17.97 16.08 83.66
CA ASP C 277 -17.91 14.73 83.11
C ASP C 277 -18.66 14.58 81.81
N ILE C 278 -19.66 15.43 81.55
CA ILE C 278 -20.41 15.33 80.31
C ILE C 278 -19.54 15.71 79.12
N PHE C 279 -18.80 16.81 79.24
CA PHE C 279 -17.93 17.22 78.15
C PHE C 279 -16.75 16.28 78.01
N PHE C 280 -16.25 15.76 79.12
CA PHE C 280 -15.12 14.85 78.98
C PHE C 280 -15.53 13.51 78.39
N MET C 281 -16.74 13.04 78.64
CA MET C 281 -17.12 11.77 78.05
C MET C 281 -17.54 11.91 76.60
N MET C 282 -18.08 13.07 76.19
CA MET C 282 -18.23 13.35 74.76
C MET C 282 -16.89 13.32 74.04
N PHE C 283 -15.89 13.98 74.62
CA PHE C 283 -14.57 13.99 74.00
C PHE C 283 -13.97 12.59 73.91
N ASN C 284 -14.20 11.75 74.92
CA ASN C 284 -13.63 10.42 74.88
C ASN C 284 -14.32 9.55 73.85
N LEU C 285 -15.62 9.74 73.63
CA LEU C 285 -16.32 9.02 72.56
C LEU C 285 -15.73 9.37 71.21
N GLY C 286 -15.50 10.66 70.97
CA GLY C 286 -14.91 11.08 69.70
C GLY C 286 -13.51 10.54 69.49
N LEU C 287 -12.67 10.60 70.53
CA LEU C 287 -11.28 10.19 70.35
C LEU C 287 -11.16 8.68 70.22
N THR C 288 -12.00 7.91 70.92
CA THR C 288 -11.94 6.46 70.78
C THR C 288 -12.37 6.02 69.39
N ALA C 289 -13.35 6.72 68.80
CA ALA C 289 -13.71 6.43 67.41
C ALA C 289 -12.56 6.73 66.46
N TYR C 290 -11.86 7.84 66.69
CA TYR C 290 -10.74 8.21 65.82
C TYR C 290 -9.61 7.20 65.91
N LEU C 291 -9.35 6.71 67.11
CA LEU C 291 -8.27 5.75 67.32
C LEU C 291 -8.56 4.41 66.64
N ILE C 292 -9.81 3.95 66.72
CA ILE C 292 -10.19 2.72 66.03
C ILE C 292 -10.10 2.88 64.52
N GLY C 293 -10.38 4.08 64.01
CA GLY C 293 -10.20 4.33 62.57
C GLY C 293 -8.75 4.21 62.12
N ASN C 294 -7.82 4.77 62.89
CA ASN C 294 -6.41 4.64 62.51
C ASN C 294 -5.90 3.22 62.60
N MET C 295 -6.31 2.45 63.62
CA MET C 295 -5.83 1.07 63.66
C MET C 295 -6.47 0.23 62.57
N THR C 296 -7.66 0.60 62.11
CA THR C 296 -8.24 -0.09 60.95
C THR C 296 -7.45 0.18 59.69
N ASN C 297 -6.95 1.42 59.51
CA ASN C 297 -6.03 1.66 58.39
C ASN C 297 -4.76 0.83 58.48
N LEU C 298 -4.18 0.70 59.67
CA LEU C 298 -2.94 -0.05 59.80
C LEU C 298 -3.15 -1.53 59.52
N VAL C 299 -4.29 -2.08 59.93
CA VAL C 299 -4.54 -3.51 59.73
C VAL C 299 -4.92 -3.82 58.29
N VAL C 300 -5.75 -2.97 57.67
CA VAL C 300 -6.11 -3.15 56.26
C VAL C 300 -4.88 -3.00 55.37
N HIS C 301 -3.99 -2.09 55.72
CA HIS C 301 -2.85 -1.89 54.86
C HIS C 301 -1.71 -2.85 55.11
N TRP C 302 -1.57 -3.37 56.33
CA TRP C 302 -0.46 -4.26 56.63
C TRP C 302 -0.60 -5.61 55.95
N THR C 303 -1.84 -6.07 55.74
CA THR C 303 -2.06 -7.39 55.15
C THR C 303 -2.87 -7.30 53.87
N SER C 304 -2.48 -6.42 52.95
CA SER C 304 -3.13 -6.40 51.65
C SER C 304 -2.50 -7.37 50.67
N ARG C 305 -1.19 -7.60 50.81
CA ARG C 305 -0.46 -8.37 49.82
C ARG C 305 -0.82 -9.85 49.92
N THR C 306 -0.80 -10.39 51.13
CA THR C 306 -1.14 -11.80 51.33
C THR C 306 -2.60 -12.06 51.00
N ARG C 307 -3.46 -11.10 51.29
CA ARG C 307 -4.88 -11.27 51.00
C ARG C 307 -5.13 -11.25 49.50
N THR C 308 -4.39 -10.43 48.75
CA THR C 308 -4.56 -10.42 47.30
C THR C 308 -4.05 -11.70 46.66
N PHE C 309 -2.91 -12.21 47.16
CA PHE C 309 -2.42 -13.52 46.73
C PHE C 309 -3.43 -14.62 46.96
N ARG C 310 -4.05 -14.65 48.13
CA ARG C 310 -5.01 -15.71 48.42
C ARG C 310 -6.29 -15.53 47.62
N ASP C 311 -6.65 -14.30 47.26
CA ASP C 311 -7.73 -14.09 46.29
C ASP C 311 -7.43 -14.74 44.96
N SER C 312 -6.21 -14.54 44.46
CA SER C 312 -5.86 -15.07 43.15
C SER C 312 -5.86 -16.60 43.16
N VAL C 313 -5.41 -17.19 44.26
CA VAL C 313 -5.40 -18.64 44.35
C VAL C 313 -6.82 -19.20 44.49
N ARG C 314 -7.70 -18.52 45.23
CA ARG C 314 -9.09 -18.97 45.31
C ARG C 314 -9.80 -18.89 43.96
N ALA C 315 -9.52 -17.82 43.19
CA ALA C 315 -10.17 -17.68 41.89
C ALA C 315 -9.67 -18.73 40.90
N ALA C 316 -8.37 -19.02 40.93
CA ALA C 316 -7.84 -20.08 40.08
C ALA C 316 -8.39 -21.45 40.47
N SER C 317 -8.58 -21.69 41.77
CA SER C 317 -9.09 -22.99 42.18
C SER C 317 -10.56 -23.16 41.85
N GLU C 318 -11.35 -22.08 41.93
CA GLU C 318 -12.75 -22.20 41.53
C GLU C 318 -12.87 -22.40 40.03
N PHE C 319 -12.05 -21.70 39.24
CA PHE C 319 -12.08 -21.91 37.80
C PHE C 319 -11.61 -23.30 37.42
N ALA C 320 -10.70 -23.87 38.20
CA ALA C 320 -10.25 -25.22 37.88
C ALA C 320 -11.29 -26.25 38.28
N SER C 321 -11.82 -26.17 39.49
CA SER C 321 -12.76 -27.18 39.94
C SER C 321 -14.15 -27.00 39.36
N ARG C 322 -14.40 -25.89 38.66
CA ARG C 322 -15.67 -25.78 37.96
C ARG C 322 -15.66 -26.57 36.66
N ASN C 323 -14.60 -26.45 35.87
CA ASN C 323 -14.56 -27.07 34.57
C ASN C 323 -13.92 -28.45 34.59
N GLN C 324 -13.50 -28.92 35.76
CA GLN C 324 -12.99 -30.28 35.98
C GLN C 324 -11.73 -30.55 35.15
N LEU C 325 -10.69 -29.77 35.39
CA LEU C 325 -9.40 -30.07 34.82
C LEU C 325 -8.71 -31.13 35.70
N PRO C 326 -7.99 -32.09 35.11
CA PRO C 326 -7.57 -33.26 35.88
C PRO C 326 -6.56 -33.05 37.03
N HIS C 327 -5.29 -32.89 36.72
CA HIS C 327 -4.34 -32.49 37.76
C HIS C 327 -3.32 -31.50 37.25
N ASP C 328 -2.86 -31.73 36.02
CA ASP C 328 -1.64 -31.11 35.53
C ASP C 328 -1.84 -29.62 35.34
N ILE C 329 -3.00 -29.24 34.81
CA ILE C 329 -3.24 -27.83 34.55
C ILE C 329 -3.48 -27.08 35.87
N GLN C 330 -4.06 -27.75 36.86
CA GLN C 330 -4.15 -27.17 38.19
C GLN C 330 -2.79 -26.90 38.79
N ASP C 331 -1.88 -27.88 38.69
CA ASP C 331 -0.58 -27.68 39.32
C ASP C 331 0.25 -26.65 38.57
N GLN C 332 0.06 -26.54 37.26
CA GLN C 332 0.75 -25.49 36.51
C GLN C 332 0.25 -24.11 36.90
N MET C 333 -1.08 -23.92 36.99
CA MET C 333 -1.62 -22.62 37.35
C MET C 333 -1.24 -22.23 38.77
N LEU C 334 -1.33 -23.16 39.72
CA LEU C 334 -1.09 -22.79 41.10
C LEU C 334 0.40 -22.57 41.37
N SER C 335 1.28 -23.38 40.76
CA SER C 335 2.70 -23.12 40.95
C SER C 335 3.14 -21.85 40.23
N HIS C 336 2.47 -21.50 39.14
CA HIS C 336 2.85 -20.26 38.48
C HIS C 336 2.41 -19.04 39.27
N ILE C 337 1.28 -19.14 39.97
CA ILE C 337 0.91 -18.00 40.81
C ILE C 337 1.79 -17.94 42.06
N CYS C 338 2.22 -19.09 42.60
CA CYS C 338 3.15 -19.09 43.72
C CYS C 338 4.49 -18.46 43.36
N LEU C 339 4.98 -18.71 42.14
CA LEU C 339 6.22 -18.05 41.77
C LEU C 339 6.03 -16.69 41.11
N LYS C 340 4.81 -16.25 40.86
CA LYS C 340 4.62 -14.81 40.71
C LYS C 340 4.60 -14.11 42.05
N PHE C 341 4.25 -14.81 43.12
CA PHE C 341 4.20 -14.12 44.40
C PHE C 341 5.52 -14.15 45.15
N LYS C 342 6.32 -15.21 44.99
CA LYS C 342 7.64 -15.20 45.62
C LYS C 342 8.57 -14.18 44.98
N THR C 343 8.44 -13.93 43.67
CA THR C 343 9.13 -12.80 43.08
C THR C 343 8.06 -11.82 42.60
N GLU C 344 7.71 -10.86 43.45
CA GLU C 344 6.47 -10.11 43.33
C GLU C 344 6.52 -9.19 42.12
N GLY C 345 6.13 -9.76 40.98
CA GLY C 345 6.30 -9.08 39.72
C GLY C 345 5.18 -8.14 39.36
N LEU C 346 4.09 -8.16 40.13
CA LEU C 346 2.96 -7.27 39.84
C LEU C 346 3.32 -5.83 40.17
N LYS C 347 3.88 -5.60 41.36
CA LYS C 347 4.37 -4.28 41.71
C LYS C 347 5.55 -3.87 40.81
N GLN C 348 6.32 -4.86 40.34
CA GLN C 348 7.38 -4.58 39.37
C GLN C 348 6.79 -4.05 38.07
N GLN C 349 5.74 -4.69 37.55
CA GLN C 349 5.10 -4.24 36.32
C GLN C 349 4.54 -2.84 36.48
N GLU C 350 3.85 -2.58 37.61
CA GLU C 350 3.26 -1.26 37.84
C GLU C 350 4.33 -0.18 37.95
N THR C 351 5.35 -0.41 38.78
CA THR C 351 6.32 0.64 39.03
C THR C 351 7.35 0.77 37.93
N LEU C 352 7.50 -0.26 37.08
CA LEU C 352 8.31 -0.06 35.89
C LEU C 352 7.51 0.67 34.82
N ASN C 353 6.20 0.43 34.74
CA ASN C 353 5.41 1.13 33.75
C ASN C 353 5.04 2.53 34.20
N ASN C 354 5.39 2.91 35.43
CA ASN C 354 5.22 4.29 35.83
C ASN C 354 6.51 5.09 35.66
N LEU C 355 7.56 4.47 35.19
CA LEU C 355 8.84 5.14 35.03
C LEU C 355 8.91 5.88 33.70
N PRO C 356 9.77 6.91 33.56
CA PRO C 356 9.69 7.74 32.35
C PRO C 356 10.37 7.18 31.11
N LYS C 357 10.62 5.87 31.06
CA LYS C 357 11.07 5.14 29.87
C LYS C 357 12.46 5.54 29.38
N ALA C 358 13.23 6.23 30.21
CA ALA C 358 14.67 6.32 30.00
C ALA C 358 15.43 5.73 31.16
N ILE C 359 14.89 5.89 32.36
CA ILE C 359 15.51 5.28 33.52
C ILE C 359 15.34 3.77 33.48
N ARG C 360 14.24 3.28 32.90
CA ARG C 360 14.10 1.85 32.71
C ARG C 360 15.07 1.34 31.66
N SER C 361 15.48 2.20 30.72
CA SER C 361 16.50 1.82 29.76
C SER C 361 17.85 1.70 30.44
N SER C 362 18.15 2.61 31.38
CA SER C 362 19.40 2.48 32.13
C SER C 362 19.37 1.27 33.06
N ILE C 363 18.18 0.92 33.57
CA ILE C 363 18.03 -0.30 34.38
C ILE C 363 18.35 -1.55 33.56
N ALA C 364 17.71 -1.68 32.39
CA ALA C 364 17.95 -2.85 31.56
C ALA C 364 19.36 -2.86 31.01
N ASN C 365 19.94 -1.68 30.81
CA ASN C 365 21.33 -1.58 30.39
C ASN C 365 22.28 -2.08 31.47
N TYR C 366 21.94 -1.84 32.74
CA TYR C 366 22.79 -2.40 33.79
C TYR C 366 22.57 -3.89 33.94
N LEU C 367 21.34 -4.36 33.74
CA LEU C 367 21.05 -5.73 34.14
C LEU C 367 21.35 -6.75 33.06
N PHE C 368 21.17 -6.39 31.79
CA PHE C 368 21.16 -7.42 30.75
C PHE C 368 22.16 -7.19 29.64
N PHE C 369 22.90 -6.10 29.66
CA PHE C 369 23.89 -5.86 28.61
C PHE C 369 25.06 -6.86 28.58
N PRO C 370 25.70 -7.25 29.68
CA PRO C 370 26.75 -8.27 29.53
C PRO C 370 26.22 -9.67 29.34
N ILE C 371 24.91 -9.87 29.38
CA ILE C 371 24.35 -11.18 29.07
C ILE C 371 24.05 -11.29 27.58
N VAL C 372 23.46 -10.23 27.02
CA VAL C 372 23.16 -10.21 25.59
C VAL C 372 24.43 -9.95 24.79
N HIS C 373 25.45 -9.39 25.43
CA HIS C 373 26.69 -9.05 24.75
C HIS C 373 27.46 -10.29 24.28
N ASN C 374 27.17 -11.46 24.85
CA ASN C 374 27.88 -12.69 24.49
C ASN C 374 26.88 -13.80 24.19
N ILE C 375 26.40 -13.85 22.95
CA ILE C 375 25.49 -14.90 22.53
C ILE C 375 26.05 -15.56 21.27
N TYR C 376 25.59 -16.80 21.04
CA TYR C 376 25.60 -17.50 19.76
C TYR C 376 25.38 -16.58 18.57
N LEU C 377 24.33 -15.77 18.59
CA LEU C 377 24.03 -14.94 17.43
C LEU C 377 24.91 -13.70 17.38
N PHE C 378 24.80 -12.84 18.39
CA PHE C 378 25.46 -11.54 18.36
C PHE C 378 26.95 -11.72 18.55
N GLN C 379 27.74 -11.26 17.59
CA GLN C 379 29.19 -11.30 17.74
C GLN C 379 29.81 -9.91 17.67
N GLY C 380 29.55 -9.18 16.58
CA GLY C 380 30.25 -7.94 16.34
C GLY C 380 29.33 -6.77 16.10
N VAL C 381 28.26 -6.67 16.90
CA VAL C 381 27.05 -6.00 16.45
C VAL C 381 27.03 -4.56 16.98
N SER C 382 28.23 -3.97 17.18
CA SER C 382 28.43 -2.52 17.24
C SER C 382 27.67 -1.81 18.36
N ARG C 383 28.17 -1.92 19.61
CA ARG C 383 27.44 -1.67 20.86
C ARG C 383 26.54 -0.43 20.90
N ASN C 384 26.82 0.57 20.05
CA ASN C 384 25.87 1.64 19.83
C ASN C 384 24.55 1.14 19.22
N PHE C 385 24.58 -0.02 18.56
CA PHE C 385 23.32 -0.70 18.28
C PHE C 385 22.75 -1.34 19.54
N LEU C 386 23.62 -1.80 20.44
CA LEU C 386 23.16 -2.56 21.59
C LEU C 386 22.43 -1.68 22.60
N PHE C 387 22.80 -0.39 22.68
CA PHE C 387 22.09 0.52 23.58
C PHE C 387 20.64 0.70 23.17
N GLN C 388 20.38 0.76 21.86
CA GLN C 388 18.99 0.82 21.42
C GLN C 388 18.34 -0.55 21.41
N LEU C 389 19.15 -1.61 21.41
CA LEU C 389 18.58 -2.95 21.45
C LEU C 389 18.04 -3.32 22.82
N VAL C 390 18.86 -3.08 23.87
CA VAL C 390 18.64 -3.63 25.21
C VAL C 390 17.34 -3.13 25.84
N SER C 391 16.98 -1.85 25.63
CA SER C 391 15.93 -1.16 26.37
C SER C 391 14.53 -1.73 26.17
N ASP C 392 14.32 -2.66 25.26
CA ASP C 392 13.00 -3.24 25.07
C ASP C 392 12.93 -4.66 25.59
N ILE C 393 14.00 -5.14 26.23
CA ILE C 393 14.04 -6.51 26.71
C ILE C 393 13.18 -6.62 27.96
N ASP C 394 12.27 -7.59 27.96
CA ASP C 394 11.35 -7.80 29.07
C ASP C 394 11.70 -9.12 29.73
N ALA C 395 12.23 -9.04 30.96
CA ALA C 395 12.64 -10.22 31.71
C ALA C 395 11.42 -10.98 32.18
N GLU C 396 11.65 -12.21 32.64
CA GLU C 396 10.59 -13.07 33.15
C GLU C 396 11.24 -14.13 34.02
N TYR C 397 10.41 -15.00 34.58
CA TYR C 397 10.86 -15.98 35.55
C TYR C 397 9.88 -17.14 35.52
N PHE C 398 10.38 -18.37 35.61
CA PHE C 398 9.53 -19.49 35.24
C PHE C 398 9.61 -20.65 36.21
N PRO C 399 8.52 -21.38 36.39
CA PRO C 399 8.53 -22.52 37.31
C PRO C 399 9.22 -23.71 36.70
N PRO C 400 9.63 -24.69 37.51
CA PRO C 400 10.11 -25.96 36.94
C PRO C 400 8.95 -26.78 36.43
N LYS C 401 9.27 -27.68 35.48
CA LYS C 401 8.38 -28.68 34.88
C LYS C 401 7.19 -28.07 34.12
N GLU C 402 7.20 -26.76 33.91
CA GLU C 402 6.23 -26.12 33.03
C GLU C 402 6.72 -26.26 31.60
N ASP C 403 5.91 -26.88 30.75
CA ASP C 403 6.25 -27.06 29.34
C ASP C 403 6.27 -25.70 28.68
N ILE C 404 7.46 -25.22 28.33
CA ILE C 404 7.59 -23.83 27.88
C ILE C 404 7.17 -23.71 26.43
N ILE C 405 7.88 -24.39 25.54
CA ILE C 405 7.59 -24.43 24.11
C ILE C 405 7.26 -25.88 23.75
N LEU C 406 6.09 -26.08 23.14
CA LEU C 406 5.65 -27.40 22.74
C LEU C 406 6.05 -27.67 21.30
N GLN C 407 5.89 -28.92 20.89
CA GLN C 407 6.20 -29.32 19.53
C GLN C 407 5.16 -28.77 18.56
N ASN C 408 5.65 -28.28 17.42
CA ASN C 408 4.85 -27.73 16.32
C ASN C 408 3.98 -26.55 16.75
N GLU C 409 4.48 -25.75 17.67
CA GLU C 409 3.80 -24.51 18.04
C GLU C 409 4.28 -23.39 17.12
N ALA C 410 3.34 -22.57 16.66
CA ALA C 410 3.66 -21.43 15.82
C ALA C 410 4.43 -20.39 16.64
N PRO C 411 5.61 -19.94 16.18
CA PRO C 411 6.56 -19.28 17.09
C PRO C 411 6.14 -17.86 17.49
N THR C 412 6.56 -17.46 18.69
CA THR C 412 6.19 -16.14 19.20
C THR C 412 7.35 -15.33 19.77
N ASP C 413 8.37 -15.98 20.36
CA ASP C 413 9.38 -15.22 21.09
C ASP C 413 10.69 -15.97 21.21
N LEU C 414 11.78 -15.20 21.32
CA LEU C 414 13.09 -15.73 21.65
C LEU C 414 13.18 -15.97 23.15
N TYR C 415 13.88 -17.04 23.51
CA TYR C 415 14.05 -17.45 24.89
C TYR C 415 15.52 -17.62 25.20
N ILE C 416 16.17 -16.53 25.57
CA ILE C 416 17.54 -16.57 26.06
C ILE C 416 17.51 -17.05 27.50
N LEU C 417 18.27 -18.09 27.81
CA LEU C 417 18.42 -18.49 29.19
C LEU C 417 19.33 -17.50 29.90
N VAL C 418 19.08 -17.30 31.20
CA VAL C 418 20.04 -16.57 32.03
C VAL C 418 20.52 -17.50 33.14
N SER C 419 19.66 -18.41 33.56
CA SER C 419 20.06 -19.50 34.44
C SER C 419 19.13 -20.67 34.18
N GLY C 420 19.31 -21.74 34.95
CA GLY C 420 18.38 -22.84 34.99
C GLY C 420 18.51 -23.79 33.81
N ALA C 421 18.42 -25.08 34.11
CA ALA C 421 18.52 -26.14 33.13
C ALA C 421 17.24 -26.20 32.31
N VAL C 422 17.35 -26.73 31.09
CA VAL C 422 16.23 -26.95 30.19
C VAL C 422 16.37 -28.34 29.59
N ASP C 423 15.25 -29.07 29.53
CA ASP C 423 15.23 -30.45 28.97
C ASP C 423 14.21 -30.50 27.82
N PHE C 424 14.66 -30.88 26.63
CA PHE C 424 13.77 -30.96 25.44
C PHE C 424 13.58 -32.41 25.02
N THR C 425 12.31 -32.82 24.84
CA THR C 425 11.99 -34.21 24.43
C THR C 425 11.03 -34.17 23.23
N VAL C 426 11.03 -35.22 22.41
CA VAL C 426 10.14 -35.27 21.21
C VAL C 426 8.68 -35.27 21.68
N TYR C 427 7.82 -34.50 21.02
CA TYR C 427 6.38 -34.43 21.38
C TYR C 427 5.55 -34.97 20.20
N VAL C 428 4.67 -35.94 20.48
CA VAL C 428 3.75 -36.63 19.53
C VAL C 428 4.50 -37.62 18.63
N ASP C 429 5.46 -37.15 17.82
CA ASP C 429 6.24 -38.03 16.91
C ASP C 429 7.03 -39.04 17.75
N GLY C 430 7.63 -38.58 18.86
CA GLY C 430 8.41 -39.48 19.73
C GLY C 430 7.69 -39.74 21.05
N HIS C 431 7.42 -41.01 21.34
CA HIS C 431 6.72 -41.41 22.59
C HIS C 431 7.54 -41.08 23.84
N ASP C 432 8.86 -41.32 23.78
CA ASP C 432 9.73 -41.09 24.96
C ASP C 432 11.19 -40.88 24.53
N GLN C 433 12.05 -40.54 25.50
CA GLN C 433 13.52 -40.31 25.32
C GLN C 433 13.79 -39.14 24.36
N PHE C 434 14.64 -39.40 23.35
CA PHE C 434 15.10 -38.43 22.33
C PHE C 434 16.12 -37.46 22.96
N GLN C 435 16.37 -36.31 22.34
CA GLN C 435 17.36 -35.34 22.89
C GLN C 435 16.86 -33.90 22.74
N GLY C 436 17.37 -33.00 23.59
CA GLY C 436 17.01 -31.57 23.56
C GLY C 436 17.78 -30.88 24.69
N LYS C 437 18.51 -29.80 24.40
CA LYS C 437 19.30 -29.16 25.48
C LYS C 437 19.57 -27.67 25.21
N ALA C 438 19.93 -26.95 26.27
CA ALA C 438 20.30 -25.51 26.28
C ALA C 438 20.88 -25.20 27.67
N VAL C 439 22.02 -24.49 27.73
CA VAL C 439 22.65 -24.19 29.05
C VAL C 439 22.80 -22.66 29.24
N ILE C 440 23.20 -22.24 30.44
CA ILE C 440 23.23 -20.82 30.82
C ILE C 440 23.91 -19.93 29.79
N GLY C 441 23.15 -19.02 29.20
CA GLY C 441 23.66 -18.21 28.11
C GLY C 441 23.30 -18.73 26.73
N GLU C 442 23.04 -20.02 26.58
CA GLU C 442 22.76 -20.58 25.27
C GLU C 442 21.30 -20.36 24.90
N THR C 443 21.07 -19.56 23.87
CA THR C 443 19.73 -19.20 23.45
C THR C 443 19.05 -20.34 22.73
N PHE C 444 17.74 -20.22 22.58
CA PHE C 444 17.00 -21.02 21.62
C PHE C 444 15.80 -20.19 21.14
N GLY C 445 14.99 -20.81 20.30
CA GLY C 445 14.00 -20.08 19.54
C GLY C 445 14.56 -19.42 18.29
N GLU C 446 15.73 -19.85 17.84
CA GLU C 446 16.38 -19.22 16.69
C GLU C 446 15.87 -19.78 15.37
N VAL C 447 14.91 -20.70 15.42
CA VAL C 447 14.22 -21.10 14.20
C VAL C 447 13.39 -19.95 13.68
N GLY C 448 12.44 -19.47 14.48
CA GLY C 448 11.57 -18.39 14.07
C GLY C 448 12.18 -17.00 14.10
N VAL C 449 13.37 -16.85 13.53
CA VAL C 449 13.95 -15.52 13.34
C VAL C 449 13.36 -14.91 12.09
N LEU C 450 13.58 -15.57 10.95
CA LEU C 450 12.97 -15.21 9.69
C LEU C 450 12.36 -16.42 8.98
N TYR C 451 12.59 -17.63 9.50
CA TYR C 451 12.09 -18.85 8.86
C TYR C 451 10.59 -19.00 9.04
N TYR C 452 10.02 -18.41 10.11
CA TYR C 452 8.58 -18.26 10.33
C TYR C 452 7.90 -19.63 10.46
N ARG C 453 8.65 -20.58 11.00
CA ARG C 453 8.31 -21.99 11.01
C ARG C 453 8.16 -22.47 12.45
N PRO C 454 7.36 -23.51 12.70
CA PRO C 454 7.16 -23.95 14.08
C PRO C 454 8.39 -24.62 14.68
N GLN C 455 8.42 -24.62 16.01
CA GLN C 455 9.54 -25.11 16.79
C GLN C 455 9.63 -26.63 16.69
N PRO C 456 10.84 -27.18 16.66
CA PRO C 456 10.98 -28.63 16.46
C PRO C 456 10.61 -29.45 17.67
N PHE C 457 11.05 -29.03 18.85
CA PHE C 457 11.08 -29.90 20.02
C PHE C 457 10.02 -29.48 21.02
N THR C 458 9.98 -30.19 22.13
CA THR C 458 9.29 -29.74 23.32
C THR C 458 10.32 -29.15 24.28
N VAL C 459 9.86 -28.22 25.12
CA VAL C 459 10.75 -27.51 26.05
C VAL C 459 10.13 -27.58 27.44
N ARG C 460 10.65 -28.48 28.27
CA ARG C 460 10.21 -28.62 29.66
C ARG C 460 11.38 -28.33 30.59
N THR C 461 11.11 -27.54 31.62
CA THR C 461 12.12 -27.10 32.56
C THR C 461 12.46 -28.26 33.49
N THR C 462 13.64 -28.23 34.10
CA THR C 462 13.95 -29.23 35.12
C THR C 462 14.10 -28.59 36.49
N GLU C 463 15.02 -27.65 36.63
CA GLU C 463 15.10 -26.76 37.77
C GLU C 463 14.80 -25.35 37.27
N LEU C 464 14.26 -24.51 38.16
CA LEU C 464 13.70 -23.21 37.80
C LEU C 464 14.73 -22.31 37.13
N SER C 465 14.24 -21.37 36.33
CA SER C 465 15.10 -20.59 35.47
C SER C 465 14.63 -19.17 35.36
N GLN C 466 15.48 -18.33 34.78
CA GLN C 466 15.16 -16.95 34.45
C GLN C 466 15.40 -16.78 32.96
N ILE C 467 14.35 -16.46 32.21
CA ILE C 467 14.37 -16.52 30.76
C ILE C 467 13.97 -15.15 30.22
N LEU C 468 14.88 -14.52 29.49
CA LEU C 468 14.59 -13.28 28.80
C LEU C 468 13.65 -13.56 27.64
N ARG C 469 12.98 -12.52 27.14
CA ARG C 469 12.07 -12.69 26.02
C ARG C 469 12.09 -11.47 25.11
N ILE C 470 12.83 -11.57 24.01
CA ILE C 470 12.77 -10.62 22.91
C ILE C 470 11.85 -11.25 21.87
N SER C 471 10.62 -10.77 21.79
CA SER C 471 9.60 -11.48 21.03
C SER C 471 9.74 -11.20 19.53
N ARG C 472 8.81 -11.79 18.78
CA ARG C 472 8.87 -11.78 17.33
C ARG C 472 8.66 -10.37 16.77
N THR C 473 7.66 -9.67 17.28
CA THR C 473 7.39 -8.31 16.81
C THR C 473 8.48 -7.34 17.25
N SER C 474 9.11 -7.62 18.39
CA SER C 474 10.24 -6.79 18.83
C SER C 474 11.44 -6.99 17.93
N LEU C 475 11.69 -8.24 17.50
CA LEU C 475 12.74 -8.49 16.51
C LEU C 475 12.45 -7.80 15.19
N MET C 476 11.20 -7.90 14.71
CA MET C 476 10.88 -7.29 13.43
C MET C 476 10.84 -5.77 13.52
N SER C 477 10.64 -5.23 14.72
CA SER C 477 10.82 -3.80 14.93
C SER C 477 12.30 -3.44 14.93
N ALA C 478 13.16 -4.34 15.40
CA ALA C 478 14.59 -4.11 15.35
C ALA C 478 15.17 -4.28 13.95
N MET C 479 14.36 -4.72 12.97
CA MET C 479 14.87 -5.00 11.64
C MET C 479 15.26 -3.73 10.87
N HIS C 480 14.55 -2.62 11.10
CA HIS C 480 14.82 -1.40 10.33
C HIS C 480 16.15 -0.77 10.73
N ALA C 481 16.65 -1.07 11.92
CA ALA C 481 18.00 -0.68 12.29
C ALA C 481 18.99 -1.59 11.56
N HIS C 482 19.26 -1.27 10.30
CA HIS C 482 20.06 -2.10 9.42
C HIS C 482 21.52 -1.65 9.44
N ALA C 483 22.28 -2.24 8.49
CA ALA C 483 23.74 -2.19 8.33
C ALA C 483 24.48 -2.90 9.46
N ASP C 484 23.74 -3.58 10.34
CA ASP C 484 24.34 -4.48 11.31
C ASP C 484 23.49 -5.73 11.47
N ASP C 485 22.40 -5.84 10.71
CA ASP C 485 21.66 -7.09 10.63
C ASP C 485 22.35 -8.06 9.70
N GLY C 486 23.26 -7.57 8.86
CA GLY C 486 24.06 -8.45 8.03
C GLY C 486 24.94 -9.37 8.84
N ARG C 487 25.51 -8.85 9.93
CA ARG C 487 26.33 -9.69 10.82
C ARG C 487 25.48 -10.75 11.50
N VAL C 488 24.25 -10.40 11.87
CA VAL C 488 23.33 -11.35 12.48
C VAL C 488 22.96 -12.46 11.50
N ILE C 489 22.74 -12.08 10.25
CA ILE C 489 22.30 -13.08 9.27
C ILE C 489 23.48 -13.96 8.83
N MET C 490 24.69 -13.40 8.78
CA MET C 490 25.88 -14.23 8.56
C MET C 490 26.09 -15.20 9.71
N ASN C 491 25.84 -14.75 10.95
CA ASN C 491 25.96 -15.65 12.09
C ASN C 491 24.89 -16.72 12.05
N ASN C 492 23.73 -16.41 11.50
CA ASN C 492 22.69 -17.42 11.30
C ASN C 492 23.12 -18.46 10.27
N LEU C 493 23.64 -18.01 9.13
CA LEU C 493 23.99 -18.95 8.06
C LEU C 493 25.18 -19.81 8.44
N PHE C 494 26.25 -19.21 8.98
CA PHE C 494 27.38 -20.01 9.44
C PHE C 494 27.04 -20.79 10.70
N MET C 495 26.00 -20.38 11.41
CA MET C 495 25.59 -21.09 12.61
C MET C 495 24.89 -22.40 12.28
N LYS C 496 23.96 -22.38 11.34
CA LYS C 496 23.16 -23.56 11.07
C LYS C 496 23.85 -24.52 10.12
N LEU C 497 24.76 -24.02 9.29
CA LEU C 497 25.43 -24.87 8.32
C LEU C 497 26.46 -25.78 8.98
N ARG C 498 26.98 -25.38 10.13
CA ARG C 498 27.96 -26.18 10.84
C ARG C 498 27.28 -27.27 11.66
N HIS D 50 -45.98 34.94 38.68
CA HIS D 50 -47.06 34.58 39.60
C HIS D 50 -46.68 33.33 40.39
N ILE D 51 -45.51 32.77 40.09
CA ILE D 51 -45.02 31.55 40.73
C ILE D 51 -43.62 31.83 41.24
N ILE D 52 -43.38 31.52 42.50
CA ILE D 52 -42.11 31.85 43.15
C ILE D 52 -41.06 30.81 42.75
N SER D 53 -39.95 31.30 42.22
CA SER D 53 -38.87 30.43 41.82
C SER D 53 -38.12 29.91 43.03
N PRO D 54 -37.61 28.67 42.97
CA PRO D 54 -36.91 28.10 44.12
C PRO D 54 -35.46 28.54 44.26
N PHE D 55 -35.07 29.63 43.61
CA PHE D 55 -33.72 30.14 43.77
C PHE D 55 -33.70 31.64 44.05
N ASN D 56 -34.83 32.19 44.49
CA ASN D 56 -34.89 33.57 44.92
C ASN D 56 -34.09 33.77 46.20
N PRO D 57 -33.64 35.00 46.49
CA PRO D 57 -33.08 35.26 47.81
C PRO D 57 -34.13 35.31 48.91
N ARG D 58 -35.40 35.53 48.57
CA ARG D 58 -36.44 35.56 49.57
C ARG D 58 -36.71 34.18 50.15
N TYR D 59 -36.90 33.19 49.27
CA TYR D 59 -37.35 31.88 49.69
C TYR D 59 -36.26 31.12 50.44
N ARG D 60 -34.99 31.36 50.10
CA ARG D 60 -33.91 30.70 50.82
C ARG D 60 -33.77 31.23 52.24
N ALA D 61 -33.94 32.54 52.43
CA ALA D 61 -33.93 33.08 53.79
C ALA D 61 -35.15 32.65 54.58
N TRP D 62 -36.28 32.46 53.90
CA TRP D 62 -37.46 31.89 54.54
C TRP D 62 -37.18 30.47 55.03
N GLU D 63 -36.49 29.67 54.22
CA GLU D 63 -36.14 28.31 54.63
C GLU D 63 -35.18 28.31 55.82
N MET D 64 -34.20 29.21 55.83
CA MET D 64 -33.26 29.16 56.94
C MET D 64 -33.86 29.69 58.24
N TRP D 65 -34.81 30.63 58.15
CA TRP D 65 -35.58 31.01 59.32
C TRP D 65 -36.41 29.84 59.84
N LEU D 66 -37.00 29.06 58.93
CA LEU D 66 -37.69 27.85 59.35
C LEU D 66 -36.75 26.82 59.97
N VAL D 67 -35.50 26.76 59.53
CA VAL D 67 -34.58 25.80 60.11
C VAL D 67 -34.24 26.16 61.54
N LEU D 68 -34.03 27.45 61.82
CA LEU D 68 -33.84 27.87 63.21
C LEU D 68 -35.08 27.61 64.05
N LEU D 69 -36.27 27.76 63.45
CA LEU D 69 -37.48 27.50 64.20
C LEU D 69 -37.67 26.00 64.49
N VAL D 70 -37.24 25.15 63.56
CA VAL D 70 -37.32 23.70 63.75
C VAL D 70 -36.37 23.26 64.86
N ILE D 71 -35.16 23.81 64.88
CA ILE D 71 -34.20 23.48 65.94
C ILE D 71 -34.74 23.91 67.30
N TYR D 72 -35.42 25.06 67.36
CA TYR D 72 -36.08 25.47 68.60
C TYR D 72 -37.14 24.49 69.05
N SER D 73 -38.01 24.07 68.12
CA SER D 73 -39.10 23.17 68.50
C SER D 73 -38.58 21.81 68.94
N ALA D 74 -37.57 21.30 68.24
CA ALA D 74 -37.02 19.99 68.59
C ALA D 74 -36.24 20.03 69.89
N TRP D 75 -35.68 21.18 70.26
CA TRP D 75 -35.06 21.21 71.58
C TRP D 75 -36.09 21.33 72.68
N ILE D 76 -37.18 22.06 72.46
CA ILE D 76 -38.14 22.27 73.55
C ILE D 76 -38.94 21.00 73.83
N CYS D 77 -39.37 20.28 72.79
CA CYS D 77 -40.44 19.27 72.93
C CYS D 77 -40.23 18.17 73.97
N PRO D 78 -39.05 17.55 74.14
CA PRO D 78 -38.93 16.62 75.28
C PRO D 78 -38.86 17.34 76.61
N PHE D 79 -38.19 18.48 76.63
CA PHE D 79 -38.03 19.27 77.85
C PHE D 79 -39.36 19.82 78.33
N GLN D 80 -40.28 20.06 77.41
CA GLN D 80 -41.65 20.41 77.77
C GLN D 80 -42.43 19.16 78.15
N PHE D 81 -42.11 18.04 77.52
CA PHE D 81 -42.86 16.80 77.74
C PHE D 81 -42.63 16.24 79.14
N ALA D 82 -41.48 16.51 79.74
CA ALA D 82 -41.15 15.89 81.02
C ALA D 82 -41.14 16.84 82.20
N PHE D 83 -40.36 17.91 82.13
CA PHE D 83 -40.08 18.69 83.33
C PHE D 83 -41.22 19.63 83.70
N ILE D 84 -41.53 20.57 82.82
CA ILE D 84 -42.38 21.69 83.16
C ILE D 84 -43.84 21.28 83.02
N THR D 85 -44.72 22.08 83.64
CA THR D 85 -46.16 21.91 83.51
C THR D 85 -46.64 22.53 82.21
N TYR D 86 -47.96 22.71 82.09
CA TYR D 86 -48.54 23.24 80.86
C TYR D 86 -49.53 24.37 81.09
N LYS D 87 -50.09 24.52 82.28
CA LYS D 87 -51.18 25.46 82.51
C LYS D 87 -50.74 26.91 82.37
N LYS D 88 -49.50 27.23 82.75
CA LYS D 88 -48.98 28.56 82.50
C LYS D 88 -48.78 28.76 81.00
N ASP D 89 -48.72 30.03 80.58
CA ASP D 89 -48.93 30.36 79.18
C ASP D 89 -47.78 31.08 78.50
N ALA D 90 -46.70 31.41 79.21
CA ALA D 90 -45.64 32.24 78.66
C ALA D 90 -44.85 31.54 77.55
N ILE D 91 -44.85 30.21 77.54
CA ILE D 91 -44.26 29.44 76.45
C ILE D 91 -45.35 28.97 75.49
N PHE D 92 -46.59 28.82 75.98
CA PHE D 92 -47.74 28.48 75.16
C PHE D 92 -47.96 29.50 74.05
N ILE D 93 -47.69 30.78 74.35
CA ILE D 93 -47.73 31.83 73.32
C ILE D 93 -46.72 31.54 72.21
N ILE D 94 -45.49 31.21 72.58
CA ILE D 94 -44.43 31.01 71.60
C ILE D 94 -44.69 29.78 70.76
N ASP D 95 -45.25 28.74 71.38
CA ASP D 95 -45.59 27.52 70.64
C ASP D 95 -46.71 27.77 69.63
N ASN D 96 -47.70 28.58 70.02
CA ASN D 96 -48.76 28.89 69.07
C ASN D 96 -48.27 29.76 67.92
N ILE D 97 -47.33 30.65 68.20
CA ILE D 97 -46.72 31.46 67.14
C ILE D 97 -45.94 30.58 66.16
N VAL D 98 -45.20 29.60 66.68
CA VAL D 98 -44.44 28.67 65.84
C VAL D 98 -45.38 27.85 64.97
N ASN D 99 -46.50 27.40 65.54
CA ASN D 99 -47.50 26.69 64.75
C ASN D 99 -48.12 27.59 63.69
N GLY D 100 -48.21 28.90 63.97
CA GLY D 100 -48.66 29.83 62.96
C GLY D 100 -47.71 29.94 61.78
N PHE D 101 -46.40 29.98 62.07
CA PHE D 101 -45.41 30.03 60.99
C PHE D 101 -45.48 28.80 60.11
N PHE D 102 -45.63 27.62 60.71
CA PHE D 102 -45.70 26.43 59.86
C PHE D 102 -47.03 26.35 59.12
N ALA D 103 -48.11 26.88 59.69
CA ALA D 103 -49.37 26.92 58.95
C ALA D 103 -49.29 27.88 57.77
N ILE D 104 -48.48 28.93 57.87
CA ILE D 104 -48.22 29.78 56.71
C ILE D 104 -47.42 29.03 55.66
N ASP D 105 -46.42 28.26 56.08
CA ASP D 105 -45.60 27.52 55.13
C ASP D 105 -46.37 26.45 54.38
N ILE D 106 -47.38 25.85 55.04
CA ILE D 106 -48.22 24.85 54.38
C ILE D 106 -48.91 25.43 53.15
N ILE D 107 -49.45 26.66 53.28
CA ILE D 107 -50.05 27.33 52.14
C ILE D 107 -48.99 27.71 51.12
N LEU D 108 -47.89 28.29 51.58
CA LEU D 108 -46.92 28.88 50.65
C LEU D 108 -46.14 27.84 49.84
N THR D 109 -46.11 26.58 50.27
CA THR D 109 -45.42 25.60 49.44
C THR D 109 -46.18 25.18 48.19
N PHE D 110 -47.38 25.73 47.94
CA PHE D 110 -48.05 25.49 46.67
C PHE D 110 -47.64 26.46 45.59
N PHE D 111 -47.00 27.57 45.94
CA PHE D 111 -46.63 28.59 44.96
C PHE D 111 -45.21 28.43 44.46
N VAL D 112 -44.54 27.34 44.80
CA VAL D 112 -43.10 27.22 44.59
C VAL D 112 -42.84 26.17 43.54
N ALA D 113 -41.95 26.48 42.60
CA ALA D 113 -41.54 25.53 41.57
C ALA D 113 -40.47 24.60 42.11
N TYR D 114 -40.29 23.47 41.45
CA TYR D 114 -39.29 22.50 41.81
C TYR D 114 -38.42 22.18 40.60
N LEU D 115 -37.55 21.18 40.75
CA LEU D 115 -36.71 20.70 39.67
C LEU D 115 -37.05 19.24 39.40
N ASP D 116 -37.50 18.94 38.19
CA ASP D 116 -37.86 17.57 37.88
C ASP D 116 -36.62 16.73 37.64
N SER D 117 -36.83 15.42 37.55
CA SER D 117 -35.72 14.50 37.43
C SER D 117 -35.35 14.24 35.97
N HIS D 118 -36.34 14.03 35.11
CA HIS D 118 -36.05 13.60 33.75
C HIS D 118 -35.78 14.78 32.84
N SER D 119 -36.63 15.80 32.89
CA SER D 119 -36.38 17.06 32.20
C SER D 119 -35.99 18.07 33.27
N TYR D 120 -35.04 18.94 32.95
CA TYR D 120 -34.39 19.67 33.99
C TYR D 120 -34.81 21.14 34.02
N LEU D 121 -34.27 21.85 35.01
CA LEU D 121 -34.15 23.30 35.13
C LEU D 121 -35.44 24.02 35.51
N LEU D 122 -36.61 23.35 35.41
CA LEU D 122 -37.89 23.93 35.80
C LEU D 122 -39.05 22.95 35.70
N VAL D 123 -40.07 23.19 36.53
CA VAL D 123 -41.45 22.80 36.28
C VAL D 123 -42.30 23.97 36.72
N ASP D 124 -43.18 24.43 35.83
CA ASP D 124 -44.07 25.53 36.10
C ASP D 124 -45.49 25.03 35.88
N SER D 125 -46.43 25.99 35.79
CA SER D 125 -47.85 25.74 35.48
C SER D 125 -48.50 24.86 36.53
N PRO D 126 -49.01 25.47 37.63
CA PRO D 126 -49.13 24.79 38.94
C PRO D 126 -49.84 23.44 39.02
N LYS D 127 -50.39 22.92 37.92
CA LYS D 127 -50.70 21.50 37.90
C LYS D 127 -49.41 20.70 38.01
N LYS D 128 -49.52 19.53 38.66
CA LYS D 128 -48.49 18.56 39.04
C LYS D 128 -47.60 19.05 40.19
N ILE D 129 -47.68 20.34 40.54
CA ILE D 129 -47.06 20.79 41.77
C ILE D 129 -47.87 20.31 42.96
N ALA D 130 -49.18 20.46 42.89
CA ALA D 130 -50.05 19.92 43.92
C ALA D 130 -50.05 18.39 43.89
N ILE D 131 -49.80 17.79 42.72
CA ILE D 131 -49.71 16.34 42.67
C ILE D 131 -48.45 15.86 43.37
N ARG D 132 -47.35 16.61 43.22
CA ARG D 132 -46.13 16.29 43.96
C ARG D 132 -46.32 16.50 45.45
N TYR D 133 -46.83 17.66 45.85
CA TYR D 133 -46.84 18.01 47.26
C TYR D 133 -47.92 17.25 48.03
N LEU D 134 -49.08 17.02 47.42
CA LEU D 134 -50.16 16.33 48.11
C LEU D 134 -49.92 14.84 48.24
N SER D 135 -49.04 14.27 47.42
CA SER D 135 -48.77 12.85 47.53
C SER D 135 -47.62 12.56 48.49
N THR D 136 -46.57 13.38 48.45
CA THR D 136 -45.38 13.07 49.21
C THR D 136 -45.45 13.54 50.66
N TRP D 137 -45.52 14.85 50.89
CA TRP D 137 -45.24 15.39 52.21
C TRP D 137 -46.42 16.07 52.89
N PHE D 138 -47.62 16.02 52.31
CA PHE D 138 -48.70 16.86 52.82
C PHE D 138 -49.32 16.31 54.10
N ALA D 139 -49.47 14.98 54.17
CA ALA D 139 -50.28 14.39 55.23
C ALA D 139 -49.63 14.53 56.60
N PHE D 140 -48.35 14.17 56.71
CA PHE D 140 -47.68 14.28 57.99
C PHE D 140 -47.41 15.73 58.36
N ASP D 141 -47.25 16.62 57.38
CA ASP D 141 -47.10 18.03 57.70
C ASP D 141 -48.40 18.62 58.25
N VAL D 142 -49.55 18.22 57.70
CA VAL D 142 -50.79 18.79 58.23
C VAL D 142 -51.20 18.07 59.50
N CYS D 143 -50.64 16.88 59.77
CA CYS D 143 -50.82 16.29 61.09
C CYS D 143 -49.94 16.96 62.13
N SER D 144 -48.72 17.34 61.75
CA SER D 144 -47.80 17.93 62.72
C SER D 144 -48.16 19.38 63.03
N THR D 145 -48.56 20.14 62.01
CA THR D 145 -48.85 21.55 62.18
C THR D 145 -50.12 21.78 62.98
N ALA D 146 -51.05 20.85 62.93
CA ALA D 146 -52.37 21.04 63.55
C ALA D 146 -52.25 21.04 65.06
N PRO D 147 -52.76 22.04 65.76
CA PRO D 147 -52.66 22.07 67.21
C PRO D 147 -53.68 21.14 67.84
N PHE D 148 -53.27 20.44 68.89
CA PHE D 148 -54.17 19.57 69.63
C PHE D 148 -54.20 19.89 71.11
N GLN D 149 -53.05 20.20 71.70
CA GLN D 149 -53.05 20.68 73.09
C GLN D 149 -53.77 22.01 73.32
N PRO D 150 -53.64 23.01 72.43
CA PRO D 150 -54.32 24.31 72.59
C PRO D 150 -55.85 24.10 72.54
N LEU D 151 -56.42 23.02 71.69
CA LEU D 151 -57.82 22.64 71.59
C LEU D 151 -58.27 21.86 72.80
N SER D 152 -57.38 21.03 73.35
CA SER D 152 -57.70 20.34 74.59
C SER D 152 -57.78 21.31 75.76
N LEU D 153 -56.98 22.37 75.74
CA LEU D 153 -56.98 23.33 76.84
C LEU D 153 -58.22 24.20 76.79
N LEU D 154 -58.65 24.57 75.60
CA LEU D 154 -59.75 25.51 75.46
C LEU D 154 -61.10 24.84 75.30
N PHE D 155 -61.11 23.54 74.99
CA PHE D 155 -62.38 22.85 74.73
C PHE D 155 -63.05 22.41 76.03
N ASN D 156 -62.41 21.50 76.75
CA ASN D 156 -62.99 21.04 78.01
C ASN D 156 -61.99 20.96 79.14
N TYR D 157 -60.75 20.56 78.86
CA TYR D 157 -59.80 20.20 79.91
C TYR D 157 -59.03 21.41 80.44
N GLU D 161 -54.45 14.11 80.26
CA GLU D 161 -53.60 15.05 79.53
C GLU D 161 -52.41 14.32 78.92
N LEU D 162 -52.19 13.07 79.33
CA LEU D 162 -51.02 12.34 78.84
C LEU D 162 -51.21 11.89 77.40
N GLY D 163 -52.42 11.50 77.02
CA GLY D 163 -52.69 11.16 75.64
C GLY D 163 -52.66 12.35 74.71
N PHE D 164 -52.72 13.56 75.24
CA PHE D 164 -52.63 14.77 74.44
C PHE D 164 -51.20 15.25 74.30
N ARG D 165 -50.31 14.81 75.17
CA ARG D 165 -48.89 15.11 75.01
C ARG D 165 -48.27 14.26 73.90
N ILE D 166 -48.73 13.01 73.76
CA ILE D 166 -48.25 12.16 72.69
C ILE D 166 -48.66 12.73 71.34
N LEU D 167 -49.80 13.40 71.27
CA LEU D 167 -50.16 14.12 70.05
C LEU D 167 -49.28 15.34 69.84
N SER D 168 -48.66 15.86 70.90
CA SER D 168 -47.69 16.92 70.72
C SER D 168 -46.32 16.40 70.38
N MET D 169 -46.05 15.11 70.60
CA MET D 169 -44.78 14.55 70.16
C MET D 169 -44.71 14.38 68.65
N LEU D 170 -45.79 14.60 67.92
CA LEU D 170 -45.76 14.58 66.46
C LEU D 170 -45.16 15.84 65.87
N ARG D 171 -44.75 16.81 66.69
CA ARG D 171 -44.01 17.96 66.22
C ARG D 171 -42.64 17.61 65.65
N LEU D 172 -42.15 16.41 65.92
CA LEU D 172 -40.87 15.96 65.41
C LEU D 172 -40.90 15.59 63.93
N TRP D 173 -42.05 15.61 63.27
CA TRP D 173 -42.04 15.46 61.83
C TRP D 173 -41.47 16.70 61.16
N ARG D 174 -41.50 17.85 61.83
CA ARG D 174 -40.92 19.08 61.32
C ARG D 174 -39.41 19.00 61.14
N LEU D 175 -38.77 17.93 61.60
CA LEU D 175 -37.34 17.76 61.59
C LEU D 175 -36.84 17.16 60.28
N ARG D 176 -37.68 17.09 59.25
CA ARG D 176 -37.19 16.67 57.94
C ARG D 176 -36.39 17.77 57.27
N ARG D 177 -36.60 19.02 57.68
CA ARG D 177 -35.94 20.12 57.00
C ARG D 177 -34.46 20.17 57.35
N VAL D 178 -34.10 19.69 58.54
CA VAL D 178 -32.70 19.60 58.90
C VAL D 178 -32.02 18.50 58.09
N SER D 179 -32.74 17.42 57.81
CA SER D 179 -32.20 16.39 56.91
C SER D 179 -32.08 16.89 55.48
N SER D 180 -33.00 17.75 55.04
CA SER D 180 -32.88 18.32 53.71
C SER D 180 -31.70 19.27 53.61
N LEU D 181 -31.43 20.04 54.68
CA LEU D 181 -30.21 20.86 54.67
C LEU D 181 -28.95 20.02 54.67
N PHE D 182 -28.90 18.97 55.48
CA PHE D 182 -27.68 18.19 55.45
C PHE D 182 -27.59 17.27 54.25
N ALA D 183 -28.64 17.19 53.43
CA ALA D 183 -28.48 16.61 52.11
C ALA D 183 -28.00 17.63 51.11
N ARG D 184 -28.42 18.90 51.25
CA ARG D 184 -27.97 19.92 50.32
C ARG D 184 -26.51 20.29 50.52
N LEU D 185 -26.06 20.36 51.77
CA LEU D 185 -24.74 20.91 52.01
C LEU D 185 -23.61 19.94 51.70
N GLU D 186 -23.88 18.65 51.65
CA GLU D 186 -22.86 17.72 51.18
C GLU D 186 -22.64 17.90 49.70
N LYS D 187 -23.72 18.06 48.95
CA LYS D 187 -23.70 18.10 47.50
C LYS D 187 -23.34 19.49 46.98
N ASP D 188 -23.49 20.52 47.81
CA ASP D 188 -23.03 21.84 47.43
C ASP D 188 -21.52 21.89 47.46
N ILE D 189 -20.93 22.69 46.57
CA ILE D 189 -19.48 22.71 46.42
C ILE D 189 -18.83 23.47 47.56
N ARG D 190 -19.36 24.64 47.90
CA ARG D 190 -18.58 25.57 48.69
C ARG D 190 -18.69 25.30 50.20
N PHE D 191 -18.38 24.08 50.59
CA PHE D 191 -18.35 23.66 51.99
C PHE D 191 -17.43 22.46 52.16
N ASN D 192 -16.87 22.29 53.36
CA ASN D 192 -15.97 21.18 53.64
C ASN D 192 -16.82 19.95 53.93
N TYR D 193 -16.61 18.89 53.16
CA TYR D 193 -17.47 17.72 53.26
C TYR D 193 -17.23 16.96 54.55
N PHE D 194 -16.00 16.95 55.04
CA PHE D 194 -15.69 16.25 56.29
C PHE D 194 -15.98 17.08 57.53
N TRP D 195 -16.69 18.19 57.38
CA TRP D 195 -17.13 19.01 58.49
C TRP D 195 -18.63 18.88 58.67
N ILE D 196 -19.35 18.88 57.56
CA ILE D 196 -20.80 18.77 57.55
C ILE D 196 -21.24 17.42 58.12
N ARG D 197 -20.55 16.36 57.75
CA ARG D 197 -21.03 15.03 58.12
C ARG D 197 -20.79 14.74 59.60
N CYS D 198 -19.64 15.19 60.13
CA CYS D 198 -19.42 15.08 61.56
C CYS D 198 -20.34 15.99 62.35
N THR D 199 -20.72 17.14 61.79
CA THR D 199 -21.73 17.97 62.45
C THR D 199 -23.07 17.26 62.52
N LYS D 200 -23.42 16.52 61.47
CA LYS D 200 -24.67 15.76 61.45
C LYS D 200 -24.67 14.68 62.52
N LEU D 201 -23.54 13.99 62.69
CA LEU D 201 -23.48 12.93 63.69
C LEU D 201 -23.50 13.47 65.11
N ILE D 202 -22.84 14.61 65.35
CA ILE D 202 -22.90 15.23 66.66
C ILE D 202 -24.31 15.70 66.98
N SER D 203 -25.04 16.17 65.97
CA SER D 203 -26.43 16.56 66.18
C SER D 203 -27.30 15.38 66.59
N VAL D 204 -27.15 14.24 65.91
CA VAL D 204 -27.97 13.08 66.25
C VAL D 204 -27.61 12.52 67.62
N THR D 205 -26.33 12.53 67.96
CA THR D 205 -25.90 12.01 69.27
C THR D 205 -26.38 12.89 70.41
N LEU D 206 -26.29 14.22 70.25
CA LEU D 206 -26.76 15.12 71.29
C LEU D 206 -28.27 15.05 71.46
N PHE D 207 -29.01 14.89 70.35
CA PHE D 207 -30.44 14.78 70.51
C PHE D 207 -30.84 13.45 71.15
N ALA D 208 -30.08 12.38 70.91
CA ALA D 208 -30.39 11.12 71.56
C ALA D 208 -30.16 11.20 73.06
N ILE D 209 -29.05 11.83 73.48
CA ILE D 209 -28.79 12.09 74.89
C ILE D 209 -29.95 12.87 75.53
N HIS D 210 -30.37 13.94 74.86
CA HIS D 210 -31.38 14.83 75.43
C HIS D 210 -32.72 14.13 75.60
N CYS D 211 -33.20 13.48 74.54
CA CYS D 211 -34.52 12.87 74.59
C CYS D 211 -34.56 11.67 75.53
N ALA D 212 -33.46 10.91 75.59
CA ALA D 212 -33.46 9.76 76.49
C ALA D 212 -33.40 10.20 77.94
N GLY D 213 -32.63 11.25 78.25
CA GLY D 213 -32.58 11.74 79.60
C GLY D 213 -33.91 12.28 80.09
N CYS D 214 -34.60 13.02 79.23
CA CYS D 214 -35.89 13.56 79.66
C CYS D 214 -36.95 12.48 79.79
N PHE D 215 -36.92 11.46 78.93
CA PHE D 215 -37.91 10.40 79.06
C PHE D 215 -37.67 9.56 80.32
N ASN D 216 -36.41 9.36 80.69
CA ASN D 216 -36.18 8.62 81.93
C ASN D 216 -36.56 9.45 83.15
N TYR D 217 -36.38 10.76 83.11
CA TYR D 217 -36.85 11.56 84.24
C TYR D 217 -38.37 11.56 84.34
N LEU D 218 -39.07 11.46 83.20
CA LEU D 218 -40.52 11.31 83.23
C LEU D 218 -40.93 10.01 83.92
N ILE D 219 -40.33 8.90 83.50
CA ILE D 219 -40.69 7.61 84.09
C ILE D 219 -40.20 7.48 85.53
N ALA D 220 -39.31 8.37 85.98
CA ALA D 220 -39.00 8.45 87.40
C ALA D 220 -39.98 9.32 88.18
N ASP D 221 -40.56 10.35 87.56
CA ASP D 221 -41.59 11.13 88.25
C ASP D 221 -42.87 10.33 88.45
N ARG D 222 -43.35 9.68 87.39
CA ARG D 222 -44.71 9.16 87.41
C ARG D 222 -44.90 7.93 88.29
N TYR D 223 -43.90 7.47 88.95
CA TYR D 223 -43.98 6.21 89.67
C TYR D 223 -44.14 6.45 91.17
N PRO D 224 -45.09 5.79 91.83
CA PRO D 224 -45.19 5.89 93.29
C PRO D 224 -44.03 5.16 93.95
N ASN D 225 -43.83 5.42 95.26
CA ASN D 225 -42.60 5.14 96.00
C ASN D 225 -41.43 5.82 95.31
N PRO D 226 -41.15 7.09 95.62
CA PRO D 226 -39.94 7.74 95.10
C PRO D 226 -38.64 6.98 95.34
N ARG D 227 -38.50 6.27 96.46
CA ARG D 227 -37.39 5.35 96.58
C ARG D 227 -37.62 4.14 95.68
N LYS D 228 -36.53 3.45 95.38
CA LYS D 228 -36.46 2.47 94.29
C LYS D 228 -36.89 3.09 92.96
N THR D 229 -36.28 4.23 92.65
CA THR D 229 -36.10 4.74 91.30
C THR D 229 -34.62 5.04 91.12
N TRP D 230 -34.20 5.49 89.94
CA TRP D 230 -32.76 5.69 89.75
C TRP D 230 -32.29 6.94 90.46
N ILE D 231 -33.10 7.99 90.47
CA ILE D 231 -32.69 9.22 91.14
C ILE D 231 -33.22 9.26 92.57
N GLY D 232 -34.18 8.42 92.91
CA GLY D 232 -34.74 8.48 94.24
C GLY D 232 -33.88 7.79 95.27
N ALA D 233 -33.26 6.67 94.89
CA ALA D 233 -32.48 5.92 95.85
C ALA D 233 -31.15 6.58 96.18
N VAL D 234 -30.72 7.54 95.38
CA VAL D 234 -29.50 8.27 95.68
C VAL D 234 -29.81 9.62 96.31
N TYR D 235 -30.70 10.39 95.69
CA TYR D 235 -31.23 11.60 96.30
C TYR D 235 -32.64 11.31 96.80
N PRO D 236 -32.88 11.22 98.11
CA PRO D 236 -34.24 10.93 98.56
C PRO D 236 -35.19 12.10 98.40
N ASN D 237 -34.67 13.32 98.40
CA ASN D 237 -35.48 14.52 98.20
C ASN D 237 -35.03 15.17 96.90
N PHE D 238 -35.68 14.80 95.79
CA PHE D 238 -35.26 15.33 94.50
C PHE D 238 -36.32 16.16 93.81
N LYS D 239 -37.60 15.99 94.13
CA LYS D 239 -38.62 16.81 93.49
C LYS D 239 -38.60 18.23 94.00
N GLU D 240 -38.01 18.49 95.15
CA GLU D 240 -37.95 19.83 95.69
C GLU D 240 -36.76 20.63 95.16
N ALA D 241 -35.86 20.02 94.40
CA ALA D 241 -34.71 20.75 93.88
C ALA D 241 -35.07 21.48 92.60
N SER D 242 -34.10 22.20 92.05
CA SER D 242 -34.34 23.12 90.95
C SER D 242 -34.48 22.37 89.63
N LEU D 243 -34.52 23.13 88.53
CA LEU D 243 -34.47 22.50 87.22
C LEU D 243 -33.06 22.14 86.82
N TRP D 244 -32.08 22.95 87.21
CA TRP D 244 -30.73 22.73 86.71
C TRP D 244 -30.11 21.49 87.32
N ASN D 245 -30.40 21.20 88.58
CA ASN D 245 -29.83 20.01 89.19
C ASN D 245 -30.48 18.75 88.65
N ARG D 246 -31.80 18.75 88.48
CA ARG D 246 -32.47 17.58 87.94
C ARG D 246 -32.12 17.37 86.48
N TYR D 247 -31.98 18.45 85.73
CA TYR D 247 -31.66 18.30 84.31
C TYR D 247 -30.24 17.84 84.11
N VAL D 248 -29.28 18.38 84.87
CA VAL D 248 -27.92 17.90 84.78
C VAL D 248 -27.81 16.45 85.25
N THR D 249 -28.60 16.07 86.25
CA THR D 249 -28.54 14.67 86.71
C THR D 249 -29.10 13.72 85.67
N ALA D 250 -30.18 14.10 84.99
CA ALA D 250 -30.72 13.24 83.94
C ALA D 250 -29.78 13.15 82.76
N LEU D 251 -29.12 14.26 82.43
CA LEU D 251 -28.21 14.27 81.31
C LEU D 251 -26.97 13.44 81.62
N TYR D 252 -26.52 13.51 82.87
CA TYR D 252 -25.37 12.73 83.31
C TYR D 252 -25.66 11.25 83.38
N TRP D 253 -26.88 10.87 83.77
CA TRP D 253 -27.24 9.47 83.65
C TRP D 253 -27.22 9.01 82.21
N SER D 254 -27.79 9.82 81.31
CA SER D 254 -27.93 9.37 79.94
C SER D 254 -26.60 9.23 79.23
N ILE D 255 -25.63 10.08 79.55
CA ILE D 255 -24.40 9.96 78.77
C ILE D 255 -23.50 8.84 79.29
N THR D 256 -23.62 8.42 80.56
CA THR D 256 -22.80 7.31 81.00
C THR D 256 -23.29 5.97 80.51
N THR D 257 -24.48 5.89 79.91
CA THR D 257 -24.89 4.66 79.26
C THR D 257 -25.01 4.81 77.77
N LEU D 258 -24.87 6.02 77.23
CA LEU D 258 -24.63 6.10 75.80
C LEU D 258 -23.18 5.81 75.49
N THR D 259 -22.25 6.45 76.18
CA THR D 259 -20.85 6.24 75.87
C THR D 259 -20.27 5.07 76.62
N THR D 260 -21.10 4.08 76.95
CA THR D 260 -20.83 2.79 77.57
C THR D 260 -19.86 2.79 78.75
N THR D 261 -19.81 3.88 79.51
CA THR D 261 -18.98 3.83 80.70
C THR D 261 -19.69 3.08 81.81
N GLY D 262 -20.80 3.61 82.29
CA GLY D 262 -21.58 2.88 83.26
C GLY D 262 -20.91 2.76 84.60
N TYR D 263 -20.85 3.85 85.37
CA TYR D 263 -20.16 3.82 86.65
C TYR D 263 -20.81 2.83 87.60
N GLY D 264 -22.05 3.06 87.96
CA GLY D 264 -22.66 2.18 88.93
C GLY D 264 -23.59 2.94 89.83
N ASP D 265 -23.53 4.25 89.73
CA ASP D 265 -24.64 5.05 90.21
C ASP D 265 -25.82 4.84 89.30
N PHE D 266 -27.01 5.15 89.82
CA PHE D 266 -28.18 5.47 89.01
C PHE D 266 -28.64 4.28 88.18
N HIS D 267 -28.41 3.09 88.69
CA HIS D 267 -28.93 1.91 88.04
C HIS D 267 -30.43 1.80 88.32
N ALA D 268 -31.12 0.93 87.59
CA ALA D 268 -32.57 0.88 87.66
C ALA D 268 -33.04 -0.10 88.71
N GLU D 269 -34.14 0.24 89.38
CA GLU D 269 -34.81 -0.63 90.34
C GLU D 269 -36.26 -0.92 89.97
N ASN D 270 -36.98 0.07 89.50
CA ASN D 270 -38.32 -0.12 89.00
C ASN D 270 -38.31 -1.03 87.77
N PRO D 271 -39.11 -2.08 87.74
CA PRO D 271 -39.06 -3.00 86.58
C PRO D 271 -39.51 -2.41 85.26
N ARG D 272 -40.38 -1.40 85.25
CA ARG D 272 -40.68 -0.76 83.98
C ARG D 272 -39.50 0.08 83.50
N GLU D 273 -38.75 0.62 84.43
CA GLU D 273 -37.54 1.37 84.12
C GLU D 273 -36.42 0.43 83.70
N MET D 274 -36.36 -0.73 84.36
CA MET D 274 -35.47 -1.80 83.97
C MET D 274 -35.82 -2.32 82.58
N LEU D 275 -37.07 -2.16 82.16
CA LEU D 275 -37.43 -2.48 80.79
C LEU D 275 -37.05 -1.39 79.82
N PHE D 276 -37.09 -0.14 80.25
CA PHE D 276 -36.70 0.95 79.35
C PHE D 276 -35.22 0.89 79.01
N ASP D 277 -34.39 0.48 79.98
CA ASP D 277 -32.95 0.42 79.75
C ASP D 277 -32.57 -0.60 78.69
N ILE D 278 -33.38 -1.62 78.47
CA ILE D 278 -33.06 -2.62 77.46
C ILE D 278 -33.13 -2.03 76.07
N PHE D 279 -34.20 -1.28 75.79
CA PHE D 279 -34.33 -0.67 74.47
C PHE D 279 -33.33 0.45 74.30
N PHE D 280 -33.03 1.19 75.37
CA PHE D 280 -32.06 2.26 75.20
C PHE D 280 -30.65 1.73 75.01
N MET D 281 -30.29 0.61 75.61
CA MET D 281 -28.95 0.10 75.40
C MET D 281 -28.80 -0.61 74.07
N MET D 282 -29.86 -1.23 73.55
CA MET D 282 -29.84 -1.69 72.16
C MET D 282 -29.59 -0.53 71.19
N PHE D 283 -30.31 0.57 71.39
CA PHE D 283 -30.13 1.73 70.52
C PHE D 283 -28.72 2.29 70.61
N ASN D 284 -28.13 2.28 71.81
CA ASN D 284 -26.79 2.83 71.94
C ASN D 284 -25.75 1.93 71.29
N LEU D 285 -25.96 0.62 71.32
CA LEU D 285 -25.05 -0.28 70.60
C LEU D 285 -25.08 -0.01 69.11
N GLY D 286 -26.28 0.16 68.56
CA GLY D 286 -26.39 0.46 67.13
C GLY D 286 -25.75 1.79 66.75
N LEU D 287 -25.99 2.83 67.55
CA LEU D 287 -25.49 4.15 67.18
C LEU D 287 -23.98 4.24 67.36
N THR D 288 -23.42 3.57 68.37
CA THR D 288 -21.97 3.60 68.55
C THR D 288 -21.26 2.88 67.40
N ALA D 289 -21.87 1.79 66.90
CA ALA D 289 -21.30 1.14 65.71
C ALA D 289 -21.34 2.05 64.50
N TYR D 290 -22.44 2.79 64.32
CA TYR D 290 -22.56 3.70 63.18
C TYR D 290 -21.54 4.82 63.25
N LEU D 291 -21.31 5.34 64.45
CA LEU D 291 -20.37 6.44 64.63
C LEU D 291 -18.92 6.00 64.33
N ILE D 292 -18.56 4.79 64.77
CA ILE D 292 -17.22 4.28 64.46
C ILE D 292 -17.05 4.04 62.97
N GLY D 293 -18.13 3.66 62.28
CA GLY D 293 -18.06 3.53 60.82
C GLY D 293 -17.77 4.84 60.11
N ASN D 294 -18.44 5.92 60.53
CA ASN D 294 -18.17 7.22 59.90
C ASN D 294 -16.77 7.73 60.18
N MET D 295 -16.27 7.56 61.41
CA MET D 295 -14.90 8.02 61.66
C MET D 295 -13.88 7.17 60.93
N THR D 296 -14.20 5.90 60.66
CA THR D 296 -13.31 5.09 59.83
C THR D 296 -13.26 5.59 58.40
N ASN D 297 -14.41 6.04 57.86
CA ASN D 297 -14.37 6.70 56.55
C ASN D 297 -13.51 7.95 56.55
N LEU D 298 -13.62 8.78 57.59
CA LEU D 298 -12.85 10.01 57.61
C LEU D 298 -11.35 9.75 57.72
N VAL D 299 -10.96 8.73 58.47
CA VAL D 299 -9.54 8.44 58.64
C VAL D 299 -8.95 7.76 57.42
N VAL D 300 -9.68 6.81 56.81
CA VAL D 300 -9.21 6.17 55.58
C VAL D 300 -9.11 7.17 54.45
N HIS D 301 -10.03 8.12 54.39
CA HIS D 301 -9.99 9.06 53.28
C HIS D 301 -9.05 10.21 53.49
N TRP D 302 -8.80 10.61 54.74
CA TRP D 302 -7.95 11.76 54.99
C TRP D 302 -6.50 11.46 54.67
N THR D 303 -6.05 10.22 54.83
CA THR D 303 -4.66 9.88 54.60
C THR D 303 -4.51 8.81 53.53
N SER D 304 -5.16 8.98 52.38
CA SER D 304 -4.92 8.08 51.27
C SER D 304 -3.74 8.48 50.42
N ARG D 305 -3.49 9.79 50.33
CA ARG D 305 -2.48 10.29 49.40
C ARG D 305 -1.08 9.96 49.89
N THR D 306 -0.80 10.24 51.16
CA THR D 306 0.51 9.95 51.73
C THR D 306 0.77 8.46 51.78
N ARG D 307 -0.28 7.67 52.03
CA ARG D 307 -0.11 6.23 52.09
C ARG D 307 0.17 5.65 50.70
N THR D 308 -0.43 6.22 49.66
CA THR D 308 -0.14 5.74 48.31
C THR D 308 1.27 6.10 47.87
N PHE D 309 1.71 7.32 48.22
CA PHE D 309 3.11 7.71 47.99
C PHE D 309 4.08 6.77 48.67
N ARG D 310 3.83 6.42 49.92
CA ARG D 310 4.76 5.55 50.63
C ARG D 310 4.70 4.12 50.10
N ASP D 311 3.56 3.70 49.56
CA ASP D 311 3.51 2.43 48.82
C ASP D 311 4.44 2.44 47.63
N SER D 312 4.41 3.51 46.85
CA SER D 312 5.23 3.58 45.65
C SER D 312 6.71 3.58 45.99
N VAL D 313 7.08 4.26 47.07
CA VAL D 313 8.47 4.29 47.48
C VAL D 313 8.92 2.93 48.02
N ARG D 314 8.06 2.22 48.76
CA ARG D 314 8.42 0.89 49.23
C ARG D 314 8.59 -0.09 48.08
N ALA D 315 7.73 0.01 47.06
CA ALA D 315 7.84 -0.90 45.92
C ALA D 315 9.10 -0.63 45.11
N ALA D 316 9.44 0.65 44.92
CA ALA D 316 10.67 0.98 44.23
C ALA D 316 11.90 0.53 45.02
N SER D 317 11.85 0.63 46.35
CA SER D 317 13.01 0.22 47.13
C SER D 317 13.17 -1.29 47.16
N GLU D 318 12.07 -2.04 47.17
CA GLU D 318 12.20 -3.49 47.10
C GLU D 318 12.71 -3.94 45.75
N PHE D 319 12.23 -3.31 44.67
CA PHE D 319 12.75 -3.65 43.35
C PHE D 319 14.20 -3.27 43.20
N ALA D 320 14.64 -2.22 43.87
CA ALA D 320 16.04 -1.84 43.76
C ALA D 320 16.92 -2.77 44.59
N SER D 321 16.56 -3.03 45.84
CA SER D 321 17.40 -3.85 46.68
C SER D 321 17.28 -5.33 46.39
N ARG D 322 16.34 -5.73 45.53
CA ARG D 322 16.32 -7.12 45.11
C ARG D 322 17.37 -7.39 44.04
N ASN D 323 17.47 -6.53 43.04
CA ASN D 323 18.36 -6.77 41.92
C ASN D 323 19.73 -6.14 42.10
N GLN D 324 19.96 -5.48 43.23
CA GLN D 324 21.26 -4.93 43.64
C GLN D 324 21.76 -3.88 42.64
N LEU D 325 21.00 -2.81 42.48
CA LEU D 325 21.47 -1.67 41.73
C LEU D 325 22.35 -0.81 42.66
N PRO D 326 23.44 -0.23 42.15
CA PRO D 326 24.45 0.34 43.05
C PRO D 326 24.05 1.57 43.89
N HIS D 327 24.01 2.75 43.30
CA HIS D 327 23.45 3.90 43.99
C HIS D 327 22.64 4.79 43.08
N ASP D 328 23.15 4.97 41.86
CA ASP D 328 22.70 6.05 41.00
C ASP D 328 21.28 5.82 40.53
N ILE D 329 20.96 4.58 40.19
CA ILE D 329 19.63 4.28 39.69
C ILE D 329 18.61 4.33 40.83
N GLN D 330 19.02 3.98 42.05
CA GLN D 330 18.17 4.18 43.21
C GLN D 330 17.85 5.64 43.43
N ASP D 331 18.86 6.50 43.36
CA ASP D 331 18.60 7.90 43.64
C ASP D 331 17.79 8.55 42.53
N GLN D 332 17.95 8.09 41.29
CA GLN D 332 17.12 8.60 40.21
C GLN D 332 15.66 8.20 40.38
N MET D 333 15.40 6.92 40.70
CA MET D 333 14.03 6.47 40.88
C MET D 333 13.36 7.15 42.06
N LEU D 334 14.06 7.26 43.19
CA LEU D 334 13.42 7.80 44.37
C LEU D 334 13.21 9.31 44.27
N SER D 335 14.17 10.03 43.68
CA SER D 335 13.95 11.46 43.51
C SER D 335 12.89 11.74 42.45
N HIS D 336 12.75 10.85 41.47
CA HIS D 336 11.69 11.08 40.50
C HIS D 336 10.32 10.81 41.07
N ILE D 337 10.21 9.86 42.00
CA ILE D 337 8.90 9.69 42.63
C ILE D 337 8.62 10.81 43.63
N CYS D 338 9.65 11.34 44.30
CA CYS D 338 9.45 12.50 45.18
C CYS D 338 8.98 13.73 44.41
N LEU D 339 9.50 13.94 43.20
CA LEU D 339 9.00 15.08 42.44
C LEU D 339 7.80 14.75 41.55
N LYS D 340 7.36 13.50 41.48
CA LYS D 340 5.98 13.28 41.06
C LYS D 340 5.01 13.56 42.18
N PHE D 341 5.45 13.45 43.43
CA PHE D 341 4.51 13.67 44.51
C PHE D 341 4.44 15.12 44.96
N LYS D 342 5.54 15.87 44.86
CA LYS D 342 5.45 17.29 45.19
C LYS D 342 4.65 18.06 44.16
N THR D 343 4.68 17.65 42.88
CA THR D 343 3.72 18.19 41.92
C THR D 343 2.82 17.06 41.48
N GLU D 344 1.69 16.89 42.16
CA GLU D 344 0.93 15.65 42.14
C GLU D 344 0.29 15.44 40.78
N GLY D 345 1.07 14.82 39.89
CA GLY D 345 0.69 14.72 38.51
C GLY D 345 -0.21 13.55 38.19
N LEU D 346 -0.40 12.65 39.16
CA LEU D 346 -1.27 11.48 38.93
C LEU D 346 -2.72 11.90 38.85
N LYS D 347 -3.18 12.70 39.82
CA LYS D 347 -4.52 13.27 39.76
C LYS D 347 -4.67 14.21 38.57
N GLN D 348 -3.57 14.86 38.18
CA GLN D 348 -3.59 15.69 36.97
C GLN D 348 -3.85 14.84 35.74
N GLN D 349 -3.16 13.70 35.60
CA GLN D 349 -3.38 12.81 34.47
C GLN D 349 -4.80 12.29 34.43
N GLU D 350 -5.33 11.86 35.59
CA GLU D 350 -6.69 11.34 35.64
C GLU D 350 -7.72 12.41 35.29
N THR D 351 -7.62 13.58 35.92
CA THR D 351 -8.66 14.59 35.72
C THR D 351 -8.49 15.36 34.43
N LEU D 352 -7.30 15.31 33.81
CA LEU D 352 -7.21 15.84 32.46
C LEU D 352 -7.72 14.84 31.45
N ASN D 353 -7.54 13.55 31.71
CA ASN D 353 -8.05 12.56 30.77
C ASN D 353 -9.53 12.29 30.98
N ASN D 354 -10.14 12.90 31.99
CA ASN D 354 -11.58 12.82 32.11
C ASN D 354 -12.27 14.04 31.50
N LEU D 355 -11.51 14.97 30.96
CA LEU D 355 -12.07 16.18 30.40
C LEU D 355 -12.50 15.96 28.96
N PRO D 356 -13.44 16.77 28.41
CA PRO D 356 -14.00 16.43 27.10
C PRO D 356 -13.15 16.83 25.90
N LYS D 357 -11.85 17.06 26.08
CA LYS D 357 -10.86 17.24 25.01
C LYS D 357 -11.09 18.50 24.17
N ALA D 358 -11.90 19.43 24.64
CA ALA D 358 -11.88 20.79 24.12
C ALA D 358 -11.51 21.79 25.19
N ILE D 359 -11.94 21.53 26.42
CA ILE D 359 -11.57 22.37 27.53
C ILE D 359 -10.10 22.20 27.85
N ARG D 360 -9.55 20.99 27.64
CA ARG D 360 -8.12 20.82 27.80
C ARG D 360 -7.35 21.54 26.70
N SER D 361 -7.97 21.74 25.54
CA SER D 361 -7.35 22.52 24.49
C SER D 361 -7.31 24.00 24.88
N SER D 362 -8.38 24.48 25.52
CA SER D 362 -8.36 25.87 25.99
C SER D 362 -7.38 26.04 27.15
N ILE D 363 -7.20 24.99 27.96
CA ILE D 363 -6.20 25.02 29.03
C ILE D 363 -4.79 25.15 28.46
N ALA D 364 -4.44 24.28 27.51
CA ALA D 364 -3.11 24.33 26.92
C ALA D 364 -2.91 25.59 26.10
N ASN D 365 -3.99 26.11 25.53
CA ASN D 365 -3.93 27.39 24.82
C ASN D 365 -3.64 28.54 25.76
N TYR D 366 -4.16 28.48 26.98
CA TYR D 366 -3.79 29.53 27.93
C TYR D 366 -2.38 29.35 28.45
N LEU D 367 -1.94 28.11 28.61
CA LEU D 367 -0.70 27.91 29.36
C LEU D 367 0.54 27.97 28.49
N PHE D 368 0.46 27.52 27.24
CA PHE D 368 1.68 27.29 26.48
C PHE D 368 1.74 28.03 25.16
N PHE D 369 0.70 28.76 24.78
CA PHE D 369 0.74 29.49 23.52
C PHE D 369 1.78 30.63 23.46
N PRO D 370 1.96 31.50 24.47
CA PRO D 370 3.04 32.49 24.32
C PRO D 370 4.42 31.92 24.56
N ILE D 371 4.54 30.65 24.92
CA ILE D 371 5.85 30.04 25.02
C ILE D 371 6.26 29.43 23.69
N VAL D 372 5.33 28.73 23.05
CA VAL D 372 5.60 28.13 21.75
C VAL D 372 5.58 29.20 20.66
N HIS D 373 4.94 30.33 20.94
CA HIS D 373 4.81 31.39 19.95
C HIS D 373 6.16 32.05 19.61
N ASN D 374 7.16 31.88 20.47
CA ASN D 374 8.47 32.50 20.25
C ASN D 374 9.57 31.46 20.41
N ILE D 375 9.87 30.73 19.34
CA ILE D 375 10.94 29.74 19.36
C ILE D 375 11.88 30.02 18.19
N TYR D 376 13.11 29.53 18.34
CA TYR D 376 14.07 29.27 17.27
C TYR D 376 13.42 28.79 15.98
N LEU D 377 12.57 27.77 16.04
CA LEU D 377 12.00 27.22 14.82
C LEU D 377 10.84 28.07 14.32
N PHE D 378 9.78 28.18 15.12
CA PHE D 378 8.54 28.82 14.67
C PHE D 378 8.75 30.31 14.57
N GLN D 379 8.54 30.88 13.39
CA GLN D 379 8.62 32.33 13.23
C GLN D 379 7.31 32.92 12.73
N GLY D 380 6.82 32.44 11.60
CA GLY D 380 5.69 33.06 10.94
C GLY D 380 4.56 32.11 10.65
N VAL D 381 4.24 31.24 11.61
CA VAL D 381 3.62 29.96 11.30
C VAL D 381 2.10 30.06 11.50
N SER D 382 1.54 31.27 11.30
CA SER D 382 0.12 31.48 11.00
C SER D 382 -0.84 30.98 12.07
N ARG D 383 -0.98 31.74 13.18
CA ARG D 383 -1.52 31.29 14.47
C ARG D 383 -2.79 30.42 14.42
N ASN D 384 -3.56 30.51 13.34
CA ASN D 384 -4.61 29.53 13.09
C ASN D 384 -4.06 28.12 12.90
N PHE D 385 -2.78 28.00 12.52
CA PHE D 385 -2.12 26.71 12.67
C PHE D 385 -1.79 26.43 14.13
N LEU D 386 -1.49 27.47 14.90
CA LEU D 386 -1.02 27.26 16.26
C LEU D 386 -2.12 26.78 17.19
N PHE D 387 -3.38 27.15 16.90
CA PHE D 387 -4.49 26.66 17.71
C PHE D 387 -4.65 25.15 17.59
N GLN D 388 -4.45 24.61 16.38
CA GLN D 388 -4.47 23.16 16.24
C GLN D 388 -3.16 22.53 16.66
N LEU D 389 -2.10 23.31 16.73
CA LEU D 389 -0.82 22.77 17.17
C LEU D 389 -0.78 22.54 18.68
N VAL D 390 -1.20 23.56 19.45
CA VAL D 390 -0.95 23.63 20.90
C VAL D 390 -1.64 22.51 21.66
N SER D 391 -2.86 22.11 21.26
CA SER D 391 -3.74 21.24 22.03
C SER D 391 -3.21 19.83 22.26
N ASP D 392 -2.11 19.43 21.64
CA ASP D 392 -1.57 18.10 21.87
C ASP D 392 -0.30 18.14 22.68
N ILE D 393 0.08 19.33 23.17
CA ILE D 393 1.32 19.47 23.93
C ILE D 393 1.12 18.90 25.31
N ASP D 394 2.02 18.01 25.72
CA ASP D 394 1.95 17.34 27.02
C ASP D 394 3.11 17.83 27.86
N ALA D 395 2.79 18.61 28.90
CA ALA D 395 3.80 19.18 29.79
C ALA D 395 4.39 18.08 30.66
N GLU D 396 5.50 18.41 31.32
CA GLU D 396 6.18 17.49 32.21
C GLU D 396 7.06 18.30 33.14
N TYR D 397 7.75 17.62 34.04
CA TYR D 397 8.52 18.27 35.08
C TYR D 397 9.61 17.31 35.52
N PHE D 398 10.81 17.81 35.77
CA PHE D 398 11.95 16.90 35.83
C PHE D 398 12.88 17.19 36.99
N PRO D 399 13.50 16.17 37.56
CA PRO D 399 14.42 16.37 38.68
C PRO D 399 15.75 16.92 38.21
N PRO D 400 16.55 17.49 39.12
CA PRO D 400 17.93 17.83 38.75
C PRO D 400 18.78 16.59 38.68
N LYS D 401 19.87 16.70 37.91
CA LYS D 401 20.94 15.70 37.75
C LYS D 401 20.45 14.38 37.14
N GLU D 402 19.22 14.33 36.65
CA GLU D 402 18.73 13.20 35.87
C GLU D 402 19.20 13.37 34.44
N ASP D 403 19.95 12.40 33.94
CA ASP D 403 20.44 12.42 32.56
C ASP D 403 19.25 12.29 31.63
N ILE D 404 18.91 13.39 30.94
CA ILE D 404 17.67 13.42 30.18
C ILE D 404 17.83 12.70 28.86
N ILE D 405 18.73 13.20 28.01
CA ILE D 405 19.06 12.61 26.72
C ILE D 405 20.53 12.21 26.76
N LEU D 406 20.80 10.94 26.47
CA LEU D 406 22.15 10.42 26.47
C LEU D 406 22.74 10.50 25.07
N GLN D 407 24.05 10.25 24.99
CA GLN D 407 24.74 10.27 23.71
C GLN D 407 24.36 9.04 22.89
N ASN D 408 24.15 9.27 21.59
CA ASN D 408 23.81 8.25 20.59
C ASN D 408 22.52 7.49 20.93
N GLU D 409 21.57 8.18 21.53
CA GLU D 409 20.25 7.60 21.74
C GLU D 409 19.37 7.87 20.53
N ALA D 410 18.62 6.84 20.11
CA ALA D 410 17.71 6.99 18.99
C ALA D 410 16.56 7.92 19.38
N PRO D 411 16.27 8.96 18.60
CA PRO D 411 15.48 10.09 19.12
C PRO D 411 13.99 9.76 19.28
N THR D 412 13.36 10.43 20.25
CA THR D 412 11.95 10.18 20.53
C THR D 412 11.09 11.44 20.65
N ASP D 413 11.65 12.56 21.13
CA ASP D 413 10.79 13.70 21.45
C ASP D 413 11.57 15.01 21.45
N LEU D 414 10.84 16.09 21.16
CA LEU D 414 11.35 17.45 21.32
C LEU D 414 11.27 17.86 22.78
N TYR D 415 12.27 18.62 23.20
CA TYR D 415 12.38 19.08 24.58
C TYR D 415 12.55 20.59 24.60
N ILE D 416 11.44 21.30 24.58
CA ILE D 416 11.44 22.74 24.77
C ILE D 416 11.60 23.04 26.25
N LEU D 417 12.58 23.84 26.61
CA LEU D 417 12.69 24.28 27.99
C LEU D 417 11.61 25.32 28.25
N VAL D 418 11.13 25.36 29.50
CA VAL D 418 10.28 26.47 29.93
C VAL D 418 10.98 27.18 31.08
N SER D 419 11.73 26.43 31.87
CA SER D 419 12.63 27.01 32.87
C SER D 419 13.78 26.05 33.07
N GLY D 420 14.67 26.39 33.99
CA GLY D 420 15.69 25.49 34.47
C GLY D 420 16.88 25.36 33.52
N ALA D 421 18.07 25.34 34.11
CA ALA D 421 19.31 25.23 33.39
C ALA D 421 19.49 23.80 32.89
N VAL D 422 20.27 23.64 31.82
CA VAL D 422 20.62 22.35 31.24
C VAL D 422 22.11 22.36 30.95
N ASP D 423 22.79 21.26 31.28
CA ASP D 423 24.26 21.12 31.06
C ASP D 423 24.50 19.87 30.19
N PHE D 424 25.15 20.06 29.04
CA PHE D 424 25.43 18.93 28.11
C PHE D 424 26.93 18.65 28.07
N THR D 425 27.31 17.38 28.26
CA THR D 425 28.74 16.97 28.24
C THR D 425 28.91 15.77 27.29
N VAL D 426 30.11 15.60 26.74
CA VAL D 426 30.37 14.48 25.79
C VAL D 426 30.21 13.16 26.55
N TYR D 427 29.55 12.17 25.93
CA TYR D 427 29.34 10.84 26.56
C TYR D 427 30.08 9.78 25.73
N VAL D 428 30.92 8.97 26.39
CA VAL D 428 31.75 7.87 25.83
C VAL D 428 32.95 8.41 25.03
N ASP D 429 32.71 9.17 23.95
CA ASP D 429 33.80 9.74 23.11
C ASP D 429 34.64 10.69 23.97
N GLY D 430 33.99 11.51 24.80
CA GLY D 430 34.71 12.46 25.66
C GLY D 430 34.65 12.05 27.13
N HIS D 431 35.82 11.84 27.74
CA HIS D 431 35.90 11.43 29.17
C HIS D 431 35.36 12.50 30.11
N ASP D 432 35.66 13.77 29.83
CA ASP D 432 35.23 14.88 30.72
C ASP D 432 35.19 16.22 29.96
N GLN D 433 34.69 17.26 30.62
CA GLN D 433 34.57 18.66 30.10
C GLN D 433 33.65 18.72 28.87
N PHE D 434 34.16 19.32 27.79
CA PHE D 434 33.45 19.56 26.50
C PHE D 434 32.42 20.69 26.67
N GLN D 435 31.44 20.80 25.78
CA GLN D 435 30.42 21.88 25.88
C GLN D 435 29.03 21.37 25.53
N GLY D 436 27.99 22.05 26.04
CA GLY D 436 26.58 21.69 25.78
C GLY D 436 25.70 22.69 26.54
N LYS D 437 24.75 23.34 25.87
CA LYS D 437 23.93 24.34 26.59
C LYS D 437 22.55 24.55 25.95
N ALA D 438 21.63 25.13 26.73
CA ALA D 438 20.24 25.49 26.35
C ALA D 438 19.67 26.35 27.48
N VAL D 439 19.03 27.48 27.15
CA VAL D 439 18.47 28.38 28.20
C VAL D 439 16.95 28.57 28.02
N ILE D 440 16.30 29.22 28.98
CA ILE D 440 14.83 29.32 29.04
C ILE D 440 14.22 29.77 27.71
N GLY D 441 13.42 28.89 27.11
CA GLY D 441 12.89 29.16 25.79
C GLY D 441 13.67 28.51 24.67
N GLU D 442 14.95 28.23 24.86
CA GLU D 442 15.76 27.67 23.79
C GLU D 442 15.56 26.16 23.70
N THR D 443 14.99 25.72 22.59
CA THR D 443 14.66 24.32 22.39
C THR D 443 15.90 23.50 22.10
N PHE D 444 15.75 22.19 22.20
CA PHE D 444 16.70 21.26 21.62
C PHE D 444 15.94 19.99 21.24
N GLY D 445 16.69 19.01 20.74
CA GLY D 445 16.08 17.89 20.07
C GLY D 445 15.74 18.15 18.62
N GLU D 446 16.30 19.21 18.03
CA GLU D 446 15.97 19.59 16.66
C GLU D 446 16.78 18.81 15.63
N VAL D 447 17.62 17.89 16.08
CA VAL D 447 18.24 16.94 15.15
C VAL D 447 17.18 16.02 14.58
N GLY D 448 16.50 15.27 15.44
CA GLY D 448 15.50 14.33 14.99
C GLY D 448 14.16 14.93 14.59
N VAL D 449 14.19 15.97 13.76
CA VAL D 449 12.96 16.50 13.17
C VAL D 449 12.60 15.66 11.97
N LEU D 450 13.50 15.62 10.98
CA LEU D 450 13.39 14.75 9.83
C LEU D 450 14.69 14.01 9.55
N TYR D 451 15.77 14.34 10.26
CA TYR D 451 17.07 13.71 10.02
C TYR D 451 17.12 12.29 10.54
N TYR D 452 16.28 11.96 11.55
CA TYR D 452 16.03 10.60 12.03
C TYR D 452 17.29 9.97 12.60
N ARG D 453 18.15 10.81 13.16
CA ARG D 453 19.50 10.49 13.55
C ARG D 453 19.66 10.65 15.06
N PRO D 454 20.58 9.93 15.69
CA PRO D 454 20.71 10.03 17.15
C PRO D 454 21.29 11.36 17.61
N GLN D 455 21.00 11.67 18.87
CA GLN D 455 21.37 12.93 19.48
C GLN D 455 22.88 13.00 19.70
N PRO D 456 23.48 14.17 19.53
CA PRO D 456 24.95 14.27 19.63
C PRO D 456 25.47 14.16 21.04
N PHE D 457 24.83 14.85 21.99
CA PHE D 457 25.43 15.14 23.28
C PHE D 457 24.76 14.32 24.37
N THR D 458 25.22 14.53 25.58
CA THR D 458 24.48 14.10 26.76
C THR D 458 23.75 15.31 27.34
N VAL D 459 22.64 15.05 28.03
CA VAL D 459 21.79 16.11 28.57
C VAL D 459 21.54 15.81 30.04
N ARG D 460 22.26 16.50 30.92
CA ARG D 460 22.08 16.36 32.37
C ARG D 460 21.65 17.71 32.95
N THR D 461 20.65 17.66 33.81
CA THR D 461 20.07 18.85 34.40
C THR D 461 21.02 19.38 35.47
N THR D 462 20.92 20.66 35.80
CA THR D 462 21.69 21.19 36.92
C THR D 462 20.78 21.63 38.06
N GLU D 463 19.88 22.56 37.79
CA GLU D 463 18.76 22.88 38.67
C GLU D 463 17.48 22.48 37.94
N LEU D 464 16.45 22.15 38.72
CA LEU D 464 15.23 21.53 38.21
C LEU D 464 14.55 22.38 37.16
N SER D 465 13.77 21.73 36.30
CA SER D 465 13.24 22.39 35.12
C SER D 465 11.85 21.89 34.80
N GLN D 466 11.19 22.61 33.89
CA GLN D 466 9.91 22.22 33.35
C GLN D 466 10.07 22.14 31.84
N ILE D 467 9.87 20.95 31.28
CA ILE D 467 10.23 20.66 29.90
C ILE D 467 9.00 20.15 29.17
N LEU D 468 8.58 20.89 28.14
CA LEU D 468 7.50 20.45 27.28
C LEU D 468 7.98 19.29 26.43
N ARG D 469 7.04 18.53 25.87
CA ARG D 469 7.41 17.39 25.03
C ARG D 469 6.41 17.22 23.90
N ILE D 470 6.78 17.70 22.71
CA ILE D 470 6.08 17.41 21.47
C ILE D 470 6.88 16.29 20.80
N SER D 471 6.36 15.06 20.88
CA SER D 471 7.17 13.90 20.52
C SER D 471 7.23 13.72 19.01
N ARG D 472 7.92 12.65 18.62
CA ARG D 472 8.22 12.39 17.22
C ARG D 472 6.95 12.07 16.43
N THR D 473 6.11 11.20 16.97
CA THR D 473 4.87 10.84 16.28
C THR D 473 3.89 12.01 16.26
N SER D 474 3.94 12.86 17.28
CA SER D 474 3.10 14.05 17.27
C SER D 474 3.54 15.04 16.21
N LEU D 475 4.86 15.18 16.02
CA LEU D 475 5.37 16.00 14.91
C LEU D 475 4.96 15.43 13.56
N MET D 476 5.10 14.11 13.39
CA MET D 476 4.76 13.52 12.10
C MET D 476 3.26 13.50 11.86
N SER D 477 2.47 13.57 12.93
CA SER D 477 1.04 13.79 12.78
C SER D 477 0.75 15.23 12.39
N ALA D 478 1.57 16.17 12.86
CA ALA D 478 1.43 17.56 12.45
C ALA D 478 1.92 17.82 11.04
N MET D 479 2.52 16.82 10.37
CA MET D 479 3.10 17.03 9.05
C MET D 479 2.04 17.24 7.97
N HIS D 480 0.88 16.60 8.09
CA HIS D 480 -0.13 16.70 7.03
C HIS D 480 -0.78 18.08 6.99
N ALA D 481 -0.71 18.82 8.10
CA ALA D 481 -1.11 20.23 8.07
C ALA D 481 -0.01 21.04 7.37
N HIS D 482 -0.05 21.02 6.04
CA HIS D 482 0.99 21.61 5.22
C HIS D 482 0.62 23.04 4.83
N ALA D 483 1.42 23.59 3.90
CA ALA D 483 1.48 24.97 3.42
C ALA D 483 1.96 25.94 4.50
N ASP D 484 2.41 25.41 5.65
CA ASP D 484 3.10 26.20 6.63
C ASP D 484 4.25 25.41 7.24
N ASP D 485 4.47 24.18 6.77
CA ASP D 485 5.67 23.44 7.13
C ASP D 485 6.86 23.91 6.30
N GLY D 486 6.60 24.62 5.20
CA GLY D 486 7.67 25.22 4.44
C GLY D 486 8.44 26.26 5.23
N ARG D 487 7.73 27.05 6.03
CA ARG D 487 8.39 28.03 6.89
C ARG D 487 9.24 27.35 7.95
N VAL D 488 8.76 26.24 8.48
CA VAL D 488 9.52 25.47 9.47
C VAL D 488 10.79 24.90 8.85
N ILE D 489 10.68 24.41 7.63
CA ILE D 489 11.84 23.78 7.00
C ILE D 489 12.85 24.83 6.53
N MET D 490 12.37 26.00 6.10
CA MET D 490 13.28 27.11 5.82
C MET D 490 13.99 27.57 7.09
N ASN D 491 13.28 27.59 8.22
CA ASN D 491 13.92 27.95 9.48
C ASN D 491 14.92 26.90 9.91
N ASN D 492 14.68 25.65 9.55
CA ASN D 492 15.66 24.59 9.80
C ASN D 492 16.92 24.79 8.96
N LEU D 493 16.75 25.05 7.67
CA LEU D 493 17.91 25.16 6.78
C LEU D 493 18.72 26.41 7.08
N PHE D 494 18.07 27.57 7.24
CA PHE D 494 18.81 28.77 7.61
C PHE D 494 19.29 28.71 9.05
N MET D 495 18.68 27.84 9.86
CA MET D 495 19.10 27.71 11.25
C MET D 495 20.41 26.95 11.36
N LYS D 496 20.55 25.84 10.65
CA LYS D 496 21.72 25.00 10.83
C LYS D 496 22.89 25.47 9.99
N LEU D 497 22.63 26.19 8.89
CA LEU D 497 23.70 26.62 8.01
C LEU D 497 24.49 27.77 8.62
N ARG D 498 23.88 28.53 9.52
CA ARG D 498 24.56 29.64 10.17
C ARG D 498 25.41 29.15 11.33
N HIS E 50 -2.82 -48.66 -49.52
CA HIS E 50 -3.46 -48.77 -50.82
C HIS E 50 -3.47 -47.43 -51.54
N ILE E 51 -2.98 -46.40 -50.85
CA ILE E 51 -2.95 -45.03 -51.38
C ILE E 51 -1.53 -44.51 -51.26
N ILE E 52 -0.99 -43.98 -52.36
CA ILE E 52 0.39 -43.56 -52.42
C ILE E 52 0.54 -42.20 -51.75
N SER E 53 1.42 -42.12 -50.78
CA SER E 53 1.67 -40.88 -50.07
C SER E 53 2.47 -39.92 -50.94
N PRO E 54 2.21 -38.61 -50.83
CA PRO E 54 2.94 -37.64 -51.68
C PRO E 54 4.33 -37.29 -51.17
N PHE E 55 4.90 -38.10 -50.31
CA PHE E 55 6.27 -37.84 -49.85
C PHE E 55 7.14 -39.10 -49.94
N ASN E 56 6.72 -40.09 -50.71
CA ASN E 56 7.53 -41.26 -50.98
C ASN E 56 8.76 -40.88 -51.81
N PRO E 57 9.83 -41.68 -51.76
CA PRO E 57 10.91 -41.49 -52.72
C PRO E 57 10.57 -41.94 -54.12
N ARG E 58 9.55 -42.79 -54.29
CA ARG E 58 9.15 -43.23 -55.63
C ARG E 58 8.49 -42.10 -56.40
N TYR E 59 7.51 -41.45 -55.79
CA TYR E 59 6.68 -40.50 -56.50
C TYR E 59 7.43 -39.22 -56.84
N ARG E 60 8.40 -38.85 -56.00
CA ARG E 60 9.19 -37.65 -56.30
C ARG E 60 10.12 -37.87 -57.48
N ALA E 61 10.72 -39.06 -57.58
CA ALA E 61 11.53 -39.37 -58.74
C ALA E 61 10.68 -39.53 -60.00
N TRP E 62 9.44 -40.01 -59.84
CA TRP E 62 8.51 -40.02 -60.96
C TRP E 62 8.21 -38.62 -61.45
N GLU E 63 8.02 -37.68 -60.53
CA GLU E 63 7.78 -36.28 -60.92
C GLU E 63 8.98 -35.68 -61.63
N MET E 64 10.20 -35.95 -61.15
CA MET E 64 11.34 -35.32 -61.80
C MET E 64 11.65 -35.94 -63.16
N TRP E 65 11.36 -37.23 -63.34
CA TRP E 65 11.41 -37.81 -64.68
C TRP E 65 10.39 -37.16 -65.61
N LEU E 66 9.19 -36.88 -65.09
CA LEU E 66 8.22 -36.14 -65.88
C LEU E 66 8.68 -34.72 -66.20
N VAL E 67 9.44 -34.09 -65.31
CA VAL E 67 9.90 -32.74 -65.58
C VAL E 67 10.91 -32.72 -66.71
N LEU E 68 11.82 -33.70 -66.74
CA LEU E 68 12.73 -33.80 -67.89
C LEU E 68 11.97 -34.11 -69.18
N LEU E 69 10.90 -34.90 -69.08
CA LEU E 69 10.12 -35.20 -70.27
C LEU E 69 9.36 -33.98 -70.77
N VAL E 70 8.88 -33.13 -69.85
CA VAL E 70 8.18 -31.90 -70.22
C VAL E 70 9.13 -30.92 -70.90
N ILE E 71 10.35 -30.79 -70.38
CA ILE E 71 11.34 -29.92 -71.01
C ILE E 71 11.68 -30.40 -72.42
N TYR E 72 11.75 -31.73 -72.61
CA TYR E 72 11.93 -32.27 -73.95
C TYR E 72 10.79 -31.90 -74.89
N SER E 73 9.56 -32.08 -74.44
CA SER E 73 8.41 -31.81 -75.31
C SER E 73 8.31 -30.34 -75.66
N ALA E 74 8.55 -29.47 -74.68
CA ALA E 74 8.47 -28.04 -74.93
C ALA E 74 9.60 -27.53 -75.80
N TRP E 75 10.76 -28.20 -75.79
CA TRP E 75 11.76 -27.76 -76.74
C TRP E 75 11.47 -28.27 -78.15
N ILE E 76 10.90 -29.47 -78.29
CA ILE E 76 10.69 -30.00 -79.64
C ILE E 76 9.56 -29.28 -80.36
N CYS E 77 8.45 -28.99 -79.65
CA CYS E 77 7.19 -28.64 -80.32
C CYS E 77 7.21 -27.46 -81.31
N PRO E 78 7.88 -26.33 -81.07
CA PRO E 78 7.96 -25.34 -82.16
C PRO E 78 8.89 -25.78 -83.27
N PHE E 79 10.00 -26.43 -82.90
CA PHE E 79 10.99 -26.89 -83.86
C PHE E 79 10.43 -27.97 -84.76
N GLN E 80 9.48 -28.75 -84.26
CA GLN E 80 8.73 -29.68 -85.08
C GLN E 80 7.66 -28.97 -85.87
N PHE E 81 7.10 -27.91 -85.30
CA PHE E 81 6.00 -27.19 -85.94
C PHE E 81 6.44 -26.44 -87.18
N ALA E 82 7.71 -26.03 -87.25
CA ALA E 82 8.15 -25.19 -88.36
C ALA E 82 9.10 -25.87 -89.33
N PHE E 83 10.21 -26.41 -88.84
CA PHE E 83 11.29 -26.81 -89.73
C PHE E 83 11.02 -28.15 -90.41
N ILE E 84 10.90 -29.21 -89.62
CA ILE E 84 10.93 -30.56 -90.16
C ILE E 84 9.55 -30.94 -90.65
N THR E 85 9.52 -32.01 -91.46
CA THR E 85 8.28 -32.59 -91.94
C THR E 85 7.70 -33.51 -90.87
N TYR E 86 6.72 -34.33 -91.25
CA TYR E 86 6.04 -35.21 -90.31
C TYR E 86 5.94 -36.66 -90.77
N LYS E 87 6.05 -36.93 -92.07
CA LYS E 87 5.77 -38.25 -92.61
C LYS E 87 6.77 -39.30 -92.14
N LYS E 88 8.03 -38.92 -91.96
CA LYS E 88 9.01 -39.82 -91.37
C LYS E 88 8.67 -40.07 -89.90
N ASP E 89 9.18 -41.18 -89.36
CA ASP E 89 8.62 -41.72 -88.13
C ASP E 89 9.59 -41.84 -86.97
N ALA E 90 10.88 -41.49 -87.16
CA ALA E 90 11.90 -41.76 -86.15
C ALA E 90 11.73 -40.87 -84.90
N ILE E 91 11.05 -39.74 -85.04
CA ILE E 91 10.69 -38.90 -83.90
C ILE E 91 9.24 -39.14 -83.51
N PHE E 92 8.41 -39.58 -84.46
CA PHE E 92 7.02 -39.95 -84.21
C PHE E 92 6.92 -41.06 -83.17
N ILE E 93 7.87 -41.99 -83.18
CA ILE E 93 7.98 -43.02 -82.16
C ILE E 93 8.16 -42.40 -80.77
N ILE E 94 9.10 -41.45 -80.66
CA ILE E 94 9.43 -40.88 -79.37
C ILE E 94 8.28 -40.03 -78.85
N ASP E 95 7.58 -39.35 -79.75
CA ASP E 95 6.43 -38.56 -79.34
C ASP E 95 5.29 -39.43 -78.83
N ASN E 96 5.07 -40.58 -79.49
CA ASN E 96 4.03 -41.48 -79.02
C ASN E 96 4.39 -42.12 -77.68
N ILE E 97 5.67 -42.38 -77.45
CA ILE E 97 6.12 -42.89 -76.16
C ILE E 97 5.90 -41.85 -75.06
N VAL E 98 6.20 -40.58 -75.34
CA VAL E 98 5.98 -39.50 -74.38
C VAL E 98 4.50 -39.35 -74.04
N ASN E 99 3.64 -39.45 -75.06
CA ASN E 99 2.20 -39.44 -74.82
C ASN E 99 1.76 -40.64 -74.00
N GLY E 100 2.44 -41.78 -74.14
CA GLY E 100 2.16 -42.92 -73.29
C GLY E 100 2.49 -42.67 -71.83
N PHE E 101 3.63 -42.02 -71.57
CA PHE E 101 3.99 -41.68 -70.19
C PHE E 101 2.98 -40.75 -69.55
N PHE E 102 2.52 -39.75 -70.29
CA PHE E 102 1.54 -38.86 -69.67
C PHE E 102 0.17 -39.52 -69.53
N ALA E 103 -0.17 -40.46 -70.42
CA ALA E 103 -1.41 -41.20 -70.24
C ALA E 103 -1.34 -42.12 -69.02
N ILE E 104 -0.15 -42.61 -68.68
CA ILE E 104 0.01 -43.34 -67.42
C ILE E 104 -0.17 -42.41 -66.23
N ASP E 105 0.39 -41.20 -66.31
CA ASP E 105 0.29 -40.26 -65.19
C ASP E 105 -1.14 -39.81 -64.94
N ILE E 106 -1.96 -39.73 -66.00
CA ILE E 106 -3.37 -39.36 -65.84
C ILE E 106 -4.09 -40.35 -64.94
N ILE E 107 -3.85 -41.65 -65.12
CA ILE E 107 -4.43 -42.65 -64.25
C ILE E 107 -3.82 -42.56 -62.86
N LEU E 108 -2.50 -42.47 -62.77
CA LEU E 108 -1.83 -42.59 -61.48
C LEU E 108 -2.06 -41.39 -60.56
N THR E 109 -2.50 -40.25 -61.07
CA THR E 109 -2.79 -39.15 -60.15
C THR E 109 -4.07 -39.32 -59.36
N PHE E 110 -4.83 -40.40 -59.55
CA PHE E 110 -5.97 -40.68 -58.68
C PHE E 110 -5.59 -41.42 -57.42
N PHE E 111 -4.40 -42.02 -57.36
CA PHE E 111 -4.00 -42.82 -56.22
C PHE E 111 -3.18 -42.03 -55.21
N VAL E 112 -3.06 -40.72 -55.38
CA VAL E 112 -2.10 -39.93 -54.63
C VAL E 112 -2.85 -39.01 -53.69
N ALA E 113 -2.37 -38.93 -52.45
CA ALA E 113 -2.93 -38.03 -51.45
C ALA E 113 -2.36 -36.63 -51.63
N TYR E 114 -3.04 -35.65 -51.08
CA TYR E 114 -2.61 -34.27 -51.12
C TYR E 114 -2.58 -33.69 -49.71
N LEU E 115 -2.34 -32.39 -49.61
CA LEU E 115 -2.36 -31.68 -48.36
C LEU E 115 -3.45 -30.62 -48.40
N ASP E 116 -4.43 -30.73 -47.51
CA ASP E 116 -5.51 -29.76 -47.53
C ASP E 116 -5.08 -28.44 -46.92
N SER E 117 -5.93 -27.43 -47.06
CA SER E 117 -5.58 -26.10 -46.61
C SER E 117 -6.00 -25.84 -45.17
N HIS E 118 -7.21 -26.27 -44.80
CA HIS E 118 -7.73 -25.89 -43.49
C HIS E 118 -7.29 -26.88 -42.42
N SER E 119 -7.42 -28.16 -42.69
CA SER E 119 -6.88 -29.20 -41.83
C SER E 119 -5.65 -29.75 -42.52
N TYR E 120 -4.62 -30.06 -41.76
CA TYR E 120 -3.32 -30.26 -42.38
C TYR E 120 -2.90 -31.73 -42.40
N LEU E 121 -1.75 -31.96 -43.02
CA LEU E 121 -0.89 -33.14 -42.91
C LEU E 121 -1.38 -34.36 -43.69
N LEU E 122 -2.64 -34.37 -44.14
CA LEU E 122 -3.20 -35.47 -44.93
C LEU E 122 -4.61 -35.21 -45.41
N VAL E 123 -4.96 -35.83 -46.53
CA VAL E 123 -6.32 -36.21 -46.90
C VAL E 123 -6.21 -37.60 -47.50
N ASP E 124 -7.01 -38.53 -46.98
CA ASP E 124 -7.05 -39.89 -47.47
C ASP E 124 -8.48 -40.20 -47.88
N SER E 125 -8.76 -41.50 -48.06
CA SER E 125 -10.11 -42.02 -48.36
C SER E 125 -10.62 -41.47 -49.68
N PRO E 126 -10.29 -42.13 -50.81
CA PRO E 126 -10.21 -41.46 -52.13
C PRO E 126 -11.39 -40.65 -52.63
N LYS E 127 -12.50 -40.59 -51.92
CA LYS E 127 -13.47 -39.53 -52.17
C LYS E 127 -12.83 -38.18 -51.86
N LYS E 128 -13.24 -37.17 -52.62
CA LYS E 128 -12.77 -35.78 -52.66
C LYS E 128 -11.39 -35.63 -53.31
N ILE E 129 -10.67 -36.73 -53.52
CA ILE E 129 -9.47 -36.68 -54.35
C ILE E 129 -9.86 -36.55 -55.81
N ALA E 130 -10.84 -37.34 -56.24
CA ALA E 130 -11.37 -37.18 -57.59
C ALA E 130 -12.15 -35.88 -57.73
N ILE E 131 -12.70 -35.37 -56.64
CA ILE E 131 -13.39 -34.08 -56.71
C ILE E 131 -12.37 -32.96 -56.89
N ARG E 132 -11.22 -33.07 -56.25
CA ARG E 132 -10.14 -32.11 -56.48
C ARG E 132 -9.59 -32.21 -57.89
N TYR E 133 -9.24 -33.43 -58.32
CA TYR E 133 -8.53 -33.58 -59.59
C TYR E 133 -9.43 -33.37 -60.79
N LEU E 134 -10.68 -33.83 -60.72
CA LEU E 134 -11.58 -33.69 -61.85
C LEU E 134 -12.09 -32.27 -62.04
N SER E 135 -12.02 -31.44 -61.00
CA SER E 135 -12.48 -30.07 -61.17
C SER E 135 -11.35 -29.14 -61.61
N THR E 136 -10.15 -29.33 -61.08
CA THR E 136 -9.08 -28.38 -61.34
C THR E 136 -8.33 -28.66 -62.64
N TRP E 137 -7.65 -29.80 -62.72
CA TRP E 137 -6.64 -29.98 -63.75
C TRP E 137 -6.94 -31.08 -64.76
N PHE E 138 -8.12 -31.70 -64.72
CA PHE E 138 -8.34 -32.90 -65.51
C PHE E 138 -8.58 -32.59 -66.98
N ALA E 139 -9.34 -31.53 -67.26
CA ALA E 139 -9.83 -31.29 -68.61
C ALA E 139 -8.71 -30.94 -69.58
N PHE E 140 -7.87 -29.99 -69.22
CA PHE E 140 -6.79 -29.60 -70.11
C PHE E 140 -5.71 -30.67 -70.18
N ASP E 141 -5.53 -31.46 -69.12
CA ASP E 141 -4.59 -32.58 -69.20
C ASP E 141 -5.08 -33.67 -70.15
N VAL E 142 -6.38 -33.96 -70.14
CA VAL E 142 -6.85 -35.00 -71.05
C VAL E 142 -7.02 -34.45 -72.46
N CYS E 143 -7.08 -33.12 -72.61
CA CYS E 143 -6.99 -32.56 -73.95
C CYS E 143 -5.56 -32.57 -74.48
N SER E 144 -4.58 -32.34 -73.61
CA SER E 144 -3.20 -32.28 -74.06
C SER E 144 -2.64 -33.67 -74.32
N THR E 145 -2.96 -34.63 -73.46
CA THR E 145 -2.41 -35.98 -73.58
C THR E 145 -2.96 -36.72 -74.78
N ALA E 146 -4.17 -36.39 -75.22
CA ALA E 146 -4.84 -37.13 -76.27
C ALA E 146 -4.15 -36.90 -77.61
N PRO E 147 -3.78 -37.96 -78.33
CA PRO E 147 -3.11 -37.77 -79.62
C PRO E 147 -4.12 -37.40 -80.70
N PHE E 148 -3.73 -36.48 -81.56
CA PHE E 148 -4.56 -36.11 -82.70
C PHE E 148 -3.84 -36.23 -84.03
N GLN E 149 -2.57 -35.86 -84.08
CA GLN E 149 -1.79 -36.11 -85.28
C GLN E 149 -1.58 -37.59 -85.64
N PRO E 150 -1.33 -38.49 -84.65
CA PRO E 150 -1.15 -39.92 -84.93
C PRO E 150 -2.44 -40.51 -85.51
N LEU E 151 -3.77 -39.96 -85.07
CA LEU E 151 -5.08 -40.34 -85.58
C LEU E 151 -5.33 -39.76 -86.95
N SER E 152 -4.84 -38.56 -87.20
CA SER E 152 -4.95 -37.98 -88.54
C SER E 152 -4.07 -38.72 -89.52
N LEU E 153 -2.92 -39.24 -89.06
CA LEU E 153 -2.02 -39.93 -89.96
C LEU E 153 -2.54 -41.32 -90.30
N LEU E 154 -3.18 -41.98 -89.35
CA LEU E 154 -3.61 -43.36 -89.55
C LEU E 154 -5.05 -43.46 -90.01
N PHE E 155 -5.83 -42.39 -89.88
CA PHE E 155 -7.25 -42.45 -90.22
C PHE E 155 -7.47 -42.26 -91.72
N ASN E 156 -7.15 -41.09 -92.23
CA ASN E 156 -7.33 -40.84 -93.65
C ASN E 156 -6.15 -40.14 -94.31
N TYR E 157 -5.50 -39.22 -93.61
CA TYR E 157 -4.54 -38.32 -94.22
C TYR E 157 -3.13 -38.91 -94.26
N GLU E 161 -3.30 -30.38 -93.12
CA GLU E 161 -2.47 -30.83 -92.01
C GLU E 161 -2.15 -29.69 -91.07
N LEU E 162 -2.44 -28.45 -91.49
CA LEU E 162 -2.10 -27.30 -90.66
C LEU E 162 -3.03 -27.16 -89.47
N GLY E 163 -4.32 -27.48 -89.66
CA GLY E 163 -5.24 -27.48 -88.53
C GLY E 163 -4.99 -28.58 -87.54
N PHE E 164 -4.23 -29.60 -87.92
CA PHE E 164 -3.87 -30.67 -87.02
C PHE E 164 -2.58 -30.39 -86.27
N ARG E 165 -1.76 -29.47 -86.76
CA ARG E 165 -0.59 -29.03 -86.02
C ARG E 165 -0.96 -28.12 -84.86
N ILE E 166 -2.00 -27.30 -85.05
CA ILE E 166 -2.48 -26.44 -83.97
C ILE E 166 -3.05 -27.28 -82.84
N LEU E 167 -3.62 -28.44 -83.15
CA LEU E 167 -4.02 -29.37 -82.11
C LEU E 167 -2.81 -30.01 -81.43
N SER E 168 -1.66 -30.03 -82.10
CA SER E 168 -0.46 -30.48 -81.43
C SER E 168 0.21 -29.37 -80.63
N MET E 169 -0.13 -28.11 -80.88
CA MET E 169 0.39 -27.05 -80.04
C MET E 169 -0.23 -27.03 -78.65
N LEU E 170 -1.25 -27.84 -78.39
CA LEU E 170 -1.81 -27.97 -77.04
C LEU E 170 -0.95 -28.82 -76.13
N ARG E 171 0.17 -29.35 -76.61
CA ARG E 171 1.13 -30.03 -75.76
C ARG E 171 1.78 -29.11 -74.74
N LEU E 172 1.67 -27.80 -74.92
CA LEU E 172 2.24 -26.83 -74.00
C LEU E 172 1.45 -26.69 -72.70
N TRP E 173 0.30 -27.36 -72.56
CA TRP E 173 -0.32 -27.39 -71.25
C TRP E 173 0.46 -28.24 -70.28
N ARG E 174 1.28 -29.17 -70.78
CA ARG E 174 2.14 -30.00 -69.94
C ARG E 174 3.19 -29.19 -69.19
N LEU E 175 3.33 -27.91 -69.48
CA LEU E 175 4.35 -27.04 -68.92
C LEU E 175 3.92 -26.43 -67.59
N ARG E 176 2.81 -26.89 -67.00
CA ARG E 176 2.48 -26.44 -65.66
C ARG E 176 3.37 -27.05 -64.61
N ARG E 177 3.99 -28.19 -64.92
CA ARG E 177 4.79 -28.88 -63.92
C ARG E 177 6.09 -28.14 -63.65
N VAL E 178 6.60 -27.43 -64.64
CA VAL E 178 7.78 -26.61 -64.44
C VAL E 178 7.44 -25.42 -63.55
N SER E 179 6.22 -24.88 -63.70
CA SER E 179 5.78 -23.82 -62.78
C SER E 179 5.57 -24.35 -61.37
N SER E 180 5.10 -25.59 -61.24
CA SER E 180 4.95 -26.17 -59.92
C SER E 180 6.31 -26.42 -59.26
N LEU E 181 7.32 -26.82 -60.03
CA LEU E 181 8.65 -26.92 -59.45
C LEU E 181 9.22 -25.57 -59.05
N PHE E 182 9.05 -24.55 -59.88
CA PHE E 182 9.59 -23.27 -59.46
C PHE E 182 8.73 -22.57 -58.44
N ALA E 183 7.56 -23.12 -58.11
CA ALA E 183 6.86 -22.68 -56.91
C ALA E 183 7.35 -23.44 -55.68
N ARG E 184 7.71 -24.71 -55.85
CA ARG E 184 8.21 -25.48 -54.70
C ARG E 184 9.59 -25.04 -54.27
N LEU E 185 10.46 -24.74 -55.22
CA LEU E 185 11.85 -24.53 -54.85
C LEU E 185 12.12 -23.17 -54.24
N GLU E 186 11.25 -22.20 -54.45
CA GLU E 186 11.39 -20.94 -53.72
C GLU E 186 11.07 -21.14 -52.26
N LYS E 187 10.02 -21.90 -51.99
CA LYS E 187 9.49 -22.09 -50.65
C LYS E 187 10.24 -23.16 -49.89
N ASP E 188 10.96 -24.03 -50.58
CA ASP E 188 11.84 -24.99 -49.91
C ASP E 188 13.04 -24.26 -49.33
N ILE E 189 13.53 -24.76 -48.20
CA ILE E 189 14.60 -24.06 -47.49
C ILE E 189 15.93 -24.26 -48.19
N ARG E 190 16.24 -25.51 -48.57
CA ARG E 190 17.62 -25.84 -48.89
C ARG E 190 17.99 -25.50 -50.33
N PHE E 191 17.77 -24.23 -50.70
CA PHE E 191 18.15 -23.70 -52.01
C PHE E 191 18.34 -22.19 -51.94
N ASN E 192 19.15 -21.64 -52.83
CA ASN E 192 19.40 -20.21 -52.86
C ASN E 192 18.25 -19.54 -53.60
N TYR E 193 17.58 -18.62 -52.93
CA TYR E 193 16.37 -18.02 -53.49
C TYR E 193 16.69 -17.10 -54.66
N PHE E 194 17.83 -16.43 -54.62
CA PHE E 194 18.21 -15.54 -55.71
C PHE E 194 18.88 -16.26 -56.86
N TRP E 195 18.84 -17.58 -56.89
CA TRP E 195 19.35 -18.38 -57.98
C TRP E 195 18.20 -19.01 -58.75
N ILE E 196 17.20 -19.48 -58.01
CA ILE E 196 16.02 -20.11 -58.61
C ILE E 196 15.23 -19.11 -59.44
N ARG E 197 15.10 -17.88 -58.96
CA ARG E 197 14.21 -16.95 -59.64
C ARG E 197 14.83 -16.41 -60.91
N CYS E 198 16.15 -16.17 -60.89
CA CYS E 198 16.83 -15.81 -62.12
C CYS E 198 16.88 -16.97 -63.11
N THR E 199 16.94 -18.21 -62.62
CA THR E 199 16.84 -19.35 -63.52
C THR E 199 15.48 -19.41 -64.19
N LYS E 200 14.43 -19.06 -63.45
CA LYS E 200 13.08 -19.02 -64.02
C LYS E 200 12.95 -17.98 -65.12
N LEU E 201 13.56 -16.80 -64.90
CA LEU E 201 13.47 -15.75 -65.90
C LEU E 201 14.28 -16.07 -67.15
N ILE E 202 15.45 -16.69 -66.98
CA ILE E 202 16.24 -17.11 -68.14
C ILE E 202 15.51 -18.18 -68.93
N SER E 203 14.77 -19.06 -68.24
CA SER E 203 13.98 -20.06 -68.94
C SER E 203 12.89 -19.44 -69.79
N VAL E 204 12.16 -18.46 -69.23
CA VAL E 204 11.08 -17.83 -69.99
C VAL E 204 11.62 -17.02 -71.17
N THR E 205 12.76 -16.34 -70.97
CA THR E 205 13.34 -15.55 -72.05
C THR E 205 13.86 -16.42 -73.18
N LEU E 206 14.53 -17.53 -72.85
CA LEU E 206 15.03 -18.42 -73.89
C LEU E 206 13.90 -19.10 -74.64
N PHE E 207 12.82 -19.45 -73.94
CA PHE E 207 11.71 -20.06 -74.67
C PHE E 207 10.99 -19.05 -75.56
N ALA E 208 10.95 -17.78 -75.15
CA ALA E 208 10.35 -16.78 -76.01
C ALA E 208 11.16 -16.56 -77.29
N ILE E 209 12.49 -16.51 -77.16
CA ILE E 209 13.38 -16.45 -78.32
C ILE E 209 13.12 -17.61 -79.26
N HIS E 210 13.06 -18.82 -78.70
CA HIS E 210 12.96 -20.03 -79.53
C HIS E 210 11.64 -20.08 -80.28
N CYS E 211 10.52 -19.86 -79.58
CA CYS E 211 9.22 -20.00 -80.21
C CYS E 211 8.97 -18.89 -81.21
N ALA E 212 9.46 -17.68 -80.93
CA ALA E 212 9.24 -16.59 -81.87
C ALA E 212 10.09 -16.77 -83.13
N GLY E 213 11.32 -17.26 -82.98
CA GLY E 213 12.14 -17.50 -84.15
C GLY E 213 11.56 -18.58 -85.05
N CYS E 214 11.07 -19.67 -84.46
CA CYS E 214 10.52 -20.72 -85.30
C CYS E 214 9.21 -20.30 -85.95
N PHE E 215 8.38 -19.50 -85.28
CA PHE E 215 7.13 -19.07 -85.91
C PHE E 215 7.41 -18.10 -87.05
N ASN E 216 8.43 -17.25 -86.92
CA ASN E 216 8.73 -16.36 -88.04
C ASN E 216 9.33 -17.13 -89.21
N TYR E 217 10.11 -18.18 -88.95
CA TYR E 217 10.59 -18.97 -90.08
C TYR E 217 9.45 -19.71 -90.77
N LEU E 218 8.41 -20.11 -90.01
CA LEU E 218 7.23 -20.69 -90.64
C LEU E 218 6.54 -19.71 -91.57
N ILE E 219 6.29 -18.50 -91.08
CA ILE E 219 5.60 -17.51 -91.90
C ILE E 219 6.49 -17.00 -93.04
N ALA E 220 7.78 -17.26 -93.00
CA ALA E 220 8.62 -17.02 -94.16
C ALA E 220 8.60 -18.17 -95.15
N ASP E 221 8.42 -19.42 -94.70
CA ASP E 221 8.30 -20.52 -95.66
C ASP E 221 6.99 -20.45 -96.42
N ARG E 222 5.88 -20.24 -95.73
CA ARG E 222 4.58 -20.49 -96.34
C ARG E 222 4.16 -19.42 -97.36
N TYR E 223 4.97 -18.45 -97.62
CA TYR E 223 4.57 -17.31 -98.44
C TYR E 223 5.15 -17.46 -99.85
N PRO E 224 4.35 -17.28 -100.90
CA PRO E 224 4.90 -17.25 -102.26
C PRO E 224 5.69 -15.98 -102.48
N ASN E 225 6.49 -15.96 -103.58
CA ASN E 225 7.60 -15.02 -103.79
C ASN E 225 8.57 -15.09 -102.62
N PRO E 226 9.53 -16.01 -102.65
CA PRO E 226 10.59 -16.03 -101.63
C PRO E 226 11.31 -14.70 -101.43
N ARG E 227 11.50 -13.90 -102.47
CA ARG E 227 11.95 -12.54 -102.24
C ARG E 227 10.82 -11.71 -101.64
N LYS E 228 11.20 -10.61 -101.02
CA LYS E 228 10.33 -9.85 -100.11
C LYS E 228 9.78 -10.75 -99.00
N THR E 229 10.70 -11.46 -98.34
CA THR E 229 10.56 -11.96 -96.98
C THR E 229 11.78 -11.49 -96.21
N TRP E 230 11.86 -11.80 -94.91
CA TRP E 230 13.00 -11.28 -94.14
C TRP E 230 14.26 -12.04 -94.46
N ILE E 231 14.17 -13.34 -94.67
CA ILE E 231 15.35 -14.12 -94.99
C ILE E 231 15.54 -14.26 -96.49
N GLY E 232 14.51 -13.99 -97.28
CA GLY E 232 14.63 -14.17 -98.71
C GLY E 232 15.36 -13.03 -99.38
N ALA E 233 15.13 -11.80 -98.92
CA ALA E 233 15.74 -10.66 -99.58
C ALA E 233 17.22 -10.54 -99.28
N VAL E 234 17.71 -11.23 -98.27
CA VAL E 234 19.14 -11.22 -97.97
C VAL E 234 19.82 -12.46 -98.53
N TYR E 235 19.27 -13.64 -98.23
CA TYR E 235 19.71 -14.87 -98.86
C TYR E 235 18.67 -15.27 -99.89
N PRO E 236 18.97 -15.17 -101.19
CA PRO E 236 17.94 -15.54 -102.18
C PRO E 236 17.74 -17.05 -102.29
N ASN E 237 18.74 -17.85 -101.93
CA ASN E 237 18.64 -19.30 -101.94
C ASN E 237 18.79 -19.76 -100.50
N PHE E 238 17.68 -19.89 -99.80
CA PHE E 238 17.74 -20.28 -98.39
C PHE E 238 17.07 -21.60 -98.08
N LYS E 239 16.12 -22.06 -98.89
CA LYS E 239 15.50 -23.34 -98.63
C LYS E 239 16.41 -24.51 -98.92
N GLU E 240 17.46 -24.30 -99.72
CA GLU E 240 18.39 -25.37 -100.03
C GLU E 240 19.49 -25.53 -98.99
N ALA E 241 19.57 -24.64 -98.01
CA ALA E 241 20.63 -24.74 -97.01
C ALA E 241 20.20 -25.69 -95.88
N SER E 242 21.10 -25.89 -94.93
CA SER E 242 20.92 -26.91 -93.91
C SER E 242 19.93 -26.49 -92.84
N LEU E 243 19.85 -27.28 -91.77
CA LEU E 243 19.05 -26.86 -90.63
C LEU E 243 19.81 -25.90 -89.74
N TRP E 244 21.11 -26.06 -89.64
CA TRP E 244 21.84 -25.26 -88.66
C TRP E 244 21.95 -23.81 -89.12
N ASN E 245 22.08 -23.57 -90.42
CA ASN E 245 22.17 -22.19 -90.88
C ASN E 245 20.83 -21.48 -90.79
N ARG E 246 19.75 -22.17 -91.15
CA ARG E 246 18.43 -21.55 -91.06
C ARG E 246 18.02 -21.35 -89.61
N TYR E 247 18.36 -22.30 -88.75
CA TYR E 247 17.98 -22.18 -87.35
C TYR E 247 18.77 -21.08 -86.65
N VAL E 248 20.07 -20.99 -86.91
CA VAL E 248 20.85 -19.91 -86.34
C VAL E 248 20.40 -18.56 -86.88
N THR E 249 19.99 -18.51 -88.15
CA THR E 249 19.52 -17.24 -88.71
C THR E 249 18.21 -16.81 -88.09
N ALA E 250 17.29 -17.75 -87.85
CA ALA E 250 16.03 -17.39 -87.21
C ALA E 250 16.25 -16.99 -85.76
N LEU E 251 17.18 -17.64 -85.08
CA LEU E 251 17.45 -17.32 -83.69
C LEU E 251 18.12 -15.95 -83.58
N TYR E 252 18.98 -15.64 -84.53
CA TYR E 252 19.66 -14.36 -84.56
C TYR E 252 18.73 -13.22 -84.92
N TRP E 253 17.75 -13.46 -85.79
CA TRP E 253 16.73 -12.45 -85.99
C TRP E 253 15.96 -12.21 -84.72
N SER E 254 15.56 -13.28 -84.03
CA SER E 254 14.68 -13.12 -82.88
C SER E 254 15.35 -12.41 -81.73
N ILE E 255 16.65 -12.62 -81.53
CA ILE E 255 17.24 -11.99 -80.36
C ILE E 255 17.58 -10.52 -80.59
N THR E 256 17.78 -10.08 -81.85
CA THR E 256 18.03 -8.67 -82.06
C THR E 256 16.79 -7.81 -81.95
N THR E 257 15.60 -8.40 -81.88
CA THR E 257 14.42 -7.63 -81.60
C THR E 257 13.81 -7.98 -80.26
N LEU E 258 14.29 -9.01 -79.58
CA LEU E 258 13.96 -9.12 -78.17
C LEU E 258 14.81 -8.17 -77.34
N THR E 259 16.12 -8.19 -77.53
CA THR E 259 16.98 -7.33 -76.73
C THR E 259 17.15 -5.96 -77.31
N THR E 260 16.14 -5.49 -78.05
CA THR E 260 15.95 -4.18 -78.65
C THR E 260 17.16 -3.57 -79.35
N THR E 261 18.04 -4.39 -79.90
CA THR E 261 19.14 -3.81 -80.67
C THR E 261 18.65 -3.39 -82.03
N GLY E 262 18.25 -4.35 -82.85
CA GLY E 262 17.66 -4.00 -84.13
C GLY E 262 18.66 -3.42 -85.11
N TYR E 263 19.54 -4.25 -85.66
CA TYR E 263 20.56 -3.73 -86.57
C TYR E 263 19.95 -3.10 -87.79
N GLY E 264 19.25 -3.87 -88.59
CA GLY E 264 18.71 -3.31 -89.81
C GLY E 264 18.73 -4.33 -90.91
N ASP E 265 19.39 -5.45 -90.65
CA ASP E 265 19.13 -6.63 -91.44
C ASP E 265 17.75 -7.14 -91.09
N PHE E 266 17.19 -7.94 -92.01
CA PHE E 266 16.13 -8.88 -91.69
C PHE E 266 14.85 -8.18 -91.25
N HIS E 267 14.63 -6.98 -91.75
CA HIS E 267 13.39 -6.30 -91.50
C HIS E 267 12.30 -6.92 -92.36
N ALA E 268 11.05 -6.60 -92.06
CA ALA E 268 9.93 -7.28 -92.70
C ALA E 268 9.48 -6.54 -93.96
N GLU E 269 9.07 -7.32 -94.97
CA GLU E 269 8.49 -6.81 -96.20
C GLU E 269 7.09 -7.31 -96.47
N ASN E 270 6.84 -8.57 -96.22
CA ASN E 270 5.51 -9.14 -96.32
C ASN E 270 4.60 -8.48 -95.29
N PRO E 271 3.42 -7.98 -95.68
CA PRO E 271 2.56 -7.29 -94.72
C PRO E 271 1.98 -8.17 -93.62
N ARG E 272 1.81 -9.47 -93.84
CA ARG E 272 1.40 -10.32 -92.74
C ARG E 272 2.53 -10.50 -91.74
N GLU E 273 3.76 -10.49 -92.23
CA GLU E 273 4.93 -10.56 -91.38
C GLU E 273 5.16 -9.25 -90.67
N MET E 274 4.89 -8.16 -91.37
CA MET E 274 4.88 -6.82 -90.79
C MET E 274 3.82 -6.71 -89.71
N LEU E 275 2.76 -7.52 -89.81
CA LEU E 275 1.77 -7.57 -88.73
C LEU E 275 2.24 -8.43 -87.58
N PHE E 276 3.00 -9.47 -87.84
CA PHE E 276 3.49 -10.31 -86.74
C PHE E 276 4.46 -9.55 -85.86
N ASP E 277 5.29 -8.69 -86.47
CA ASP E 277 6.27 -7.95 -85.69
C ASP E 277 5.65 -7.00 -84.69
N ILE E 278 4.41 -6.55 -84.92
CA ILE E 278 3.77 -5.63 -83.98
C ILE E 278 3.45 -6.34 -82.67
N PHE E 279 2.89 -7.55 -82.76
CA PHE E 279 2.58 -8.27 -81.55
C PHE E 279 3.85 -8.76 -80.87
N PHE E 280 4.87 -9.12 -81.64
CA PHE E 280 6.08 -9.58 -80.98
C PHE E 280 6.84 -8.45 -80.31
N MET E 281 6.78 -7.23 -80.85
CA MET E 281 7.49 -6.16 -80.18
C MET E 281 6.72 -5.60 -78.99
N MET E 282 5.39 -5.67 -79.01
CA MET E 282 4.62 -5.41 -77.78
C MET E 282 5.01 -6.39 -76.67
N PHE E 283 5.08 -7.68 -77.02
CA PHE E 283 5.46 -8.68 -76.02
C PHE E 283 6.86 -8.45 -75.49
N ASN E 284 7.78 -8.02 -76.34
CA ASN E 284 9.15 -7.80 -75.87
C ASN E 284 9.25 -6.59 -74.97
N LEU E 285 8.44 -5.56 -75.22
CA LEU E 285 8.40 -4.41 -74.32
C LEU E 285 7.92 -4.82 -72.93
N GLY E 286 6.86 -5.63 -72.88
CA GLY E 286 6.37 -6.11 -71.59
C GLY E 286 7.37 -6.97 -70.84
N LEU E 287 8.01 -7.90 -71.55
CA LEU E 287 8.92 -8.81 -70.88
C LEU E 287 10.21 -8.13 -70.43
N THR E 288 10.70 -7.16 -71.20
CA THR E 288 11.90 -6.44 -70.79
C THR E 288 11.64 -5.60 -69.54
N ALA E 289 10.44 -5.02 -69.44
CA ALA E 289 10.08 -4.31 -68.22
C ALA E 289 10.02 -5.25 -67.01
N TYR E 290 9.47 -6.45 -67.21
CA TYR E 290 9.38 -7.40 -66.11
C TYR E 290 10.75 -7.86 -65.65
N LEU E 291 11.67 -8.05 -66.59
CA LEU E 291 13.01 -8.51 -66.26
C LEU E 291 13.79 -7.46 -65.47
N ILE E 292 13.64 -6.18 -65.86
CA ILE E 292 14.30 -5.11 -65.12
C ILE E 292 13.71 -4.99 -63.71
N GLY E 293 12.42 -5.27 -63.55
CA GLY E 293 11.84 -5.28 -62.21
C GLY E 293 12.43 -6.35 -61.30
N ASN E 294 12.62 -7.56 -61.82
CA ASN E 294 13.22 -8.62 -61.00
C ASN E 294 14.67 -8.33 -60.65
N MET E 295 15.46 -7.79 -61.59
CA MET E 295 16.84 -7.49 -61.22
C MET E 295 16.92 -6.32 -60.24
N THR E 296 15.94 -5.41 -60.27
CA THR E 296 15.88 -4.36 -59.25
C THR E 296 15.61 -4.94 -57.87
N ASN E 297 14.74 -5.94 -57.78
CA ASN E 297 14.58 -6.64 -56.50
C ASN E 297 15.86 -7.29 -56.02
N LEU E 298 16.60 -7.94 -56.92
CA LEU E 298 17.82 -8.61 -56.49
C LEU E 298 18.88 -7.63 -56.03
N VAL E 299 18.98 -6.46 -56.67
CA VAL E 299 20.00 -5.49 -56.30
C VAL E 299 19.63 -4.75 -55.03
N VAL E 300 18.36 -4.38 -54.87
CA VAL E 300 17.91 -3.72 -53.64
C VAL E 300 18.03 -4.65 -52.46
N HIS E 301 17.77 -5.94 -52.66
CA HIS E 301 17.83 -6.84 -51.52
C HIS E 301 19.22 -7.34 -51.22
N TRP E 302 20.10 -7.43 -52.22
CA TRP E 302 21.44 -7.96 -51.98
C TRP E 302 22.29 -7.02 -51.14
N THR E 303 22.07 -5.72 -51.25
CA THR E 303 22.88 -4.74 -50.54
C THR E 303 22.05 -3.87 -49.61
N SER E 304 21.18 -4.48 -48.80
CA SER E 304 20.47 -3.69 -47.80
C SER E 304 21.25 -3.56 -46.51
N ARG E 305 22.05 -4.56 -46.18
CA ARG E 305 22.72 -4.59 -44.89
C ARG E 305 23.82 -3.54 -44.80
N THR E 306 24.67 -3.51 -45.83
CA THR E 306 25.77 -2.55 -45.87
C THR E 306 25.25 -1.14 -45.98
N ARG E 307 24.16 -0.94 -46.70
CA ARG E 307 23.59 0.38 -46.85
C ARG E 307 22.97 0.87 -45.54
N THR E 308 22.37 -0.03 -44.76
CA THR E 308 21.82 0.37 -43.47
C THR E 308 22.92 0.71 -42.48
N PHE E 309 24.01 -0.07 -42.48
CA PHE E 309 25.19 0.26 -41.68
C PHE E 309 25.74 1.63 -42.01
N ARG E 310 25.86 1.95 -43.30
CA ARG E 310 26.43 3.23 -43.67
C ARG E 310 25.46 4.37 -43.37
N ASP E 311 24.15 4.11 -43.38
CA ASP E 311 23.19 5.10 -42.87
C ASP E 311 23.45 5.42 -41.41
N SER E 312 23.65 4.39 -40.59
CA SER E 312 23.84 4.61 -39.16
C SER E 312 25.11 5.38 -38.90
N VAL E 313 26.17 5.11 -39.67
CA VAL E 313 27.42 5.83 -39.48
C VAL E 313 27.30 7.28 -39.95
N ARG E 314 26.58 7.53 -41.04
CA ARG E 314 26.37 8.92 -41.48
C ARG E 314 25.56 9.71 -40.47
N ALA E 315 24.54 9.08 -39.87
CA ALA E 315 23.73 9.80 -38.89
C ALA E 315 24.51 10.09 -37.62
N ALA E 316 25.34 9.15 -37.17
CA ALA E 316 26.18 9.40 -36.02
C ALA E 316 27.22 10.49 -36.30
N SER E 317 27.77 10.52 -37.52
CA SER E 317 28.76 11.55 -37.82
C SER E 317 28.14 12.93 -37.96
N GLU E 318 26.92 13.02 -38.49
CA GLU E 318 26.27 14.33 -38.54
C GLU E 318 25.90 14.83 -37.15
N PHE E 319 25.42 13.93 -36.29
CA PHE E 319 25.13 14.33 -34.92
C PHE E 319 26.38 14.71 -34.16
N ALA E 320 27.51 14.09 -34.48
CA ALA E 320 28.74 14.46 -33.80
C ALA E 320 29.28 15.79 -34.30
N SER E 321 29.36 15.96 -35.61
CA SER E 321 29.95 17.18 -36.15
C SER E 321 28.99 18.37 -36.09
N ARG E 322 27.73 18.15 -35.73
CA ARG E 322 26.85 19.28 -35.50
C ARG E 322 27.11 19.92 -34.14
N ASN E 323 27.22 19.12 -33.09
CA ASN E 323 27.34 19.64 -31.74
C ASN E 323 28.78 19.80 -31.30
N GLN E 324 29.74 19.47 -32.17
CA GLN E 324 31.18 19.69 -31.96
C GLN E 324 31.69 18.94 -30.74
N LEU E 325 31.57 17.62 -30.77
CA LEU E 325 32.22 16.79 -29.77
C LEU E 325 33.68 16.59 -30.17
N PRO E 326 34.61 16.59 -29.22
CA PRO E 326 36.04 16.68 -29.58
C PRO E 326 36.67 15.52 -30.36
N HIS E 327 36.99 14.43 -29.71
CA HIS E 327 37.41 13.23 -30.44
C HIS E 327 36.86 11.96 -29.81
N ASP E 328 36.87 11.94 -28.49
CA ASP E 328 36.73 10.68 -27.77
C ASP E 328 35.32 10.12 -27.92
N ILE E 329 34.32 11.00 -27.88
CA ILE E 329 32.95 10.54 -27.98
C ILE E 329 32.64 10.11 -29.40
N GLN E 330 33.26 10.76 -30.39
CA GLN E 330 33.16 10.29 -31.78
C GLN E 330 33.72 8.89 -31.93
N ASP E 331 34.91 8.64 -31.38
CA ASP E 331 35.52 7.33 -31.58
C ASP E 331 34.77 6.25 -30.82
N GLN E 332 34.18 6.60 -29.67
CA GLN E 332 33.36 5.62 -28.96
C GLN E 332 32.11 5.27 -29.73
N MET E 333 31.40 6.27 -30.27
CA MET E 333 30.19 5.99 -31.03
C MET E 333 30.47 5.20 -32.30
N LEU E 334 31.52 5.59 -33.03
CA LEU E 334 31.76 4.93 -34.31
C LEU E 334 32.31 3.52 -34.12
N SER E 335 33.18 3.30 -33.12
CA SER E 335 33.65 1.95 -32.90
C SER E 335 32.55 1.07 -32.32
N HIS E 336 31.61 1.64 -31.58
CA HIS E 336 30.53 0.81 -31.07
C HIS E 336 29.57 0.43 -32.18
N ILE E 337 29.37 1.29 -33.18
CA ILE E 337 28.53 0.86 -34.29
C ILE E 337 29.26 -0.15 -35.18
N CYS E 338 30.58 -0.01 -35.31
CA CYS E 338 31.36 -1.00 -36.08
C CYS E 338 31.30 -2.38 -35.43
N LEU E 339 31.33 -2.44 -34.10
CA LEU E 339 31.20 -3.75 -33.46
C LEU E 339 29.77 -4.16 -33.17
N LYS E 340 28.78 -3.31 -33.42
CA LYS E 340 27.44 -3.86 -33.60
C LYS E 340 27.28 -4.46 -34.98
N PHE E 341 28.05 -4.01 -35.95
CA PHE E 341 27.86 -4.55 -37.28
C PHE E 341 28.70 -5.77 -37.56
N LYS E 342 29.88 -5.89 -36.96
CA LYS E 342 30.66 -7.12 -37.12
C LYS E 342 30.01 -8.29 -36.42
N THR E 343 29.34 -8.07 -35.30
CA THR E 343 28.49 -9.12 -34.73
C THR E 343 27.05 -8.63 -34.80
N GLU E 344 26.37 -8.98 -35.90
CA GLU E 344 25.14 -8.30 -36.32
C GLU E 344 24.02 -8.58 -35.34
N GLY E 345 23.96 -7.76 -34.31
CA GLY E 345 23.06 -8.01 -33.20
C GLY E 345 21.67 -7.49 -33.41
N LEU E 346 21.44 -6.70 -34.47
CA LEU E 346 20.11 -6.16 -34.72
C LEU E 346 19.15 -7.26 -35.18
N LYS E 347 19.60 -8.06 -36.15
CA LYS E 347 18.82 -9.23 -36.56
C LYS E 347 18.70 -10.24 -35.43
N GLN E 348 19.72 -10.30 -34.56
CA GLN E 348 19.64 -11.15 -33.38
C GLN E 348 18.53 -10.69 -32.45
N GLN E 349 18.44 -9.38 -32.19
CA GLN E 349 17.38 -8.84 -31.34
C GLN E 349 16.00 -9.11 -31.92
N GLU E 350 15.85 -8.88 -33.23
CA GLU E 350 14.56 -9.11 -33.87
C GLU E 350 14.15 -10.58 -33.84
N THR E 351 15.06 -11.47 -34.25
CA THR E 351 14.68 -12.87 -34.37
C THR E 351 14.69 -13.59 -33.03
N LEU E 352 15.34 -13.04 -32.02
CA LEU E 352 15.13 -13.59 -30.69
C LEU E 352 13.84 -13.09 -30.07
N ASN E 353 13.44 -11.86 -30.39
CA ASN E 353 12.19 -11.37 -29.85
C ASN E 353 10.99 -11.85 -30.64
N ASN E 354 11.22 -12.57 -31.73
CA ASN E 354 10.12 -13.22 -32.43
C ASN E 354 9.96 -14.67 -32.00
N LEU E 355 10.79 -15.15 -31.10
CA LEU E 355 10.75 -16.53 -30.69
C LEU E 355 9.72 -16.71 -29.56
N PRO E 356 9.20 -17.94 -29.34
CA PRO E 356 8.07 -18.08 -28.41
C PRO E 356 8.45 -18.12 -26.93
N LYS E 357 9.64 -17.66 -26.56
CA LYS E 357 10.07 -17.43 -25.17
C LYS E 357 10.19 -18.72 -24.35
N ALA E 358 10.23 -19.87 -25.00
CA ALA E 358 10.70 -21.08 -24.35
C ALA E 358 11.90 -21.64 -25.08
N ILE E 359 11.92 -21.49 -26.41
CA ILE E 359 13.08 -21.92 -27.18
C ILE E 359 14.25 -21.00 -26.90
N ARG E 360 13.98 -19.71 -26.62
CA ARG E 360 15.08 -18.83 -26.23
C ARG E 360 15.60 -19.18 -24.85
N SER E 361 14.75 -19.80 -24.01
CA SER E 361 15.22 -20.28 -22.72
C SER E 361 16.12 -21.49 -22.90
N SER E 362 15.79 -22.37 -23.85
CA SER E 362 16.68 -23.48 -24.11
C SER E 362 17.99 -23.03 -24.76
N ILE E 363 17.93 -21.95 -25.55
CA ILE E 363 19.14 -21.35 -26.12
C ILE E 363 20.06 -20.83 -25.04
N ALA E 364 19.52 -20.00 -24.13
CA ALA E 364 20.35 -19.45 -23.06
C ALA E 364 20.80 -20.52 -22.09
N ASN E 365 20.00 -21.58 -21.95
CA ASN E 365 20.39 -22.72 -21.12
C ASN E 365 21.57 -23.46 -21.74
N TYR E 366 21.62 -23.54 -23.06
CA TYR E 366 22.80 -24.16 -23.66
C TYR E 366 24.00 -23.24 -23.60
N LEU E 367 23.80 -21.93 -23.72
CA LEU E 367 24.95 -21.06 -23.93
C LEU E 367 25.59 -20.59 -22.64
N PHE E 368 24.82 -20.39 -21.58
CA PHE E 368 25.33 -19.66 -20.44
C PHE E 368 25.24 -20.41 -19.12
N PHE E 369 24.65 -21.59 -19.10
CA PHE E 369 24.54 -22.34 -17.85
C PHE E 369 25.88 -22.80 -17.27
N PRO E 370 26.85 -23.36 -18.02
CA PRO E 370 28.12 -23.69 -17.35
C PRO E 370 29.01 -22.49 -17.09
N ILE E 371 28.61 -21.29 -17.51
CA ILE E 371 29.35 -20.10 -17.15
C ILE E 371 28.83 -19.52 -15.85
N VAL E 372 27.51 -19.46 -15.70
CA VAL E 372 26.92 -18.95 -14.48
C VAL E 372 26.98 -20.00 -13.37
N HIS E 373 27.19 -21.26 -13.75
CA HIS E 373 27.22 -22.35 -12.78
C HIS E 373 28.45 -22.28 -11.87
N ASN E 374 29.48 -21.55 -12.28
CA ASN E 374 30.72 -21.44 -11.49
C ASN E 374 31.10 -19.98 -11.32
N ILE E 375 30.55 -19.32 -10.31
CA ILE E 375 30.89 -17.93 -10.02
C ILE E 375 31.29 -17.83 -8.55
N TYR E 376 32.06 -16.78 -8.26
CA TYR E 376 32.24 -16.20 -6.92
C TYR E 376 30.99 -16.26 -6.05
N LEU E 377 29.86 -15.78 -6.57
CA LEU E 377 28.66 -15.74 -5.74
C LEU E 377 27.98 -17.10 -5.64
N PHE E 378 27.54 -17.64 -6.77
CA PHE E 378 26.73 -18.85 -6.78
C PHE E 378 27.60 -20.05 -6.46
N GLN E 379 27.25 -20.77 -5.39
CA GLN E 379 27.97 -21.99 -5.05
C GLN E 379 27.06 -23.20 -5.04
N GLY E 380 25.98 -23.15 -4.26
CA GLY E 380 25.17 -24.34 -4.04
C GLY E 380 23.70 -24.10 -4.33
N VAL E 381 23.40 -23.42 -5.43
CA VAL E 381 22.17 -22.66 -5.53
C VAL E 381 21.13 -23.48 -6.29
N SER E 382 21.22 -24.82 -6.20
CA SER E 382 20.10 -25.74 -6.46
C SER E 382 19.54 -25.68 -7.88
N ARG E 383 20.24 -26.27 -8.86
CA ARG E 383 20.12 -26.02 -10.30
C ARG E 383 18.69 -25.91 -10.85
N ASN E 384 17.70 -26.49 -10.16
CA ASN E 384 16.31 -26.20 -10.46
C ASN E 384 15.96 -24.73 -10.23
N PHE E 385 16.73 -24.03 -9.39
CA PHE E 385 16.66 -22.57 -9.40
C PHE E 385 17.35 -22.01 -10.63
N LEU E 386 18.42 -22.67 -11.10
CA LEU E 386 19.21 -22.10 -12.19
C LEU E 386 18.47 -22.14 -13.52
N PHE E 387 17.58 -23.12 -13.71
CA PHE E 387 16.79 -23.16 -14.95
C PHE E 387 15.88 -21.94 -15.06
N GLN E 388 15.28 -21.52 -13.95
CA GLN E 388 14.48 -20.31 -13.98
C GLN E 388 15.35 -19.06 -13.92
N LEU E 389 16.60 -19.20 -13.48
CA LEU E 389 17.48 -18.03 -13.45
C LEU E 389 17.99 -17.66 -14.83
N VAL E 390 18.48 -18.65 -15.58
CA VAL E 390 19.28 -18.44 -16.80
C VAL E 390 18.49 -17.73 -17.89
N SER E 391 17.19 -18.05 -18.05
CA SER E 391 16.39 -17.65 -19.20
C SER E 391 16.18 -16.14 -19.36
N ASP E 392 16.58 -15.32 -18.39
CA ASP E 392 16.43 -13.88 -18.54
C ASP E 392 17.76 -13.20 -18.79
N ILE E 393 18.83 -13.97 -18.94
CA ILE E 393 20.16 -13.40 -19.12
C ILE E 393 20.25 -12.85 -20.54
N ASP E 394 20.67 -11.59 -20.65
CA ASP E 394 20.80 -10.92 -21.94
C ASP E 394 22.28 -10.66 -22.20
N ALA E 395 22.83 -11.37 -23.18
CA ALA E 395 24.24 -11.26 -23.53
C ALA E 395 24.49 -9.93 -24.21
N GLU E 396 25.78 -9.59 -24.33
CA GLU E 396 26.19 -8.35 -24.98
C GLU E 396 27.65 -8.51 -25.39
N TYR E 397 28.20 -7.48 -26.01
CA TYR E 397 29.53 -7.54 -26.60
C TYR E 397 30.06 -6.11 -26.66
N PHE E 398 31.34 -5.92 -26.37
CA PHE E 398 31.78 -4.58 -26.07
C PHE E 398 33.10 -4.24 -26.73
N PRO E 399 33.29 -2.98 -27.12
CA PRO E 399 34.55 -2.57 -27.76
C PRO E 399 35.66 -2.42 -26.75
N PRO E 400 36.92 -2.42 -27.19
CA PRO E 400 38.01 -2.08 -26.28
C PRO E 400 38.03 -0.58 -26.01
N LYS E 401 38.62 -0.21 -24.87
CA LYS E 401 38.87 1.15 -24.41
C LYS E 401 37.61 1.98 -24.18
N GLU E 402 36.43 1.35 -24.23
CA GLU E 402 35.19 1.99 -23.85
C GLU E 402 35.07 1.91 -22.34
N ASP E 403 34.97 3.07 -21.69
CA ASP E 403 34.81 3.14 -20.24
C ASP E 403 33.46 2.56 -19.88
N ILE E 404 33.48 1.38 -19.25
CA ILE E 404 32.23 0.65 -19.06
C ILE E 404 31.47 1.20 -17.86
N ILE E 405 32.08 1.12 -16.68
CA ILE E 405 31.54 1.65 -15.44
C ILE E 405 32.48 2.74 -14.94
N LEU E 406 31.95 3.92 -14.71
CA LEU E 406 32.73 5.05 -14.24
C LEU E 406 32.68 5.12 -12.72
N GLN E 407 33.52 5.98 -12.16
CA GLN E 407 33.56 6.17 -10.71
C GLN E 407 32.34 6.94 -10.26
N ASN E 408 31.77 6.50 -9.12
CA ASN E 408 30.60 7.10 -8.46
C ASN E 408 29.38 7.14 -9.36
N GLU E 409 29.21 6.14 -10.21
CA GLU E 409 27.99 6.00 -10.99
C GLU E 409 26.96 5.21 -10.19
N ALA E 410 25.71 5.66 -10.23
CA ALA E 410 24.64 4.96 -9.54
C ALA E 410 24.37 3.63 -10.25
N PRO E 411 24.36 2.51 -9.54
CA PRO E 411 24.50 1.20 -10.20
C PRO E 411 23.26 0.76 -10.97
N THR E 412 23.49 -0.03 -12.03
CA THR E 412 22.39 -0.49 -12.87
C THR E 412 22.41 -1.98 -13.18
N ASP E 413 23.58 -2.62 -13.27
CA ASP E 413 23.61 -3.99 -13.77
C ASP E 413 24.86 -4.72 -13.32
N LEU E 414 24.73 -6.05 -13.22
CA LEU E 414 25.86 -6.95 -13.02
C LEU E 414 26.58 -7.18 -14.32
N TYR E 415 27.90 -7.29 -14.24
CA TYR E 415 28.76 -7.47 -15.41
C TYR E 415 29.65 -8.69 -15.18
N ILE E 416 29.13 -9.85 -15.52
CA ILE E 416 29.94 -11.08 -15.53
C ILE E 416 30.78 -11.08 -16.79
N LEU E 417 32.09 -11.24 -16.63
CA LEU E 417 32.93 -11.41 -17.81
C LEU E 417 32.73 -12.81 -18.35
N VAL E 418 32.85 -12.95 -19.67
CA VAL E 418 32.94 -14.29 -20.27
C VAL E 418 34.28 -14.43 -20.98
N SER E 419 34.80 -13.31 -21.48
CA SER E 419 36.17 -13.26 -21.97
C SER E 419 36.66 -11.83 -21.81
N GLY E 420 37.88 -11.58 -22.26
CA GLY E 420 38.41 -10.24 -22.38
C GLY E 420 38.89 -9.65 -21.08
N ALA E 421 40.02 -8.98 -21.15
CA ALA E 421 40.65 -8.34 -20.01
C ALA E 421 39.88 -7.07 -19.64
N VAL E 422 39.99 -6.66 -18.38
CA VAL E 422 39.39 -5.44 -17.87
C VAL E 422 40.42 -4.74 -17.00
N ASP E 423 40.52 -3.41 -17.17
CA ASP E 423 41.49 -2.59 -16.39
C ASP E 423 40.73 -1.50 -15.65
N PHE E 424 40.86 -1.46 -14.32
CA PHE E 424 40.14 -0.45 -13.48
C PHE E 424 41.16 0.53 -12.89
N THR E 425 40.89 1.84 -13.04
CA THR E 425 41.78 2.89 -12.52
C THR E 425 40.93 3.90 -11.72
N VAL E 426 41.55 4.59 -10.75
CA VAL E 426 40.83 5.59 -9.92
C VAL E 426 40.34 6.72 -10.82
N TYR E 427 39.09 7.18 -10.62
CA TYR E 427 38.52 8.28 -11.43
C TYR E 427 38.24 9.48 -10.50
N VAL E 428 38.75 10.66 -10.87
CA VAL E 428 38.62 11.97 -10.15
C VAL E 428 39.49 12.01 -8.88
N ASP E 429 39.26 11.12 -7.91
CA ASP E 429 40.06 11.08 -6.66
C ASP E 429 41.51 10.77 -6.99
N GLY E 430 41.75 9.83 -7.92
CA GLY E 430 43.13 9.46 -8.31
C GLY E 430 43.45 9.95 -9.72
N HIS E 431 44.48 10.78 -9.84
CA HIS E 431 44.91 11.34 -11.15
C HIS E 431 45.40 10.24 -12.11
N ASP E 432 46.16 9.27 -11.59
CA ASP E 432 46.73 8.20 -12.45
C ASP E 432 47.06 6.95 -11.62
N GLN E 433 47.45 5.87 -12.32
CA GLN E 433 47.86 4.56 -11.73
C GLN E 433 46.70 3.91 -10.96
N PHE E 434 46.94 3.52 -9.71
CA PHE E 434 46.01 2.82 -8.78
C PHE E 434 45.86 1.36 -9.23
N GLN E 435 44.79 0.68 -8.78
CA GLN E 435 44.60 -0.75 -9.15
C GLN E 435 43.12 -1.04 -9.45
N GLY E 436 42.86 -2.08 -10.24
CA GLY E 436 41.49 -2.51 -10.59
C GLY E 436 41.61 -3.72 -11.52
N LYS E 437 40.93 -4.83 -11.22
CA LYS E 437 41.08 -6.02 -12.09
C LYS E 437 39.87 -6.96 -12.02
N ALA E 438 39.77 -7.82 -13.03
CA ALA E 438 38.72 -8.87 -13.19
C ALA E 438 39.15 -9.77 -14.36
N VAL E 439 39.09 -11.09 -14.18
CA VAL E 439 39.53 -12.04 -15.25
C VAL E 439 38.37 -12.97 -15.67
N ILE E 440 38.57 -13.76 -16.74
CA ILE E 440 37.52 -14.56 -17.35
C ILE E 440 36.74 -15.41 -16.33
N GLY E 441 35.45 -15.12 -16.20
CA GLY E 441 34.66 -15.75 -15.17
C GLY E 441 34.49 -14.93 -13.91
N GLU E 442 35.42 -14.02 -13.62
CA GLU E 442 35.34 -13.26 -12.39
C GLU E 442 34.39 -12.07 -12.55
N THR E 443 33.29 -12.10 -11.81
CA THR E 443 32.26 -11.09 -11.92
C THR E 443 32.70 -9.80 -11.26
N PHE E 444 31.97 -8.73 -11.55
CA PHE E 444 32.00 -7.52 -10.75
C PHE E 444 30.64 -6.85 -10.85
N GLY E 445 30.53 -5.69 -10.21
CA GLY E 445 29.24 -5.10 -9.95
C GLY E 445 28.53 -5.66 -8.75
N GLU E 446 29.26 -6.35 -7.87
CA GLU E 446 28.65 -7.00 -6.71
C GLU E 446 28.48 -6.04 -5.54
N VAL E 447 28.85 -4.78 -5.71
CA VAL E 447 28.50 -3.76 -4.73
C VAL E 447 26.98 -3.55 -4.72
N GLY E 448 26.42 -3.15 -5.87
CA GLY E 448 25.00 -2.89 -5.96
C GLY E 448 24.12 -4.12 -6.06
N VAL E 449 24.33 -5.09 -5.16
CA VAL E 449 23.41 -6.22 -5.05
C VAL E 449 22.23 -5.81 -4.19
N LEU E 450 22.53 -5.45 -2.95
CA LEU E 450 21.56 -4.88 -2.03
C LEU E 450 22.07 -3.62 -1.35
N TYR E 451 23.35 -3.29 -1.52
CA TYR E 451 23.95 -2.12 -0.88
C TYR E 451 23.49 -0.82 -1.49
N TYR E 452 23.08 -0.85 -2.77
CA TYR E 452 22.39 0.24 -3.46
C TYR E 452 23.28 1.48 -3.55
N ARG E 453 24.58 1.25 -3.63
CA ARG E 453 25.61 2.25 -3.48
C ARG E 453 26.41 2.35 -4.79
N PRO E 454 27.01 3.51 -5.08
CA PRO E 454 27.75 3.65 -6.34
C PRO E 454 29.04 2.84 -6.39
N GLN E 455 29.46 2.56 -7.61
CA GLN E 455 30.62 1.74 -7.89
C GLN E 455 31.90 2.46 -7.48
N PRO E 456 32.89 1.72 -6.96
CA PRO E 456 34.10 2.38 -6.46
C PRO E 456 35.02 2.89 -7.56
N PHE E 457 35.23 2.09 -8.59
CA PHE E 457 36.35 2.28 -9.50
C PHE E 457 35.85 2.76 -10.85
N THR E 458 36.79 2.96 -11.76
CA THR E 458 36.49 3.08 -13.17
C THR E 458 36.74 1.74 -13.85
N VAL E 459 36.04 1.49 -14.95
CA VAL E 459 36.12 0.21 -15.65
C VAL E 459 36.35 0.51 -17.13
N ARG E 460 37.60 0.37 -17.58
CA ARG E 460 37.96 0.56 -18.97
C ARG E 460 38.54 -0.75 -19.52
N THR E 461 38.08 -1.11 -20.72
CA THR E 461 38.45 -2.36 -21.35
C THR E 461 39.88 -2.23 -21.88
N THR E 462 40.57 -3.34 -22.08
CA THR E 462 41.86 -3.29 -22.75
C THR E 462 41.83 -3.99 -24.09
N GLU E 463 41.50 -5.28 -24.09
CA GLU E 463 41.14 -6.01 -25.30
C GLU E 463 39.67 -6.38 -25.19
N LEU E 464 39.02 -6.52 -26.34
CA LEU E 464 37.56 -6.64 -26.43
C LEU E 464 37.04 -7.85 -25.64
N SER E 465 35.77 -7.77 -25.24
CA SER E 465 35.24 -8.74 -24.30
C SER E 465 33.79 -9.03 -24.62
N GLN E 466 33.28 -10.08 -23.96
CA GLN E 466 31.88 -10.44 -24.02
C GLN E 466 31.37 -10.46 -22.59
N ILE E 467 30.40 -9.59 -22.30
CA ILE E 467 29.98 -9.32 -20.93
C ILE E 467 28.50 -9.58 -20.80
N LEU E 468 28.14 -10.53 -19.95
CA LEU E 468 26.74 -10.79 -19.63
C LEU E 468 26.19 -9.64 -18.80
N ARG E 469 24.86 -9.52 -18.75
CA ARG E 469 24.26 -8.45 -17.96
C ARG E 469 22.94 -8.92 -17.34
N ILE E 470 23.01 -9.29 -16.06
CA ILE E 470 21.82 -9.52 -15.23
C ILE E 470 21.62 -8.24 -14.45
N SER E 471 20.65 -7.43 -14.86
CA SER E 471 20.55 -6.08 -14.34
C SER E 471 19.92 -6.04 -12.96
N ARG E 472 19.75 -4.83 -12.45
CA ARG E 472 19.30 -4.62 -11.07
C ARG E 472 17.85 -5.06 -10.88
N THR E 473 16.98 -4.67 -11.82
CA THR E 473 15.57 -5.05 -11.71
C THR E 473 15.39 -6.54 -11.96
N SER E 474 16.26 -7.14 -12.76
CA SER E 474 16.19 -8.58 -12.96
C SER E 474 16.62 -9.33 -11.70
N LEU E 475 17.62 -8.82 -10.99
CA LEU E 475 17.99 -9.38 -9.69
C LEU E 475 16.85 -9.25 -8.69
N MET E 476 16.23 -8.07 -8.62
CA MET E 476 15.17 -7.87 -7.64
C MET E 476 13.91 -8.63 -8.03
N SER E 477 13.76 -8.96 -9.30
CA SER E 477 12.70 -9.89 -9.70
C SER E 477 13.05 -11.31 -9.30
N ALA E 478 14.34 -11.65 -9.31
CA ALA E 478 14.75 -12.96 -8.83
C ALA E 478 14.71 -13.10 -7.31
N MET E 479 14.41 -12.02 -6.59
CA MET E 479 14.44 -12.04 -5.13
C MET E 479 13.30 -12.88 -4.53
N HIS E 480 12.12 -12.89 -5.17
CA HIS E 480 10.98 -13.61 -4.61
C HIS E 480 11.16 -15.11 -4.66
N ALA E 481 12.01 -15.60 -5.56
CA ALA E 481 12.40 -17.01 -5.54
C ALA E 481 13.37 -17.24 -4.38
N HIS E 482 12.80 -17.39 -3.19
CA HIS E 482 13.57 -17.47 -1.96
C HIS E 482 13.85 -18.92 -1.58
N ALA E 483 14.37 -19.10 -0.36
CA ALA E 483 14.92 -20.31 0.25
C ALA E 483 16.20 -20.77 -0.44
N ASP E 484 16.74 -19.98 -1.35
CA ASP E 484 18.06 -20.20 -1.90
C ASP E 484 18.78 -18.87 -2.08
N ASP E 485 18.15 -17.77 -1.70
CA ASP E 485 18.85 -16.50 -1.64
C ASP E 485 19.68 -16.40 -0.37
N GLY E 486 19.39 -17.26 0.61
CA GLY E 486 20.22 -17.32 1.79
C GLY E 486 21.64 -17.75 1.50
N ARG E 487 21.81 -18.69 0.57
CA ARG E 487 23.14 -19.11 0.17
C ARG E 487 23.88 -17.99 -0.55
N VAL E 488 23.17 -17.20 -1.34
CA VAL E 488 23.77 -16.07 -2.04
C VAL E 488 24.22 -15.01 -1.03
N ILE E 489 23.40 -14.77 -0.01
CA ILE E 489 23.72 -13.73 0.95
C ILE E 489 24.84 -14.18 1.89
N MET E 490 24.90 -15.47 2.22
CA MET E 490 26.05 -16.01 2.96
C MET E 490 27.32 -15.91 2.14
N ASN E 491 27.22 -16.15 0.82
CA ASN E 491 28.40 -16.00 -0.03
C ASN E 491 28.82 -14.55 -0.14
N ASN E 492 27.86 -13.63 -0.06
CA ASN E 492 28.20 -12.21 -0.01
C ASN E 492 28.93 -11.85 1.27
N LEU E 493 28.42 -12.30 2.42
CA LEU E 493 29.01 -11.91 3.70
C LEU E 493 30.39 -12.54 3.88
N PHE E 494 30.53 -13.85 3.61
CA PHE E 494 31.84 -14.48 3.70
C PHE E 494 32.75 -14.03 2.57
N MET E 495 32.17 -13.49 1.50
CA MET E 495 32.98 -13.01 0.38
C MET E 495 33.66 -11.70 0.71
N LYS E 496 32.93 -10.75 1.28
CA LYS E 496 33.48 -9.42 1.49
C LYS E 496 34.29 -9.33 2.77
N LEU E 497 34.01 -10.21 3.74
CA LEU E 497 34.70 -10.14 5.02
C LEU E 497 36.13 -10.67 4.90
N ARG E 498 36.39 -11.53 3.93
CA ARG E 498 37.72 -12.08 3.74
C ARG E 498 38.60 -11.10 2.95
N HIS F 50 -37.24 13.55 -57.03
CA HIS F 50 -37.10 14.46 -58.15
C HIS F 50 -35.64 14.63 -58.54
N ILE F 51 -34.74 14.00 -57.78
CA ILE F 51 -33.31 14.09 -57.99
C ILE F 51 -32.76 12.67 -58.08
N ILE F 52 -31.99 12.40 -59.13
CA ILE F 52 -31.50 11.06 -59.39
C ILE F 52 -30.30 10.77 -58.50
N SER F 53 -30.38 9.68 -57.74
CA SER F 53 -29.31 9.29 -56.86
C SER F 53 -28.15 8.71 -57.65
N PRO F 54 -26.91 8.93 -57.20
CA PRO F 54 -25.75 8.41 -57.95
C PRO F 54 -25.45 6.95 -57.70
N PHE F 55 -26.39 6.18 -57.18
CA PHE F 55 -26.17 4.75 -56.98
C PHE F 55 -27.33 3.93 -57.53
N ASN F 56 -28.16 4.51 -58.39
CA ASN F 56 -29.20 3.78 -59.06
C ASN F 56 -28.60 2.77 -60.05
N PRO F 57 -29.35 1.72 -60.40
CA PRO F 57 -28.91 0.87 -61.51
C PRO F 57 -29.06 1.51 -62.87
N ARG F 58 -29.91 2.55 -62.98
CA ARG F 58 -30.08 3.22 -64.27
C ARG F 58 -28.85 4.04 -64.62
N TYR F 59 -28.39 4.86 -63.67
CA TYR F 59 -27.35 5.83 -63.98
C TYR F 59 -25.99 5.18 -64.19
N ARG F 60 -25.75 4.05 -63.52
CA ARG F 60 -24.49 3.35 -63.71
C ARG F 60 -24.41 2.69 -65.09
N ALA F 61 -25.53 2.13 -65.57
CA ALA F 61 -25.55 1.60 -66.92
C ALA F 61 -25.47 2.71 -67.97
N TRP F 62 -26.04 3.87 -67.65
CA TRP F 62 -25.86 5.03 -68.52
C TRP F 62 -24.39 5.44 -68.63
N GLU F 63 -23.68 5.42 -67.49
CA GLU F 63 -22.26 5.74 -67.52
C GLU F 63 -21.45 4.72 -68.32
N MET F 64 -21.77 3.43 -68.19
CA MET F 64 -20.96 2.46 -68.92
C MET F 64 -21.26 2.47 -70.42
N TRP F 65 -22.50 2.79 -70.80
CA TRP F 65 -22.78 3.03 -72.21
C TRP F 65 -22.00 4.24 -72.74
N LEU F 66 -21.90 5.29 -71.92
CA LEU F 66 -21.05 6.40 -72.32
C LEU F 66 -19.57 6.03 -72.41
N VAL F 67 -19.12 5.09 -71.59
CA VAL F 67 -17.71 4.71 -71.65
C VAL F 67 -17.41 3.97 -72.95
N LEU F 68 -18.32 3.09 -73.38
CA LEU F 68 -18.14 2.47 -74.70
C LEU F 68 -18.20 3.49 -75.82
N LEU F 69 -19.03 4.51 -75.66
CA LEU F 69 -19.11 5.53 -76.69
C LEU F 69 -17.86 6.39 -76.75
N VAL F 70 -17.24 6.64 -75.59
CA VAL F 70 -16.01 7.41 -75.52
C VAL F 70 -14.86 6.64 -76.16
N ILE F 71 -14.79 5.33 -75.90
CA ILE F 71 -13.75 4.51 -76.54
C ILE F 71 -13.91 4.50 -78.05
N TYR F 72 -15.16 4.47 -78.53
CA TYR F 72 -15.39 4.58 -79.96
C TYR F 72 -14.89 5.90 -80.54
N SER F 73 -15.23 7.01 -79.87
CA SER F 73 -14.83 8.32 -80.39
C SER F 73 -13.33 8.49 -80.39
N ALA F 74 -12.67 8.04 -79.32
CA ALA F 74 -11.22 8.18 -79.24
C ALA F 74 -10.49 7.26 -80.20
N TRP F 75 -11.09 6.13 -80.58
CA TRP F 75 -10.43 5.36 -81.62
C TRP F 75 -10.63 5.95 -83.00
N ILE F 76 -11.80 6.54 -83.27
CA ILE F 76 -12.04 7.04 -84.62
C ILE F 76 -11.25 8.32 -84.91
N CYS F 77 -11.16 9.23 -83.93
CA CYS F 77 -10.75 10.61 -84.22
C CYS F 77 -9.39 10.81 -84.91
N PRO F 78 -8.29 10.11 -84.58
CA PRO F 78 -7.11 10.27 -85.43
C PRO F 78 -7.25 9.61 -86.78
N PHE F 79 -7.91 8.45 -86.81
CA PHE F 79 -8.11 7.70 -88.03
C PHE F 79 -9.01 8.45 -89.01
N GLN F 80 -9.92 9.26 -88.49
CA GLN F 80 -10.69 10.17 -89.32
C GLN F 80 -9.87 11.39 -89.69
N PHE F 81 -8.99 11.81 -88.78
CA PHE F 81 -8.21 13.02 -89.01
C PHE F 81 -7.19 12.87 -90.12
N ALA F 82 -6.71 11.65 -90.37
CA ALA F 82 -5.64 11.47 -91.34
C ALA F 82 -6.07 10.75 -92.61
N PHE F 83 -6.64 9.56 -92.50
CA PHE F 83 -6.79 8.71 -93.68
C PHE F 83 -7.96 9.12 -94.55
N ILE F 84 -9.17 9.06 -94.00
CA ILE F 84 -10.38 9.15 -94.80
C ILE F 84 -10.72 10.60 -95.06
N THR F 85 -11.58 10.82 -96.05
CA THR F 85 -12.11 12.14 -96.36
C THR F 85 -13.27 12.46 -95.42
N TYR F 86 -14.03 13.50 -95.75
CA TYR F 86 -15.12 13.94 -94.90
C TYR F 86 -16.44 14.16 -95.63
N LYS F 87 -16.43 14.34 -96.95
CA LYS F 87 -17.62 14.73 -97.68
C LYS F 87 -18.69 13.65 -97.68
N LYS F 88 -18.30 12.38 -97.70
CA LYS F 88 -19.26 11.29 -97.54
C LYS F 88 -19.83 11.30 -96.12
N ASP F 89 -20.99 10.69 -95.96
CA ASP F 89 -21.80 10.96 -94.78
C ASP F 89 -22.12 9.75 -93.91
N ALA F 90 -21.69 8.53 -94.31
CA ALA F 90 -22.10 7.33 -93.60
C ALA F 90 -21.52 7.22 -92.20
N ILE F 91 -20.40 7.90 -91.94
CA ILE F 91 -19.85 8.00 -90.60
C ILE F 91 -20.23 9.33 -89.96
N PHE F 92 -20.50 10.34 -90.78
CA PHE F 92 -20.98 11.65 -90.32
C PHE F 92 -22.29 11.51 -89.54
N ILE F 93 -23.15 10.58 -89.97
CA ILE F 93 -24.37 10.26 -89.23
C ILE F 93 -24.04 9.77 -87.82
N ILE F 94 -23.10 8.83 -87.71
CA ILE F 94 -22.78 8.22 -86.44
C ILE F 94 -22.13 9.23 -85.50
N ASP F 95 -21.30 10.11 -86.06
CA ASP F 95 -20.67 11.15 -85.24
C ASP F 95 -21.69 12.15 -84.72
N ASN F 96 -22.68 12.49 -85.53
CA ASN F 96 -23.71 13.40 -85.06
C ASN F 96 -24.59 12.76 -83.99
N ILE F 97 -24.84 11.46 -84.11
CA ILE F 97 -25.58 10.74 -83.09
C ILE F 97 -24.81 10.71 -81.76
N VAL F 98 -23.49 10.48 -81.84
CA VAL F 98 -22.65 10.48 -80.64
C VAL F 98 -22.65 11.85 -79.97
N ASN F 99 -22.57 12.91 -80.78
CA ASN F 99 -22.69 14.26 -80.23
C ASN F 99 -24.05 14.51 -79.60
N GLY F 100 -25.09 13.87 -80.14
CA GLY F 100 -26.39 13.96 -79.51
C GLY F 100 -26.44 13.32 -78.14
N PHE F 101 -25.82 12.15 -78.00
CA PHE F 101 -25.76 11.48 -76.68
C PHE F 101 -25.03 12.33 -75.66
N PHE F 102 -23.92 12.95 -76.05
CA PHE F 102 -23.23 13.77 -75.05
C PHE F 102 -23.97 15.07 -74.76
N ALA F 103 -24.72 15.60 -75.74
CA ALA F 103 -25.53 16.77 -75.46
C ALA F 103 -26.69 16.43 -74.52
N ILE F 104 -27.18 15.20 -74.55
CA ILE F 104 -28.15 14.76 -73.54
C ILE F 104 -27.49 14.67 -72.17
N ASP F 105 -26.27 14.14 -72.11
CA ASP F 105 -25.61 13.99 -70.82
C ASP F 105 -25.27 15.33 -70.18
N ILE F 106 -25.02 16.36 -70.99
CA ILE F 106 -24.76 17.70 -70.45
C ILE F 106 -25.94 18.21 -69.65
N ILE F 107 -27.16 18.01 -70.16
CA ILE F 107 -28.35 18.38 -69.41
C ILE F 107 -28.53 17.48 -68.19
N LEU F 108 -28.38 16.17 -68.38
CA LEU F 108 -28.75 15.23 -67.33
C LEU F 108 -27.79 15.25 -66.14
N THR F 109 -26.58 15.81 -66.29
CA THR F 109 -25.70 15.87 -65.11
C THR F 109 -26.11 16.96 -64.11
N PHE F 110 -27.16 17.72 -64.37
CA PHE F 110 -27.66 18.64 -63.36
C PHE F 110 -28.64 18.00 -62.39
N PHE F 111 -29.18 16.84 -62.73
CA PHE F 111 -30.18 16.18 -61.89
C PHE F 111 -29.58 15.15 -60.95
N VAL F 112 -28.26 15.08 -60.85
CA VAL F 112 -27.60 13.98 -60.18
C VAL F 112 -26.94 14.50 -58.91
N ALA F 113 -27.10 13.76 -57.82
CA ALA F 113 -26.45 14.08 -56.56
C ALA F 113 -25.03 13.56 -56.55
N TYR F 114 -24.22 14.11 -55.66
CA TYR F 114 -22.83 13.70 -55.50
C TYR F 114 -22.57 13.36 -54.04
N LEU F 115 -21.31 13.10 -53.72
CA LEU F 115 -20.87 12.84 -52.36
C LEU F 115 -19.88 13.92 -51.94
N ASP F 116 -20.22 14.67 -50.91
CA ASP F 116 -19.32 15.73 -50.49
C ASP F 116 -18.15 15.16 -49.71
N SER F 117 -17.16 16.02 -49.45
CA SER F 117 -15.94 15.59 -48.81
C SER F 117 -16.02 15.68 -47.29
N HIS F 118 -16.56 16.77 -46.77
CA HIS F 118 -16.50 16.99 -45.33
C HIS F 118 -17.66 16.33 -44.60
N SER F 119 -18.87 16.51 -45.11
CA SER F 119 -20.04 15.79 -44.63
C SER F 119 -20.37 14.74 -45.68
N TYR F 120 -20.79 13.58 -45.25
CA TYR F 120 -20.78 12.45 -46.16
C TYR F 120 -22.19 12.05 -46.58
N LEU F 121 -22.23 11.06 -47.47
CA LEU F 121 -23.37 10.19 -47.81
C LEU F 121 -24.42 10.84 -48.71
N LEU F 122 -24.40 12.18 -48.87
CA LEU F 122 -25.34 12.89 -49.74
C LEU F 122 -25.05 14.38 -49.84
N VAL F 123 -25.43 14.96 -50.97
CA VAL F 123 -25.79 16.37 -51.09
C VAL F 123 -27.02 16.41 -52.00
N ASP F 124 -28.06 17.07 -51.53
CA ASP F 124 -29.30 17.21 -52.26
C ASP F 124 -29.59 18.69 -52.42
N SER F 125 -30.83 19.01 -52.81
CA SER F 125 -31.34 20.39 -52.92
C SER F 125 -30.56 21.19 -53.95
N PRO F 126 -30.94 21.12 -55.23
CA PRO F 126 -30.01 21.32 -56.37
C PRO F 126 -29.16 22.59 -56.41
N LYS F 127 -29.31 23.52 -55.47
CA LYS F 127 -28.26 24.51 -55.28
C LYS F 127 -26.99 23.82 -54.83
N LYS F 128 -25.85 24.39 -55.24
CA LYS F 128 -24.46 23.94 -55.10
C LYS F 128 -24.13 22.74 -55.98
N ILE F 129 -25.13 22.08 -56.57
CA ILE F 129 -24.83 21.10 -57.60
C ILE F 129 -24.42 21.80 -58.88
N ALA F 130 -25.15 22.86 -59.26
CA ALA F 130 -24.74 23.67 -60.39
C ALA F 130 -23.47 24.47 -60.07
N ILE F 131 -23.23 24.76 -58.80
CA ILE F 131 -21.99 25.44 -58.45
C ILE F 131 -20.80 24.50 -58.61
N ARG F 132 -21.00 23.22 -58.26
CA ARG F 132 -19.96 22.22 -58.52
C ARG F 132 -19.73 21.99 -60.00
N TYR F 133 -20.82 21.76 -60.75
CA TYR F 133 -20.66 21.35 -62.12
C TYR F 133 -20.25 22.49 -63.04
N LEU F 134 -20.77 23.70 -62.80
CA LEU F 134 -20.44 24.83 -63.66
C LEU F 134 -19.05 25.36 -63.42
N SER F 135 -18.44 25.06 -62.27
CA SER F 135 -17.09 25.55 -62.02
C SER F 135 -16.05 24.55 -62.50
N THR F 136 -16.28 23.25 -62.29
CA THR F 136 -15.25 22.26 -62.56
C THR F 136 -15.22 21.83 -64.02
N TRP F 137 -16.27 21.17 -64.49
CA TRP F 137 -16.19 20.43 -65.73
C TRP F 137 -17.07 20.94 -66.86
N PHE F 138 -17.73 22.09 -66.70
CA PHE F 138 -18.75 22.47 -67.67
C PHE F 138 -18.15 23.04 -68.95
N ALA F 139 -17.09 23.84 -68.83
CA ALA F 139 -16.61 24.62 -69.96
C ALA F 139 -16.00 23.74 -71.04
N PHE F 140 -15.10 22.84 -70.67
CA PHE F 140 -14.49 21.98 -71.67
C PHE F 140 -15.47 20.95 -72.21
N ASP F 141 -16.46 20.54 -71.41
CA ASP F 141 -17.48 19.64 -71.92
C ASP F 141 -18.36 20.32 -72.95
N VAL F 142 -18.72 21.59 -72.73
CA VAL F 142 -19.56 22.25 -73.71
C VAL F 142 -18.74 22.73 -74.90
N CYS F 143 -17.42 22.82 -74.75
CA CYS F 143 -16.58 23.04 -75.93
C CYS F 143 -16.42 21.76 -76.74
N SER F 144 -16.33 20.60 -76.08
CA SER F 144 -16.11 19.35 -76.79
C SER F 144 -17.38 18.86 -77.46
N THR F 145 -18.52 18.99 -76.78
CA THR F 145 -19.78 18.48 -77.30
C THR F 145 -20.27 19.29 -78.48
N ALA F 146 -19.92 20.56 -78.56
CA ALA F 146 -20.46 21.45 -79.59
C ALA F 146 -19.92 21.08 -80.95
N PRO F 147 -20.78 20.86 -81.96
CA PRO F 147 -20.30 20.50 -83.28
C PRO F 147 -19.76 21.73 -84.01
N PHE F 148 -18.67 21.54 -84.73
CA PHE F 148 -18.09 22.60 -85.54
C PHE F 148 -17.91 22.20 -86.99
N GLN F 149 -17.48 20.96 -87.23
CA GLN F 149 -17.43 20.46 -88.61
C GLN F 149 -18.79 20.35 -89.30
N PRO F 150 -19.86 19.89 -88.62
CA PRO F 150 -21.18 19.78 -89.23
C PRO F 150 -21.70 21.16 -89.63
N LEU F 151 -21.32 22.36 -88.80
CA LEU F 151 -21.66 23.74 -89.09
C LEU F 151 -20.81 24.30 -90.21
N SER F 152 -19.55 23.87 -90.29
CA SER F 152 -18.72 24.27 -91.42
C SER F 152 -19.19 23.64 -92.71
N LEU F 153 -19.74 22.42 -92.63
CA LEU F 153 -20.20 21.73 -93.83
C LEU F 153 -21.49 22.33 -94.34
N LEU F 154 -22.37 22.73 -93.44
CA LEU F 154 -23.69 23.19 -93.84
C LEU F 154 -23.76 24.70 -93.98
N PHE F 155 -22.78 25.43 -93.46
CA PHE F 155 -22.84 26.89 -93.49
C PHE F 155 -22.35 27.43 -94.82
N ASN F 156 -21.08 27.25 -95.12
CA ASN F 156 -20.55 27.73 -96.39
C ASN F 156 -19.68 26.72 -97.12
N TYR F 157 -18.90 25.94 -96.39
CA TYR F 157 -17.84 25.13 -97.00
C TYR F 157 -18.34 23.77 -97.46
N GLU F 161 -10.26 23.68 -94.49
CA GLU F 161 -10.89 22.62 -93.73
C GLU F 161 -9.95 22.11 -92.65
N LEU F 162 -8.68 22.48 -92.72
CA LEU F 162 -7.71 21.97 -91.77
C LEU F 162 -7.86 22.61 -90.40
N GLY F 163 -8.20 23.90 -90.37
CA GLY F 163 -8.47 24.56 -89.10
C GLY F 163 -9.75 24.10 -88.43
N PHE F 164 -10.63 23.43 -89.18
CA PHE F 164 -11.85 22.89 -88.63
C PHE F 164 -11.68 21.46 -88.14
N ARG F 165 -10.63 20.77 -88.59
CA ARG F 165 -10.30 19.47 -88.04
C ARG F 165 -9.67 19.58 -86.67
N ILE F 166 -8.89 20.63 -86.44
CA ILE F 166 -8.30 20.86 -85.13
C ILE F 166 -9.37 21.16 -84.11
N LEU F 167 -10.47 21.79 -84.53
CA LEU F 167 -11.61 21.94 -83.64
C LEU F 167 -12.32 20.62 -83.40
N SER F 168 -12.14 19.64 -84.29
CA SER F 168 -12.67 18.31 -84.02
C SER F 168 -11.73 17.49 -83.16
N MET F 169 -10.46 17.89 -83.04
CA MET F 169 -9.57 17.18 -82.13
C MET F 169 -9.88 17.48 -80.67
N LEU F 170 -10.77 18.42 -80.38
CA LEU F 170 -11.21 18.66 -79.01
C LEU F 170 -12.19 17.63 -78.50
N ARG F 171 -12.55 16.63 -79.31
CA ARG F 171 -13.35 15.51 -78.87
C ARG F 171 -12.63 14.65 -77.84
N LEU F 172 -11.32 14.79 -77.70
CA LEU F 172 -10.54 14.04 -76.74
C LEU F 172 -10.71 14.53 -75.30
N TRP F 173 -11.45 15.61 -75.06
CA TRP F 173 -11.78 15.94 -73.68
C TRP F 173 -12.78 14.95 -73.11
N ARG F 174 -13.55 14.27 -73.96
CA ARG F 174 -14.48 13.24 -73.53
C ARG F 174 -13.81 12.04 -72.88
N LEU F 175 -12.49 11.97 -72.90
CA LEU F 175 -11.71 10.86 -72.41
C LEU F 175 -11.41 10.99 -70.91
N ARG F 176 -12.04 11.93 -70.21
CA ARG F 176 -11.90 11.96 -68.77
C ARG F 176 -12.68 10.86 -68.09
N ARG F 177 -13.68 10.31 -68.77
CA ARG F 177 -14.53 9.31 -68.13
C ARG F 177 -13.82 7.98 -68.00
N VAL F 178 -12.88 7.72 -68.91
CA VAL F 178 -12.07 6.51 -68.78
C VAL F 178 -11.10 6.66 -67.61
N SER F 179 -10.60 7.87 -67.37
CA SER F 179 -9.79 8.10 -66.18
C SER F 179 -10.60 8.00 -64.91
N SER F 180 -11.87 8.41 -64.94
CA SER F 180 -12.72 8.27 -63.77
C SER F 180 -13.03 6.80 -63.50
N LEU F 181 -13.21 5.99 -64.53
CA LEU F 181 -13.37 4.56 -64.29
C LEU F 181 -12.12 3.91 -63.74
N PHE F 182 -10.95 4.27 -64.28
CA PHE F 182 -9.76 3.65 -63.73
C PHE F 182 -9.34 4.26 -62.41
N ALA F 183 -10.00 5.33 -61.96
CA ALA F 183 -9.85 5.74 -60.58
C ALA F 183 -10.82 4.99 -59.68
N ARG F 184 -12.02 4.68 -60.18
CA ARG F 184 -12.98 3.94 -59.37
C ARG F 184 -12.58 2.50 -59.16
N LEU F 185 -12.04 1.85 -60.19
CA LEU F 185 -11.86 0.42 -60.10
C LEU F 185 -10.65 0.02 -59.28
N GLU F 186 -9.69 0.91 -59.07
CA GLU F 186 -8.60 0.62 -58.15
C GLU F 186 -9.12 0.61 -56.72
N LYS F 187 -9.98 1.58 -56.41
CA LYS F 187 -10.46 1.80 -55.06
C LYS F 187 -11.64 0.89 -54.72
N ASP F 188 -12.31 0.34 -55.72
CA ASP F 188 -13.34 -0.66 -55.48
C ASP F 188 -12.69 -1.96 -55.03
N ILE F 189 -13.39 -2.70 -54.18
CA ILE F 189 -12.81 -3.90 -53.58
C ILE F 189 -12.81 -5.04 -54.58
N ARG F 190 -13.92 -5.26 -55.27
CA ARG F 190 -14.10 -6.53 -55.95
C ARG F 190 -13.45 -6.58 -57.32
N PHE F 191 -12.16 -6.28 -57.37
CA PHE F 191 -11.33 -6.35 -58.58
C PHE F 191 -9.87 -6.55 -58.22
N ASN F 192 -9.11 -7.14 -59.13
CA ASN F 192 -7.69 -7.38 -58.91
C ASN F 192 -6.94 -6.10 -59.21
N TYR F 193 -6.20 -5.59 -58.23
CA TYR F 193 -5.57 -4.29 -58.38
C TYR F 193 -4.41 -4.34 -59.36
N PHE F 194 -3.70 -5.46 -59.43
CA PHE F 194 -2.59 -5.58 -60.35
C PHE F 194 -3.02 -5.99 -61.75
N TRP F 195 -4.31 -5.95 -62.05
CA TRP F 195 -4.84 -6.19 -63.37
C TRP F 195 -5.34 -4.90 -63.99
N ILE F 196 -6.01 -4.09 -63.18
CA ILE F 196 -6.55 -2.81 -63.63
C ILE F 196 -5.44 -1.86 -64.03
N ARG F 197 -4.34 -1.83 -63.27
CA ARG F 197 -3.34 -0.81 -63.52
C ARG F 197 -2.51 -1.14 -64.76
N CYS F 198 -2.22 -2.43 -64.98
CA CYS F 198 -1.57 -2.83 -66.23
C CYS F 198 -2.49 -2.66 -67.42
N THR F 199 -3.81 -2.82 -67.24
CA THR F 199 -4.74 -2.53 -68.31
C THR F 199 -4.71 -1.04 -68.67
N LYS F 200 -4.58 -0.18 -67.67
CA LYS F 200 -4.49 1.25 -67.91
C LYS F 200 -3.25 1.62 -68.69
N LEU F 201 -2.12 0.99 -68.37
CA LEU F 201 -0.89 1.30 -69.08
C LEU F 201 -0.90 0.78 -70.51
N ILE F 202 -1.48 -0.40 -70.73
CA ILE F 202 -1.61 -0.92 -72.09
C ILE F 202 -2.52 -0.03 -72.92
N SER F 203 -3.56 0.54 -72.30
CA SER F 203 -4.43 1.46 -73.01
C SER F 203 -3.69 2.72 -73.44
N VAL F 204 -2.89 3.30 -72.54
CA VAL F 204 -2.16 4.53 -72.90
C VAL F 204 -1.11 4.25 -73.97
N THR F 205 -0.43 3.11 -73.88
CA THR F 205 0.59 2.78 -74.86
C THR F 205 0.01 2.52 -76.24
N LEU F 206 -1.12 1.79 -76.31
CA LEU F 206 -1.74 1.54 -77.60
C LEU F 206 -2.30 2.82 -78.21
N PHE F 207 -2.84 3.71 -77.39
CA PHE F 207 -3.33 4.95 -77.97
C PHE F 207 -2.20 5.85 -78.44
N ALA F 208 -1.04 5.80 -77.78
CA ALA F 208 0.10 6.59 -78.25
C ALA F 208 0.61 6.08 -79.59
N ILE F 209 0.69 4.75 -79.75
CA ILE F 209 1.04 4.14 -81.03
C ILE F 209 0.08 4.60 -82.13
N HIS F 210 -1.21 4.52 -81.84
CA HIS F 210 -2.22 4.82 -82.85
C HIS F 210 -2.18 6.27 -83.30
N CYS F 211 -2.17 7.20 -82.35
CA CYS F 211 -2.23 8.61 -82.69
C CYS F 211 -0.95 9.08 -83.36
N ALA F 212 0.19 8.54 -82.93
CA ALA F 212 1.45 8.96 -83.56
C ALA F 212 1.58 8.42 -84.96
N GLY F 213 1.12 7.18 -85.20
CA GLY F 213 1.17 6.64 -86.54
C GLY F 213 0.28 7.40 -87.51
N CYS F 214 -0.93 7.75 -87.07
CA CYS F 214 -1.81 8.47 -87.97
C CYS F 214 -1.33 9.90 -88.23
N PHE F 215 -0.72 10.55 -87.23
CA PHE F 215 -0.23 11.91 -87.47
C PHE F 215 0.98 11.90 -88.41
N ASN F 216 1.82 10.87 -88.33
CA ASN F 216 2.94 10.82 -89.26
C ASN F 216 2.46 10.50 -90.67
N TYR F 217 1.43 9.69 -90.81
CA TYR F 217 0.91 9.47 -92.17
C TYR F 217 0.28 10.73 -92.74
N LEU F 218 -0.31 11.58 -91.88
CA LEU F 218 -0.81 12.87 -92.34
C LEU F 218 0.31 13.74 -92.87
N ILE F 219 1.38 13.88 -92.08
CA ILE F 219 2.49 14.73 -92.50
C ILE F 219 3.27 14.13 -93.67
N ALA F 220 3.06 12.84 -93.97
CA ALA F 220 3.58 12.29 -95.21
C ALA F 220 2.66 12.53 -96.39
N ASP F 221 1.34 12.60 -96.20
CA ASP F 221 0.46 12.94 -97.31
C ASP F 221 0.62 14.38 -97.75
N ARG F 222 0.64 15.32 -96.80
CA ARG F 222 0.46 16.72 -97.15
C ARG F 222 1.70 17.34 -97.80
N TYR F 223 2.74 16.62 -98.02
CA TYR F 223 3.99 17.19 -98.48
C TYR F 223 4.19 16.94 -99.96
N PRO F 224 4.53 17.96 -100.75
CA PRO F 224 4.87 17.71 -102.16
C PRO F 224 6.20 16.99 -102.28
N ASN F 225 6.49 16.45 -103.49
CA ASN F 225 7.50 15.42 -103.72
C ASN F 225 7.23 14.22 -102.83
N PRO F 226 6.39 13.29 -103.28
CA PRO F 226 6.21 12.03 -102.53
C PRO F 226 7.50 11.29 -102.21
N ARG F 227 8.51 11.32 -103.08
CA ARG F 227 9.81 10.83 -102.66
C ARG F 227 10.43 11.80 -101.67
N LYS F 228 11.40 11.30 -100.91
CA LYS F 228 11.91 11.95 -99.70
C LYS F 228 10.78 12.22 -98.72
N THR F 229 9.98 11.19 -98.45
CA THR F 229 9.20 11.03 -97.23
C THR F 229 9.56 9.67 -96.65
N TRP F 230 8.98 9.29 -95.49
CA TRP F 230 9.39 8.03 -94.90
C TRP F 230 8.78 6.85 -95.65
N ILE F 231 7.54 6.99 -96.12
CA ILE F 231 6.90 5.91 -96.83
C ILE F 231 7.09 6.07 -98.34
N GLY F 232 7.47 7.25 -98.80
CA GLY F 232 7.61 7.44 -100.23
C GLY F 232 8.89 6.87 -100.78
N ALA F 233 9.98 6.99 -100.03
CA ALA F 233 11.26 6.55 -100.53
C ALA F 233 11.39 5.05 -100.55
N VAL F 234 10.53 4.33 -99.84
CA VAL F 234 10.55 2.88 -99.87
C VAL F 234 9.48 2.34 -100.81
N TYR F 235 8.24 2.81 -100.66
CA TYR F 235 7.19 2.52 -101.63
C TYR F 235 6.97 3.76 -102.47
N PRO F 236 7.35 3.76 -103.74
CA PRO F 236 7.14 4.98 -104.55
C PRO F 236 5.69 5.20 -104.92
N ASN F 237 4.89 4.15 -104.98
CA ASN F 237 3.46 4.25 -105.27
C ASN F 237 2.71 3.78 -104.04
N PHE F 238 2.38 4.71 -103.15
CA PHE F 238 1.71 4.34 -101.91
C PHE F 238 0.33 4.92 -101.75
N LYS F 239 0.01 6.03 -102.42
CA LYS F 239 -1.33 6.58 -102.30
C LYS F 239 -2.37 5.75 -103.04
N GLU F 240 -1.95 4.91 -103.98
CA GLU F 240 -2.88 4.07 -104.71
C GLU F 240 -3.20 2.76 -103.99
N ALA F 241 -2.53 2.46 -102.88
CA ALA F 241 -2.79 1.22 -102.18
C ALA F 241 -3.97 1.38 -101.23
N SER F 242 -4.32 0.29 -100.55
CA SER F 242 -5.55 0.23 -99.77
C SER F 242 -5.40 0.97 -98.44
N LEU F 243 -6.41 0.82 -97.58
CA LEU F 243 -6.28 1.34 -96.23
C LEU F 243 -5.49 0.41 -95.34
N TRP F 244 -5.61 -0.89 -95.55
CA TRP F 244 -4.99 -1.82 -94.61
C TRP F 244 -3.47 -1.82 -94.75
N ASN F 245 -2.96 -1.66 -95.96
CA ASN F 245 -1.51 -1.65 -96.14
C ASN F 245 -0.91 -0.37 -95.60
N ARG F 246 -1.55 0.78 -95.86
CA ARG F 246 -1.03 2.04 -95.35
C ARG F 246 -1.16 2.12 -93.84
N TYR F 247 -2.25 1.58 -93.29
CA TYR F 247 -2.43 1.66 -91.86
C TYR F 247 -1.48 0.74 -91.13
N VAL F 248 -1.28 -0.48 -91.64
CA VAL F 248 -0.29 -1.37 -91.03
C VAL F 248 1.10 -0.82 -91.17
N THR F 249 1.40 -0.13 -92.28
CA THR F 249 2.74 0.45 -92.42
C THR F 249 2.96 1.60 -91.45
N ALA F 250 1.95 2.44 -91.24
CA ALA F 250 2.11 3.52 -90.27
C ALA F 250 2.22 2.99 -88.86
N LEU F 251 1.47 1.92 -88.55
CA LEU F 251 1.51 1.35 -87.21
C LEU F 251 2.85 0.69 -86.96
N TYR F 252 3.39 0.04 -87.98
CA TYR F 252 4.69 -0.61 -87.89
C TYR F 252 5.83 0.37 -87.78
N TRP F 253 5.73 1.52 -88.46
CA TRP F 253 6.71 2.57 -88.20
C TRP F 253 6.65 3.05 -86.76
N SER F 254 5.44 3.28 -86.26
CA SER F 254 5.31 3.89 -84.94
C SER F 254 5.79 2.96 -83.84
N ILE F 255 5.61 1.66 -83.97
CA ILE F 255 6.00 0.82 -82.85
C ILE F 255 7.51 0.54 -82.84
N THR F 256 8.20 0.63 -83.97
CA THR F 256 9.64 0.42 -83.93
C THR F 256 10.40 1.62 -83.37
N THR F 257 9.75 2.75 -83.17
CA THR F 257 10.39 3.85 -82.48
C THR F 257 9.74 4.15 -81.15
N LEU F 258 8.61 3.52 -80.84
CA LEU F 258 8.20 3.53 -79.44
C LEU F 258 8.98 2.51 -78.63
N THR F 259 9.07 1.28 -79.11
CA THR F 259 9.77 0.27 -78.33
C THR F 259 11.24 0.24 -78.64
N THR F 260 11.81 1.38 -79.01
CA THR F 260 13.22 1.71 -79.26
C THR F 260 14.01 0.67 -80.06
N THR F 261 13.36 -0.06 -80.95
CA THR F 261 14.14 -0.96 -81.79
C THR F 261 14.82 -0.18 -82.90
N GLY F 262 14.04 0.39 -83.80
CA GLY F 262 14.61 1.25 -84.82
C GLY F 262 15.43 0.50 -85.83
N TYR F 263 14.79 -0.24 -86.73
CA TYR F 263 15.53 -1.04 -87.70
C TYR F 263 16.38 -0.17 -88.61
N GLY F 264 15.75 0.69 -89.37
CA GLY F 264 16.53 1.48 -90.30
C GLY F 264 15.77 1.70 -91.58
N ASP F 265 14.66 1.00 -91.71
CA ASP F 265 13.65 1.45 -92.66
C ASP F 265 13.01 2.72 -92.14
N PHE F 266 12.41 3.45 -93.06
CA PHE F 266 11.36 4.42 -92.74
C PHE F 266 11.89 5.56 -91.88
N HIS F 267 13.16 5.89 -92.06
CA HIS F 267 13.71 7.05 -91.39
C HIS F 267 13.24 8.31 -92.11
N ALA F 268 13.42 9.45 -91.50
CA ALA F 268 12.84 10.69 -92.00
C ALA F 268 13.81 11.40 -92.95
N GLU F 269 13.25 12.03 -93.98
CA GLU F 269 13.98 12.86 -94.93
C GLU F 269 13.48 14.30 -94.98
N ASN F 270 12.18 14.48 -94.96
CA ASN F 270 11.58 15.80 -94.89
C ASN F 270 11.95 16.47 -93.57
N PRO F 271 12.48 17.70 -93.59
CA PRO F 271 12.91 18.32 -92.32
C PRO F 271 11.79 18.65 -91.35
N ARG F 272 10.56 18.86 -91.81
CA ARG F 272 9.47 19.02 -90.84
C ARG F 272 9.14 17.69 -90.18
N GLU F 273 9.32 16.61 -90.90
CA GLU F 273 9.12 15.27 -90.36
C GLU F 273 10.27 14.88 -89.45
N MET F 274 11.48 15.31 -89.83
CA MET F 274 12.64 15.18 -88.99
C MET F 274 12.48 15.99 -87.71
N LEU F 275 11.67 17.04 -87.74
CA LEU F 275 11.34 17.77 -86.53
C LEU F 275 10.29 17.05 -85.71
N PHE F 276 9.35 16.36 -86.35
CA PHE F 276 8.33 15.65 -85.58
C PHE F 276 8.93 14.50 -84.79
N ASP F 277 9.93 13.83 -85.37
CA ASP F 277 10.55 12.70 -84.68
C ASP F 277 11.24 13.09 -83.38
N ILE F 278 11.66 14.34 -83.24
CA ILE F 278 12.34 14.75 -82.02
C ILE F 278 11.35 14.78 -80.85
N PHE F 279 10.17 15.34 -81.07
CA PHE F 279 9.18 15.37 -80.00
C PHE F 279 8.63 13.99 -79.74
N PHE F 280 8.49 13.17 -80.77
CA PHE F 280 7.95 11.85 -80.51
C PHE F 280 8.95 10.95 -79.78
N MET F 281 10.25 11.13 -80.03
CA MET F 281 11.20 10.29 -79.32
C MET F 281 11.46 10.78 -77.89
N MET F 282 11.33 12.08 -77.62
CA MET F 282 11.28 12.55 -76.24
C MET F 282 10.12 11.93 -75.49
N PHE F 283 8.93 11.94 -76.10
CA PHE F 283 7.76 11.35 -75.45
C PHE F 283 7.94 9.86 -75.20
N ASN F 284 8.59 9.16 -76.12
CA ASN F 284 8.76 7.72 -75.92
C ASN F 284 9.77 7.42 -74.82
N LEU F 285 10.79 8.27 -74.67
CA LEU F 285 11.72 8.11 -73.55
C LEU F 285 11.01 8.26 -72.21
N GLY F 286 10.16 9.28 -72.11
CA GLY F 286 9.39 9.47 -70.88
C GLY F 286 8.44 8.33 -70.57
N LEU F 287 7.71 7.86 -71.58
CA LEU F 287 6.72 6.82 -71.33
C LEU F 287 7.36 5.47 -71.04
N THR F 288 8.49 5.16 -71.67
CA THR F 288 9.16 3.91 -71.39
C THR F 288 9.71 3.88 -69.97
N ALA F 289 10.20 5.04 -69.48
CA ALA F 289 10.61 5.11 -68.08
C ALA F 289 9.44 4.90 -67.13
N TYR F 290 8.28 5.48 -67.45
CA TYR F 290 7.12 5.33 -66.60
C TYR F 290 6.63 3.89 -66.54
N LEU F 291 6.70 3.20 -67.69
CA LEU F 291 6.25 1.81 -67.76
C LEU F 291 7.15 0.89 -66.96
N ILE F 292 8.46 1.11 -67.02
CA ILE F 292 9.38 0.31 -66.21
C ILE F 292 9.18 0.56 -64.73
N GLY F 293 8.82 1.79 -64.35
CA GLY F 293 8.49 2.06 -62.96
C GLY F 293 7.29 1.28 -62.45
N ASN F 294 6.22 1.21 -63.25
CA ASN F 294 5.05 0.44 -62.81
C ASN F 294 5.32 -1.06 -62.73
N MET F 295 6.08 -1.61 -63.68
CA MET F 295 6.37 -3.04 -63.56
C MET F 295 7.30 -3.33 -62.41
N THR F 296 8.15 -2.37 -62.02
CA THR F 296 8.96 -2.54 -60.82
C THR F 296 8.10 -2.58 -59.57
N ASN F 297 7.05 -1.75 -59.50
CA ASN F 297 6.09 -1.88 -58.40
C ASN F 297 5.41 -3.24 -58.36
N LEU F 298 5.01 -3.75 -59.52
CA LEU F 298 4.32 -5.04 -59.52
C LEU F 298 5.23 -6.18 -59.10
N VAL F 299 6.51 -6.13 -59.49
CA VAL F 299 7.43 -7.21 -59.14
C VAL F 299 7.87 -7.13 -57.69
N VAL F 300 8.15 -5.92 -57.19
CA VAL F 300 8.50 -5.76 -55.77
C VAL F 300 7.34 -6.15 -54.88
N HIS F 301 6.13 -5.85 -55.28
CA HIS F 301 5.01 -6.15 -54.41
C HIS F 301 4.52 -7.58 -54.53
N TRP F 302 4.69 -8.22 -55.68
CA TRP F 302 4.18 -9.56 -55.87
C TRP F 302 4.97 -10.58 -55.05
N THR F 303 6.26 -10.34 -54.83
CA THR F 303 7.09 -11.29 -54.11
C THR F 303 7.71 -10.69 -52.87
N SER F 304 6.91 -10.02 -52.04
CA SER F 304 7.43 -9.54 -50.76
C SER F 304 7.33 -10.60 -49.67
N ARG F 305 6.31 -11.45 -49.75
CA ARG F 305 6.04 -12.39 -48.66
C ARG F 305 7.10 -13.49 -48.61
N THR F 306 7.39 -14.10 -49.76
CA THR F 306 8.39 -15.15 -49.82
C THR F 306 9.78 -14.62 -49.50
N ARG F 307 10.06 -13.39 -49.92
CA ARG F 307 11.35 -12.80 -49.65
C ARG F 307 11.52 -12.49 -48.17
N THR F 308 10.45 -12.08 -47.49
CA THR F 308 10.54 -11.83 -46.06
C THR F 308 10.72 -13.13 -45.27
N PHE F 309 10.02 -14.18 -45.69
CA PHE F 309 10.22 -15.50 -45.10
C PHE F 309 11.67 -15.98 -45.24
N ARG F 310 12.24 -15.81 -46.44
CA ARG F 310 13.60 -16.28 -46.64
C ARG F 310 14.61 -15.40 -45.90
N ASP F 311 14.29 -14.13 -45.67
CA ASP F 311 15.10 -13.30 -44.76
C ASP F 311 15.13 -13.88 -43.36
N SER F 312 13.96 -14.25 -42.85
CA SER F 312 13.89 -14.75 -41.48
C SER F 312 14.64 -16.06 -41.33
N VAL F 313 14.58 -16.91 -42.36
CA VAL F 313 15.30 -18.17 -42.30
C VAL F 313 16.81 -17.96 -42.40
N ARG F 314 17.26 -17.01 -43.23
CA ARG F 314 18.70 -16.72 -43.30
C ARG F 314 19.22 -16.14 -42.01
N ALA F 315 18.43 -15.28 -41.34
CA ALA F 315 18.89 -14.71 -40.09
C ALA F 315 18.95 -15.75 -38.98
N ALA F 316 17.97 -16.66 -38.94
CA ALA F 316 18.02 -17.74 -37.96
C ALA F 316 19.18 -18.68 -38.23
N SER F 317 19.50 -18.94 -39.49
CA SER F 317 20.60 -19.85 -39.78
C SER F 317 21.96 -19.22 -39.48
N GLU F 318 22.10 -17.90 -39.70
CA GLU F 318 23.36 -17.27 -39.32
C GLU F 318 23.53 -17.21 -37.81
N PHE F 319 22.45 -16.94 -37.08
CA PHE F 319 22.54 -16.95 -35.63
C PHE F 319 22.81 -18.35 -35.09
N ALA F 320 22.33 -19.38 -35.78
CA ALA F 320 22.60 -20.73 -35.31
C ALA F 320 24.03 -21.14 -35.62
N SER F 321 24.48 -20.93 -36.85
CA SER F 321 25.82 -21.38 -37.22
C SER F 321 26.92 -20.46 -36.71
N ARG F 322 26.56 -19.32 -36.14
CA ARG F 322 27.58 -18.50 -35.48
C ARG F 322 27.94 -19.06 -34.11
N ASN F 323 26.93 -19.40 -33.31
CA ASN F 323 27.17 -19.82 -31.95
C ASN F 323 27.31 -21.32 -31.80
N GLN F 324 27.22 -22.07 -32.90
CA GLN F 324 27.45 -23.51 -32.97
C GLN F 324 26.48 -24.29 -32.08
N LEU F 325 25.20 -24.16 -32.37
CA LEU F 325 24.20 -25.01 -31.73
C LEU F 325 24.17 -26.35 -32.47
N PRO F 326 24.00 -27.47 -31.77
CA PRO F 326 24.25 -28.77 -32.40
C PRO F 326 23.31 -29.22 -33.53
N HIS F 327 22.11 -29.68 -33.22
CA HIS F 327 21.12 -29.92 -34.26
C HIS F 327 19.73 -29.52 -33.82
N ASP F 328 19.42 -29.83 -32.56
CA ASP F 328 18.04 -29.85 -32.11
C ASP F 328 17.45 -28.45 -32.07
N ILE F 329 18.25 -27.48 -31.63
CA ILE F 329 17.76 -26.12 -31.53
C ILE F 329 17.62 -25.49 -32.91
N GLN F 330 18.49 -25.89 -33.85
CA GLN F 330 18.31 -25.49 -35.24
C GLN F 330 17.01 -26.00 -35.81
N ASP F 331 16.71 -27.28 -35.60
CA ASP F 331 15.51 -27.83 -36.20
C ASP F 331 14.26 -27.27 -35.55
N GLN F 332 14.32 -26.95 -34.25
CA GLN F 332 13.18 -26.31 -33.60
C GLN F 332 12.93 -24.91 -34.15
N MET F 333 13.99 -24.10 -34.30
CA MET F 333 13.82 -22.74 -34.81
C MET F 333 13.33 -22.75 -36.25
N LEU F 334 13.91 -23.60 -37.09
CA LEU F 334 13.55 -23.55 -38.51
C LEU F 334 12.16 -24.13 -38.74
N SER F 335 11.78 -25.20 -38.03
CA SER F 335 10.43 -25.71 -38.22
C SER F 335 9.40 -24.77 -37.62
N HIS F 336 9.77 -24.02 -36.58
CA HIS F 336 8.79 -23.07 -36.05
C HIS F 336 8.60 -21.88 -36.97
N ILE F 337 9.64 -21.48 -37.69
CA ILE F 337 9.42 -20.40 -38.66
C ILE F 337 8.66 -20.92 -39.89
N CYS F 338 8.89 -22.18 -40.28
CA CYS F 338 8.12 -22.76 -41.37
C CYS F 338 6.63 -22.86 -41.04
N LEU F 339 6.29 -23.18 -39.79
CA LEU F 339 4.88 -23.20 -39.45
C LEU F 339 4.34 -21.86 -38.95
N LYS F 340 5.17 -20.84 -38.79
CA LYS F 340 4.62 -19.50 -38.78
C LYS F 340 4.31 -19.03 -40.19
N PHE F 341 4.99 -19.57 -41.19
CA PHE F 341 4.74 -19.09 -42.54
C PHE F 341 3.63 -19.85 -43.25
N LYS F 342 3.45 -21.14 -42.95
CA LYS F 342 2.33 -21.85 -43.54
C LYS F 342 1.00 -21.37 -42.98
N THR F 343 0.94 -20.97 -41.71
CA THR F 343 -0.23 -20.27 -41.22
C THR F 343 0.19 -18.85 -40.88
N GLU F 344 0.04 -17.94 -41.84
CA GLU F 344 0.74 -16.66 -41.83
C GLU F 344 0.20 -15.77 -40.72
N GLY F 345 0.78 -15.95 -39.54
CA GLY F 345 0.26 -15.31 -38.35
C GLY F 345 0.76 -13.91 -38.13
N LEU F 346 1.73 -13.46 -38.93
CA LEU F 346 2.25 -12.10 -38.77
C LEU F 346 1.24 -11.07 -39.23
N LYS F 347 0.67 -11.28 -40.42
CA LYS F 347 -0.41 -10.43 -40.89
C LYS F 347 -1.65 -10.58 -40.01
N GLN F 348 -1.84 -11.75 -39.42
CA GLN F 348 -2.92 -11.94 -38.45
C GLN F 348 -2.73 -11.06 -37.23
N GLN F 349 -1.50 -11.03 -36.68
CA GLN F 349 -1.20 -10.19 -35.53
C GLN F 349 -1.42 -8.72 -35.85
N GLU F 350 -0.92 -8.27 -37.01
CA GLU F 350 -1.06 -6.87 -37.39
C GLU F 350 -2.53 -6.49 -37.59
N THR F 351 -3.27 -7.28 -38.36
CA THR F 351 -4.63 -6.88 -38.69
C THR F 351 -5.61 -7.18 -37.58
N LEU F 352 -5.26 -8.04 -36.63
CA LEU F 352 -6.09 -8.15 -35.44
C LEU F 352 -5.79 -7.01 -34.47
N ASN F 353 -4.54 -6.57 -34.41
CA ASN F 353 -4.22 -5.46 -33.52
C ASN F 353 -4.59 -4.12 -34.13
N ASN F 354 -5.05 -4.10 -35.37
CA ASN F 354 -5.59 -2.87 -35.93
C ASN F 354 -7.10 -2.80 -35.79
N LEU F 355 -7.72 -3.83 -35.23
CA LEU F 355 -9.17 -3.86 -35.12
C LEU F 355 -9.63 -3.12 -33.86
N PRO F 356 -10.90 -2.65 -33.81
CA PRO F 356 -11.28 -1.77 -32.70
C PRO F 356 -11.63 -2.45 -31.39
N LYS F 357 -11.18 -3.70 -31.19
CA LYS F 357 -11.23 -4.43 -29.92
C LYS F 357 -12.66 -4.72 -29.44
N ALA F 358 -13.64 -4.62 -30.31
CA ALA F 358 -14.94 -5.22 -30.06
C ALA F 358 -15.28 -6.24 -31.13
N ILE F 359 -14.85 -5.96 -32.37
CA ILE F 359 -15.05 -6.91 -33.44
C ILE F 359 -14.15 -8.12 -33.24
N ARG F 360 -12.98 -7.92 -32.64
CA ARG F 360 -12.14 -9.07 -32.31
C ARG F 360 -12.76 -9.89 -31.18
N SER F 361 -13.57 -9.24 -30.34
CA SER F 361 -14.28 -9.99 -29.32
C SER F 361 -15.39 -10.84 -29.93
N SER F 362 -16.06 -10.30 -30.95
CA SER F 362 -17.06 -11.11 -31.65
C SER F 362 -16.41 -12.24 -32.45
N ILE F 363 -15.19 -12.01 -32.95
CA ILE F 363 -14.43 -13.06 -33.64
C ILE F 363 -14.10 -14.20 -32.68
N ALA F 364 -13.51 -13.88 -31.53
CA ALA F 364 -13.16 -14.92 -30.57
C ALA F 364 -14.40 -15.57 -29.98
N ASN F 365 -15.49 -14.82 -29.89
CA ASN F 365 -16.76 -15.39 -29.44
C ASN F 365 -17.29 -16.40 -30.44
N TYR F 366 -17.08 -16.16 -31.73
CA TYR F 366 -17.51 -17.18 -32.69
C TYR F 366 -16.57 -18.37 -32.70
N LEU F 367 -15.28 -18.14 -32.48
CA LEU F 367 -14.33 -19.20 -32.74
C LEU F 367 -14.11 -20.12 -31.55
N PHE F 368 -14.17 -19.60 -30.33
CA PHE F 368 -13.68 -20.36 -29.20
C PHE F 368 -14.69 -20.56 -28.08
N PHE F 369 -15.88 -19.99 -28.19
CA PHE F 369 -16.87 -20.16 -27.14
C PHE F 369 -17.39 -21.60 -26.97
N PRO F 370 -17.73 -22.38 -28.01
CA PRO F 370 -18.13 -23.76 -27.73
C PRO F 370 -16.97 -24.68 -27.41
N ILE F 371 -15.74 -24.20 -27.47
CA ILE F 371 -14.61 -25.02 -27.04
C ILE F 371 -14.34 -24.80 -25.55
N VAL F 372 -14.37 -23.54 -25.12
CA VAL F 372 -14.16 -23.22 -23.72
C VAL F 372 -15.41 -23.54 -22.90
N HIS F 373 -16.55 -23.65 -23.57
CA HIS F 373 -17.82 -23.90 -22.89
C HIS F 373 -17.88 -25.30 -22.28
N ASN F 374 -17.03 -26.22 -22.73
CA ASN F 374 -17.04 -27.59 -22.22
C ASN F 374 -15.62 -28.01 -21.84
N ILE F 375 -15.22 -27.70 -20.60
CA ILE F 375 -13.91 -28.10 -20.11
C ILE F 375 -14.10 -28.81 -18.78
N TYR F 376 -13.10 -29.62 -18.43
CA TYR F 376 -12.80 -30.10 -17.09
C TYR F 376 -13.10 -29.08 -15.99
N LEU F 377 -12.59 -27.85 -16.13
CA LEU F 377 -12.77 -26.87 -15.08
C LEU F 377 -14.15 -26.23 -15.13
N PHE F 378 -14.47 -25.55 -16.23
CA PHE F 378 -15.68 -24.75 -16.32
C PHE F 378 -16.89 -25.68 -16.46
N GLN F 379 -17.82 -25.58 -15.52
CA GLN F 379 -19.06 -26.35 -15.62
C GLN F 379 -20.29 -25.46 -15.67
N GLY F 380 -20.46 -24.59 -14.68
CA GLY F 380 -21.69 -23.84 -14.55
C GLY F 380 -21.48 -22.34 -14.46
N VAL F 381 -20.60 -21.82 -15.29
CA VAL F 381 -19.89 -20.59 -14.96
C VAL F 381 -20.58 -19.39 -15.63
N SER F 382 -21.90 -19.50 -15.85
CA SER F 382 -22.80 -18.37 -16.07
C SER F 382 -22.46 -17.49 -17.28
N ARG F 383 -22.81 -17.95 -18.49
CA ARG F 383 -22.27 -17.52 -19.78
C ARG F 383 -22.11 -16.01 -19.97
N ASN F 384 -22.87 -15.20 -19.23
CA ASN F 384 -22.59 -13.77 -19.15
C ASN F 384 -21.22 -13.48 -18.53
N PHE F 385 -20.68 -14.43 -17.75
CA PHE F 385 -19.25 -14.36 -17.44
C PHE F 385 -18.41 -14.75 -18.65
N LEU F 386 -18.91 -15.69 -19.46
CA LEU F 386 -18.09 -16.22 -20.53
C LEU F 386 -17.88 -15.21 -21.65
N PHE F 387 -18.83 -14.29 -21.85
CA PHE F 387 -18.66 -13.25 -22.87
C PHE F 387 -17.49 -12.33 -22.51
N GLN F 388 -17.33 -12.00 -21.24
CA GLN F 388 -16.18 -11.21 -20.84
C GLN F 388 -14.94 -12.07 -20.71
N LEU F 389 -15.10 -13.38 -20.57
CA LEU F 389 -13.93 -14.25 -20.49
C LEU F 389 -13.26 -14.44 -21.83
N VAL F 390 -14.05 -14.76 -22.87
CA VAL F 390 -13.54 -15.26 -24.15
C VAL F 390 -12.65 -14.26 -24.87
N SER F 391 -12.99 -12.95 -24.80
CA SER F 391 -12.40 -11.92 -25.65
C SER F 391 -10.91 -11.68 -25.43
N ASP F 392 -10.29 -12.28 -24.43
CA ASP F 392 -8.86 -12.10 -24.21
C ASP F 392 -8.07 -13.35 -24.58
N ILE F 393 -8.75 -14.35 -25.13
CA ILE F 393 -8.08 -15.60 -25.48
C ILE F 393 -7.25 -15.39 -26.73
N ASP F 394 -5.98 -15.77 -26.65
CA ASP F 394 -5.04 -15.61 -27.76
C ASP F 394 -4.67 -17.00 -28.28
N ALA F 395 -5.13 -17.32 -29.49
CA ALA F 395 -4.88 -18.61 -30.10
C ALA F 395 -3.42 -18.71 -30.51
N GLU F 396 -2.99 -19.93 -30.84
CA GLU F 396 -1.64 -20.19 -31.28
C GLU F 396 -1.64 -21.52 -32.01
N TYR F 397 -0.48 -21.92 -32.50
CA TYR F 397 -0.35 -23.09 -33.36
C TYR F 397 1.09 -23.59 -33.24
N PHE F 398 1.27 -24.91 -33.19
CA PHE F 398 2.54 -25.39 -32.71
C PHE F 398 3.08 -26.54 -33.56
N PRO F 399 4.39 -26.65 -33.69
CA PRO F 399 4.98 -27.72 -34.49
C PRO F 399 4.96 -29.04 -33.73
N PRO F 400 5.13 -30.16 -34.43
CA PRO F 400 5.32 -31.43 -33.72
C PRO F 400 6.73 -31.51 -33.15
N LYS F 401 6.87 -32.34 -32.12
CA LYS F 401 8.13 -32.69 -31.44
C LYS F 401 8.82 -31.50 -30.77
N GLU F 402 8.16 -30.36 -30.69
CA GLU F 402 8.65 -29.23 -29.92
C GLU F 402 8.25 -29.44 -28.48
N ASP F 403 9.25 -29.49 -27.59
CA ASP F 403 9.00 -29.66 -26.16
C ASP F 403 8.29 -28.42 -25.64
N ILE F 404 7.01 -28.56 -25.31
CA ILE F 404 6.20 -27.40 -25.01
C ILE F 404 6.45 -26.92 -23.59
N ILE F 405 6.14 -27.78 -22.61
CA ILE F 405 6.38 -27.52 -21.20
C ILE F 405 7.38 -28.56 -20.69
N LEU F 406 8.48 -28.08 -20.11
CA LEU F 406 9.51 -28.95 -19.58
C LEU F 406 9.24 -29.24 -18.10
N GLN F 407 10.02 -30.19 -17.56
CA GLN F 407 9.90 -30.54 -16.16
C GLN F 407 10.49 -29.46 -15.29
N ASN F 408 9.80 -29.15 -14.19
CA ASN F 408 10.20 -28.17 -13.18
C ASN F 408 10.36 -26.77 -13.75
N GLU F 409 9.55 -26.42 -14.75
CA GLU F 409 9.53 -25.05 -15.26
C GLU F 409 8.54 -24.22 -14.45
N ALA F 410 8.94 -23.00 -14.10
CA ALA F 410 8.05 -22.10 -13.38
C ALA F 410 6.89 -21.69 -14.28
N PRO F 411 5.64 -21.83 -13.84
CA PRO F 411 4.50 -21.82 -14.78
C PRO F 411 4.17 -20.45 -15.33
N THR F 412 3.64 -20.43 -16.57
CA THR F 412 3.32 -19.17 -17.22
C THR F 412 1.92 -19.12 -17.85
N ASP F 413 1.38 -20.24 -18.32
CA ASP F 413 0.15 -20.16 -19.11
C ASP F 413 -0.61 -21.48 -19.10
N LEU F 414 -1.93 -21.38 -19.26
CA LEU F 414 -2.80 -22.52 -19.51
C LEU F 414 -2.72 -22.94 -20.97
N TYR F 415 -2.77 -24.24 -21.19
CA TYR F 415 -2.67 -24.82 -22.52
C TYR F 415 -3.86 -25.74 -22.76
N ILE F 416 -4.95 -25.16 -23.23
CA ILE F 416 -6.11 -25.94 -23.67
C ILE F 416 -5.81 -26.48 -25.05
N LEU F 417 -5.93 -27.79 -25.22
CA LEU F 417 -5.82 -28.35 -26.56
C LEU F 417 -7.08 -28.04 -27.34
N VAL F 418 -6.93 -27.87 -28.65
CA VAL F 418 -8.10 -27.81 -29.53
C VAL F 418 -8.02 -28.97 -30.53
N SER F 419 -6.81 -29.36 -30.87
CA SER F 419 -6.59 -30.59 -31.62
C SER F 419 -5.21 -31.11 -31.27
N GLY F 420 -4.81 -32.20 -31.92
CA GLY F 420 -3.45 -32.68 -31.86
C GLY F 420 -3.13 -33.44 -30.59
N ALA F 421 -2.39 -34.53 -30.76
CA ALA F 421 -1.98 -35.39 -29.66
C ALA F 421 -0.86 -34.72 -28.88
N VAL F 422 -0.72 -35.11 -27.61
CA VAL F 422 0.34 -34.63 -26.73
C VAL F 422 0.89 -35.84 -25.98
N ASP F 423 2.22 -35.90 -25.87
CA ASP F 423 2.91 -37.02 -25.17
C ASP F 423 3.79 -36.43 -24.06
N PHE F 424 3.56 -36.86 -22.81
CA PHE F 424 4.33 -36.35 -21.65
C PHE F 424 5.21 -37.46 -21.09
N THR F 425 6.50 -37.17 -20.91
CA THR F 425 7.47 -38.16 -20.35
C THR F 425 8.25 -37.51 -19.21
N VAL F 426 8.75 -38.33 -18.27
CA VAL F 426 9.51 -37.80 -17.10
C VAL F 426 10.79 -37.13 -17.62
N TYR F 427 11.12 -35.97 -17.06
CA TYR F 427 12.34 -35.22 -17.46
C TYR F 427 13.30 -35.16 -16.26
N VAL F 428 14.57 -35.57 -16.47
CA VAL F 428 15.67 -35.61 -15.47
C VAL F 428 15.50 -36.73 -14.45
N ASP F 429 14.41 -36.73 -13.67
CA ASP F 429 14.15 -37.78 -12.65
C ASP F 429 13.99 -39.13 -13.36
N GLY F 430 13.27 -39.15 -14.49
CA GLY F 430 13.07 -40.40 -15.24
C GLY F 430 13.85 -40.41 -16.54
N HIS F 431 14.74 -41.40 -16.72
CA HIS F 431 15.58 -41.52 -17.93
C HIS F 431 14.73 -41.78 -19.18
N ASP F 432 13.71 -42.63 -19.06
CA ASP F 432 12.87 -43.00 -20.24
C ASP F 432 11.49 -43.50 -19.79
N GLN F 433 10.60 -43.73 -20.76
CA GLN F 433 9.22 -44.26 -20.57
C GLN F 433 8.37 -43.29 -19.73
N PHE F 434 7.74 -43.82 -18.66
CA PHE F 434 6.81 -43.11 -17.73
C PHE F 434 5.48 -42.86 -18.44
N GLN F 435 4.67 -41.93 -17.93
CA GLN F 435 3.35 -41.65 -18.55
C GLN F 435 3.05 -40.15 -18.57
N GLY F 436 2.18 -39.71 -19.50
CA GLY F 436 1.78 -38.30 -19.63
C GLY F 436 0.79 -38.21 -20.81
N LYS F 437 -0.39 -37.62 -20.61
CA LYS F 437 -1.37 -37.58 -21.72
C LYS F 437 -2.35 -36.41 -21.60
N ALA F 438 -2.98 -36.08 -22.73
CA ALA F 438 -4.02 -35.02 -22.88
C ALA F 438 -4.64 -35.18 -24.27
N VAL F 439 -5.97 -35.16 -24.37
CA VAL F 439 -6.66 -35.35 -25.69
C VAL F 439 -7.52 -34.14 -26.04
N ILE F 440 -8.06 -34.09 -27.27
CA ILE F 440 -8.77 -32.93 -27.80
C ILE F 440 -9.84 -32.40 -26.85
N GLY F 441 -9.65 -31.17 -26.37
CA GLY F 441 -10.52 -30.62 -25.36
C GLY F 441 -9.99 -30.74 -23.95
N GLU F 442 -9.13 -31.70 -23.68
CA GLU F 442 -8.63 -31.91 -22.32
C GLU F 442 -7.49 -30.95 -22.02
N THR F 443 -7.72 -30.04 -21.08
CA THR F 443 -6.77 -29.01 -20.74
C THR F 443 -5.62 -29.59 -19.92
N PHE F 444 -4.55 -28.80 -19.82
CA PHE F 444 -3.53 -29.01 -18.81
C PHE F 444 -2.93 -27.66 -18.45
N GLY F 445 -1.93 -27.69 -17.57
CA GLY F 445 -1.47 -26.50 -16.93
C GLY F 445 -2.31 -26.09 -15.74
N GLU F 446 -3.14 -26.98 -15.21
CA GLU F 446 -4.03 -26.65 -14.11
C GLU F 446 -3.36 -26.73 -12.76
N VAL F 447 -2.06 -27.06 -12.74
CA VAL F 447 -1.30 -26.93 -11.50
C VAL F 447 -1.16 -25.46 -11.13
N GLY F 448 -0.56 -24.66 -12.01
CA GLY F 448 -0.36 -23.26 -11.73
C GLY F 448 -1.58 -22.37 -11.89
N VAL F 449 -2.70 -22.78 -11.30
CA VAL F 449 -3.87 -21.91 -11.23
C VAL F 449 -3.71 -20.95 -10.08
N LEU F 450 -3.60 -21.50 -8.88
CA LEU F 450 -3.28 -20.76 -7.67
C LEU F 450 -2.18 -21.42 -6.86
N TYR F 451 -1.75 -22.63 -7.24
CA TYR F 451 -0.72 -23.35 -6.50
C TYR F 451 0.65 -22.77 -6.69
N TYR F 452 0.88 -22.08 -7.83
CA TYR F 452 2.05 -21.26 -8.11
C TYR F 452 3.33 -22.10 -8.12
N ARG F 453 3.18 -23.35 -8.53
CA ARG F 453 4.17 -24.41 -8.40
C ARG F 453 4.59 -24.89 -9.79
N PRO F 454 5.80 -25.41 -9.95
CA PRO F 454 6.24 -25.84 -11.29
C PRO F 454 5.51 -27.09 -11.78
N GLN F 455 5.53 -27.23 -13.10
CA GLN F 455 4.83 -28.31 -13.80
C GLN F 455 5.51 -29.65 -13.52
N PRO F 456 4.73 -30.72 -13.40
CA PRO F 456 5.33 -32.02 -13.05
C PRO F 456 6.10 -32.66 -14.18
N PHE F 457 5.54 -32.65 -15.38
CA PHE F 457 5.98 -33.54 -16.45
C PHE F 457 6.71 -32.75 -17.52
N THR F 458 7.13 -33.46 -18.55
CA THR F 458 7.53 -32.85 -19.80
C THR F 458 6.38 -32.95 -20.79
N VAL F 459 6.33 -32.02 -21.73
CA VAL F 459 5.23 -31.94 -22.71
C VAL F 459 5.85 -31.84 -24.10
N ARG F 460 5.86 -32.96 -24.82
CA ARG F 460 6.35 -33.01 -26.19
C ARG F 460 5.23 -33.44 -27.12
N THR F 461 5.10 -32.73 -28.23
CA THR F 461 4.04 -32.96 -29.18
C THR F 461 4.35 -34.22 -29.96
N THR F 462 3.33 -34.85 -30.55
CA THR F 462 3.58 -35.97 -31.45
C THR F 462 3.17 -35.65 -32.88
N GLU F 463 1.90 -35.31 -33.09
CA GLU F 463 1.43 -34.71 -34.31
C GLU F 463 0.98 -33.29 -33.97
N LEU F 464 1.04 -32.39 -34.96
CA LEU F 464 0.86 -30.96 -34.75
C LEU F 464 -0.49 -30.62 -34.15
N SER F 465 -0.56 -29.48 -33.48
CA SER F 465 -1.73 -29.17 -32.67
C SER F 465 -2.02 -27.68 -32.72
N GLN F 466 -3.20 -27.34 -32.22
CA GLN F 466 -3.62 -25.95 -32.04
C GLN F 466 -3.96 -25.77 -30.57
N ILE F 467 -3.22 -24.89 -29.90
CA ILE F 467 -3.25 -24.80 -28.44
C ILE F 467 -3.61 -23.36 -28.06
N LEU F 468 -4.74 -23.21 -27.37
CA LEU F 468 -5.11 -21.92 -26.83
C LEU F 468 -4.20 -21.57 -25.66
N ARG F 469 -4.15 -20.29 -25.31
CA ARG F 469 -3.30 -19.86 -24.19
C ARG F 469 -3.96 -18.72 -23.42
N ILE F 470 -4.58 -19.07 -22.30
CA ILE F 470 -5.03 -18.10 -21.30
C ILE F 470 -3.95 -18.07 -20.22
N SER F 471 -3.13 -17.03 -20.23
CA SER F 471 -1.92 -17.05 -19.43
C SER F 471 -2.21 -16.74 -17.97
N ARG F 472 -1.14 -16.69 -17.18
CA ARG F 472 -1.24 -16.56 -15.74
C ARG F 472 -1.77 -15.20 -15.34
N THR F 473 -1.24 -14.13 -15.94
CA THR F 473 -1.70 -12.78 -15.62
C THR F 473 -3.11 -12.55 -16.14
N SER F 474 -3.49 -13.22 -17.23
CA SER F 474 -4.87 -13.11 -17.71
C SER F 474 -5.84 -13.80 -16.77
N LEU F 475 -5.44 -14.95 -16.20
CA LEU F 475 -6.24 -15.58 -15.16
C LEU F 475 -6.38 -14.70 -13.93
N MET F 476 -5.27 -14.11 -13.48
CA MET F 476 -5.33 -13.30 -12.27
C MET F 476 -6.06 -11.98 -12.52
N SER F 477 -6.12 -11.54 -13.79
CA SER F 477 -6.99 -10.43 -14.13
C SER F 477 -8.45 -10.86 -14.13
N ALA F 478 -8.72 -12.11 -14.49
CA ALA F 478 -10.07 -12.62 -14.41
C ALA F 478 -10.53 -12.91 -12.99
N MET F 479 -9.64 -12.78 -11.99
CA MET F 479 -9.97 -13.13 -10.62
C MET F 479 -10.96 -12.16 -9.99
N HIS F 480 -10.91 -10.87 -10.34
CA HIS F 480 -11.77 -9.88 -9.70
C HIS F 480 -13.22 -10.04 -10.13
N ALA F 481 -13.47 -10.68 -11.27
CA ALA F 481 -14.83 -11.06 -11.64
C ALA F 481 -15.25 -12.25 -10.79
N HIS F 482 -15.68 -11.97 -9.56
CA HIS F 482 -15.98 -13.00 -8.57
C HIS F 482 -17.46 -13.35 -8.60
N ALA F 483 -17.87 -14.13 -7.58
CA ALA F 483 -19.15 -14.80 -7.38
C ALA F 483 -19.40 -15.89 -8.41
N ASP F 484 -18.40 -16.21 -9.23
CA ASP F 484 -18.44 -17.38 -10.08
C ASP F 484 -17.08 -18.05 -10.13
N ASP F 485 -16.10 -17.51 -9.39
CA ASP F 485 -14.85 -18.21 -9.21
C ASP F 485 -14.98 -19.30 -8.17
N GLY F 486 -16.03 -19.24 -7.36
CA GLY F 486 -16.30 -20.31 -6.41
C GLY F 486 -16.59 -21.63 -7.10
N ARG F 487 -17.31 -21.59 -8.22
CA ARG F 487 -17.58 -22.80 -8.99
C ARG F 487 -16.29 -23.36 -9.58
N VAL F 488 -15.39 -22.48 -10.02
CA VAL F 488 -14.10 -22.92 -10.56
C VAL F 488 -13.27 -23.57 -9.47
N ILE F 489 -13.29 -23.01 -8.27
CA ILE F 489 -12.44 -23.55 -7.21
C ILE F 489 -13.03 -24.84 -6.65
N MET F 490 -14.37 -24.96 -6.62
CA MET F 490 -14.98 -26.25 -6.29
C MET F 490 -14.65 -27.31 -7.32
N ASN F 491 -14.62 -26.92 -8.60
CA ASN F 491 -14.24 -27.88 -9.64
C ASN F 491 -12.78 -28.26 -9.53
N ASN F 492 -11.95 -27.35 -9.03
CA ASN F 492 -10.56 -27.69 -8.76
C ASN F 492 -10.44 -28.70 -7.62
N LEU F 493 -11.13 -28.45 -6.52
CA LEU F 493 -11.00 -29.32 -5.34
C LEU F 493 -11.59 -30.69 -5.60
N PHE F 494 -12.80 -30.76 -6.17
CA PHE F 494 -13.37 -32.06 -6.51
C PHE F 494 -12.65 -32.69 -7.69
N MET F 495 -11.93 -31.89 -8.46
CA MET F 495 -11.19 -32.43 -9.60
C MET F 495 -9.95 -33.17 -9.15
N LYS F 496 -9.17 -32.59 -8.24
CA LYS F 496 -7.89 -33.17 -7.87
C LYS F 496 -8.04 -34.24 -6.81
N LEU F 497 -9.11 -34.18 -6.02
CA LEU F 497 -9.28 -35.14 -4.94
C LEU F 497 -9.70 -36.51 -5.46
N ARG F 498 -10.32 -36.55 -6.64
CA ARG F 498 -10.75 -37.81 -7.23
C ARG F 498 -9.60 -38.48 -7.95
N HIS G 50 23.52 48.83 -43.57
CA HIS G 50 24.66 48.95 -44.48
C HIS G 50 24.97 47.60 -45.12
N ILE G 51 24.24 46.57 -44.72
CA ILE G 51 24.43 45.21 -45.21
C ILE G 51 23.09 44.69 -45.71
N ILE G 52 23.09 44.16 -46.93
CA ILE G 52 21.85 43.74 -47.58
C ILE G 52 21.44 42.37 -47.03
N SER G 53 20.22 42.30 -46.53
CA SER G 53 19.70 41.06 -45.99
C SER G 53 19.35 40.10 -47.12
N PRO G 54 19.53 38.79 -46.91
CA PRO G 54 19.24 37.83 -47.98
C PRO G 54 17.76 37.46 -48.13
N PHE G 55 16.86 38.27 -47.58
CA PHE G 55 15.44 38.02 -47.75
C PHE G 55 14.69 39.27 -48.19
N ASN G 56 15.40 40.26 -48.72
CA ASN G 56 14.77 41.43 -49.30
C ASN G 56 14.02 41.06 -50.58
N PRO G 57 13.03 41.86 -50.97
CA PRO G 57 12.45 41.67 -52.31
C PRO G 57 13.36 42.12 -53.43
N ARG G 58 14.36 42.97 -53.16
CA ARG G 58 15.27 43.41 -54.19
C ARG G 58 16.21 42.28 -54.62
N TYR G 59 16.83 41.63 -53.64
CA TYR G 59 17.89 40.69 -53.93
C TYR G 59 17.35 39.41 -54.57
N ARG G 60 16.12 39.03 -54.23
CA ARG G 60 15.54 37.84 -54.82
C ARG G 60 15.19 38.06 -56.29
N ALA G 61 14.69 39.24 -56.63
CA ALA G 61 14.45 39.56 -58.04
C ALA G 61 15.75 39.72 -58.80
N TRP G 62 16.80 40.20 -58.14
CA TRP G 62 18.13 40.22 -58.76
C TRP G 62 18.61 38.81 -59.08
N GLU G 63 18.39 37.87 -58.16
CA GLU G 63 18.77 36.47 -58.41
C GLU G 63 17.98 35.88 -59.56
N MET G 64 16.68 36.15 -59.65
CA MET G 64 15.92 35.51 -60.72
C MET G 64 16.22 36.14 -62.09
N TRP G 65 16.56 37.43 -62.12
CA TRP G 65 17.08 38.01 -63.36
C TRP G 65 18.39 37.36 -63.76
N LEU G 66 19.26 37.08 -62.79
CA LEU G 66 20.47 36.34 -63.11
C LEU G 66 20.20 34.92 -63.58
N VAL G 67 19.13 34.30 -63.10
CA VAL G 67 18.83 32.94 -63.54
C VAL G 67 18.40 32.92 -65.00
N LEU G 68 17.58 33.90 -65.40
CA LEU G 68 17.26 34.02 -66.83
C LEU G 68 18.48 34.32 -67.67
N LEU G 69 19.41 35.10 -67.12
CA LEU G 69 20.62 35.41 -67.88
C LEU G 69 21.53 34.19 -68.01
N VAL G 70 21.56 33.34 -66.98
CA VAL G 70 22.36 32.11 -67.02
C VAL G 70 21.79 31.13 -68.03
N ILE G 71 20.46 31.00 -68.09
CA ILE G 71 19.84 30.13 -69.08
C ILE G 71 20.13 30.62 -70.49
N TYR G 72 20.14 31.93 -70.69
CA TYR G 72 20.54 32.49 -71.99
C TYR G 72 21.98 32.12 -72.36
N SER G 73 22.90 32.29 -71.41
CA SER G 73 24.30 32.03 -71.72
C SER G 73 24.54 30.55 -71.99
N ALA G 74 23.91 29.68 -71.21
CA ALA G 74 24.09 28.25 -71.40
C ALA G 74 23.44 27.75 -72.67
N TRP G 75 22.38 28.41 -73.15
CA TRP G 75 21.88 27.98 -74.44
C TRP G 75 22.73 28.50 -75.60
N ILE G 76 23.32 29.68 -75.47
CA ILE G 76 24.07 30.21 -76.62
C ILE G 76 25.41 29.50 -76.78
N CYS G 77 26.11 29.20 -75.67
CA CYS G 77 27.53 28.87 -75.74
C CYS G 77 27.94 27.69 -76.65
N PRO G 78 27.23 26.55 -76.72
CA PRO G 78 27.62 25.56 -77.74
C PRO G 78 27.25 26.01 -79.14
N PHE G 79 26.09 26.66 -79.28
CA PHE G 79 25.60 27.12 -80.56
C PHE G 79 26.49 28.20 -81.14
N GLN G 80 27.14 28.98 -80.28
CA GLN G 80 28.17 29.91 -80.71
C GLN G 80 29.47 29.20 -80.97
N PHE G 81 29.74 28.14 -80.22
CA PHE G 81 31.00 27.43 -80.32
C PHE G 81 31.13 26.68 -81.64
N ALA G 82 30.02 26.26 -82.24
CA ALA G 82 30.09 25.43 -83.43
C ALA G 82 29.63 26.11 -84.71
N PHE G 83 28.42 26.65 -84.74
CA PHE G 83 27.82 27.04 -86.01
C PHE G 83 28.35 28.38 -86.50
N ILE G 84 28.12 29.45 -85.75
CA ILE G 84 28.32 30.79 -86.23
C ILE G 84 29.79 31.19 -86.09
N THR G 85 30.16 32.24 -86.81
CA THR G 85 31.48 32.83 -86.72
C THR G 85 31.56 33.75 -85.50
N TYR G 86 32.60 34.57 -85.44
CA TYR G 86 32.81 35.45 -84.29
C TYR G 86 33.11 36.89 -84.67
N LYS G 87 33.55 37.17 -85.89
CA LYS G 87 34.04 38.49 -86.25
C LYS G 87 32.93 39.53 -86.25
N LYS G 88 31.72 39.16 -86.62
CA LYS G 88 30.57 40.06 -86.51
C LYS G 88 30.26 40.31 -85.03
N ASP G 89 29.57 41.41 -84.75
CA ASP G 89 29.56 41.95 -83.40
C ASP G 89 28.18 42.07 -82.76
N ALA G 90 27.10 41.73 -83.48
CA ALA G 90 25.74 41.98 -82.99
C ALA G 90 25.37 41.10 -81.80
N ILE G 91 26.05 39.97 -81.64
CA ILE G 91 25.88 39.13 -80.45
C ILE G 91 27.04 39.37 -79.49
N PHE G 92 28.19 39.81 -79.99
CA PHE G 92 29.33 40.19 -79.17
C PHE G 92 28.99 41.29 -78.18
N ILE G 93 28.12 42.21 -78.61
CA ILE G 93 27.60 43.24 -77.72
C ILE G 93 26.85 42.63 -76.54
N ILE G 94 25.96 41.68 -76.85
CA ILE G 94 25.10 41.09 -75.82
C ILE G 94 25.92 40.25 -74.85
N ASP G 95 26.95 39.57 -75.37
CA ASP G 95 27.81 38.78 -74.51
C ASP G 95 28.63 39.65 -73.58
N ASN G 96 29.10 40.80 -74.07
CA ASN G 96 29.84 41.70 -73.20
C ASN G 96 28.95 42.33 -72.14
N ILE G 97 27.69 42.60 -72.48
CA ILE G 97 26.73 43.10 -71.50
C ILE G 97 26.47 42.06 -70.40
N VAL G 98 26.32 40.80 -70.79
CA VAL G 98 26.11 39.72 -69.83
C VAL G 98 27.31 39.56 -68.90
N ASN G 99 28.52 39.67 -69.47
CA ASN G 99 29.71 39.65 -68.63
C ASN G 99 29.77 40.85 -67.69
N GLY G 100 29.20 41.99 -68.12
CA GLY G 100 29.10 43.13 -67.22
C GLY G 100 28.18 42.87 -66.04
N PHE G 101 27.04 42.23 -66.29
CA PHE G 101 26.13 41.89 -65.19
C PHE G 101 26.78 40.95 -64.19
N PHE G 102 27.51 39.96 -64.66
CA PHE G 102 28.14 39.06 -63.68
C PHE G 102 29.32 39.72 -62.98
N ALA G 103 29.99 40.67 -63.64
CA ALA G 103 31.05 41.41 -62.94
C ALA G 103 30.48 42.33 -61.88
N ILE G 104 29.24 42.81 -62.06
CA ILE G 104 28.57 43.53 -61.00
C ILE G 104 28.22 42.61 -59.84
N ASP G 105 27.75 41.40 -60.16
CA ASP G 105 27.37 40.46 -59.10
C ASP G 105 28.55 40.01 -58.27
N ILE G 106 29.74 39.93 -58.88
CA ILE G 106 30.96 39.55 -58.14
C ILE G 106 31.23 40.54 -57.01
N ILE G 107 31.08 41.83 -57.29
CA ILE G 107 31.23 42.85 -56.24
C ILE G 107 30.10 42.75 -55.23
N LEU G 108 28.85 42.66 -55.72
CA LEU G 108 27.70 42.78 -54.84
C LEU G 108 27.53 41.58 -53.91
N THR G 109 28.15 40.44 -54.19
CA THR G 109 28.01 39.33 -53.23
C THR G 109 28.84 39.50 -51.97
N PHE G 110 29.60 40.59 -51.82
CA PHE G 110 30.27 40.86 -50.54
C PHE G 110 29.39 41.60 -49.56
N PHE G 111 28.29 42.20 -50.02
CA PHE G 111 27.44 43.00 -49.15
C PHE G 111 26.26 42.21 -48.59
N VAL G 112 26.23 40.90 -48.79
CA VAL G 112 25.05 40.11 -48.53
C VAL G 112 25.31 39.18 -47.36
N ALA G 113 24.37 39.11 -46.43
CA ALA G 113 24.44 38.20 -45.30
C ALA G 113 24.00 36.81 -45.70
N TYR G 114 24.40 35.83 -44.91
CA TYR G 114 24.03 34.45 -45.14
C TYR G 114 23.39 33.87 -43.88
N LEU G 115 23.14 32.56 -43.88
CA LEU G 115 22.62 31.84 -42.74
C LEU G 115 23.63 30.78 -42.32
N ASP G 116 24.14 30.89 -41.10
CA ASP G 116 25.13 29.93 -40.66
C ASP G 116 24.47 28.61 -40.29
N SER G 117 25.31 27.60 -40.06
CA SER G 117 24.80 26.26 -39.81
C SER G 117 24.57 26.01 -38.32
N HIS G 118 25.50 26.42 -37.47
CA HIS G 118 25.42 26.05 -36.06
C HIS G 118 24.56 27.04 -35.28
N SER G 119 24.80 28.33 -35.46
CA SER G 119 23.94 29.36 -34.91
C SER G 119 23.12 29.91 -36.07
N TYR G 120 21.86 30.22 -35.81
CA TYR G 120 20.95 30.42 -36.93
C TYR G 120 20.59 31.89 -37.12
N LEU G 121 19.79 32.12 -38.17
CA LEU G 121 18.97 33.30 -38.43
C LEU G 121 19.75 34.52 -38.93
N LEU G 122 21.08 34.54 -38.80
CA LEU G 122 21.92 35.64 -39.29
C LEU G 122 23.40 35.39 -39.11
N VAL G 123 24.20 35.99 -39.99
CA VAL G 123 25.58 36.37 -39.74
C VAL G 123 25.75 37.77 -40.33
N ASP G 124 26.25 38.69 -39.52
CA ASP G 124 26.49 40.06 -39.93
C ASP G 124 27.95 40.36 -39.70
N SER G 125 28.29 41.67 -39.74
CA SER G 125 29.63 42.19 -39.44
C SER G 125 30.66 41.64 -40.42
N PRO G 126 30.84 42.30 -41.58
CA PRO G 126 31.32 41.64 -42.82
C PRO G 126 32.61 40.82 -42.77
N LYS G 127 33.31 40.76 -41.65
CA LYS G 127 34.29 39.70 -41.48
C LYS G 127 33.58 38.36 -41.46
N LYS G 128 34.28 37.34 -41.97
CA LYS G 128 33.88 35.95 -42.22
C LYS G 128 32.90 35.80 -43.39
N ILE G 129 32.33 36.91 -43.88
CA ILE G 129 31.60 36.85 -45.14
C ILE G 129 32.58 36.72 -46.30
N ALA G 130 33.65 37.51 -46.27
CA ALA G 130 34.70 37.37 -47.27
C ALA G 130 35.46 36.06 -47.07
N ILE G 131 35.49 35.55 -45.85
CA ILE G 131 36.15 34.26 -45.62
C ILE G 131 35.31 33.13 -46.23
N ARG G 132 33.98 33.25 -46.13
CA ARG G 132 33.11 32.29 -46.80
C ARG G 132 33.21 32.39 -48.32
N TYR G 133 33.09 33.60 -48.84
CA TYR G 133 32.97 33.76 -50.28
C TYR G 133 34.30 33.55 -50.99
N LEU G 134 35.40 34.01 -50.41
CA LEU G 134 36.70 33.88 -51.05
C LEU G 134 37.24 32.46 -51.00
N SER G 135 36.74 31.63 -50.09
CA SER G 135 37.23 30.25 -50.05
C SER G 135 36.39 29.34 -50.93
N THR G 136 35.08 29.52 -50.96
CA THR G 136 34.21 28.56 -51.64
C THR G 136 34.10 28.85 -53.14
N TRP G 137 33.51 29.99 -53.51
CA TRP G 137 33.03 30.17 -54.87
C TRP G 137 33.73 31.27 -55.65
N PHE G 138 34.77 31.89 -55.11
CA PHE G 138 35.32 33.09 -55.73
C PHE G 138 36.16 32.79 -56.96
N ALA G 139 36.96 31.73 -56.91
CA ALA G 139 37.98 31.49 -57.92
C ALA G 139 37.38 31.15 -59.26
N PHE G 140 36.46 30.18 -59.29
CA PHE G 140 35.86 29.81 -60.56
C PHE G 140 34.91 30.87 -61.08
N ASP G 141 34.31 31.67 -60.20
CA ASP G 141 33.48 32.78 -60.67
C ASP G 141 34.33 33.87 -61.32
N VAL G 142 35.51 34.16 -60.76
CA VAL G 142 36.31 35.20 -61.38
C VAL G 142 37.07 34.65 -62.58
N CYS G 143 37.18 33.33 -62.70
CA CYS G 143 37.68 32.77 -63.96
C CYS G 143 36.60 32.78 -65.04
N SER G 144 35.35 32.55 -64.66
CA SER G 144 34.29 32.49 -65.66
C SER G 144 33.88 33.88 -66.14
N THR G 145 33.81 34.84 -65.21
CA THR G 145 33.37 36.19 -65.54
C THR G 145 34.38 36.93 -66.42
N ALA G 146 35.66 36.59 -66.29
CA ALA G 146 36.71 37.35 -66.96
C ALA G 146 36.65 37.11 -68.46
N PRO G 147 36.62 38.18 -69.28
CA PRO G 147 36.57 37.99 -70.72
C PRO G 147 37.94 37.62 -71.27
N PHE G 148 37.95 36.70 -72.23
CA PHE G 148 39.19 36.33 -72.90
C PHE G 148 39.10 36.46 -74.40
N GLN G 149 37.96 36.09 -74.99
CA GLN G 149 37.76 36.34 -76.41
C GLN G 149 37.74 37.82 -76.81
N PRO G 150 37.09 38.71 -76.03
CA PRO G 150 37.05 40.15 -76.36
C PRO G 150 38.46 40.74 -76.33
N LEU G 151 39.48 40.18 -75.38
CA LEU G 151 40.87 40.58 -75.28
C LEU G 151 41.69 39.98 -76.41
N SER G 152 41.35 38.78 -76.85
CA SER G 152 42.00 38.21 -78.02
C SER G 152 41.63 38.96 -79.28
N LEU G 153 40.40 39.46 -79.35
CA LEU G 153 39.96 40.17 -80.55
C LEU G 153 40.59 41.55 -80.63
N LEU G 154 40.76 42.21 -79.49
CA LEU G 154 41.22 43.58 -79.50
C LEU G 154 42.73 43.70 -79.30
N PHE G 155 43.38 42.62 -78.85
CA PHE G 155 44.81 42.69 -78.56
C PHE G 155 45.64 42.50 -79.82
N ASN G 156 45.57 41.32 -80.42
CA ASN G 156 46.34 41.08 -81.63
C ASN G 156 45.54 40.38 -82.73
N TYR G 157 44.66 39.46 -82.37
CA TYR G 157 44.05 38.57 -83.35
C TYR G 157 42.79 39.15 -83.97
N GLU G 161 42.47 30.62 -82.87
CA GLU G 161 41.24 31.07 -82.22
C GLU G 161 40.56 29.93 -81.51
N LEU G 162 41.00 28.69 -81.77
CA LEU G 162 40.34 27.54 -81.17
C LEU G 162 40.68 27.39 -79.69
N GLY G 163 41.92 27.71 -79.31
CA GLY G 163 42.29 27.70 -77.91
C GLY G 163 41.63 28.81 -77.11
N PHE G 164 41.10 29.83 -77.77
CA PHE G 164 40.40 30.90 -77.10
C PHE G 164 38.91 30.63 -76.97
N ARG G 165 38.38 29.70 -77.78
CA ARG G 165 37.00 29.26 -77.59
C ARG G 165 36.85 28.35 -76.40
N ILE G 166 37.87 27.54 -76.12
CA ILE G 166 37.85 26.67 -74.95
C ILE G 166 37.88 27.51 -73.68
N LEU G 167 38.53 28.67 -73.72
CA LEU G 167 38.44 29.59 -72.60
C LEU G 167 37.07 30.23 -72.50
N SER G 168 36.31 30.25 -73.59
CA SER G 168 34.93 30.70 -73.50
C SER G 168 33.99 29.59 -73.07
N MET G 169 34.42 28.33 -73.14
CA MET G 169 33.57 27.27 -72.60
C MET G 169 33.55 27.25 -71.08
N LEU G 170 34.36 28.06 -70.41
CA LEU G 170 34.30 28.18 -68.97
C LEU G 170 33.13 29.04 -68.49
N ARG G 171 32.32 29.56 -69.40
CA ARG G 171 31.09 30.25 -69.04
C ARG G 171 30.06 29.33 -68.40
N LEU G 172 30.24 28.01 -68.51
CA LEU G 172 29.34 27.04 -67.92
C LEU G 172 29.50 26.91 -66.41
N TRP G 173 30.49 27.57 -65.80
CA TRP G 173 30.50 27.59 -64.34
C TRP G 173 29.37 28.44 -63.79
N ARG G 174 28.85 29.38 -64.58
CA ARG G 174 27.71 30.20 -64.20
C ARG G 174 26.43 29.40 -63.97
N LEU G 175 26.44 28.11 -64.29
CA LEU G 175 25.29 27.24 -64.22
C LEU G 175 25.10 26.63 -62.84
N ARG G 176 25.85 27.10 -61.83
CA ARG G 176 25.59 26.64 -60.48
C ARG G 176 24.33 27.25 -59.90
N ARG G 177 23.90 28.38 -60.44
CA ARG G 177 22.74 29.08 -59.87
C ARG G 177 21.46 28.34 -60.18
N VAL G 178 21.42 27.63 -61.30
CA VAL G 178 20.27 26.81 -61.61
C VAL G 178 20.20 25.61 -60.67
N SER G 179 21.35 25.07 -60.29
CA SER G 179 21.37 24.02 -59.28
C SER G 179 20.96 24.54 -57.90
N SER G 180 21.33 25.78 -57.59
CA SER G 180 20.90 26.36 -56.32
C SER G 180 19.41 26.60 -56.30
N LEU G 181 18.81 27.01 -57.43
CA LEU G 181 17.35 27.11 -57.47
C LEU G 181 16.68 25.76 -57.34
N PHE G 182 17.18 24.74 -58.03
CA PHE G 182 16.51 23.46 -57.89
C PHE G 182 16.87 22.76 -56.59
N ALA G 183 17.78 23.30 -55.80
CA ALA G 183 17.90 22.86 -54.42
C ALA G 183 16.94 23.63 -53.51
N ARG G 184 16.68 24.90 -53.81
CA ARG G 184 15.75 25.67 -52.99
C ARG G 184 14.32 25.22 -53.18
N LEU G 185 13.92 24.92 -54.41
CA LEU G 185 12.51 24.72 -54.67
C LEU G 185 12.01 23.36 -54.23
N GLU G 186 12.88 22.38 -54.05
CA GLU G 186 12.45 21.13 -53.46
C GLU G 186 12.12 21.32 -51.99
N LYS G 187 12.96 22.08 -51.31
CA LYS G 187 12.88 22.27 -49.87
C LYS G 187 11.86 23.33 -49.49
N ASP G 188 11.51 24.21 -50.42
CA ASP G 188 10.43 25.16 -50.19
C ASP G 188 9.09 24.44 -50.17
N ILE G 189 8.16 24.93 -49.36
CA ILE G 189 6.90 24.24 -49.17
C ILE G 189 5.98 24.45 -50.37
N ARG G 190 5.87 25.68 -50.84
CA ARG G 190 4.76 26.01 -51.71
C ARG G 190 5.03 25.67 -53.18
N PHE G 191 5.39 24.41 -53.43
CA PHE G 191 5.60 23.89 -54.76
C PHE G 191 5.40 22.37 -54.79
N ASN G 192 5.05 21.82 -55.94
CA ASN G 192 4.84 20.40 -56.08
C ASN G 192 6.18 19.72 -56.25
N TYR G 193 6.51 18.79 -55.36
CA TYR G 193 7.84 18.21 -55.36
C TYR G 193 8.05 17.29 -56.56
N PHE G 194 7.00 16.61 -57.01
CA PHE G 194 7.13 15.73 -58.16
C PHE G 194 7.00 16.45 -59.49
N TRP G 195 7.05 17.77 -59.48
CA TRP G 195 7.06 18.58 -60.69
C TRP G 195 8.42 19.20 -60.90
N ILE G 196 9.02 19.68 -59.81
CA ILE G 196 10.33 20.30 -59.85
C ILE G 196 11.40 19.31 -60.27
N ARG G 197 11.32 18.07 -59.76
CA ARG G 197 12.41 17.15 -60.00
C ARG G 197 12.38 16.60 -61.43
N CYS G 198 11.19 16.37 -61.98
CA CYS G 198 11.09 16.00 -63.38
C CYS G 198 11.46 17.16 -64.29
N THR G 199 11.20 18.41 -63.87
CA THR G 199 11.67 19.55 -64.64
C THR G 199 13.20 19.60 -64.67
N LYS G 200 13.83 19.26 -63.55
CA LYS G 200 15.29 19.23 -63.50
C LYS G 200 15.87 18.17 -64.44
N LEU G 201 15.24 17.01 -64.50
CA LEU G 201 15.75 15.95 -65.38
C LEU G 201 15.53 16.28 -66.85
N ILE G 202 14.40 16.89 -67.18
CA ILE G 202 14.17 17.32 -68.56
C ILE G 202 15.18 18.39 -68.97
N SER G 203 15.55 19.27 -68.04
CA SER G 203 16.56 20.27 -68.33
C SER G 203 17.92 19.64 -68.64
N VAL G 204 18.33 18.66 -67.83
CA VAL G 204 19.64 18.04 -68.05
C VAL G 204 19.64 17.24 -69.36
N THR G 205 18.54 16.55 -69.66
CA THR G 205 18.46 15.77 -70.88
C THR G 205 18.47 16.64 -72.13
N LEU G 206 17.73 17.75 -72.12
CA LEU G 206 17.72 18.64 -73.26
C LEU G 206 19.07 19.32 -73.46
N PHE G 207 19.74 19.66 -72.37
CA PHE G 207 21.05 20.27 -72.56
C PHE G 207 22.07 19.27 -73.05
N ALA G 208 21.94 17.99 -72.68
CA ALA G 208 22.87 16.99 -73.20
C ALA G 208 22.67 16.78 -74.70
N ILE G 209 21.41 16.73 -75.14
CA ILE G 209 21.09 16.67 -76.57
C ILE G 209 21.73 17.84 -77.32
N HIS G 210 21.54 19.05 -76.79
CA HIS G 210 21.98 20.25 -77.48
C HIS G 210 23.50 20.31 -77.61
N CYS G 211 24.21 20.09 -76.50
CA CYS G 211 25.67 20.23 -76.52
C CYS G 211 26.30 19.11 -77.33
N ALA G 212 25.75 17.90 -77.28
CA ALA G 212 26.34 16.82 -78.04
C ALA G 212 26.11 16.99 -79.53
N GLY G 213 24.93 17.49 -79.92
CA GLY G 213 24.69 17.73 -81.32
C GLY G 213 25.59 18.81 -81.90
N CYS G 214 25.78 19.90 -81.15
CA CYS G 214 26.64 20.95 -81.67
C CYS G 214 28.10 20.53 -81.71
N PHE G 215 28.57 19.73 -80.75
CA PHE G 215 29.97 19.30 -80.79
C PHE G 215 30.20 18.33 -81.94
N ASN G 216 29.21 17.48 -82.26
CA ASN G 216 29.42 16.60 -83.41
C ASN G 216 29.38 17.37 -84.72
N TYR G 217 28.56 18.41 -84.81
CA TYR G 217 28.61 19.21 -86.03
C TYR G 217 29.93 19.95 -86.18
N LEU G 218 30.55 20.34 -85.06
CA LEU G 218 31.89 20.93 -85.12
C LEU G 218 32.90 19.94 -85.66
N ILE G 219 32.93 18.73 -85.11
CA ILE G 219 33.90 17.74 -85.58
C ILE G 219 33.58 17.24 -86.98
N ALA G 220 32.39 17.50 -87.49
CA ALA G 220 32.12 17.26 -88.90
C ALA G 220 32.56 18.42 -89.79
N ASP G 221 32.53 19.67 -89.30
CA ASP G 221 33.05 20.77 -90.11
C ASP G 221 34.56 20.70 -90.25
N ARG G 222 35.27 20.49 -89.15
CA ARG G 222 36.71 20.72 -89.15
C ARG G 222 37.51 19.66 -89.89
N TYR G 223 36.89 18.69 -90.48
CA TYR G 223 37.61 17.57 -91.06
C TYR G 223 37.68 17.70 -92.57
N PRO G 224 38.86 17.53 -93.19
CA PRO G 224 38.93 17.51 -94.65
C PRO G 224 38.30 16.24 -95.19
N ASN G 225 38.04 16.22 -96.53
CA ASN G 225 37.13 15.27 -97.19
C ASN G 225 35.76 15.35 -96.54
N PRO G 226 34.90 16.26 -96.98
CA PRO G 226 33.51 16.27 -96.50
C PRO G 226 32.77 14.96 -96.63
N ARG G 227 33.04 14.16 -97.66
CA ARG G 227 32.53 12.79 -97.64
C ARG G 227 33.31 11.97 -96.62
N LYS G 228 32.71 10.86 -96.21
CA LYS G 228 33.11 10.10 -95.03
C LYS G 228 33.12 11.00 -93.78
N THR G 229 32.01 11.71 -93.58
CA THR G 229 31.58 12.21 -92.28
C THR G 229 30.13 11.74 -92.10
N TRP G 230 29.50 12.04 -90.96
CA TRP G 230 28.16 11.52 -90.75
C TRP G 230 27.14 12.28 -91.58
N ILE G 231 27.32 13.59 -91.73
CA ILE G 231 26.38 14.37 -92.51
C ILE G 231 26.85 14.52 -93.95
N GLY G 232 28.12 14.23 -94.23
CA GLY G 232 28.62 14.42 -95.58
C GLY G 232 28.23 13.28 -96.49
N ALA G 233 28.24 12.06 -95.98
CA ALA G 233 27.98 10.91 -96.83
C ALA G 233 26.52 10.79 -97.19
N VAL G 234 25.63 11.48 -96.48
CA VAL G 234 24.22 11.47 -96.83
C VAL G 234 23.84 12.72 -97.61
N TYR G 235 24.21 13.89 -97.11
CA TYR G 235 24.08 15.13 -97.87
C TYR G 235 25.45 15.51 -98.36
N PRO G 236 25.74 15.42 -99.66
CA PRO G 236 27.08 15.81 -100.12
C PRO G 236 27.31 17.30 -100.12
N ASN G 237 26.26 18.10 -100.23
CA ASN G 237 26.35 19.55 -100.19
C ASN G 237 25.60 20.02 -98.95
N PHE G 238 26.31 20.15 -97.83
CA PHE G 238 25.66 20.54 -96.59
C PHE G 238 26.14 21.85 -96.02
N LYS G 239 27.34 22.31 -96.36
CA LYS G 239 27.79 23.59 -95.85
C LYS G 239 27.08 24.76 -96.51
N GLU G 240 26.48 24.55 -97.67
CA GLU G 240 25.76 25.62 -98.35
C GLU G 240 24.32 25.79 -97.88
N ALA G 241 23.83 24.89 -97.02
CA ALA G 241 22.46 24.99 -96.56
C ALA G 241 22.36 25.94 -95.36
N SER G 242 21.15 26.13 -94.87
CA SER G 242 20.87 27.16 -93.89
C SER G 242 21.31 26.73 -92.49
N LEU G 243 20.94 27.53 -91.49
CA LEU G 243 21.17 27.10 -90.11
C LEU G 243 20.12 26.14 -89.63
N TRP G 244 18.88 26.29 -90.09
CA TRP G 244 17.82 25.50 -89.53
C TRP G 244 17.91 24.05 -89.97
N ASN G 245 18.34 23.81 -91.21
CA ASN G 245 18.46 22.44 -91.68
C ASN G 245 19.64 21.73 -91.02
N ARG G 246 20.77 22.41 -90.89
CA ARG G 246 21.92 21.79 -90.24
C ARG G 246 21.68 21.59 -88.76
N TYR G 247 21.00 22.53 -88.12
CA TYR G 247 20.75 22.41 -86.69
C TYR G 247 19.75 21.32 -86.39
N VAL G 248 18.68 21.22 -87.18
CA VAL G 248 17.72 20.14 -87.00
C VAL G 248 18.36 18.80 -87.31
N THR G 249 19.27 18.74 -88.28
CA THR G 249 19.93 17.48 -88.59
C THR G 249 20.86 17.04 -87.46
N ALA G 250 21.59 17.98 -86.87
CA ALA G 250 22.46 17.63 -85.74
C ALA G 250 21.64 17.21 -84.53
N LEU G 251 20.52 17.88 -84.31
CA LEU G 251 19.68 17.55 -83.17
C LEU G 251 19.04 16.18 -83.34
N TYR G 252 18.65 15.87 -84.58
CA TYR G 252 18.05 14.59 -84.90
C TYR G 252 19.04 13.46 -84.83
N TRP G 253 20.30 13.69 -85.21
CA TRP G 253 21.32 12.68 -84.95
C TRP G 253 21.47 12.44 -83.47
N SER G 254 21.54 13.51 -82.68
CA SER G 254 21.86 13.35 -81.26
C SER G 254 20.75 12.63 -80.51
N ILE G 255 19.49 12.85 -80.88
CA ILE G 255 18.46 12.22 -80.08
C ILE G 255 18.26 10.74 -80.43
N THR G 256 18.61 10.31 -81.64
CA THR G 256 18.47 8.89 -81.95
C THR G 256 19.54 8.04 -81.33
N THR G 257 20.60 8.63 -80.76
CA THR G 257 21.54 7.85 -79.99
C THR G 257 21.53 8.20 -78.53
N LEU G 258 20.79 9.24 -78.12
CA LEU G 258 20.50 9.33 -76.70
C LEU G 258 19.38 8.40 -76.31
N THR G 259 18.27 8.41 -77.05
CA THR G 259 17.15 7.55 -76.68
C THR G 259 17.26 6.18 -77.28
N THR G 260 18.49 5.71 -77.52
CA THR G 260 18.91 4.39 -77.99
C THR G 260 18.10 3.79 -79.13
N THR G 261 17.54 4.62 -80.00
CA THR G 261 16.88 4.03 -81.16
C THR G 261 17.90 3.62 -82.20
N GLY G 262 18.61 4.58 -82.77
CA GLY G 262 19.68 4.23 -83.68
C GLY G 262 19.20 3.65 -84.97
N TYR G 263 18.63 4.48 -85.86
CA TYR G 263 18.09 3.97 -87.11
C TYR G 263 19.17 3.33 -87.96
N GLY G 264 20.14 4.11 -88.38
CA GLY G 264 21.13 3.55 -89.27
C GLY G 264 21.58 4.57 -90.27
N ASP G 265 20.88 5.69 -90.30
CA ASP G 265 21.46 6.87 -90.91
C ASP G 265 22.56 7.39 -90.01
N PHE G 266 23.45 8.18 -90.60
CA PHE G 266 24.28 9.13 -89.87
C PHE G 266 25.25 8.42 -88.92
N HIS G 267 25.66 7.23 -89.29
CA HIS G 267 26.68 6.54 -88.53
C HIS G 267 28.03 7.16 -88.84
N ALA G 268 29.04 6.84 -88.05
CA ALA G 268 30.32 7.52 -88.15
C ALA G 268 31.25 6.79 -89.10
N GLU G 269 32.06 7.56 -89.83
CA GLU G 269 33.11 7.05 -90.72
C GLU G 269 34.50 7.55 -90.36
N ASN G 270 34.61 8.82 -90.01
CA ASN G 270 35.85 9.38 -89.54
C ASN G 270 36.25 8.73 -88.22
N PRO G 271 37.48 8.22 -88.09
CA PRO G 271 37.85 7.53 -86.85
C PRO G 271 37.91 8.41 -85.61
N ARG G 272 38.16 9.71 -85.74
CA ARG G 272 38.06 10.56 -84.55
C ARG G 272 36.61 10.73 -84.13
N GLU G 273 35.71 10.73 -85.09
CA GLU G 273 34.28 10.80 -84.82
C GLU G 273 33.77 9.48 -84.28
N MET G 274 34.32 8.39 -84.80
CA MET G 274 34.07 7.07 -84.27
C MET G 274 34.59 6.94 -82.85
N LEU G 275 35.59 7.74 -82.48
CA LEU G 275 36.02 7.80 -81.09
C LEU G 275 35.11 8.66 -80.24
N PHE G 276 34.53 9.71 -80.80
CA PHE G 276 33.62 10.54 -80.01
C PHE G 276 32.37 9.78 -79.63
N ASP G 277 31.88 8.92 -80.53
CA ASP G 277 30.66 8.17 -80.25
C ASP G 277 30.80 7.22 -79.07
N ILE G 278 32.02 6.77 -78.77
CA ILE G 278 32.20 5.86 -77.64
C ILE G 278 31.92 6.56 -76.32
N PHE G 279 32.47 7.77 -76.17
CA PHE G 279 32.23 8.49 -74.93
C PHE G 279 30.80 8.98 -74.85
N PHE G 280 30.21 9.35 -75.98
CA PHE G 280 28.83 9.81 -75.90
C PHE G 280 27.87 8.67 -75.61
N MET G 281 28.14 7.46 -76.08
CA MET G 281 27.22 6.37 -75.78
C MET G 281 27.41 5.82 -74.38
N MET G 282 28.63 5.89 -73.82
CA MET G 282 28.79 5.63 -72.39
C MET G 282 27.98 6.61 -71.54
N PHE G 283 28.05 7.89 -71.88
CA PHE G 283 27.29 8.89 -71.14
C PHE G 283 25.79 8.66 -71.25
N ASN G 284 25.32 8.23 -72.42
CA ASN G 284 23.88 8.02 -72.58
C ASN G 284 23.41 6.80 -71.80
N LEU G 285 24.25 5.77 -71.69
CA LEU G 285 23.90 4.62 -70.86
C LEU G 285 23.75 5.03 -69.39
N GLY G 286 24.69 5.84 -68.90
CA GLY G 286 24.59 6.31 -67.52
C GLY G 286 23.36 7.17 -67.27
N LEU G 287 23.07 8.10 -68.19
CA LEU G 287 21.96 9.02 -67.96
C LEU G 287 20.61 8.33 -68.10
N THR G 288 20.50 7.36 -69.01
CA THR G 288 19.24 6.65 -69.14
C THR G 288 18.95 5.80 -67.91
N ALA G 289 19.99 5.22 -67.31
CA ALA G 289 19.79 4.51 -66.04
C ALA G 289 19.34 5.45 -64.93
N TYR G 290 19.92 6.65 -64.87
CA TYR G 290 19.54 7.61 -63.84
C TYR G 290 18.10 8.07 -64.00
N LEU G 291 17.66 8.25 -65.24
CA LEU G 291 16.31 8.71 -65.51
C LEU G 291 15.28 7.65 -65.14
N ILE G 292 15.57 6.38 -65.42
CA ILE G 292 14.66 5.31 -65.02
C ILE G 292 14.59 5.18 -63.51
N GLY G 293 15.69 5.46 -62.81
CA GLY G 293 15.65 5.47 -61.36
C GLY G 293 14.73 6.54 -60.77
N ASN G 294 14.78 7.75 -61.32
CA ASN G 294 13.88 8.81 -60.83
C ASN G 294 12.42 8.53 -61.13
N MET G 295 12.11 7.99 -62.32
CA MET G 295 10.70 7.68 -62.57
C MET G 295 10.21 6.51 -61.73
N THR G 296 11.11 5.60 -61.33
CA THR G 296 10.73 4.56 -60.40
C THR G 296 10.39 5.12 -59.03
N ASN G 297 11.15 6.14 -58.57
CA ASN G 297 10.74 6.82 -57.34
C ASN G 297 9.38 7.48 -57.45
N LEU G 298 9.10 8.13 -58.58
CA LEU G 298 7.80 8.81 -58.70
C LEU G 298 6.65 7.81 -58.75
N VAL G 299 6.84 6.65 -59.37
CA VAL G 299 5.75 5.68 -59.47
C VAL G 299 5.55 4.94 -58.16
N VAL G 300 6.64 4.55 -57.47
CA VAL G 300 6.52 3.91 -56.17
C VAL G 300 5.90 4.84 -55.15
N HIS G 301 6.23 6.12 -55.22
CA HIS G 301 5.70 7.02 -54.22
C HIS G 301 4.29 7.52 -54.53
N TRP G 302 3.93 7.61 -55.80
CA TRP G 302 2.62 8.14 -56.16
C TRP G 302 1.49 7.20 -55.77
N THR G 303 1.75 5.90 -55.76
CA THR G 303 0.70 4.93 -55.47
C THR G 303 1.06 4.05 -54.28
N SER G 304 1.50 4.65 -53.18
CA SER G 304 1.73 3.87 -51.97
C SER G 304 0.47 3.73 -51.13
N ARG G 305 -0.41 4.73 -51.17
CA ARG G 305 -1.55 4.76 -50.28
C ARG G 305 -2.58 3.72 -50.69
N THR G 306 -2.93 3.68 -51.97
CA THR G 306 -3.90 2.73 -52.47
C THR G 306 -3.38 1.31 -52.35
N ARG G 307 -2.08 1.12 -52.54
CA ARG G 307 -1.50 -0.21 -52.44
C ARG G 307 -1.50 -0.69 -50.99
N THR G 308 -1.29 0.21 -50.03
CA THR G 308 -1.33 -0.20 -48.63
C THR G 308 -2.75 -0.54 -48.20
N PHE G 309 -3.74 0.24 -48.66
CA PHE G 309 -5.15 -0.09 -48.43
C PHE G 309 -5.51 -1.46 -48.98
N ARG G 310 -5.07 -1.77 -50.19
CA ARG G 310 -5.41 -3.07 -50.77
C ARG G 310 -4.67 -4.20 -50.10
N ASP G 311 -3.48 -3.94 -49.54
CA ASP G 311 -2.83 -4.92 -48.68
C ASP G 311 -3.69 -5.26 -47.46
N SER G 312 -4.21 -4.22 -46.81
CA SER G 312 -4.99 -4.44 -45.59
C SER G 312 -6.27 -5.22 -45.89
N VAL G 313 -6.89 -4.93 -47.04
CA VAL G 313 -8.09 -5.66 -47.40
C VAL G 313 -7.79 -7.10 -47.77
N ARG G 314 -6.67 -7.36 -48.46
CA ARG G 314 -6.30 -8.75 -48.77
C ARG G 314 -5.99 -9.54 -47.51
N ALA G 315 -5.33 -8.92 -46.54
CA ALA G 315 -5.01 -9.64 -45.31
C ALA G 315 -6.25 -9.94 -44.49
N ALA G 316 -7.18 -8.99 -44.43
CA ALA G 316 -8.45 -9.25 -43.74
C ALA G 316 -9.26 -10.33 -44.45
N SER G 317 -9.24 -10.36 -45.78
CA SER G 317 -10.01 -11.38 -46.48
C SER G 317 -9.39 -12.77 -46.34
N GLU G 318 -8.06 -12.86 -46.30
CA GLU G 318 -7.46 -14.16 -46.07
C GLU G 318 -7.71 -14.66 -44.66
N PHE G 319 -7.64 -13.76 -43.67
CA PHE G 319 -7.96 -14.16 -42.31
C PHE G 319 -9.42 -14.55 -42.15
N ALA G 320 -10.31 -13.93 -42.92
CA ALA G 320 -11.71 -14.30 -42.83
C ALA G 320 -11.98 -15.63 -43.51
N SER G 321 -11.49 -15.81 -44.74
CA SER G 321 -11.79 -17.02 -45.47
C SER G 321 -10.96 -18.20 -45.01
N ARG G 322 -9.98 -17.98 -44.15
CA ARG G 322 -9.27 -19.12 -43.57
C ARG G 322 -10.08 -19.76 -42.45
N ASN G 323 -10.63 -18.96 -41.55
CA ASN G 323 -11.31 -19.48 -40.38
C ASN G 323 -12.80 -19.65 -40.59
N GLN G 324 -13.30 -19.32 -41.79
CA GLN G 324 -14.68 -19.54 -42.21
C GLN G 324 -15.67 -18.78 -41.32
N LEU G 325 -15.55 -17.47 -41.30
CA LEU G 325 -16.55 -16.64 -40.66
C LEU G 325 -17.71 -16.44 -41.65
N PRO G 326 -18.96 -16.43 -41.18
CA PRO G 326 -20.09 -16.53 -42.10
C PRO G 326 -20.34 -15.37 -43.08
N HIS G 327 -20.91 -14.28 -42.63
CA HIS G 327 -20.97 -13.08 -43.46
C HIS G 327 -20.74 -11.81 -42.66
N ASP G 328 -21.32 -11.78 -41.47
CA ASP G 328 -21.48 -10.53 -40.74
C ASP G 328 -20.16 -9.98 -40.28
N ILE G 329 -19.27 -10.85 -39.83
CA ILE G 329 -17.98 -10.38 -39.34
C ILE G 329 -17.09 -9.95 -40.49
N GLN G 330 -17.25 -10.60 -41.66
CA GLN G 330 -16.57 -10.13 -42.87
C GLN G 330 -17.01 -8.73 -43.24
N ASP G 331 -18.32 -8.48 -43.24
CA ASP G 331 -18.78 -7.18 -43.68
C ASP G 331 -18.44 -6.09 -42.67
N GLN G 332 -18.38 -6.45 -41.39
CA GLN G 332 -17.95 -5.47 -40.39
C GLN G 332 -16.48 -5.11 -40.56
N MET G 333 -15.61 -6.11 -40.75
CA MET G 333 -14.18 -5.83 -40.92
C MET G 333 -13.91 -5.05 -42.19
N LEU G 334 -14.55 -5.43 -43.30
CA LEU G 334 -14.22 -4.77 -44.55
C LEU G 334 -14.81 -3.36 -44.62
N SER G 335 -16.01 -3.14 -44.08
CA SER G 335 -16.54 -1.79 -44.08
C SER G 335 -15.79 -0.91 -43.09
N HIS G 336 -15.24 -1.49 -42.02
CA HIS G 336 -14.48 -0.66 -41.11
C HIS G 336 -13.13 -0.27 -41.69
N ILE G 337 -12.55 -1.13 -42.51
CA ILE G 337 -11.30 -0.70 -43.16
C ILE G 337 -11.59 0.30 -44.27
N CYS G 338 -12.73 0.17 -44.97
CA CYS G 338 -13.11 1.16 -45.97
C CYS G 338 -13.33 2.53 -45.35
N LEU G 339 -13.92 2.60 -44.16
CA LEU G 339 -14.08 3.90 -43.54
C LEU G 339 -12.91 4.32 -42.67
N LYS G 340 -11.90 3.47 -42.47
CA LYS G 340 -10.62 4.02 -42.07
C LYS G 340 -9.88 4.62 -43.25
N PHE G 341 -10.18 4.16 -44.45
CA PHE G 341 -9.43 4.71 -45.59
C PHE G 341 -10.08 5.94 -46.18
N LYS G 342 -11.40 6.05 -46.15
CA LYS G 342 -12.04 7.27 -46.62
C LYS G 342 -11.75 8.46 -45.71
N THR G 343 -11.61 8.24 -44.40
CA THR G 343 -11.10 9.28 -43.52
C THR G 343 -9.76 8.79 -42.99
N GLU G 344 -8.67 9.14 -43.68
CA GLU G 344 -7.39 8.46 -43.55
C GLU G 344 -6.77 8.74 -42.18
N GLY G 345 -7.16 7.91 -41.23
CA GLY G 345 -6.82 8.17 -39.84
C GLY G 345 -5.46 7.64 -39.44
N LEU G 346 -4.82 6.86 -40.30
CA LEU G 346 -3.51 6.32 -39.98
C LEU G 346 -2.44 7.41 -39.98
N LYS G 347 -2.42 8.22 -41.04
CA LYS G 347 -1.55 9.39 -41.08
C LYS G 347 -1.93 10.40 -40.01
N GLN G 348 -3.21 10.46 -39.66
CA GLN G 348 -3.65 11.30 -38.55
C GLN G 348 -3.03 10.85 -37.23
N GLN G 349 -3.07 9.53 -36.96
CA GLN G 349 -2.47 9.00 -35.75
C GLN G 349 -0.97 9.26 -35.69
N GLU G 350 -0.28 9.03 -36.81
CA GLU G 350 1.17 9.26 -36.84
C GLU G 350 1.51 10.73 -36.64
N THR G 351 0.87 11.62 -37.39
CA THR G 351 1.26 13.02 -37.34
C THR G 351 0.69 13.74 -36.13
N LEU G 352 -0.33 13.19 -35.48
CA LEU G 352 -0.72 13.74 -34.19
C LEU G 352 0.20 13.24 -33.10
N ASN G 353 0.70 12.00 -33.20
CA ASN G 353 1.60 11.51 -32.19
C ASN G 353 3.02 11.99 -32.40
N ASN G 354 3.27 12.72 -33.48
CA ASN G 354 4.56 13.36 -33.64
C ASN G 354 4.53 14.81 -33.19
N LEU G 355 3.39 15.29 -32.73
CA LEU G 355 3.26 16.68 -32.32
C LEU G 355 3.70 16.85 -30.88
N PRO G 356 4.09 18.08 -30.45
CA PRO G 356 4.71 18.22 -29.13
C PRO G 356 3.75 18.27 -27.95
N LYS G 357 2.51 17.79 -28.12
CA LYS G 357 1.53 17.58 -27.05
C LYS G 357 1.08 18.86 -26.35
N ALA G 358 1.32 20.01 -26.95
CA ALA G 358 0.62 21.22 -26.57
C ALA G 358 -0.17 21.79 -27.74
N ILE G 359 0.37 21.63 -28.94
CA ILE G 359 -0.34 22.06 -30.13
C ILE G 359 -1.52 21.14 -30.38
N ARG G 360 -1.40 19.86 -30.02
CA ARG G 360 -2.55 18.97 -30.13
C ARG G 360 -3.61 19.33 -29.09
N SER G 361 -3.20 19.94 -27.98
CA SER G 361 -4.17 20.41 -27.01
C SER G 361 -4.91 21.62 -27.55
N SER G 362 -4.22 22.50 -28.27
CA SER G 362 -4.91 23.63 -28.89
C SER G 362 -5.82 23.16 -30.03
N ILE G 363 -5.43 22.08 -30.72
CA ILE G 363 -6.28 21.49 -31.76
C ILE G 363 -7.57 20.96 -31.16
N ALA G 364 -7.47 20.14 -30.11
CA ALA G 364 -8.68 19.58 -29.50
C ALA G 364 -9.49 20.66 -28.81
N ASN G 365 -8.83 21.72 -28.33
CA ASN G 365 -9.53 22.86 -27.75
C ASN G 365 -10.34 23.60 -28.81
N TYR G 366 -9.83 23.68 -30.03
CA TYR G 366 -10.63 24.30 -31.07
C TYR G 366 -11.76 23.38 -31.53
N LEU G 367 -11.52 22.07 -31.55
CA LEU G 367 -12.46 21.20 -32.23
C LEU G 367 -13.60 20.73 -31.34
N PHE G 368 -13.34 20.53 -30.05
CA PHE G 368 -14.30 19.80 -29.23
C PHE G 368 -14.77 20.55 -27.99
N PHE G 369 -14.24 21.73 -27.73
CA PHE G 369 -14.68 22.48 -26.56
C PHE G 369 -16.14 22.94 -26.59
N PRO G 370 -16.70 23.49 -27.68
CA PRO G 370 -18.13 23.82 -27.61
C PRO G 370 -19.04 22.62 -27.75
N ILE G 371 -18.50 21.43 -27.96
CA ILE G 371 -19.33 20.23 -27.96
C ILE G 371 -19.42 19.65 -26.56
N VAL G 372 -18.29 19.59 -25.87
CA VAL G 372 -18.26 19.08 -24.51
C VAL G 372 -18.79 20.12 -23.54
N HIS G 373 -18.81 21.38 -23.95
CA HIS G 373 -19.26 22.47 -23.10
C HIS G 373 -20.76 22.41 -22.80
N ASN G 374 -21.52 21.66 -23.60
CA ASN G 374 -22.96 21.56 -23.41
C ASN G 374 -23.39 20.10 -23.43
N ILE G 375 -23.32 19.44 -22.28
CA ILE G 375 -23.75 18.06 -22.16
C ILE G 375 -24.74 17.95 -21.00
N TYR G 376 -25.56 16.90 -21.06
CA TYR G 376 -26.29 16.31 -19.94
C TYR G 376 -25.54 16.37 -18.61
N LEU G 377 -24.28 15.90 -18.60
CA LEU G 377 -23.54 15.85 -17.34
C LEU G 377 -22.98 17.21 -16.97
N PHE G 378 -22.09 17.76 -17.80
CA PHE G 378 -21.36 18.96 -17.47
C PHE G 378 -22.28 20.17 -17.53
N GLN G 379 -22.42 20.89 -16.42
CA GLN G 379 -23.21 22.10 -16.42
C GLN G 379 -22.40 23.31 -16.02
N GLY G 380 -21.76 23.27 -14.85
CA GLY G 380 -21.11 24.45 -14.31
C GLY G 380 -19.66 24.21 -13.95
N VAL G 381 -18.93 23.54 -14.82
CA VAL G 381 -17.76 22.78 -14.38
C VAL G 381 -16.50 23.59 -14.64
N SER G 382 -16.62 24.93 -14.59
CA SER G 382 -15.49 25.86 -14.36
C SER G 382 -14.38 25.79 -15.39
N ARG G 383 -14.60 26.40 -16.57
CA ARG G 383 -13.88 26.15 -17.83
C ARG G 383 -12.35 26.03 -17.73
N ASN G 384 -11.75 26.61 -16.68
CA ASN G 384 -10.36 26.33 -16.36
C ASN G 384 -10.15 24.85 -16.00
N PHE G 385 -11.19 24.15 -15.57
CA PHE G 385 -11.14 22.69 -15.56
C PHE G 385 -11.24 22.13 -16.97
N LEU G 386 -11.99 22.80 -17.85
CA LEU G 386 -12.26 22.22 -19.16
C LEU G 386 -11.03 22.26 -20.05
N PHE G 387 -10.13 23.24 -19.85
CA PHE G 387 -8.90 23.28 -20.63
C PHE G 387 -8.02 22.07 -20.34
N GLN G 388 -7.95 21.65 -19.09
CA GLN G 388 -7.21 20.43 -18.78
C GLN G 388 -8.03 19.19 -19.10
N LEU G 389 -9.34 19.32 -19.22
CA LEU G 389 -10.16 18.16 -19.57
C LEU G 389 -10.03 17.79 -21.04
N VAL G 390 -10.16 18.78 -21.93
CA VAL G 390 -10.36 18.57 -23.36
C VAL G 390 -9.18 17.86 -24.03
N SER G 391 -7.95 18.18 -23.61
CA SER G 391 -6.72 17.78 -24.32
C SER G 391 -6.47 16.28 -24.38
N ASP G 392 -7.25 15.45 -23.68
CA ASP G 392 -7.03 14.02 -23.74
C ASP G 392 -8.14 13.33 -24.52
N ILE G 393 -9.05 14.10 -25.12
CA ILE G 393 -10.16 13.53 -25.85
C ILE G 393 -9.66 12.98 -27.18
N ASP G 394 -9.99 11.73 -27.46
CA ASP G 394 -9.55 11.06 -28.68
C ASP G 394 -10.78 10.81 -29.54
N ALA G 395 -10.87 11.51 -30.66
CA ALA G 395 -11.99 11.40 -31.58
C ALA G 395 -11.94 10.07 -32.31
N GLU G 396 -13.04 9.72 -32.96
CA GLU G 396 -13.14 8.49 -33.74
C GLU G 396 -14.29 8.65 -34.71
N TYR G 397 -14.52 7.62 -35.52
CA TYR G 397 -15.48 7.69 -36.60
C TYR G 397 -15.93 6.26 -36.90
N PHE G 398 -17.21 6.07 -37.17
CA PHE G 398 -17.74 4.71 -37.09
C PHE G 398 -18.66 4.38 -38.26
N PRO G 399 -18.68 3.12 -38.68
CA PRO G 399 -19.53 2.73 -39.80
C PRO G 399 -20.97 2.58 -39.36
N PRO G 400 -21.92 2.57 -40.29
CA PRO G 400 -23.29 2.23 -39.93
C PRO G 400 -23.43 0.74 -39.69
N LYS G 401 -24.45 0.36 -38.92
CA LYS G 401 -24.87 -1.01 -38.61
C LYS G 401 -23.82 -1.83 -37.87
N GLU G 402 -22.74 -1.20 -37.41
CA GLU G 402 -21.78 -1.85 -36.54
C GLU G 402 -22.29 -1.78 -35.12
N ASP G 403 -22.48 -2.94 -34.50
CA ASP G 403 -22.96 -3.01 -33.12
C ASP G 403 -21.89 -2.42 -32.21
N ILE G 404 -22.16 -1.25 -31.65
CA ILE G 404 -21.12 -0.51 -30.94
C ILE G 404 -20.94 -1.07 -29.53
N ILE G 405 -22.00 -0.98 -28.72
CA ILE G 405 -22.03 -1.52 -27.37
C ILE G 405 -23.10 -2.61 -27.32
N LEU G 406 -22.70 -3.80 -26.90
CA LEU G 406 -23.61 -4.92 -26.79
C LEU G 406 -24.21 -4.99 -25.39
N GLN G 407 -25.22 -5.86 -25.25
CA GLN G 407 -25.87 -6.04 -23.96
C GLN G 407 -24.95 -6.83 -23.03
N ASN G 408 -24.92 -6.38 -21.76
CA ASN G 408 -24.14 -6.98 -20.67
C ASN G 408 -22.66 -7.02 -20.95
N GLU G 409 -22.14 -6.01 -21.65
CA GLU G 409 -20.70 -5.88 -21.85
C GLU G 409 -20.11 -5.09 -20.69
N ALA G 410 -18.97 -5.54 -20.19
CA ALA G 410 -18.28 -4.84 -19.11
C ALA G 410 -17.74 -3.51 -19.64
N PRO G 411 -18.04 -2.38 -18.98
CA PRO G 411 -17.88 -1.08 -19.64
C PRO G 411 -16.43 -0.64 -19.81
N THR G 412 -16.19 0.15 -20.87
CA THR G 412 -14.84 0.61 -21.16
C THR G 412 -14.72 2.11 -21.45
N ASP G 413 -15.75 2.74 -22.02
CA ASP G 413 -15.56 4.12 -22.49
C ASP G 413 -16.89 4.85 -22.61
N LEU G 414 -16.81 6.17 -22.46
CA LEU G 414 -17.92 7.08 -22.75
C LEU G 414 -18.01 7.31 -24.25
N TYR G 415 -19.25 7.41 -24.73
CA TYR G 415 -19.53 7.59 -26.14
C TYR G 415 -20.43 8.81 -26.32
N ILE G 416 -19.82 9.99 -26.41
CA ILE G 416 -20.54 11.21 -26.75
C ILE G 416 -20.77 11.21 -28.25
N LEU G 417 -22.02 11.37 -28.67
CA LEU G 417 -22.29 11.54 -30.09
C LEU G 417 -21.87 12.95 -30.50
N VAL G 418 -21.43 13.09 -31.74
CA VAL G 418 -21.26 14.43 -32.31
C VAL G 418 -22.17 14.56 -33.53
N SER G 419 -22.43 13.45 -34.21
CA SER G 419 -23.46 13.40 -35.23
C SER G 419 -23.98 11.97 -35.29
N GLY G 420 -24.89 11.74 -36.22
CA GLY G 420 -25.31 10.40 -36.56
C GLY G 420 -26.30 9.79 -35.58
N ALA G 421 -27.29 9.12 -36.13
CA ALA G 421 -28.35 8.48 -35.36
C ALA G 421 -27.80 7.22 -34.70
N VAL G 422 -28.44 6.80 -33.61
CA VAL G 422 -28.11 5.58 -32.89
C VAL G 422 -29.41 4.87 -32.55
N ASP G 423 -29.44 3.55 -32.74
CA ASP G 423 -30.65 2.73 -32.45
C ASP G 423 -30.26 1.63 -31.45
N PHE G 424 -30.95 1.59 -30.30
CA PHE G 424 -30.66 0.58 -29.25
C PHE G 424 -31.82 -0.40 -29.14
N THR G 425 -31.51 -1.71 -29.17
CA THR G 425 -32.54 -2.77 -29.06
C THR G 425 -32.12 -3.78 -28.00
N VAL G 426 -33.09 -4.47 -27.38
CA VAL G 426 -32.78 -5.47 -26.31
C VAL G 426 -31.95 -6.60 -26.94
N TYR G 427 -30.92 -7.05 -26.23
CA TYR G 427 -30.05 -8.15 -26.71
C TYR G 427 -30.19 -9.35 -25.76
N VAL G 428 -30.49 -10.54 -26.30
CA VAL G 428 -30.69 -11.84 -25.60
C VAL G 428 -32.01 -11.89 -24.82
N ASP G 429 -32.22 -10.99 -23.85
CA ASP G 429 -33.47 -10.96 -23.04
C ASP G 429 -34.64 -10.65 -23.97
N GLY G 430 -34.47 -9.70 -24.91
CA GLY G 430 -35.55 -9.34 -25.85
C GLY G 430 -35.24 -9.83 -27.26
N HIS G 431 -36.13 -10.66 -27.81
CA HIS G 431 -35.95 -11.22 -29.18
C HIS G 431 -35.99 -10.12 -30.25
N ASP G 432 -36.89 -9.14 -30.10
CA ASP G 432 -37.05 -8.07 -31.12
C ASP G 432 -37.70 -6.82 -30.51
N GLN G 433 -37.76 -5.74 -31.30
CA GLN G 433 -38.38 -4.44 -30.94
C GLN G 433 -37.65 -3.78 -29.75
N PHE G 434 -38.42 -3.40 -28.72
CA PHE G 434 -37.96 -2.69 -27.48
C PHE G 434 -37.64 -1.24 -27.82
N GLN G 435 -36.86 -0.55 -26.96
CA GLN G 435 -36.53 0.88 -27.22
C GLN G 435 -35.06 1.16 -26.85
N GLY G 436 -34.49 2.21 -27.46
CA GLY G 436 -33.09 2.64 -27.20
C GLY G 436 -32.82 3.84 -28.09
N LYS G 437 -32.33 4.96 -27.53
CA LYS G 437 -32.10 6.15 -28.38
C LYS G 437 -31.02 7.09 -27.80
N ALA G 438 -30.50 7.96 -28.66
CA ALA G 438 -29.50 9.00 -28.38
C ALA G 438 -29.39 9.90 -29.60
N VAL G 439 -29.41 11.23 -29.42
CA VAL G 439 -29.34 12.18 -30.57
C VAL G 439 -28.13 13.10 -30.45
N ILE G 440 -27.86 13.88 -31.51
CA ILE G 440 -26.64 14.70 -31.62
C ILE G 440 -26.37 15.54 -30.37
N GLY G 441 -25.26 15.25 -29.69
CA GLY G 441 -24.97 15.88 -28.43
C GLY G 441 -25.36 15.06 -27.21
N GLU G 442 -26.31 14.16 -27.34
CA GLU G 442 -26.77 13.38 -26.20
C GLU G 442 -25.85 12.20 -25.95
N THR G 443 -25.17 12.23 -24.81
CA THR G 443 -24.18 11.21 -24.47
C THR G 443 -24.86 9.91 -24.06
N PHE G 444 -24.08 8.85 -24.02
CA PHE G 444 -24.45 7.64 -23.31
C PHE G 444 -23.17 6.98 -22.82
N GLY G 445 -23.34 5.81 -22.20
CA GLY G 445 -22.28 5.22 -21.42
C GLY G 445 -22.15 5.78 -20.02
N GLU G 446 -23.18 6.47 -19.53
CA GLU G 446 -23.12 7.11 -18.22
C GLU G 446 -23.46 6.16 -17.09
N VAL G 447 -23.73 4.89 -17.41
CA VAL G 447 -23.82 3.87 -16.38
C VAL G 447 -22.46 3.67 -15.74
N GLY G 448 -21.47 3.27 -16.53
CA GLY G 448 -20.14 3.01 -16.01
C GLY G 448 -19.29 4.24 -15.72
N VAL G 449 -19.87 5.21 -15.00
CA VAL G 449 -19.09 6.34 -14.51
C VAL G 449 -18.38 5.92 -13.23
N LEU G 450 -19.18 5.56 -12.23
CA LEU G 450 -18.68 4.98 -10.99
C LEU G 450 -19.44 3.73 -10.59
N TYR G 451 -20.52 3.39 -11.30
CA TYR G 451 -21.34 2.23 -10.96
C TYR G 451 -20.66 0.92 -11.33
N TYR G 452 -19.74 0.95 -12.31
CA TYR G 452 -18.83 -0.13 -12.65
C TYR G 452 -19.60 -1.37 -13.10
N ARG G 453 -20.74 -1.14 -13.72
CA ARG G 453 -21.74 -2.14 -14.04
C ARG G 453 -21.90 -2.24 -15.55
N PRO G 454 -22.33 -3.39 -16.08
CA PRO G 454 -22.45 -3.53 -17.53
C PRO G 454 -23.60 -2.72 -18.11
N GLN G 455 -23.47 -2.44 -19.41
CA GLN G 455 -24.40 -1.61 -20.15
C GLN G 455 -25.74 -2.34 -20.33
N PRO G 456 -26.85 -1.61 -20.27
CA PRO G 456 -28.17 -2.27 -20.33
C PRO G 456 -28.52 -2.77 -21.72
N PHE G 457 -28.28 -1.96 -22.74
CA PHE G 457 -28.91 -2.15 -24.04
C PHE G 457 -27.89 -2.64 -25.05
N THR G 458 -28.35 -2.83 -26.28
CA THR G 458 -27.47 -2.95 -27.42
C THR G 458 -27.42 -1.61 -28.15
N VAL G 459 -26.31 -1.36 -28.83
CA VAL G 459 -26.09 -0.07 -29.51
C VAL G 459 -25.67 -0.38 -30.94
N ARG G 460 -26.62 -0.23 -31.88
CA ARG G 460 -26.35 -0.41 -33.30
C ARG G 460 -26.63 0.88 -34.03
N THR G 461 -25.72 1.25 -34.93
CA THR G 461 -25.79 2.50 -35.66
C THR G 461 -26.84 2.37 -36.74
N THR G 462 -27.39 3.49 -37.21
CA THR G 462 -28.28 3.43 -38.36
C THR G 462 -27.69 4.15 -39.57
N GLU G 463 -27.38 5.42 -39.43
CA GLU G 463 -26.54 6.16 -40.37
C GLU G 463 -25.26 6.53 -39.64
N LEU G 464 -24.18 6.68 -40.40
CA LEU G 464 -22.83 6.80 -39.87
C LEU G 464 -22.69 7.99 -38.93
N SER G 465 -21.71 7.92 -38.03
CA SER G 465 -21.62 8.88 -36.95
C SER G 465 -20.18 9.18 -36.62
N GLN G 466 -20.00 10.22 -35.81
CA GLN G 466 -18.70 10.59 -35.27
C GLN G 466 -18.85 10.60 -33.75
N ILE G 467 -18.09 9.74 -33.08
CA ILE G 467 -18.30 9.45 -31.67
C ILE G 467 -17.01 9.72 -30.92
N LEU G 468 -17.04 10.67 -29.99
CA LEU G 468 -15.91 10.92 -29.11
C LEU G 468 -15.77 9.78 -28.13
N ARG G 469 -14.59 9.65 -27.52
CA ARG G 469 -14.37 8.58 -26.55
C ARG G 469 -13.45 9.06 -25.43
N ILE G 470 -14.05 9.42 -24.30
CA ILE G 470 -13.33 9.64 -23.05
C ILE G 470 -13.47 8.36 -22.24
N SER G 471 -12.42 7.55 -22.21
CA SER G 471 -12.56 6.20 -21.71
C SER G 471 -12.55 6.17 -20.18
N ARG G 472 -12.62 4.95 -19.65
CA ARG G 472 -12.81 4.73 -18.22
C ARG G 472 -11.57 5.17 -17.43
N THR G 473 -10.39 4.79 -17.91
CA THR G 473 -9.16 5.17 -17.21
C THR G 473 -8.89 6.66 -17.35
N SER G 474 -9.34 7.26 -18.45
CA SER G 474 -9.19 8.70 -18.61
C SER G 474 -10.11 9.45 -17.64
N LEU G 475 -11.32 8.93 -17.43
CA LEU G 475 -12.21 9.50 -16.40
C LEU G 475 -11.61 9.36 -15.02
N MET G 476 -11.08 8.18 -14.69
CA MET G 476 -10.53 7.98 -13.35
C MET G 476 -9.22 8.74 -13.16
N SER G 477 -8.53 9.08 -14.26
CA SER G 477 -7.41 10.00 -14.16
C SER G 477 -7.90 11.42 -13.95
N ALA G 478 -9.06 11.77 -14.50
CA ALA G 478 -9.65 13.08 -14.25
C ALA G 478 -10.24 13.21 -12.85
N MET G 479 -10.28 12.13 -12.06
CA MET G 479 -10.93 12.16 -10.75
C MET G 479 -10.15 12.99 -9.74
N HIS G 480 -8.81 13.00 -9.82
CA HIS G 480 -8.02 13.71 -8.81
C HIS G 480 -8.16 15.23 -8.94
N ALA G 481 -8.55 15.72 -10.11
CA ALA G 481 -8.91 17.12 -10.25
C ALA G 481 -10.28 17.34 -9.62
N HIS G 482 -10.27 17.50 -8.29
CA HIS G 482 -11.50 17.57 -7.51
C HIS G 482 -11.90 19.03 -7.29
N ALA G 483 -12.89 19.20 -6.40
CA ALA G 483 -13.65 20.41 -6.08
C ALA G 483 -14.52 20.88 -7.24
N ASP G 484 -14.61 20.09 -8.30
CA ASP G 484 -15.58 20.31 -9.36
C ASP G 484 -16.15 18.99 -9.83
N ASP G 485 -15.75 17.88 -9.22
CA ASP G 485 -16.41 16.60 -9.47
C ASP G 485 -17.69 16.51 -8.67
N GLY G 486 -17.85 17.36 -7.66
CA GLY G 486 -19.11 17.42 -6.93
C GLY G 486 -20.27 17.85 -7.80
N ARG G 487 -20.02 18.79 -8.72
CA ARG G 487 -21.06 19.21 -9.64
C ARG G 487 -21.43 18.09 -10.61
N VAL G 488 -20.44 17.31 -11.03
CA VAL G 488 -20.68 16.17 -11.91
C VAL G 488 -21.51 15.11 -11.20
N ILE G 489 -21.22 14.88 -9.92
CA ILE G 489 -21.92 13.83 -9.20
C ILE G 489 -23.34 14.28 -8.82
N MET G 490 -23.52 15.57 -8.53
CA MET G 490 -24.87 16.10 -8.35
C MET G 490 -25.67 16.01 -9.64
N ASN G 491 -25.03 16.25 -10.79
CA ASN G 491 -25.73 16.11 -12.06
C ASN G 491 -26.07 14.66 -12.34
N ASN G 492 -25.24 13.74 -11.85
CA ASN G 492 -25.56 12.32 -11.96
C ASN G 492 -26.77 11.95 -11.12
N LEU G 493 -26.79 12.40 -9.85
CA LEU G 493 -27.87 12.02 -8.96
C LEU G 493 -29.20 12.64 -9.37
N PHE G 494 -29.20 13.94 -9.67
CA PHE G 494 -30.43 14.57 -10.15
C PHE G 494 -30.77 14.13 -11.57
N MET G 495 -29.80 13.59 -12.28
CA MET G 495 -30.05 13.12 -13.64
C MET G 495 -30.81 11.81 -13.63
N LYS G 496 -30.39 10.85 -12.80
CA LYS G 496 -30.98 9.52 -12.85
C LYS G 496 -32.26 9.44 -12.03
N LEU G 497 -32.41 10.31 -11.03
CA LEU G 497 -33.59 10.24 -10.17
C LEU G 497 -34.82 10.76 -10.88
N ARG G 498 -34.65 11.63 -11.87
CA ARG G 498 -35.77 12.17 -12.61
C ARG G 498 -36.23 11.20 -13.70
N HIS H 50 57.94 -13.41 -35.96
CA HIS H 50 58.29 -14.32 -37.04
C HIS H 50 57.13 -14.49 -38.01
N ILE H 51 56.00 -13.86 -37.70
CA ILE H 51 54.78 -13.95 -38.50
C ILE H 51 54.32 -12.53 -38.80
N ILE H 52 54.07 -12.25 -40.08
CA ILE H 52 53.73 -10.91 -40.52
C ILE H 52 52.26 -10.62 -40.21
N SER H 53 52.02 -9.54 -39.48
CA SER H 53 50.67 -9.16 -39.13
C SER H 53 49.96 -8.56 -40.34
N PRO H 54 48.65 -8.78 -40.47
CA PRO H 54 47.92 -8.27 -41.63
C PRO H 54 47.53 -6.81 -41.52
N PHE H 55 48.16 -6.05 -40.65
CA PHE H 55 47.88 -4.62 -40.56
C PHE H 55 49.16 -3.79 -40.55
N ASN H 56 50.27 -4.36 -40.99
CA ASN H 56 51.50 -3.63 -41.16
C ASN H 56 51.38 -2.61 -42.29
N PRO H 57 52.20 -1.57 -42.29
CA PRO H 57 52.27 -0.70 -43.47
C PRO H 57 52.98 -1.35 -44.65
N ARG H 58 53.81 -2.38 -44.40
CA ARG H 58 54.50 -3.04 -45.49
C ARG H 58 53.53 -3.86 -46.34
N TYR H 59 52.72 -4.69 -45.68
CA TYR H 59 51.90 -5.66 -46.40
C TYR H 59 50.77 -5.00 -47.15
N ARG H 60 50.27 -3.87 -46.66
CA ARG H 60 49.20 -3.17 -47.36
C ARG H 60 49.72 -2.51 -48.63
N ALA H 61 50.92 -1.95 -48.59
CA ALA H 61 51.51 -1.41 -49.81
C ALA H 61 51.89 -2.51 -50.79
N TRP H 62 52.27 -3.68 -50.28
CA TRP H 62 52.48 -4.83 -51.14
C TRP H 62 51.19 -5.23 -51.85
N GLU H 63 50.07 -5.22 -51.14
CA GLU H 63 48.79 -5.55 -51.76
C GLU H 63 48.40 -4.52 -52.82
N MET H 64 48.63 -3.23 -52.56
CA MET H 64 48.21 -2.25 -53.56
C MET H 64 49.11 -2.25 -54.79
N TRP H 65 50.39 -2.57 -54.62
CA TRP H 65 51.25 -2.81 -55.78
C TRP H 65 50.76 -4.01 -56.59
N LEU H 66 50.33 -5.06 -55.91
CA LEU H 66 49.72 -6.18 -56.62
C LEU H 66 48.43 -5.80 -57.32
N VAL H 67 47.67 -4.88 -56.78
CA VAL H 67 46.42 -4.48 -57.42
C VAL H 67 46.69 -3.74 -58.72
N LEU H 68 47.69 -2.85 -58.72
CA LEU H 68 48.09 -2.23 -59.99
C LEU H 68 48.63 -3.25 -60.99
N LEU H 69 49.31 -4.27 -60.50
CA LEU H 69 49.83 -5.28 -61.41
C LEU H 69 48.71 -6.14 -61.99
N VAL H 70 47.66 -6.40 -61.20
CA VAL H 70 46.51 -7.16 -61.67
C VAL H 70 45.74 -6.39 -62.73
N ILE H 71 45.56 -5.08 -62.52
CA ILE H 71 44.89 -4.25 -63.52
C ILE H 71 45.68 -4.23 -64.83
N TYR H 72 47.01 -4.20 -64.74
CA TYR H 72 47.84 -4.31 -65.94
C TYR H 72 47.63 -5.63 -66.67
N SER H 73 47.65 -6.74 -65.94
CA SER H 73 47.51 -8.04 -66.59
C SER H 73 46.15 -8.21 -67.22
N ALA H 74 45.10 -7.76 -66.53
CA ALA H 74 43.75 -7.90 -67.06
C ALA H 74 43.50 -6.98 -68.24
N TRP H 75 44.20 -5.85 -68.33
CA TRP H 75 44.04 -5.08 -69.54
C TRP H 75 44.81 -5.66 -70.71
N ILE H 76 45.98 -6.25 -70.46
CA ILE H 76 46.77 -6.75 -71.59
C ILE H 76 46.18 -8.01 -72.18
N CYS H 77 45.69 -8.94 -71.35
CA CYS H 77 45.43 -10.31 -71.79
C CYS H 77 44.49 -10.51 -72.99
N PRO H 78 43.37 -9.80 -73.15
CA PRO H 78 42.64 -9.96 -74.43
C PRO H 78 43.35 -9.30 -75.59
N PHE H 79 43.96 -8.14 -75.32
CA PHE H 79 44.66 -7.37 -76.35
C PHE H 79 45.88 -8.11 -76.85
N GLN H 80 46.49 -8.94 -76.00
CA GLN H 80 47.54 -9.85 -76.42
C GLN H 80 46.95 -11.06 -77.12
N PHE H 81 45.77 -11.49 -76.67
CA PHE H 81 45.15 -12.70 -77.21
C PHE H 81 44.71 -12.53 -78.65
N ALA H 82 44.38 -11.32 -79.07
CA ALA H 82 43.82 -11.13 -80.40
C ALA H 82 44.74 -10.40 -81.38
N PHE H 83 45.21 -9.21 -81.02
CA PHE H 83 45.84 -8.36 -82.02
C PHE H 83 47.28 -8.77 -82.32
N ILE H 84 48.15 -8.71 -81.31
CA ILE H 84 49.57 -8.80 -81.53
C ILE H 84 49.99 -10.25 -81.62
N THR H 85 51.20 -10.46 -82.16
CA THR H 85 51.81 -11.77 -82.22
C THR H 85 52.46 -12.11 -80.88
N TYR H 86 53.29 -13.14 -80.87
CA TYR H 86 53.92 -13.60 -79.63
C TYR H 86 55.42 -13.81 -79.73
N LYS H 87 55.97 -13.97 -80.94
CA LYS H 87 57.36 -14.37 -81.10
C LYS H 87 58.33 -13.29 -80.63
N LYS H 88 57.98 -12.02 -80.81
CA LYS H 88 58.78 -10.94 -80.26
C LYS H 88 58.69 -10.95 -78.74
N ASP H 89 59.69 -10.33 -78.08
CA ASP H 89 59.91 -10.61 -76.68
C ASP H 89 59.85 -9.41 -75.75
N ALA H 90 59.60 -8.20 -76.29
CA ALA H 90 59.69 -6.99 -75.47
C ALA H 90 58.56 -6.88 -74.45
N ILE H 91 57.45 -7.58 -74.68
CA ILE H 91 56.38 -7.67 -73.70
C ILE H 91 56.45 -9.01 -72.97
N PHE H 92 57.05 -10.02 -73.60
CA PHE H 92 57.29 -11.32 -72.98
C PHE H 92 58.14 -11.20 -71.73
N ILE H 93 59.10 -10.26 -71.75
CA ILE H 93 59.89 -9.95 -70.57
C ILE H 93 59.00 -9.47 -69.42
N ILE H 94 58.10 -8.53 -69.73
CA ILE H 94 57.28 -7.92 -68.69
C ILE H 94 56.28 -8.93 -68.13
N ASP H 95 55.77 -9.82 -68.98
CA ASP H 95 54.86 -10.85 -68.52
C ASP H 95 55.56 -11.86 -67.62
N ASN H 96 56.80 -12.20 -67.94
CA ASN H 96 57.53 -13.12 -67.07
C ASN H 96 57.88 -12.48 -65.74
N ILE H 97 58.16 -11.18 -65.74
CA ILE H 97 58.40 -10.46 -64.49
C ILE H 97 57.14 -10.44 -63.62
N VAL H 98 55.97 -10.21 -64.23
CA VAL H 98 54.70 -10.21 -63.51
C VAL H 98 54.41 -11.59 -62.91
N ASN H 99 54.70 -12.65 -63.68
CA ASN H 99 54.57 -13.99 -63.14
C ASN H 99 55.53 -14.25 -62.00
N GLY H 100 56.71 -13.61 -62.03
CA GLY H 100 57.63 -13.71 -60.92
C GLY H 100 57.09 -13.07 -59.64
N PHE H 101 56.45 -11.89 -59.78
CA PHE H 101 55.84 -11.24 -58.61
C PHE H 101 54.75 -12.10 -58.00
N PHE H 102 53.91 -12.71 -58.82
CA PHE H 102 52.87 -13.54 -58.21
C PHE H 102 53.43 -14.83 -57.65
N ALA H 103 54.51 -15.36 -58.22
CA ALA H 103 55.14 -16.54 -57.62
C ALA H 103 55.78 -16.21 -56.28
N ILE H 104 56.23 -14.96 -56.10
CA ILE H 104 56.69 -14.53 -54.77
C ILE H 104 55.52 -14.45 -53.81
N ASP H 105 54.38 -13.92 -54.26
CA ASP H 105 53.23 -13.78 -53.38
C ASP H 105 52.66 -15.12 -52.95
N ILE H 106 52.76 -16.15 -53.80
CA ILE H 106 52.31 -17.49 -53.43
C ILE H 106 53.04 -18.00 -52.19
N ILE H 107 54.36 -17.81 -52.14
CA ILE H 107 55.13 -18.18 -50.97
C ILE H 107 54.77 -17.28 -49.79
N LEU H 108 54.73 -15.97 -50.01
CA LEU H 108 54.60 -15.04 -48.89
C LEU H 108 53.23 -15.07 -48.22
N THR H 109 52.19 -15.61 -48.87
CA THR H 109 50.91 -15.69 -48.17
C THR H 109 50.85 -16.78 -47.11
N PHE H 110 51.92 -17.55 -46.90
CA PHE H 110 51.95 -18.48 -45.76
C PHE H 110 52.42 -17.83 -44.48
N PHE H 111 53.05 -16.66 -44.55
CA PHE H 111 53.60 -16.01 -43.37
C PHE H 111 52.66 -15.00 -42.75
N VAL H 112 51.43 -14.93 -43.22
CA VAL H 112 50.54 -13.83 -42.89
C VAL H 112 49.40 -14.34 -42.03
N ALA H 113 49.09 -13.61 -40.96
CA ALA H 113 47.97 -13.94 -40.11
C ALA H 113 46.67 -13.42 -40.70
N TYR H 114 45.56 -13.98 -40.23
CA TYR H 114 44.24 -13.56 -40.67
C TYR H 114 43.38 -13.23 -39.46
N LEU H 115 42.11 -12.98 -39.70
CA LEU H 115 41.13 -12.72 -38.66
C LEU H 115 40.06 -13.79 -38.70
N ASP H 116 39.92 -14.56 -37.63
CA ASP H 116 38.94 -15.62 -37.62
C ASP H 116 37.55 -15.06 -37.41
N SER H 117 36.55 -15.92 -37.60
CA SER H 117 35.16 -15.49 -37.53
C SER H 117 34.60 -15.58 -36.12
N HIS H 118 34.86 -16.68 -35.42
CA HIS H 118 34.20 -16.90 -34.15
C HIS H 118 34.95 -16.25 -33.00
N SER H 119 36.26 -16.44 -32.94
CA SER H 119 37.12 -15.71 -32.01
C SER H 119 37.86 -14.66 -32.82
N TYR H 120 38.05 -13.50 -32.24
CA TYR H 120 38.44 -12.37 -33.07
C TYR H 120 39.89 -11.96 -32.85
N LEU H 121 40.30 -10.96 -33.63
CA LEU H 121 41.47 -10.10 -33.45
C LEU H 121 42.80 -10.74 -33.83
N LEU H 122 42.86 -12.07 -33.99
CA LEU H 122 44.07 -12.79 -34.39
C LEU H 122 43.86 -14.28 -34.60
N VAL H 123 44.68 -14.86 -35.46
CA VAL H 123 45.06 -16.27 -35.44
C VAL H 123 46.56 -16.30 -35.73
N ASP H 124 47.30 -16.96 -34.87
CA ASP H 124 48.74 -17.10 -35.02
C ASP H 124 49.06 -18.58 -35.05
N SER H 125 50.36 -18.91 -34.88
CA SER H 125 50.87 -20.28 -34.76
C SER H 125 50.59 -21.07 -36.03
N PRO H 126 51.48 -21.00 -37.03
CA PRO H 126 51.13 -21.19 -38.46
C PRO H 126 50.37 -22.45 -38.86
N LYS H 127 50.12 -23.40 -37.95
CA LYS H 127 49.09 -24.38 -38.22
C LYS H 127 47.73 -23.69 -38.36
N LYS H 128 46.89 -24.26 -39.22
CA LYS H 128 45.56 -23.81 -39.66
C LYS H 128 45.62 -22.61 -40.60
N ILE H 129 46.78 -21.95 -40.71
CA ILE H 129 46.95 -20.95 -41.77
C ILE H 129 47.12 -21.66 -43.11
N ALA H 130 47.93 -22.71 -43.14
CA ALA H 130 48.05 -23.52 -44.35
C ALA H 130 46.78 -24.30 -44.60
N ILE H 131 46.01 -24.61 -43.55
CA ILE H 131 44.74 -25.29 -43.76
C ILE H 131 43.73 -24.35 -44.39
N ARG H 132 43.75 -23.07 -44.00
CA ARG H 132 42.91 -22.07 -44.66
C ARG H 132 43.34 -21.84 -46.10
N TYR H 133 44.64 -21.60 -46.31
CA TYR H 133 45.08 -21.17 -47.63
C TYR H 133 45.10 -22.32 -48.64
N LEU H 134 45.47 -23.52 -48.21
CA LEU H 134 45.54 -24.65 -49.13
C LEU H 134 44.17 -25.18 -49.50
N SER H 135 43.14 -24.89 -48.72
CA SER H 135 41.81 -25.37 -49.06
C SER H 135 41.07 -24.37 -49.94
N THR H 136 41.18 -23.08 -49.64
CA THR H 136 40.36 -22.09 -50.31
C THR H 136 40.95 -21.64 -51.65
N TRP H 137 42.11 -20.99 -51.63
CA TRP H 137 42.55 -20.23 -52.80
C TRP H 137 43.82 -20.75 -53.45
N PHE H 138 44.37 -21.88 -53.02
CA PHE H 138 45.70 -22.26 -53.47
C PHE H 138 45.70 -22.82 -54.88
N ALA H 139 44.68 -23.62 -55.23
CA ALA H 139 44.73 -24.40 -56.46
C ALA H 139 44.64 -23.52 -57.69
N PHE H 140 43.66 -22.62 -57.74
CA PHE H 140 43.53 -21.74 -58.90
C PHE H 140 44.64 -20.71 -58.96
N ASP H 141 45.20 -20.31 -57.81
CA ASP H 141 46.35 -19.41 -57.84
C ASP H 141 47.59 -20.09 -58.41
N VAL H 142 47.81 -21.36 -58.06
CA VAL H 142 49.00 -22.01 -58.60
C VAL H 142 48.74 -22.49 -60.03
N CYS H 143 47.49 -22.58 -60.45
CA CYS H 143 47.22 -22.78 -61.87
C CYS H 143 47.42 -21.50 -62.68
N SER H 144 47.06 -20.36 -62.10
CA SER H 144 47.16 -19.10 -62.83
C SER H 144 48.60 -18.61 -62.90
N THR H 145 49.34 -18.74 -61.80
CA THR H 145 50.70 -18.23 -61.74
C THR H 145 51.66 -19.03 -62.61
N ALA H 146 51.37 -20.30 -62.83
CA ALA H 146 52.28 -21.19 -63.54
C ALA H 146 52.38 -20.80 -65.00
N PRO H 147 53.58 -20.59 -65.53
CA PRO H 147 53.71 -20.22 -66.95
C PRO H 147 53.53 -21.44 -67.84
N PHE H 148 52.84 -21.25 -68.96
CA PHE H 148 52.67 -22.31 -69.94
C PHE H 148 53.10 -21.89 -71.33
N GLN H 149 52.82 -20.65 -71.73
CA GLN H 149 53.36 -20.15 -72.99
C GLN H 149 54.89 -20.04 -73.04
N PRO H 150 55.56 -19.58 -71.97
CA PRO H 150 57.03 -19.46 -71.96
C PRO H 150 57.66 -20.85 -72.11
N LEU H 151 56.97 -22.05 -71.53
CA LEU H 151 57.39 -23.43 -71.65
C LEU H 151 57.10 -23.98 -73.04
N SER H 152 56.00 -23.56 -73.64
CA SER H 152 55.72 -23.94 -75.01
C SER H 152 56.70 -23.30 -75.98
N LEU H 153 57.16 -22.08 -75.67
CA LEU H 153 58.07 -21.39 -76.56
C LEU H 153 59.47 -21.99 -76.48
N LEU H 154 59.88 -22.40 -75.29
CA LEU H 154 61.25 -22.85 -75.09
C LEU H 154 61.38 -24.37 -75.20
N PHE H 155 60.27 -25.10 -75.14
CA PHE H 155 60.34 -26.56 -75.16
C PHE H 155 60.46 -27.09 -76.58
N ASN H 156 59.44 -26.90 -77.39
CA ASN H 156 59.49 -27.38 -78.76
C ASN H 156 59.01 -26.37 -79.79
N TYR H 157 57.99 -25.59 -79.46
CA TYR H 157 57.29 -24.77 -80.44
C TYR H 157 57.94 -23.41 -80.64
N GLU H 161 49.35 -23.33 -81.38
CA GLU H 161 49.60 -22.27 -80.41
C GLU H 161 48.30 -21.76 -79.82
N LEU H 162 47.17 -22.14 -80.43
CA LEU H 162 45.88 -21.62 -79.97
C LEU H 162 45.45 -22.28 -78.67
N GLY H 163 45.74 -23.57 -78.50
CA GLY H 163 45.45 -24.24 -77.24
C GLY H 163 46.33 -23.78 -76.10
N PHE H 164 47.44 -23.11 -76.40
CA PHE H 164 48.32 -22.57 -75.38
C PHE H 164 47.95 -21.15 -75.00
N ARG H 165 47.19 -20.45 -75.85
CA ARG H 165 46.66 -19.15 -75.48
C ARG H 165 45.51 -19.26 -74.51
N ILE H 166 44.70 -20.32 -74.64
CA ILE H 166 43.60 -20.56 -73.71
C ILE H 166 44.16 -20.85 -72.32
N LEU H 167 45.34 -21.48 -72.25
CA LEU H 167 45.99 -21.65 -70.96
C LEU H 167 46.52 -20.33 -70.43
N SER H 168 46.74 -19.35 -71.31
CA SER H 168 47.10 -18.02 -70.83
C SER H 168 45.88 -17.20 -70.46
N MET H 169 44.69 -17.60 -70.89
CA MET H 169 43.50 -16.89 -70.43
C MET H 169 43.15 -17.20 -68.98
N LEU H 170 43.84 -18.14 -68.33
CA LEU H 170 43.65 -18.39 -66.92
C LEU H 170 44.32 -17.36 -66.03
N ARG H 171 45.00 -16.37 -66.61
CA ARG H 171 45.53 -15.25 -65.86
C ARG H 171 44.44 -14.38 -65.23
N LEU H 172 43.20 -14.53 -65.65
CA LEU H 172 42.08 -13.79 -65.11
C LEU H 172 41.64 -14.27 -63.75
N TRP H 173 42.20 -15.37 -63.22
CA TRP H 173 41.92 -15.70 -61.83
C TRP H 173 42.59 -14.71 -60.88
N ARG H 174 43.63 -14.03 -61.33
CA ARG H 174 44.30 -13.00 -60.54
C ARG H 174 43.41 -11.81 -60.22
N LEU H 175 42.22 -11.73 -60.80
CA LEU H 175 41.30 -10.62 -60.68
C LEU H 175 40.41 -10.76 -59.45
N ARG H 176 40.68 -11.70 -58.56
CA ARG H 176 39.94 -11.75 -57.31
C ARG H 176 40.36 -10.65 -56.36
N ARG H 177 41.55 -10.09 -56.54
CA ARG H 177 42.05 -9.10 -55.60
C ARG H 177 41.35 -7.77 -55.78
N VAL H 178 40.88 -7.50 -57.00
CA VAL H 178 40.09 -6.30 -57.22
C VAL H 178 38.72 -6.45 -56.57
N SER H 179 38.17 -7.66 -56.57
CA SER H 179 36.93 -7.89 -55.84
C SER H 179 37.13 -7.80 -54.33
N SER H 180 38.29 -8.22 -53.84
CA SER H 180 38.56 -8.08 -52.41
C SER H 180 38.73 -6.62 -52.02
N LEU H 181 39.33 -5.79 -52.88
CA LEU H 181 39.37 -4.37 -52.60
C LEU H 181 38.01 -3.73 -52.61
N PHE H 182 37.17 -4.07 -53.60
CA PHE H 182 35.86 -3.46 -53.60
C PHE H 182 34.92 -4.07 -52.59
N ALA H 183 35.33 -5.15 -51.91
CA ALA H 183 34.61 -5.56 -50.72
C ALA H 183 35.11 -4.82 -49.49
N ARG H 184 36.41 -4.50 -49.45
CA ARG H 184 36.94 -3.78 -48.29
C ARG H 184 36.48 -2.33 -48.27
N LEU H 185 36.43 -1.69 -49.42
CA LEU H 185 36.22 -0.24 -49.42
C LEU H 185 34.78 0.15 -49.17
N GLU H 186 33.82 -0.75 -49.41
CA GLU H 186 32.45 -0.45 -49.02
C GLU H 186 32.33 -0.45 -47.51
N LYS H 187 32.96 -1.42 -46.87
CA LYS H 187 32.83 -1.66 -45.44
C LYS H 187 33.75 -0.75 -44.63
N ASP H 188 34.78 -0.19 -45.25
CA ASP H 188 35.60 0.80 -44.60
C ASP H 188 34.84 2.11 -44.46
N ILE H 189 35.10 2.83 -43.37
CA ILE H 189 34.33 4.03 -43.07
C ILE H 189 34.74 5.18 -43.98
N ARG H 190 36.03 5.40 -44.14
CA ARG H 190 36.49 6.68 -44.66
C ARG H 190 36.48 6.73 -46.18
N PHE H 191 35.33 6.43 -46.77
CA PHE H 191 35.09 6.51 -48.21
C PHE H 191 33.62 6.71 -48.52
N ASN H 192 33.30 7.31 -49.66
CA ASN H 192 31.93 7.56 -50.05
C ASN H 192 31.38 6.27 -50.66
N TYR H 193 30.30 5.75 -50.07
CA TYR H 193 29.79 4.45 -50.49
C TYR H 193 29.16 4.51 -51.87
N PHE H 194 28.54 5.63 -52.22
CA PHE H 194 27.93 5.76 -53.53
C PHE H 194 28.90 6.18 -54.61
N TRP H 195 30.19 6.13 -54.33
CA TRP H 195 31.24 6.38 -55.31
C TRP H 195 31.96 5.10 -55.67
N ILE H 196 32.22 4.29 -54.65
CA ILE H 196 32.90 3.01 -54.83
C ILE H 196 32.06 2.06 -55.68
N ARG H 197 30.76 2.02 -55.45
CA ARG H 197 29.95 1.01 -56.11
C ARG H 197 29.73 1.35 -57.58
N CYS H 198 29.55 2.63 -57.89
CA CYS H 198 29.49 3.03 -59.29
C CYS H 198 30.83 2.87 -59.99
N THR H 199 31.93 3.04 -59.26
CA THR H 199 33.25 2.74 -59.85
C THR H 199 33.37 1.27 -60.19
N LYS H 200 32.82 0.40 -59.34
CA LYS H 200 32.86 -1.04 -59.60
C LYS H 200 32.06 -1.40 -60.85
N LEU H 201 30.90 -0.77 -61.02
CA LEU H 201 30.08 -1.07 -62.20
C LEU H 201 30.69 -0.54 -63.48
N ILE H 202 31.31 0.64 -63.44
CA ILE H 202 32.01 1.16 -64.61
C ILE H 202 33.19 0.27 -64.98
N SER H 203 33.87 -0.29 -63.98
CA SER H 203 34.96 -1.22 -64.26
C SER H 203 34.47 -2.48 -64.97
N VAL H 204 33.36 -3.06 -64.50
CA VAL H 204 32.86 -4.28 -65.13
C VAL H 204 32.36 -4.01 -66.54
N THR H 205 31.71 -2.85 -66.74
CA THR H 205 31.19 -2.52 -68.07
C THR H 205 32.31 -2.26 -69.07
N LEU H 206 33.35 -1.53 -68.65
CA LEU H 206 34.47 -1.28 -69.55
C LEU H 206 35.23 -2.54 -69.87
N PHE H 207 35.37 -3.44 -68.91
CA PHE H 207 36.06 -4.68 -69.23
C PHE H 207 35.24 -5.57 -70.14
N ALA H 208 33.91 -5.52 -70.03
CA ALA H 208 33.08 -6.30 -70.94
C ALA H 208 33.18 -5.80 -72.37
N ILE H 209 33.17 -4.47 -72.54
CA ILE H 209 33.40 -3.85 -73.85
C ILE H 209 34.72 -4.29 -74.44
N HIS H 210 35.78 -4.23 -73.64
CA HIS H 210 37.13 -4.52 -74.13
C HIS H 210 37.27 -5.96 -74.56
N CYS H 211 36.86 -6.90 -73.70
CA CYS H 211 37.07 -8.31 -74.00
C CYS H 211 36.19 -8.77 -75.14
N ALA H 212 34.97 -8.24 -75.24
CA ALA H 212 34.10 -8.64 -76.33
C ALA H 212 34.58 -8.10 -77.67
N GLY H 213 35.09 -6.87 -77.68
CA GLY H 213 35.61 -6.32 -78.91
C GLY H 213 36.83 -7.07 -79.41
N CYS H 214 37.74 -7.42 -78.51
CA CYS H 214 38.92 -8.15 -78.96
C CYS H 214 38.59 -9.57 -79.40
N PHE H 215 37.62 -10.23 -78.76
CA PHE H 215 37.28 -11.58 -79.20
C PHE H 215 36.59 -11.56 -80.55
N ASN H 216 35.78 -10.53 -80.83
CA ASN H 216 35.17 -10.48 -82.15
C ASN H 216 36.19 -10.15 -83.23
N TYR H 217 37.20 -9.34 -82.91
CA TYR H 217 38.23 -9.12 -83.91
C TYR H 217 39.04 -10.38 -84.17
N LEU H 218 39.23 -11.23 -83.15
CA LEU H 218 39.87 -12.52 -83.37
C LEU H 218 39.08 -13.39 -84.32
N ILE H 219 37.78 -13.53 -84.06
CA ILE H 219 36.95 -14.38 -84.92
C ILE H 219 36.74 -13.76 -86.29
N ALA H 220 37.05 -12.49 -86.47
CA ALA H 220 37.10 -11.92 -87.81
C ALA H 220 38.44 -12.15 -88.51
N ASP H 221 39.55 -12.23 -87.77
CA ASP H 221 40.82 -12.56 -88.41
C ASP H 221 40.86 -14.00 -88.87
N ARG H 222 40.45 -14.93 -88.02
CA ARG H 222 40.75 -16.34 -88.28
C ARG H 222 39.92 -16.97 -89.39
N TYR H 223 39.06 -16.23 -90.02
CA TYR H 223 38.12 -16.80 -90.97
C TYR H 223 38.58 -16.55 -92.41
N PRO H 224 38.59 -17.56 -93.28
CA PRO H 224 38.88 -17.31 -94.70
C PRO H 224 37.73 -16.58 -95.35
N ASN H 225 37.98 -16.04 -96.57
CA ASN H 225 37.15 -15.00 -97.21
C ASN H 225 37.03 -13.81 -96.28
N PRO H 226 37.97 -12.87 -96.32
CA PRO H 226 37.81 -11.61 -95.56
C PRO H 226 36.52 -10.87 -95.82
N ARG H 227 35.97 -10.91 -97.02
CA ARG H 227 34.60 -10.41 -97.19
C ARG H 227 33.63 -11.39 -96.57
N LYS H 228 32.43 -10.89 -96.29
CA LYS H 228 31.46 -11.55 -95.41
C LYS H 228 32.06 -11.82 -94.03
N THR H 229 32.67 -10.80 -93.45
CA THR H 229 32.86 -10.65 -92.01
C THR H 229 32.30 -9.29 -91.63
N TRP H 230 32.32 -8.93 -90.34
CA TRP H 230 31.71 -7.65 -89.98
C TRP H 230 32.58 -6.47 -90.38
N ILE H 231 33.89 -6.61 -90.28
CA ILE H 231 34.77 -5.53 -90.66
C ILE H 231 35.24 -5.67 -92.10
N GLY H 232 35.09 -6.85 -92.70
CA GLY H 232 35.57 -7.04 -94.04
C GLY H 232 34.64 -6.47 -95.08
N ALA H 233 33.33 -6.60 -94.86
CA ALA H 233 32.38 -6.14 -95.87
C ALA H 233 32.26 -4.64 -95.92
N VAL H 234 32.75 -3.93 -94.91
CA VAL H 234 32.75 -2.47 -94.94
C VAL H 234 34.12 -1.93 -95.33
N TYR H 235 35.18 -2.40 -94.68
CA TYR H 235 36.54 -2.11 -95.10
C TYR H 235 37.08 -3.35 -95.78
N PRO H 236 37.29 -3.35 -97.10
CA PRO H 236 37.81 -4.55 -97.74
C PRO H 236 39.28 -4.78 -97.48
N ASN H 237 40.04 -3.72 -97.18
CA ASN H 237 41.45 -3.82 -96.85
C ASN H 237 41.62 -3.36 -95.41
N PHE H 238 41.53 -4.30 -94.47
CA PHE H 238 41.62 -3.93 -93.06
C PHE H 238 42.80 -4.52 -92.33
N LYS H 239 43.38 -5.62 -92.81
CA LYS H 239 44.55 -6.18 -92.14
C LYS H 239 45.80 -5.35 -92.36
N GLU H 240 45.81 -4.50 -93.39
CA GLU H 240 46.97 -3.65 -93.65
C GLU H 240 46.94 -2.36 -92.86
N ALA H 241 45.87 -2.05 -92.13
CA ALA H 241 45.82 -0.82 -91.38
C ALA H 241 46.47 -0.99 -90.02
N SER H 242 46.50 0.09 -89.25
CA SER H 242 47.29 0.15 -88.03
C SER H 242 46.60 -0.60 -86.88
N LEU H 243 47.14 -0.44 -85.67
CA LEU H 243 46.45 -0.97 -84.51
C LEU H 243 45.36 -0.04 -84.03
N TRP H 244 45.55 1.26 -84.17
CA TRP H 244 44.60 2.18 -83.58
C TRP H 244 43.28 2.18 -84.34
N ASN H 245 43.33 2.03 -85.66
CA ASN H 245 42.09 2.02 -86.42
C ASN H 245 41.32 0.73 -86.21
N ARG H 246 42.02 -0.40 -86.18
CA ARG H 246 41.33 -1.68 -85.94
C ARG H 246 40.81 -1.76 -84.52
N TYR H 247 41.56 -1.23 -83.55
CA TYR H 247 41.13 -1.31 -82.18
C TYR H 247 39.95 -0.39 -81.91
N VAL H 248 39.98 0.83 -82.46
CA VAL H 248 38.83 1.72 -82.31
C VAL H 248 37.62 1.16 -83.03
N THR H 249 37.82 0.49 -84.17
CA THR H 249 36.67 -0.09 -84.87
C THR H 249 36.06 -1.25 -84.09
N ALA H 250 36.88 -2.09 -83.48
CA ALA H 250 36.33 -3.18 -82.67
C ALA H 250 35.64 -2.65 -81.43
N LEU H 251 36.18 -1.59 -80.84
CA LEU H 251 35.59 -1.03 -79.64
C LEU H 251 34.26 -0.36 -79.97
N TYR H 252 34.20 0.29 -81.13
CA TYR H 252 32.98 0.94 -81.59
C TYR H 252 31.91 -0.04 -81.97
N TRP H 253 32.28 -1.19 -82.55
CA TRP H 253 31.29 -2.24 -82.74
C TRP H 253 30.75 -2.71 -81.41
N SER H 254 31.62 -2.95 -80.44
CA SER H 254 31.18 -3.57 -79.20
C SER H 254 30.27 -2.66 -78.39
N ILE H 255 30.50 -1.35 -78.44
CA ILE H 255 29.67 -0.51 -77.58
C ILE H 255 28.30 -0.24 -78.20
N THR H 256 28.15 -0.31 -79.53
CA THR H 256 26.82 -0.11 -80.09
C THR H 256 25.90 -1.30 -79.92
N THR H 257 26.41 -2.44 -79.47
CA THR H 257 25.54 -3.54 -79.12
C THR H 257 25.56 -3.84 -77.64
N LEU H 258 26.45 -3.22 -76.87
CA LEU H 258 26.24 -3.24 -75.43
C LEU H 258 25.18 -2.23 -75.03
N THR H 259 25.31 -0.99 -75.49
CA THR H 259 24.34 0.02 -75.08
C THR H 259 23.13 0.05 -75.98
N THR H 260 22.77 -1.10 -76.57
CA THR H 260 21.61 -1.41 -77.39
C THR H 260 21.23 -0.37 -78.44
N THR H 261 22.19 0.37 -78.98
CA THR H 261 21.84 1.27 -80.06
C THR H 261 21.70 0.50 -81.36
N GLY H 262 22.79 -0.07 -81.84
CA GLY H 262 22.69 -0.92 -83.01
C GLY H 262 22.38 -0.17 -84.27
N TYR H 263 23.35 0.58 -84.82
CA TYR H 263 23.08 1.39 -86.00
C TYR H 263 22.70 0.52 -87.18
N GLY H 264 23.59 -0.34 -87.62
CA GLY H 264 23.28 -1.12 -88.79
C GLY H 264 24.51 -1.34 -89.62
N ASP H 265 25.57 -0.64 -89.27
CA ASP H 265 26.88 -1.07 -89.71
C ASP H 265 27.25 -2.35 -88.97
N PHE H 266 28.19 -3.08 -89.55
CA PHE H 266 29.00 -4.05 -88.82
C PHE H 266 28.16 -5.21 -88.28
N HIS H 267 27.08 -5.53 -88.98
CA HIS H 267 26.31 -6.69 -88.63
C HIS H 267 27.04 -7.94 -89.07
N ALA H 268 26.61 -9.10 -88.60
CA ALA H 268 27.35 -10.33 -88.83
C ALA H 268 26.88 -11.04 -90.09
N GLU H 269 27.83 -11.66 -90.79
CA GLU H 269 27.57 -12.49 -91.96
C GLU H 269 28.04 -13.92 -91.82
N ASN H 270 29.21 -14.10 -91.24
CA ASN H 270 29.73 -15.42 -90.93
C ASN H 270 28.82 -16.09 -89.89
N PRO H 271 28.36 -17.32 -90.14
CA PRO H 271 27.44 -17.95 -89.18
C PRO H 271 28.04 -18.28 -87.83
N ARG H 272 29.35 -18.50 -87.72
CA ARG H 272 29.92 -18.67 -86.39
C ARG H 272 29.94 -17.34 -85.64
N GLU H 273 30.09 -16.25 -86.37
CA GLU H 273 30.04 -14.92 -85.79
C GLU H 273 28.61 -14.54 -85.45
N MET H 274 27.69 -14.96 -86.30
CA MET H 274 26.26 -14.83 -86.03
C MET H 274 25.86 -15.65 -84.81
N LEU H 275 26.62 -16.71 -84.50
CA LEU H 275 26.40 -17.43 -83.26
C LEU H 275 27.01 -16.72 -82.06
N PHE H 276 28.13 -16.03 -82.25
CA PHE H 276 28.73 -15.32 -81.12
C PHE H 276 27.85 -14.18 -80.65
N ASP H 277 27.18 -13.51 -81.60
CA ASP H 277 26.34 -12.38 -81.22
C ASP H 277 25.16 -12.77 -80.35
N ILE H 278 24.72 -14.03 -80.41
CA ILE H 278 23.60 -14.45 -79.58
C ILE H 278 24.00 -14.47 -78.11
N PHE H 279 25.16 -15.04 -77.81
CA PHE H 279 25.60 -15.08 -76.43
C PHE H 279 25.99 -13.70 -75.94
N PHE H 280 26.55 -12.87 -76.81
CA PHE H 280 26.91 -11.55 -76.34
C PHE H 280 25.70 -10.67 -76.10
N MET H 281 24.63 -10.83 -76.87
CA MET H 281 23.47 -10.00 -76.63
C MET H 281 22.64 -10.49 -75.45
N MET H 282 22.64 -11.80 -75.17
CA MET H 282 22.10 -12.27 -73.90
C MET H 282 22.84 -11.66 -72.71
N PHE H 283 24.17 -11.66 -72.77
CA PHE H 283 24.95 -11.08 -71.68
C PHE H 283 24.67 -9.59 -71.52
N ASN H 284 24.48 -8.88 -72.62
CA ASN H 284 24.24 -7.44 -72.50
C ASN H 284 22.86 -7.15 -71.94
N LEU H 285 21.87 -8.00 -72.23
CA LEU H 285 20.56 -7.84 -71.61
C LEU H 285 20.64 -8.00 -70.09
N GLY H 286 21.37 -9.03 -69.65
CA GLY H 286 21.54 -9.22 -68.22
C GLY H 286 22.27 -8.08 -67.53
N LEU H 287 23.36 -7.61 -68.14
CA LEU H 287 24.15 -6.58 -67.48
C LEU H 287 23.45 -5.23 -67.48
N THR H 288 22.69 -4.92 -68.53
CA THR H 288 21.95 -3.65 -68.55
C THR H 288 20.86 -3.64 -67.49
N ALA H 289 20.21 -4.80 -67.27
CA ALA H 289 19.24 -4.87 -66.18
C ALA H 289 19.90 -4.68 -64.82
N TYR H 290 21.09 -5.26 -64.62
CA TYR H 290 21.79 -5.11 -63.35
C TYR H 290 22.20 -3.67 -63.09
N LEU H 291 22.62 -2.97 -64.15
CA LEU H 291 23.07 -1.59 -64.01
C LEU H 291 21.90 -0.66 -63.67
N ILE H 292 20.73 -0.89 -64.28
CA ILE H 292 19.57 -0.08 -63.94
C ILE H 292 19.12 -0.35 -62.50
N GLY H 293 19.29 -1.58 -62.02
CA GLY H 293 19.00 -1.85 -60.62
C GLY H 293 19.87 -1.08 -59.64
N ASN H 294 21.17 -1.01 -59.92
CA ASN H 294 22.05 -0.25 -59.02
C ASN H 294 21.77 1.25 -59.06
N MET H 295 21.48 1.82 -60.23
CA MET H 295 21.17 3.24 -60.25
C MET H 295 19.82 3.53 -59.59
N THR H 296 18.90 2.56 -59.60
CA THR H 296 17.66 2.74 -58.85
C THR H 296 17.92 2.76 -57.36
N ASN H 297 18.84 1.93 -56.86
CA ASN H 297 19.23 2.05 -55.45
C ASN H 297 19.83 3.41 -55.13
N LEU H 298 20.69 3.94 -56.00
CA LEU H 298 21.32 5.22 -55.70
C LEU H 298 20.30 6.36 -55.70
N VAL H 299 19.31 6.31 -56.59
CA VAL H 299 18.33 7.39 -56.66
C VAL H 299 17.31 7.31 -55.54
N VAL H 300 16.85 6.10 -55.20
CA VAL H 300 15.93 5.93 -54.07
C VAL H 300 16.61 6.31 -52.77
N HIS H 301 17.88 6.01 -52.63
CA HIS H 301 18.52 6.31 -51.36
C HIS H 301 19.02 7.74 -51.25
N TRP H 302 19.35 8.38 -52.37
CA TRP H 302 19.89 9.72 -52.31
C TRP H 302 18.83 10.74 -51.90
N THR H 303 17.56 10.50 -52.24
CA THR H 303 16.50 11.45 -51.94
C THR H 303 15.42 10.84 -51.07
N SER H 304 15.79 10.16 -49.99
CA SER H 304 14.79 9.68 -49.06
C SER H 304 14.41 10.74 -48.02
N ARG H 305 15.36 11.59 -47.66
CA ARG H 305 15.14 12.51 -46.56
C ARG H 305 14.16 13.61 -46.95
N THR H 306 14.38 14.22 -48.11
CA THR H 306 13.51 15.28 -48.58
C THR H 306 12.12 14.75 -48.88
N ARG H 307 12.05 13.53 -49.38
CA ARG H 307 10.76 12.94 -49.69
C ARG H 307 9.97 12.62 -48.43
N THR H 308 10.66 12.20 -47.36
CA THR H 308 9.97 11.94 -46.11
C THR H 308 9.47 13.24 -45.46
N PHE H 309 10.28 14.29 -45.53
CA PHE H 309 9.85 15.62 -45.08
C PHE H 309 8.60 16.09 -45.81
N ARG H 310 8.58 15.93 -47.14
CA ARG H 310 7.43 16.40 -47.90
C ARG H 310 6.20 15.52 -47.66
N ASP H 311 6.40 14.24 -47.32
CA ASP H 311 5.29 13.41 -46.85
C ASP H 311 4.67 13.98 -45.59
N SER H 312 5.52 14.35 -44.63
CA SER H 312 5.00 14.84 -43.36
C SER H 312 4.24 16.16 -43.53
N VAL H 313 4.74 17.01 -44.43
CA VAL H 313 4.06 18.28 -44.68
C VAL H 313 2.74 18.07 -45.41
N ARG H 314 2.69 17.11 -46.36
CA ARG H 314 1.41 16.83 -47.03
C ARG H 314 0.38 16.25 -46.07
N ALA H 315 0.82 15.39 -45.15
CA ALA H 315 -0.13 14.80 -44.20
C ALA H 315 -0.65 15.84 -43.22
N ALA H 316 0.22 16.74 -42.77
CA ALA H 316 -0.24 17.82 -41.90
C ALA H 316 -1.18 18.77 -42.63
N SER H 317 -0.94 19.03 -43.90
CA SER H 317 -1.82 19.95 -44.63
C SER H 317 -3.16 19.31 -44.93
N GLU H 318 -3.21 18.00 -45.20
CA GLU H 318 -4.50 17.36 -45.39
C GLU H 318 -5.30 17.30 -44.10
N PHE H 319 -4.62 17.02 -42.97
CA PHE H 319 -5.32 17.03 -41.69
C PHE H 319 -5.79 18.43 -41.33
N ALA H 320 -5.08 19.45 -41.73
CA ALA H 320 -5.53 20.80 -41.42
C ALA H 320 -6.68 21.21 -42.30
N SER H 321 -6.58 21.02 -43.61
CA SER H 321 -7.62 21.46 -44.50
C SER H 321 -8.84 20.55 -44.51
N ARG H 322 -8.76 19.40 -43.85
CA ARG H 322 -9.95 18.59 -43.70
C ARG H 322 -10.86 19.14 -42.60
N ASN H 323 -10.29 19.46 -41.44
CA ASN H 323 -11.09 19.88 -40.30
C ASN H 323 -11.26 21.38 -40.22
N GLN H 324 -10.72 22.13 -41.18
CA GLN H 324 -10.91 23.57 -41.33
C GLN H 324 -10.41 24.35 -40.11
N LEU H 325 -9.11 24.21 -39.83
CA LEU H 325 -8.49 25.06 -38.83
C LEU H 325 -8.14 26.40 -39.48
N PRO H 326 -8.29 27.53 -38.76
CA PRO H 326 -8.25 28.83 -39.43
C PRO H 326 -6.92 29.28 -40.05
N HIS H 327 -5.97 29.74 -39.27
CA HIS H 327 -4.63 29.99 -39.79
C HIS H 327 -3.56 29.59 -38.80
N ASP H 328 -3.81 29.88 -37.53
CA ASP H 328 -2.74 29.89 -36.53
C ASP H 328 -2.23 28.49 -36.27
N ILE H 329 -3.14 27.53 -36.20
CA ILE H 329 -2.73 26.16 -35.91
C ILE H 329 -2.02 25.55 -37.12
N GLN H 330 -2.42 25.95 -38.32
CA GLN H 330 -1.67 25.56 -39.52
C GLN H 330 -0.24 26.07 -39.48
N ASP H 331 -0.07 27.34 -39.15
CA ASP H 331 1.28 27.90 -39.19
C ASP H 331 2.14 27.34 -38.06
N GLN H 332 1.52 27.00 -36.93
CA GLN H 332 2.29 26.37 -35.86
C GLN H 332 2.75 24.97 -36.25
N MET H 333 1.85 24.16 -36.84
CA MET H 333 2.23 22.80 -37.24
C MET H 333 3.28 22.82 -38.34
N LEU H 334 3.11 23.67 -39.34
CA LEU H 334 4.04 23.64 -40.46
C LEU H 334 5.39 24.21 -40.10
N SER H 335 5.43 25.28 -39.28
CA SER H 335 6.74 25.79 -38.88
C SER H 335 7.41 24.85 -37.90
N HIS H 336 6.65 24.08 -37.12
CA HIS H 336 7.30 23.13 -36.24
C HIS H 336 7.87 21.95 -36.99
N ILE H 337 7.23 21.54 -38.10
CA ILE H 337 7.85 20.48 -38.87
C ILE H 337 9.05 21.01 -39.66
N CYS H 338 9.00 22.27 -40.11
CA CYS H 338 10.17 22.86 -40.77
C CYS H 338 11.37 22.95 -39.84
N LEU H 339 11.16 23.26 -38.56
CA LEU H 339 12.29 23.27 -37.66
C LEU H 339 12.57 21.94 -36.98
N LYS H 340 11.74 20.92 -37.19
CA LYS H 340 12.25 19.57 -36.96
C LYS H 340 13.13 19.11 -38.11
N PHE H 341 12.92 19.66 -39.30
CA PHE H 341 13.73 19.19 -40.42
C PHE H 341 15.03 19.95 -40.59
N LYS H 342 15.06 21.23 -40.24
CA LYS H 342 16.34 21.95 -40.29
C LYS H 342 17.30 21.46 -39.23
N THR H 343 16.81 21.06 -38.06
CA THR H 343 17.68 20.35 -37.11
C THR H 343 17.15 18.93 -36.99
N GLU H 344 17.69 18.02 -37.80
CA GLU H 344 17.06 16.74 -38.10
C GLU H 344 17.08 15.85 -36.87
N GLY H 345 16.05 16.01 -36.05
CA GLY H 345 16.02 15.38 -34.75
C GLY H 345 15.48 13.97 -34.77
N LEU H 346 14.93 13.53 -35.90
CA LEU H 346 14.40 12.18 -35.98
C LEU H 346 15.51 11.14 -35.98
N LYS H 347 16.53 11.36 -36.82
CA LYS H 347 17.71 10.51 -36.79
C LYS H 347 18.45 10.64 -35.48
N GLN H 348 18.38 11.83 -34.84
CA GLN H 348 18.94 12.01 -33.51
C GLN H 348 18.25 11.12 -32.50
N GLN H 349 16.91 11.08 -32.52
CA GLN H 349 16.16 10.24 -31.59
C GLN H 349 16.48 8.77 -31.80
N GLU H 350 16.53 8.34 -33.07
CA GLU H 350 16.82 6.93 -33.36
C GLU H 350 18.24 6.54 -32.93
N THR H 351 19.24 7.34 -33.30
CA THR H 351 20.61 6.95 -33.04
C THR H 351 21.03 7.25 -31.61
N LEU H 352 20.30 8.09 -30.89
CA LEU H 352 20.54 8.19 -29.46
C LEU H 352 19.87 7.06 -28.72
N ASN H 353 18.71 6.60 -29.20
CA ASN H 353 18.06 5.50 -28.52
C ASN H 353 18.64 4.16 -28.93
N ASN H 354 19.59 4.14 -29.85
CA ASN H 354 20.31 2.92 -30.15
C ASN H 354 21.63 2.84 -29.38
N LEU H 355 21.94 3.86 -28.60
CA LEU H 355 23.21 3.90 -27.89
C LEU H 355 23.09 3.15 -26.57
N PRO H 356 24.23 2.68 -25.98
CA PRO H 356 24.11 1.79 -24.82
C PRO H 356 23.86 2.47 -23.48
N LYS H 357 23.38 3.72 -23.48
CA LYS H 357 22.89 4.45 -22.30
C LYS H 357 23.97 4.73 -21.26
N ALA H 358 25.23 4.63 -21.63
CA ALA H 358 26.30 5.22 -20.86
C ALA H 358 27.06 6.25 -21.68
N ILE H 359 27.20 5.98 -22.98
CA ILE H 359 27.84 6.94 -23.87
C ILE H 359 26.92 8.15 -24.06
N ARG H 360 25.60 7.95 -24.01
CA ARG H 360 24.71 9.10 -24.07
C ARG H 360 24.79 9.91 -22.78
N SER H 361 25.17 9.26 -21.67
CA SER H 361 25.39 10.00 -20.43
C SER H 361 26.64 10.84 -20.53
N SER H 362 27.69 10.32 -21.17
CA SER H 362 28.88 11.13 -21.38
C SER H 362 28.63 12.26 -22.37
N ILE H 363 27.74 12.03 -23.34
CA ILE H 363 27.34 13.09 -24.28
C ILE H 363 26.64 14.22 -23.54
N ALA H 364 25.62 13.89 -22.74
CA ALA H 364 24.89 14.93 -22.02
C ALA H 364 25.75 15.58 -20.96
N ASN H 365 26.72 14.84 -20.42
CA ASN H 365 27.67 15.39 -19.48
C ASN H 365 28.57 16.41 -20.14
N TYR H 366 28.94 16.18 -21.41
CA TYR H 366 29.73 17.19 -22.09
C TYR H 366 28.87 18.39 -22.49
N LEU H 367 27.62 18.16 -22.84
CA LEU H 367 26.86 19.23 -23.47
C LEU H 367 26.16 20.14 -22.48
N PHE H 368 25.70 19.61 -21.35
CA PHE H 368 24.77 20.36 -20.53
C PHE H 368 25.22 20.56 -19.09
N PHE H 369 26.34 19.99 -18.69
CA PHE H 369 26.79 20.15 -17.32
C PHE H 369 27.19 21.59 -16.94
N PRO H 370 27.94 22.37 -17.74
CA PRO H 370 28.18 23.75 -17.30
C PRO H 370 27.00 24.67 -17.50
N ILE H 371 25.89 24.20 -18.07
CA ILE H 371 24.69 25.00 -18.16
C ILE H 371 23.82 24.79 -16.93
N VAL H 372 23.67 23.52 -16.52
CA VAL H 372 22.88 23.20 -15.34
C VAL H 372 23.68 23.51 -14.08
N HIS H 373 25.00 23.62 -14.20
CA HIS H 373 25.85 23.87 -13.04
C HIS H 373 25.65 25.27 -12.46
N ASN H 374 25.06 26.19 -13.23
CA ASN H 374 24.85 27.55 -12.76
C ASN H 374 23.41 27.98 -13.00
N ILE H 375 22.53 27.66 -12.06
CA ILE H 375 21.13 28.05 -12.16
C ILE H 375 20.74 28.76 -10.87
N TYR H 376 19.68 29.57 -10.97
CA TYR H 376 18.84 30.04 -9.87
C TYR H 376 18.65 29.01 -8.77
N LEU H 377 18.25 27.79 -9.12
CA LEU H 377 17.97 26.79 -8.09
C LEU H 377 19.25 26.17 -7.55
N PHE H 378 19.99 25.48 -8.42
CA PHE H 378 21.14 24.69 -8.00
C PHE H 378 22.28 25.60 -7.60
N GLN H 379 22.74 25.50 -6.36
CA GLN H 379 23.89 26.27 -5.93
C GLN H 379 25.03 25.39 -5.45
N GLY H 380 24.76 24.51 -4.50
CA GLY H 380 25.83 23.76 -3.85
C GLY H 380 25.61 22.26 -3.87
N VAL H 381 25.16 21.74 -5.00
CA VAL H 381 24.37 20.51 -5.00
C VAL H 381 25.29 19.32 -5.33
N SER H 382 26.58 19.43 -4.97
CA SER H 382 27.48 18.29 -4.79
C SER H 382 27.70 17.43 -6.03
N ARG H 383 28.52 17.90 -6.98
CA ARG H 383 28.57 17.47 -8.38
C ARG H 383 28.52 15.95 -8.63
N ASN H 384 28.90 15.14 -7.64
CA ASN H 384 28.60 13.72 -7.70
C ASN H 384 27.10 13.43 -7.71
N PHE H 385 26.28 14.35 -7.23
CA PHE H 385 24.86 14.30 -7.55
C PHE H 385 24.60 14.69 -8.99
N LEU H 386 25.39 15.63 -9.52
CA LEU H 386 25.11 16.18 -10.85
C LEU H 386 25.40 15.17 -11.95
N PHE H 387 26.35 14.26 -11.73
CA PHE H 387 26.61 13.22 -12.73
C PHE H 387 25.41 12.30 -12.92
N GLN H 388 24.73 11.96 -11.82
CA GLN H 388 23.52 11.17 -11.94
C GLN H 388 22.33 12.03 -12.35
N LEU H 389 22.42 13.35 -12.15
CA LEU H 389 21.33 14.21 -12.56
C LEU H 389 21.28 14.41 -14.07
N VAL H 390 22.43 14.73 -14.67
CA VAL H 390 22.52 15.24 -16.04
C VAL H 390 22.02 14.23 -17.08
N SER H 391 22.30 12.94 -16.88
CA SER H 391 22.12 11.90 -17.91
C SER H 391 20.67 11.66 -18.33
N ASP H 392 19.69 12.27 -17.68
CA ASP H 392 18.31 12.08 -18.10
C ASP H 392 17.75 13.32 -18.76
N ILE H 393 18.59 14.34 -18.97
CA ILE H 393 18.13 15.59 -19.55
C ILE H 393 17.90 15.38 -21.04
N ASP H 394 16.73 15.77 -21.51
CA ASP H 394 16.34 15.62 -22.91
C ASP H 394 16.22 17.00 -23.52
N ALA H 395 17.15 17.33 -24.42
CA ALA H 395 17.18 18.63 -25.08
C ALA H 395 16.03 18.74 -26.07
N GLU H 396 15.79 19.95 -26.54
CA GLU H 396 14.74 20.22 -27.52
C GLU H 396 15.05 21.55 -28.17
N TYR H 397 14.21 21.95 -29.11
CA TYR H 397 14.45 23.13 -29.92
C TYR H 397 13.10 23.63 -30.42
N PHE H 398 12.91 24.94 -30.44
CA PHE H 398 11.55 25.44 -30.55
C PHE H 398 11.43 26.58 -31.53
N PRO H 399 10.29 26.69 -32.21
CA PRO H 399 10.09 27.78 -33.18
C PRO H 399 9.78 29.08 -32.49
N PRO H 400 9.94 30.21 -33.17
CA PRO H 400 9.46 31.48 -32.61
C PRO H 400 7.94 31.55 -32.69
N LYS H 401 7.36 32.38 -31.80
CA LYS H 401 5.95 32.73 -31.72
C LYS H 401 5.03 31.54 -31.42
N GLU H 402 5.60 30.39 -31.08
CA GLU H 402 4.82 29.25 -30.59
C GLU H 402 4.58 29.45 -29.11
N ASP H 403 3.31 29.50 -28.72
CA ASP H 403 2.93 29.66 -27.32
C ASP H 403 3.35 28.42 -26.56
N ILE H 404 4.36 28.57 -25.71
CA ILE H 404 4.98 27.40 -25.11
C ILE H 404 4.15 26.92 -23.93
N ILE H 405 4.02 27.76 -22.91
CA ILE H 405 3.20 27.50 -21.73
C ILE H 405 2.08 28.54 -21.69
N LEU H 406 0.85 28.06 -21.62
CA LEU H 406 -0.32 28.93 -21.58
C LEU H 406 -0.71 29.20 -20.13
N GLN H 407 -1.63 30.16 -19.96
CA GLN H 407 -2.12 30.51 -18.64
C GLN H 407 -3.02 29.41 -18.11
N ASN H 408 -2.87 29.10 -16.82
CA ASN H 408 -3.65 28.11 -16.07
C ASN H 408 -3.55 26.72 -16.68
N GLU H 409 -2.40 26.37 -17.23
CA GLU H 409 -2.16 25.00 -17.68
C GLU H 409 -1.61 24.17 -16.55
N ALA H 410 -2.10 22.95 -16.41
CA ALA H 410 -1.61 22.05 -15.37
C ALA H 410 -0.17 21.63 -15.71
N PRO H 411 0.77 21.78 -14.78
CA PRO H 411 2.20 21.77 -15.15
C PRO H 411 2.73 20.39 -15.53
N THR H 412 3.73 20.39 -16.41
CA THR H 412 4.31 19.13 -16.88
C THR H 412 5.83 19.08 -16.85
N ASP H 413 6.53 20.20 -17.05
CA ASP H 413 7.98 20.13 -17.24
C ASP H 413 8.66 21.45 -16.91
N LEU H 414 9.93 21.33 -16.50
CA LEU H 414 10.81 22.48 -16.34
C LEU H 414 11.35 22.90 -17.70
N TYR H 415 11.50 24.21 -17.86
CA TYR H 415 11.96 24.80 -19.12
C TYR H 415 13.14 25.72 -18.83
N ILE H 416 14.33 25.14 -18.79
CA ILE H 416 15.56 25.92 -18.70
C ILE H 416 15.88 26.47 -20.07
N LEU H 417 16.07 27.78 -20.17
CA LEU H 417 16.52 28.35 -21.43
C LEU H 417 18.00 28.04 -21.61
N VAL H 418 18.42 27.88 -22.86
CA VAL H 418 19.85 27.82 -23.15
C VAL H 418 20.19 28.99 -24.08
N SER H 419 19.25 29.39 -24.91
CA SER H 419 19.36 30.61 -25.68
C SER H 419 17.96 31.12 -25.93
N GLY H 420 17.87 32.23 -26.68
CA GLY H 420 16.62 32.71 -27.20
C GLY H 420 15.78 33.47 -26.19
N ALA H 421 15.19 34.56 -26.65
CA ALA H 421 14.35 35.41 -25.83
C ALA H 421 13.00 34.74 -25.60
N VAL H 422 12.34 35.12 -24.50
CA VAL H 422 11.01 34.64 -24.15
C VAL H 422 10.19 35.84 -23.70
N ASP H 423 8.94 35.91 -24.16
CA ASP H 423 8.01 37.01 -23.81
C ASP H 423 6.75 36.43 -23.18
N PHE H 424 6.43 36.85 -21.95
CA PHE H 424 5.24 36.33 -21.22
C PHE H 424 4.21 37.44 -21.09
N THR H 425 2.95 37.15 -21.47
CA THR H 425 1.85 38.13 -21.38
C THR H 425 0.66 37.49 -20.66
N VAL H 426 -0.20 38.30 -20.02
CA VAL H 426 -1.38 37.77 -19.29
C VAL H 426 -2.31 37.10 -20.30
N TYR H 427 -2.86 35.93 -19.94
CA TYR H 427 -3.80 35.19 -20.83
C TYR H 427 -5.17 35.12 -20.15
N VAL H 428 -6.22 35.53 -20.87
CA VAL H 428 -7.66 35.57 -20.44
C VAL H 428 -7.93 36.69 -19.42
N ASP H 429 -7.27 36.68 -18.26
CA ASP H 429 -7.47 37.73 -17.21
C ASP H 429 -7.02 39.08 -17.78
N GLY H 430 -5.90 39.11 -18.50
CA GLY H 430 -5.40 40.36 -19.10
C GLY H 430 -5.55 40.37 -20.61
N HIS H 431 -6.28 41.36 -21.13
CA HIS H 431 -6.54 41.49 -22.59
C HIS H 431 -5.24 41.76 -23.36
N ASP H 432 -4.37 42.61 -22.82
CA ASP H 432 -3.11 42.98 -23.52
C ASP H 432 -2.05 43.48 -22.53
N GLN H 433 -0.83 43.72 -23.03
CA GLN H 433 0.34 44.24 -22.27
C GLN H 433 0.75 43.27 -21.16
N PHE H 434 0.88 43.79 -19.93
CA PHE H 434 1.32 43.08 -18.70
C PHE H 434 2.84 42.82 -18.77
N GLN H 435 3.35 41.89 -17.97
CA GLN H 435 4.82 41.62 -17.98
C GLN H 435 5.09 40.11 -17.88
N GLY H 436 6.27 39.69 -18.35
CA GLY H 436 6.70 38.26 -18.31
C GLY H 436 8.09 38.19 -18.96
N LYS H 437 9.07 37.59 -18.28
CA LYS H 437 10.43 37.56 -18.89
C LYS H 437 11.27 36.38 -18.36
N ALA H 438 12.32 36.06 -19.11
CA ALA H 438 13.33 35.01 -18.81
C ALA H 438 14.48 35.18 -19.82
N VAL H 439 15.73 35.16 -19.34
CA VAL H 439 16.90 35.34 -20.25
C VAL H 439 17.84 34.12 -20.20
N ILE H 440 18.84 34.10 -21.09
CA ILE H 440 19.72 32.93 -21.28
C ILE H 440 20.28 32.39 -19.96
N GLY H 441 19.91 31.16 -19.62
CA GLY H 441 20.27 30.61 -18.34
C GLY H 441 19.19 30.72 -17.28
N GLU H 442 18.29 31.68 -17.40
CA GLU H 442 17.28 31.87 -16.37
C GLU H 442 16.11 30.92 -16.59
N THR H 443 15.93 30.01 -15.64
CA THR H 443 14.92 28.97 -15.75
C THR H 443 13.54 29.54 -15.49
N PHE H 444 12.53 28.77 -15.86
CA PHE H 444 11.17 28.98 -15.37
C PHE H 444 10.48 27.63 -15.31
N GLY H 445 9.20 27.65 -14.93
CA GLY H 445 8.51 26.45 -14.54
C GLY H 445 8.77 26.02 -13.12
N GLU H 446 9.29 26.92 -12.29
CA GLU H 446 9.64 26.57 -10.92
C GLU H 446 8.45 26.66 -9.97
N VAL H 447 7.28 26.99 -10.49
CA VAL H 447 6.05 26.85 -9.71
C VAL H 447 5.78 25.38 -9.42
N GLY H 448 5.61 24.59 -10.49
CA GLY H 448 5.31 23.18 -10.33
C GLY H 448 6.49 22.29 -9.97
N VAL H 449 7.25 22.70 -8.95
CA VAL H 449 8.29 21.83 -8.40
C VAL H 449 7.65 20.86 -7.43
N LEU H 450 7.04 21.41 -6.38
CA LEU H 450 6.25 20.67 -5.42
C LEU H 450 4.89 21.31 -5.15
N TYR H 451 4.67 22.53 -5.67
CA TYR H 451 3.43 23.25 -5.43
C TYR H 451 2.26 22.67 -6.20
N TYR H 452 2.55 21.99 -7.32
CA TYR H 452 1.59 21.17 -8.09
C TYR H 452 0.44 22.02 -8.62
N ARG H 453 0.75 23.27 -8.92
CA ARG H 453 -0.21 24.31 -9.22
C ARG H 453 0.00 24.81 -10.65
N PRO H 454 -1.03 25.34 -11.32
CA PRO H 454 -0.85 25.77 -12.70
C PRO H 454 0.01 27.02 -12.83
N GLN H 455 0.55 27.17 -14.04
CA GLN H 455 1.47 28.24 -14.36
C GLN H 455 0.74 29.58 -14.40
N PRO H 456 1.39 30.66 -13.96
CA PRO H 456 0.70 31.96 -13.88
C PRO H 456 0.48 32.61 -15.23
N PHE H 457 1.50 32.61 -16.08
CA PHE H 457 1.55 33.49 -17.22
C PHE H 457 1.34 32.71 -18.51
N THR H 458 1.39 33.43 -19.63
CA THR H 458 1.56 32.82 -20.92
C THR H 458 3.02 32.93 -21.33
N VAL H 459 3.47 32.00 -22.18
CA VAL H 459 4.87 31.93 -22.60
C VAL H 459 4.90 31.84 -24.11
N ARG H 460 5.19 32.96 -24.77
CA ARG H 460 5.33 33.02 -26.22
C ARG H 460 6.74 33.45 -26.58
N THR H 461 7.33 32.76 -27.54
CA THR H 461 8.70 32.99 -27.95
C THR H 461 8.74 34.25 -28.79
N THR H 462 9.91 34.89 -28.88
CA THR H 462 10.07 36.00 -29.80
C THR H 462 11.04 35.68 -30.93
N GLU H 463 12.28 35.36 -30.57
CA GLU H 463 13.23 34.75 -31.49
C GLU H 463 13.50 33.34 -30.99
N LEU H 464 13.86 32.45 -31.91
CA LEU H 464 13.92 31.00 -31.66
C LEU H 464 14.90 30.67 -30.54
N SER H 465 14.69 29.52 -29.91
CA SER H 465 15.39 29.20 -28.69
C SER H 465 15.69 27.72 -28.62
N GLN H 466 16.55 27.37 -27.66
CA GLN H 466 16.85 25.98 -27.34
C GLN H 466 16.53 25.80 -25.86
N ILE H 467 15.58 24.91 -25.57
CA ILE H 467 15.00 24.80 -24.24
C ILE H 467 15.16 23.38 -23.74
N LEU H 468 15.89 23.21 -22.65
CA LEU H 468 16.01 21.92 -22.00
C LEU H 468 14.68 21.56 -21.33
N ARG H 469 14.49 20.28 -21.04
CA ARG H 469 13.25 19.85 -20.39
C ARG H 469 13.52 18.71 -19.41
N ILE H 470 13.61 19.05 -18.13
CA ILE H 470 13.60 18.07 -17.05
C ILE H 470 12.17 18.04 -16.53
N SER H 471 11.43 17.00 -16.89
CA SER H 471 9.99 17.01 -16.67
C SER H 471 9.64 16.69 -15.23
N ARG H 472 8.33 16.64 -14.98
CA ARG H 472 7.81 16.51 -13.62
C ARG H 472 8.13 15.13 -13.03
N THR H 473 7.90 14.08 -13.82
CA THR H 473 8.19 12.73 -13.34
C THR H 473 9.69 12.49 -13.21
N SER H 474 10.49 13.17 -14.03
CA SER H 474 11.94 13.07 -13.89
C SER H 474 12.42 13.75 -12.62
N LEU H 475 11.81 14.89 -12.27
CA LEU H 475 12.10 15.53 -10.98
C LEU H 475 11.71 14.64 -9.81
N MET H 476 10.51 14.05 -9.87
CA MET H 476 10.05 13.22 -8.77
C MET H 476 10.83 11.90 -8.70
N SER H 477 11.42 11.47 -9.81
CA SER H 477 12.35 10.36 -9.77
C SER H 477 13.67 10.78 -9.15
N ALA H 478 14.06 12.04 -9.34
CA ALA H 478 15.26 12.56 -8.71
C ALA H 478 15.07 12.84 -7.21
N MET H 479 13.85 12.70 -6.70
CA MET H 479 13.57 13.04 -5.30
C MET H 479 14.20 12.06 -4.31
N HIS H 480 14.29 10.78 -4.67
CA HIS H 480 14.81 9.78 -3.73
C HIS H 480 16.30 9.95 -3.50
N ALA H 481 17.02 10.58 -4.43
CA ALA H 481 18.40 10.97 -4.18
C ALA H 481 18.42 12.16 -3.23
N HIS H 482 18.28 11.87 -1.94
CA HIS H 482 18.14 12.89 -0.92
C HIS H 482 19.50 13.24 -0.31
N ALA H 483 19.43 14.02 0.80
CA ALA H 483 20.51 14.68 1.52
C ALA H 483 21.17 15.78 0.70
N ASP H 484 20.62 16.10 -0.46
CA ASP H 484 21.01 17.28 -1.21
C ASP H 484 19.79 17.94 -1.83
N ASP H 485 18.60 17.42 -1.58
CA ASP H 485 17.38 18.11 -1.95
C ASP H 485 17.05 19.19 -0.93
N GLY H 486 17.67 19.13 0.25
CA GLY H 486 17.51 20.19 1.22
C GLY H 486 18.06 21.52 0.73
N ARG H 487 19.19 21.48 0.02
CA ARG H 487 19.74 22.70 -0.55
C ARG H 487 18.84 23.26 -1.64
N VAL H 488 18.20 22.39 -2.41
CA VAL H 488 17.27 22.82 -3.45
C VAL H 488 16.05 23.48 -2.82
N ILE H 489 15.56 22.91 -1.72
CA ILE H 489 14.35 23.44 -1.12
C ILE H 489 14.64 24.73 -0.35
N MET H 490 15.84 24.85 0.24
CA MET H 490 16.25 26.13 0.82
C MET H 490 16.39 27.19 -0.26
N ASN H 491 16.91 26.82 -1.43
CA ASN H 491 16.99 27.78 -2.53
C ASN H 491 15.63 28.17 -3.05
N ASN H 492 14.67 27.25 -2.96
CA ASN H 492 13.29 27.59 -3.29
C ASN H 492 12.69 28.59 -2.32
N LEU H 493 12.86 28.33 -1.01
CA LEU H 493 12.24 29.19 -0.01
C LEU H 493 12.88 30.57 0.01
N PHE H 494 14.22 30.64 0.01
CA PHE H 494 14.88 31.94 -0.04
C PHE H 494 14.72 32.58 -1.42
N MET H 495 14.39 31.79 -2.43
CA MET H 495 14.21 32.34 -3.77
C MET H 495 12.89 33.08 -3.87
N LYS H 496 11.81 32.48 -3.39
CA LYS H 496 10.49 33.08 -3.59
C LYS H 496 10.18 34.13 -2.56
N LEU H 497 10.80 34.07 -1.39
CA LEU H 497 10.50 35.03 -0.34
C LEU H 497 11.11 36.39 -0.63
N ARG H 498 12.17 36.43 -1.43
CA ARG H 498 12.80 37.70 -1.78
C ARG H 498 12.06 38.38 -2.91
C6 QNP I . -14.76 -16.86 70.01
C7 QNP I . -15.44 -15.64 69.42
C8 QNP I . -16.69 -16.05 68.65
C10 QNP I . -18.10 -14.43 67.31
C13 QNP I . -20.84 -15.15 64.74
C15 QNP I . -22.49 -15.32 61.83
C17 QNP I . -23.29 -15.21 59.58
C24 QNP I . -27.03 -16.10 61.19
C26 QNP I . -28.71 -17.24 62.59
C28 QNP I . -30.76 -16.93 63.93
C11 QNP I . -19.18 -15.17 66.55
C12 QNP I . -19.62 -14.42 65.29
C14 QNP I . -21.63 -14.32 63.77
C16 QNP I . -23.76 -15.11 61.01
C23 QNP I . -25.69 -16.56 60.66
C25 QNP I . -28.09 -17.19 61.21
C27 QNP I . -30.08 -16.60 62.61
C29 QNP I . -32.10 -16.21 64.00
C30 QNP I . -32.90 -16.59 65.24
C31 QNP I . -33.51 -15.32 65.84
C32 QNP I . -34.96 -15.44 66.26
C33 QNP I . -35.09 -15.72 67.75
C34 QNP I . -35.38 -14.44 68.50
C35 QNP I . -35.75 -14.75 69.93
C36 QNP I . -36.02 -13.49 70.74
C9 QNP I . -16.81 -15.23 67.37
O1 QNP I . -21.26 -13.23 63.62
O2 QNP I . -22.76 -14.82 63.10
O3 QNP I . -22.95 -13.96 59.11
O4 QNP I . -23.18 -12.91 56.92
O5 QNP I . -22.57 -15.23 56.84
O6 QNP I . -20.94 -13.56 57.56
O7 QNP I . -24.53 -16.21 61.37
O8 QNP I . -25.68 -17.24 59.70
P1 QNP I . -22.38 -13.95 57.58
C1 QNJ J . -25.20 -21.22 61.82
C2 QNJ J . -25.47 -21.70 60.44
C3 QNJ J . -25.36 -23.17 60.43
C4 QNJ J . -26.40 -23.79 61.34
C5 QNJ J . -26.70 -23.10 62.66
C6 QNJ J . -26.34 -23.98 63.86
C7 QNJ J . -26.90 -23.39 65.14
C8 QNJ J . -26.71 -21.89 65.31
C9 QNJ J . -25.73 -21.34 64.22
C10 QNJ J . -26.23 -21.62 62.84
C11 QNJ J . -25.56 -19.87 64.40
C12 QNJ J . -25.11 -19.52 65.74
C13 QNJ J . -26.04 -20.02 66.85
C14 QNJ J . -26.11 -21.54 66.68
C15 QNJ J . -26.80 -21.96 67.95
C16 QNJ J . -26.36 -20.97 69.00
C17 QNJ J . -25.50 -19.92 68.28
C18 QNJ J . -27.41 -19.40 66.69
C19 QNJ J . -27.41 -20.80 62.55
C20 QNJ J . -25.67 -18.54 69.07
C21 QNJ J . -25.21 -17.23 68.41
C22 QNJ J . -24.75 -18.62 70.21
C23 QNJ J . -25.43 -18.28 71.46
C24 QNJ J . -24.69 -18.78 72.65
C25 QNJ J . -24.80 -17.96 73.89
C26 QNJ J . -23.70 -18.25 74.84
C27 QNJ J . -24.74 -16.54 73.60
O1 QNJ J . -25.55 -23.62 59.18
C6 QNP K . 0.93 0.69 73.47
C7 QNP K . -0.17 -0.10 72.79
C8 QNP K . 0.32 -1.49 72.40
C10 QNP K . -1.06 -3.15 71.09
C13 QNP K . 0.04 -6.39 69.38
C15 QNP K . 0.72 -8.64 66.99
C17 QNP K . 1.04 -9.91 64.99
C24 QNP K . 1.36 -13.21 67.52
C26 QNP K . 2.08 -14.55 69.46
C28 QNP K . 1.38 -16.26 71.10
C11 QNP K . -0.24 -4.37 70.75
C12 QNP K . -0.74 -5.06 69.49
C14 QNP K . -0.62 -7.36 68.43
C16 QNP K . 0.61 -10.05 66.44
C23 QNP K . 1.99 -12.02 66.83
C25 QNP K . 2.35 -14.26 68.00
C27 QNP K . 1.37 -15.89 69.62
C29 QNP K . 0.59 -17.54 71.30
C30 QNP K . 0.64 -18.06 72.72
C31 QNP K . -0.75 -18.50 73.15
C32 QNP K . -0.82 -19.83 73.89
C33 QNP K . -0.86 -19.62 75.40
C34 QNP K . -2.29 -19.73 75.89
C35 QNP K . -2.30 -19.78 77.40
C36 QNP K . -3.73 -19.86 77.97
C9 QNP K . -0.22 -1.88 71.03
O1 QNP K . -1.63 -7.02 67.97
O2 QNP K . -0.06 -8.62 68.15
O3 QNP K . -0.06 -9.67 64.20
O4 QNP K . -0.64 -10.37 61.93
O5 QNP K . 1.67 -9.81 62.24
O6 QNP K . -0.01 -8.05 62.21
O7 QNP K . 1.57 -10.74 67.18
O8 QNP K . 2.85 -12.24 66.05
P1 QNP K . 0.28 -9.45 62.63
C1 QNJ L . 6.33 -11.28 68.85
C2 QNJ L . 7.07 -11.84 67.69
C3 QNJ L . 8.53 -11.74 67.98
C4 QNJ L . 8.88 -12.56 69.21
C5 QNJ L . 7.91 -12.56 70.37
C6 QNJ L . 8.54 -11.96 71.63
C7 QNJ L . 7.66 -12.22 72.84
C8 QNJ L . 6.17 -12.00 72.64
C9 QNJ L . 5.91 -11.28 71.27
C10 QNJ L . 6.45 -12.07 70.12
C11 QNJ L . 4.44 -11.08 71.09
C12 QNJ L . 3.84 -10.35 72.20
C13 QNJ L . 4.04 -11.02 73.55
C14 QNJ L . 5.56 -11.12 73.74
C15 QNJ L . 5.67 -11.52 75.18
C16 QNJ L . 4.49 -10.86 75.88
C17 QNJ L . 3.66 -10.19 74.78
C18 QNJ L . 3.41 -12.39 73.55
C19 QNJ L . 5.66 -13.28 69.91
C20 QNJ L . 2.14 -10.18 75.27
C21 QNJ L . 1.03 -9.87 74.26
C22 QNJ L . 2.02 -9.04 76.18
C23 QNJ L . 1.39 -9.43 77.44
C24 QNJ L . 1.66 -8.45 78.53
C25 QNJ L . 0.59 -8.29 79.55
C26 QNJ L . 0.72 -7.01 80.29
C27 QNJ L . -0.73 -8.29 78.95
O1 QNJ L . 9.22 -12.20 66.93
C1 QNJ M . -3.39 21.02 66.74
C2 QNJ M . -2.55 21.50 65.60
C3 QNJ M . -2.65 22.98 65.55
C4 QNJ M . -2.10 23.59 66.82
C5 QNJ M . -2.38 22.89 68.14
C6 QNJ M . -3.21 23.78 69.07
C7 QNJ M . -3.25 23.18 70.47
C8 QNJ M . -3.50 21.68 70.54
C9 QNJ M . -3.92 21.13 69.14
C10 QNJ M . -2.88 21.41 68.10
C11 QNJ M . -4.15 19.66 69.23
C12 QNJ M . -5.13 19.31 70.25
C13 QNJ M . -4.75 19.80 71.65
C14 QNJ M . -4.62 21.33 71.52
C15 QNJ M . -4.53 21.74 72.97
C16 QNJ M . -5.38 20.75 73.73
C17 QNJ M . -5.84 19.69 72.71
C18 QNJ M . -3.44 19.18 72.08
C19 QNJ M . -1.69 20.59 68.33
C20 QNJ M . -6.03 18.32 73.50
C21 QNJ M . -6.17 17.01 72.70
C22 QNJ M . -7.34 18.39 74.14
C23 QNJ M . -7.26 18.05 75.56
C24 QNJ M . -8.43 18.55 76.33
C25 QNJ M . -8.86 17.72 77.49
C26 QNJ M . -10.26 18.01 77.89
C27 QNJ M . -8.79 16.30 77.20
O1 QNJ M . -1.95 23.43 64.50
C6 QNP N . -16.31 16.78 69.70
C7 QNP N . -15.44 15.55 69.45
C8 QNP N . -13.98 15.94 69.28
C10 QNP N . -12.15 14.30 68.67
C13 QNP N . -8.58 14.99 67.52
C15 QNP N . -5.84 15.13 65.58
C17 QNP N . -4.17 15.02 63.88
C24 QNP N . -1.45 15.87 66.93
C26 QNP N . -0.51 16.99 68.92
C28 QNP N . 0.77 16.66 70.99
C11 QNP N . -10.84 15.03 68.44
C12 QNP N . -9.92 14.26 67.50
C14 QNP N . -7.45 14.14 66.96
C16 QNP N . -4.35 14.91 65.38
C23 QNP N . -2.44 16.34 65.89
C25 QNP N . -0.49 16.94 67.41
C27 QNP N . 0.71 16.34 69.52
C29 QNP N . 1.94 15.94 71.63
C30 QNP N . 2.15 16.30 73.09
C31 QNP N . 2.42 15.03 73.89
C32 QNP N . 3.57 15.14 74.89
C33 QNP N . 3.05 15.42 76.29
C34 QNP N . 2.97 14.12 77.09
C35 QNP N . 2.71 14.45 78.54
C36 QNP N . 2.60 13.18 79.40
C9 QNP N . -13.34 15.12 68.17
O1 QNP N . -7.73 13.06 66.67
O2 QNP N . -6.15 14.63 66.84
O3 QNP N . -4.29 13.77 63.31
O4 QNP N . -3.15 12.70 61.42
O5 QNP N . -3.65 15.04 61.10
O6 QNP N . -5.45 13.39 61.05
O7 QNP N . -3.79 16.01 66.02
O8 QNP N . -2.02 17.01 65.01
P1 QNP N . -4.15 13.75 61.69
C1 QNJ O . -34.91 11.08 59.71
C2 QNJ O . -35.10 11.65 58.35
C3 QNJ O . -36.54 11.55 58.00
C4 QNJ O . -37.38 12.36 58.96
C5 QNJ O . -36.99 12.36 60.43
C6 QNJ O . -38.09 11.75 61.30
C7 QNJ O . -37.81 12.01 62.77
C8 QNJ O . -36.37 11.79 63.22
C9 QNJ O . -35.56 11.07 62.09
C10 QNJ O . -35.56 11.87 60.82
C11 QNJ O . -34.15 10.87 62.54
C12 QNJ O . -34.08 10.14 63.80
C13 QNJ O . -34.83 10.80 64.94
C14 QNJ O . -36.29 10.91 64.46
C15 QNJ O . -37.00 11.30 65.73
C16 QNJ O . -36.24 10.64 66.85
C17 QNJ O . -35.01 9.96 66.21
C18 QNJ O . -34.26 12.17 65.21
C19 QNJ O . -34.76 13.07 60.97
C20 QNJ O . -33.84 9.95 67.30
C21 QNJ O . -32.41 9.65 66.85
C22 QNJ O . -34.11 8.81 68.17
C23 QNJ O . -34.08 9.20 69.58
C24 QNJ O . -34.79 8.22 70.45
C25 QNJ O . -34.25 8.05 71.83
C26 QNJ O . -34.68 6.77 72.44
C27 QNJ O . -32.79 8.05 71.84
O1 QNJ O . -36.71 12.00 56.75
C6 QNP P . -31.81 -0.93 66.21
C7 QNP P . -30.54 -0.12 66.05
C8 QNP P . -30.84 1.27 65.50
C10 QNP P . -29.06 2.95 64.87
C13 QNP P . -29.38 6.18 62.87
C15 QNP P . -29.02 8.44 60.41
C17 QNP P . -28.49 9.71 58.46
C24 QNP P . -29.88 13.00 60.62
C26 QNP P . -31.38 14.32 62.07
C28 QNP P . -31.44 16.02 63.85
C11 QNP P . -29.67 4.17 64.23
C12 QNP P . -28.70 4.88 63.28
C14 QNP P . -28.39 7.18 62.28
C16 QNP P . -28.71 9.86 59.95
C23 QNP P . -30.15 11.81 59.73
C25 QNP P . -31.00 14.03 60.63
C27 QNP P . -30.82 15.66 62.51
C29 QNP P . -30.83 17.32 64.36
C30 QNP P . -31.49 17.84 65.63
C31 QNP P . -30.41 18.29 66.60
C32 QNP P . -30.68 19.61 67.30
C33 QNP P . -31.27 19.40 68.68
C34 QNP P . -30.19 19.53 69.74
C35 QNP P . -30.80 19.58 71.11
C36 QNP P . -29.76 19.67 72.22
C9 QNP P . -29.78 1.67 64.48
O1 QNP P . -27.29 6.85 62.29
O2 QNP P . -28.80 8.42 61.78
O3 QNP P . -27.15 9.49 58.21
O4 QNP P . -25.69 10.21 56.39
O5 QNP P . -27.92 9.62 55.69
O6 QNP P . -26.35 7.87 56.37
O7 QNP P . -29.90 10.52 60.22
O8 QNP P . -30.62 12.02 58.66
P1 QNP P . -26.80 9.28 56.63
C6 QNP Q . 1.09 -7.77 -73.09
C7 QNP Q . 2.42 -7.83 -72.34
C8 QNP Q . 2.66 -9.24 -71.80
C10 QNP Q . 4.63 -9.84 -70.34
C13 QNP Q . 5.22 -12.99 -68.26
C15 QNP Q . 5.65 -15.01 -65.61
C17 QNP Q . 5.94 -16.04 -63.48
C24 QNP Q . 7.36 -19.34 -65.61
C26 QNP Q . 7.44 -21.07 -67.37
C28 QNP Q . 8.94 -22.38 -68.83
C11 QNP Q . 4.51 -11.27 -69.84
C12 QNP Q . 5.25 -11.49 -68.54
C14 QNP Q . 6.24 -13.41 -67.23
C16 QNP Q . 6.43 -16.12 -64.91
C23 QNP Q . 6.21 -18.55 -65.04
C25 QNP Q . 7.01 -20.78 -65.94
C27 QNP Q . 8.71 -21.89 -67.40
C29 QNP Q . 10.27 -23.12 -68.90
C30 QNP Q . 10.51 -23.76 -70.26
C31 QNP Q . 11.96 -23.50 -70.67
C32 QNP Q . 12.69 -24.71 -71.27
C33 QNP Q . 12.67 -24.67 -72.78
C34 QNP Q . 13.98 -24.11 -73.30
C35 QNP Q . 14.06 -24.32 -74.79
C36 QNP Q . 15.35 -23.76 -75.38
C9 QNP Q . 3.28 -9.16 -70.41
O1 QNP Q . 6.94 -12.58 -66.84
O2 QNP Q . 6.36 -14.74 -66.79
O3 QNP Q . 6.76 -15.22 -62.74
O4 QNP Q . 7.53 -15.28 -60.43
O5 QNP Q . 5.25 -15.97 -60.74
O6 QNP Q . 5.85 -13.62 -60.95
O7 QNP Q . 5.95 -17.26 -65.54
O8 QNP Q . 5.53 -19.07 -64.22
P1 QNP Q . 6.30 -15.01 -61.20
C1 QNJ R . 2.15 -20.29 -67.00
C2 QNJ R . 1.75 -21.03 -65.77
C3 QNJ R . 0.45 -21.70 -66.02
C4 QNJ R . 0.58 -22.71 -67.14
C5 QNJ R . 1.47 -22.35 -68.34
C6 QNJ R . 0.66 -22.28 -69.62
C7 QNJ R . 1.59 -22.20 -70.83
C8 QNJ R . 2.76 -21.25 -70.70
C9 QNJ R . 2.58 -20.35 -69.42
C10 QNJ R . 2.48 -21.18 -68.17
C11 QNJ R . 3.75 -19.42 -69.31
C12 QNJ R . 3.94 -18.62 -70.51
C13 QNJ R . 4.13 -19.45 -71.77
C14 QNJ R . 2.88 -20.31 -71.89
C15 QNJ R . 3.02 -20.87 -73.29
C16 QNJ R . 3.73 -19.79 -74.08
C17 QNJ R . 4.08 -18.67 -73.09
C18 QNJ R . 5.37 -20.31 -71.65
C19 QNJ R . 3.76 -21.80 -67.86
C20 QNJ R . 5.41 -17.96 -73.63
C21 QNJ R . 6.19 -17.03 -72.68
C22 QNJ R . 4.98 -17.02 -74.66
C23 QNJ R . 5.75 -17.18 -75.89
C24 QNJ R . 5.07 -16.58 -77.07
C25 QNJ R . 5.95 -16.03 -78.12
C26 QNJ R . 5.21 -15.07 -79.00
C27 QNJ R . 7.07 -15.29 -77.56
O1 QNJ R . 0.05 -22.32 -64.90
C6 QNP S . 7.80 15.01 -71.52
C7 QNP S . 7.65 13.55 -71.12
C8 QNP S . 6.18 13.18 -70.95
C10 QNP S . 5.39 10.92 -70.12
C13 QNP S . 1.92 9.86 -68.95
C15 QNP S . -0.59 8.84 -66.97
C17 QNP S . -2.04 8.08 -65.23
C24 QNP S . -4.71 7.14 -68.29
C26 QNP S . -6.02 7.43 -70.36
C28 QNP S . -6.90 6.27 -72.36
C11 QNP S . 3.89 10.92 -69.94
C12 QNP S . 3.45 9.92 -68.88
C14 QNP S . 1.35 8.64 -68.28
C16 QNP S . -1.77 7.93 -66.71
C23 QNP S . -4.12 8.15 -67.32
C25 QNP S . -6.07 7.54 -68.85
C27 QNP S . -6.74 6.19 -70.85
C29 QNP S . -7.54 5.00 -72.87
C30 QNP S . -7.86 5.05 -74.36
C31 QNP S . -7.43 3.73 -75.00
C32 QNP S . -8.44 3.14 -75.99
C33 QNP S . -8.07 3.49 -77.42
C34 QNP S . -7.35 2.33 -78.08
C35 QNP S . -7.23 2.58 -79.55
C36 QNP S . -6.49 1.45 -80.27
C9 QNP S . 6.00 12.27 -69.74
O1 QNP S . 2.12 7.88 -67.88
O2 QNP S . -0.03 8.42 -68.18
O3 QNP S . -1.33 7.14 -64.53
O4 QNP S . -1.85 5.87 -62.51
O5 QNP S . -2.59 8.16 -62.45
O6 QNP S . -0.21 7.64 -62.27
O7 QNP S . -2.79 8.52 -67.46
O8 QNP S . -4.85 8.62 -66.52
P1 QNP S . -1.50 7.24 -62.91
C1 QNJ T . -5.61 12.56 -68.70
C2 QNJ T . -6.60 12.68 -67.60
C3 QNJ T . -7.27 14.00 -67.71
C4 QNJ T . -8.00 14.11 -69.02
C5 QNJ T . -7.38 13.51 -70.28
C6 QNJ T . -7.07 14.58 -71.31
C7 QNJ T . -6.68 13.95 -72.64
C8 QNJ T . -5.73 12.76 -72.56
C9 QNJ T . -5.13 12.66 -71.11
C10 QNJ T . -6.21 12.49 -70.08
C11 QNJ T . -4.19 11.50 -71.05
C12 QNJ T . -3.15 11.57 -72.06
C13 QNJ T . -3.68 11.65 -73.49
C14 QNJ T . -4.55 12.91 -73.52
C15 QNJ T . -4.80 13.08 -75.00
C16 QNJ T . -3.54 12.55 -75.67
C17 QNJ T . -2.64 11.99 -74.57
C18 QNJ T . -4.49 10.42 -73.82
C19 QNJ T . -6.82 11.17 -70.19
C20 QNJ T . -1.77 10.81 -75.20
C21 QNJ T . -1.02 9.85 -74.27
C22 QNJ T . -0.65 11.46 -75.89
C23 QNJ T . -0.52 10.97 -77.26
C24 QNJ T . 0.28 11.90 -78.10
C25 QNJ T . 1.09 11.27 -79.19
C26 QNJ T . 2.17 12.18 -79.65
C27 QNJ T . 1.74 10.05 -78.73
O1 QNJ T . -8.12 14.15 -66.69
C1 QNJ U . 26.46 20.50 -61.55
C2 QNJ U . 26.29 21.22 -60.27
C3 QNJ U . 27.58 21.89 -59.94
C4 QNJ U . 27.93 22.90 -61.02
C5 QNJ U . 27.63 22.56 -62.47
C6 QNJ U . 28.91 22.49 -63.30
C7 QNJ U . 28.59 22.40 -64.78
C8 QNJ U . 27.46 21.45 -65.16
C9 QNJ U . 27.09 20.56 -63.93
C10 QNJ U . 26.65 21.38 -62.75
C11 QNJ U . 25.99 19.62 -64.32
C12 QNJ U . 26.32 18.83 -65.49
C13 QNJ U . 26.68 19.66 -66.72
C14 QNJ U . 27.87 20.52 -66.30
C15 QNJ U . 28.33 21.08 -67.62
C16 QNJ U . 28.03 20.00 -68.63
C17 QNJ U . 27.28 18.88 -67.89
C18 QNJ U . 25.50 20.52 -67.13
C19 QNJ U . 25.36 22.00 -63.02
C20 QNJ U . 26.31 18.17 -68.95
C21 QNJ U . 25.21 17.23 -68.41
C22 QNJ U . 27.14 17.22 -69.70
C23 QNJ U . 26.96 17.39 -71.14
C24 QNJ U . 28.09 16.81 -71.91
C25 QNJ U . 27.74 16.24 -73.24
C26 QNJ U . 28.77 15.29 -73.73
C27 QNJ U . 26.48 15.51 -73.22
O1 QNJ U . 27.47 22.51 -58.77
C6 QNP V . 30.11 8.05 -66.59
C7 QNP V . 28.59 8.10 -66.49
C8 QNP V . 28.12 9.49 -66.10
C10 QNP V . 25.71 10.08 -65.62
C13 QNP V . 24.25 13.21 -63.99
C15 QNP V . 22.70 15.21 -61.78
C17 QNP V . 21.53 16.24 -59.97
C24 QNP V . 21.12 19.53 -62.52
C26 QNP V . 21.77 21.26 -64.14
C28 QNP V . 21.02 22.56 -66.10
C11 QNP V . 25.59 11.51 -65.12
C12 QNP V . 24.36 11.70 -64.25
C14 QNP V . 22.88 13.62 -63.50
C16 QNP V . 21.70 16.31 -61.48
C23 QNP V . 21.92 18.73 -61.51
C25 QNP V . 21.56 20.97 -62.67
C27 QNP V . 20.62 22.07 -64.72
C29 QNP V . 19.85 23.29 -66.74
C30 QNP V . 20.20 23.93 -68.07
C31 QNP V . 19.08 23.65 -69.06
C32 QNP V . 18.66 24.86 -69.91
C33 QNP V . 19.32 24.82 -71.27
C34 QNP V . 18.37 24.26 -72.30
C35 QNP V . 18.93 24.48 -73.69
C36 QNP V . 18.01 23.90 -74.78
C9 QNP V . 26.96 9.41 -65.11
O1 QNP V . 22.09 12.77 -63.44
O2 QNP V . 22.58 14.94 -63.15
O3 QNP V . 20.49 15.40 -59.66
O4 QNP V . 18.79 15.44 -57.91
O5 QNP V . 20.98 16.16 -57.20
O6 QNP V . 20.56 13.79 -57.65
O7 QNP V . 22.38 17.46 -61.85
O8 QNP V . 22.17 19.27 -60.48
P1 QNP V . 20.23 15.19 -58.07
C1 QNJ W . 34.21 -12.36 -59.85
C2 QNJ W . 34.64 -12.48 -58.43
C3 QNJ W . 35.29 -13.80 -58.25
C4 QNJ W . 36.52 -13.91 -59.14
C5 QNJ W . 36.48 -13.31 -60.53
C6 QNJ W . 36.64 -14.38 -61.61
C7 QNJ W . 36.86 -13.74 -62.96
C8 QNJ W . 35.95 -12.55 -63.30
C9 QNJ W . 34.80 -12.45 -62.24
C10 QNJ W . 35.34 -12.29 -60.85
C11 QNJ W . 33.92 -11.29 -62.58
C12 QNJ W . 33.40 -11.36 -63.93
C13 QNJ W . 34.49 -11.44 -65.00
C14 QNJ W . 35.30 -12.70 -64.67
C15 QNJ W . 36.15 -12.86 -65.91
C16 QNJ W . 35.30 -12.34 -67.05
C17 QNJ W . 34.02 -11.78 -66.42
C18 QNJ W . 35.37 -10.21 -64.96
C19 QNJ W . 35.94 -10.97 -60.68
C20 QNJ W . 33.50 -10.61 -67.36
C21 QNJ W . 32.42 -9.64 -66.83
C22 QNJ W . 32.77 -11.25 -68.46
C23 QNJ W . 33.23 -10.76 -69.76
C24 QNJ W . 32.87 -11.69 -70.86
C25 QNJ W . 32.59 -11.06 -72.19
C26 QNJ W . 31.81 -11.96 -73.08
C27 QNJ W . 31.81 -9.84 -72.05
O1 QNJ W . 35.63 -13.95 -56.98
C6 QNP X . 23.17 -14.67 -68.14
C7 QNP X . 23.15 -13.20 -67.70
C8 QNP X . 24.42 -12.85 -66.93
C10 QNP X . 24.80 -10.62 -65.82
C13 QNP X . 27.47 -9.61 -63.28
C15 QNP X . 28.92 -8.62 -60.42
C17 QNP X . 29.50 -7.90 -58.22
C24 QNP X . 33.23 -6.98 -59.85
C26 QNP X . 35.29 -7.29 -61.17
C28 QNP X . 36.95 -6.14 -62.59
C11 QNP X . 26.09 -10.64 -65.01
C12 QNP X . 26.07 -9.64 -63.87
C14 QNP X . 27.72 -8.40 -62.43
C16 QNP X . 29.89 -7.73 -59.67
C23 QNP X . 32.28 -7.98 -59.23
C25 QNP X . 34.70 -7.40 -59.79
C27 QNP X . 36.17 -6.05 -61.30
C29 QNP X . 37.77 -4.87 -62.79
C30 QNP X . 38.68 -4.92 -64.00
C31 QNP X . 38.58 -3.60 -64.75
C32 QNP X . 39.91 -3.02 -65.21
C33 QNP X . 40.20 -3.36 -66.66
C34 QNP X . 39.82 -2.19 -67.55
C35 QNP X . 40.34 -2.42 -68.95
C36 QNP X . 39.98 -1.29 -69.90
C9 QNP X . 24.09 -11.96 -65.75
O1 QNP X . 26.86 -7.63 -62.37
O2 QNP X . 28.94 -8.19 -61.75
O3 QNP X . 28.58 -6.94 -57.87
O4 QNP X . 28.21 -5.69 -55.81
O5 QNP X . 28.82 -7.99 -55.47
O6 QNP X . 26.59 -7.43 -56.30
O7 QNP X . 31.13 -8.34 -59.93
O8 QNP X . 32.60 -8.47 -58.20
P1 QNP X . 28.04 -7.05 -56.34
#